data_1K2M
#
_entry.id   1K2M
#
_cell.length_a   ?
_cell.length_b   ?
_cell.length_c   ?
_cell.angle_alpha   ?
_cell.angle_beta   ?
_cell.angle_gamma   ?
#
loop_
_entity.id
_entity.type
_entity.pdbx_description
1 polymer 'Protein Kinase SPK1'
2 polymer 'DNA repair protein Rad9'
#
loop_
_entity_poly.entity_id
_entity_poly.type
_entity_poly.pdbx_seq_one_letter_code
_entity_poly.pdbx_strand_id
1 'polypeptide(L)'
;GNGRFLTLKPLPDSIIQESLEIQQGVNPFFIGRSEDCNCKIEDNRLSRVHCFIFKKRHAVGKSMYESPAQGLDDIWYCHT
GTNVSYLNNNRMIQGTKFLLQDGDEIKIIWDKNNKFVIGFKVEINDTTGLFNEGLGMLQEQRVVLKQTAEEKDLVKKL
;
A
2 'polypeptide(L)' EDI(PTR)YLD P
#
# COMPACT_ATOMS: atom_id res chain seq x y z
N GLY A 1 13.89 7.35 12.48
CA GLY A 1 13.61 7.76 11.12
C GLY A 1 13.90 9.23 10.87
N ASN A 2 14.81 9.51 9.96
CA ASN A 2 15.17 10.89 9.62
C ASN A 2 14.21 11.48 8.60
N GLY A 3 13.51 10.61 7.88
CA GLY A 3 12.57 11.08 6.88
C GLY A 3 11.90 9.94 6.13
N ARG A 4 12.63 8.83 5.97
CA ARG A 4 12.11 7.67 5.27
C ARG A 4 11.76 6.55 6.22
N PHE A 5 10.68 5.84 5.94
CA PHE A 5 10.23 4.73 6.76
C PHE A 5 10.03 3.48 5.92
N LEU A 6 9.11 3.58 4.97
CA LEU A 6 8.80 2.46 4.08
C LEU A 6 9.37 2.72 2.70
N THR A 7 9.91 1.68 2.08
CA THR A 7 10.50 1.81 0.76
C THR A 7 9.74 0.96 -0.25
N LEU A 8 9.10 1.63 -1.21
CA LEU A 8 8.38 0.95 -2.26
C LEU A 8 9.22 1.06 -3.50
N LYS A 9 9.81 -0.04 -3.93
CA LYS A 9 10.70 0.02 -5.07
C LYS A 9 10.28 -0.86 -6.25
N PRO A 10 9.65 -0.25 -7.28
CA PRO A 10 9.25 -0.98 -8.47
C PRO A 10 10.43 -1.84 -8.95
N LEU A 11 10.38 -3.12 -8.63
CA LEU A 11 11.46 -4.05 -8.95
C LEU A 11 11.51 -4.45 -10.42
N PRO A 12 12.70 -4.90 -10.88
CA PRO A 12 12.93 -5.32 -12.27
C PRO A 12 11.90 -6.32 -12.76
N ASP A 13 11.35 -7.12 -11.85
CA ASP A 13 10.34 -8.10 -12.22
C ASP A 13 9.13 -7.37 -12.78
N SER A 14 8.98 -6.11 -12.36
CA SER A 14 7.91 -5.26 -12.82
C SER A 14 8.38 -4.39 -13.98
N ILE A 15 7.45 -3.99 -14.84
CA ILE A 15 7.77 -3.14 -15.97
C ILE A 15 8.52 -1.89 -15.54
N ILE A 16 8.46 -1.59 -14.23
CA ILE A 16 9.13 -0.41 -13.69
C ILE A 16 10.36 -0.80 -12.85
N GLN A 17 11.46 -0.06 -13.04
CA GLN A 17 12.71 -0.32 -12.31
C GLN A 17 13.14 0.92 -11.52
N GLU A 18 12.25 1.40 -10.66
CA GLU A 18 12.54 2.57 -9.85
C GLU A 18 12.34 2.27 -8.37
N SER A 19 12.77 3.18 -7.50
CA SER A 19 12.61 3.00 -6.06
C SER A 19 12.02 4.24 -5.40
N LEU A 20 10.83 4.08 -4.79
CA LEU A 20 10.19 5.18 -4.09
C LEU A 20 10.15 4.88 -2.61
N GLU A 21 10.26 5.91 -1.78
CA GLU A 21 10.26 5.72 -0.34
C GLU A 21 9.18 6.56 0.35
N ILE A 22 8.31 5.89 1.09
CA ILE A 22 7.25 6.56 1.82
C ILE A 22 7.81 7.19 3.09
N GLN A 23 7.90 8.51 3.10
CA GLN A 23 8.42 9.22 4.26
C GLN A 23 7.48 9.04 5.46
N GLN A 24 8.02 8.49 6.56
CA GLN A 24 7.21 8.28 7.75
C GLN A 24 6.40 9.54 8.08
N GLY A 25 6.94 10.67 7.69
CA GLY A 25 6.30 11.94 7.95
C GLY A 25 5.07 12.19 7.08
N VAL A 26 4.97 11.53 5.93
CA VAL A 26 3.82 11.73 5.06
C VAL A 26 2.79 10.63 5.23
N ASN A 27 1.59 11.03 5.67
CA ASN A 27 0.50 10.08 5.83
C ASN A 27 -0.82 10.73 5.39
N PRO A 28 -1.53 10.12 4.43
CA PRO A 28 -1.13 8.87 3.77
C PRO A 28 -0.28 9.14 2.53
N PHE A 29 0.47 8.15 2.09
CA PHE A 29 1.33 8.29 0.93
C PHE A 29 0.57 7.85 -0.33
N PHE A 30 0.36 8.80 -1.23
CA PHE A 30 -0.39 8.54 -2.46
C PHE A 30 0.53 8.16 -3.62
N ILE A 31 0.10 7.16 -4.39
CA ILE A 31 0.86 6.70 -5.53
C ILE A 31 -0.01 6.74 -6.79
N GLY A 32 0.63 7.03 -7.93
CA GLY A 32 -0.10 7.08 -9.17
C GLY A 32 0.61 7.89 -10.25
N ARG A 33 -0.08 8.09 -11.38
CA ARG A 33 0.48 8.83 -12.51
C ARG A 33 0.67 10.31 -12.15
N SER A 34 -0.38 10.93 -11.63
CA SER A 34 -0.35 12.34 -11.28
C SER A 34 0.70 12.63 -10.22
N GLU A 35 1.53 13.63 -10.50
CA GLU A 35 2.58 14.02 -9.56
C GLU A 35 2.00 14.34 -8.19
N ASP A 36 0.69 14.61 -8.14
CA ASP A 36 0.02 14.91 -6.89
C ASP A 36 0.26 13.78 -5.89
N CYS A 37 0.38 12.58 -6.41
CA CYS A 37 0.62 11.40 -5.59
C CYS A 37 2.05 11.42 -5.04
N ASN A 38 2.17 11.27 -3.72
CA ASN A 38 3.48 11.26 -3.08
C ASN A 38 4.47 10.42 -3.88
N CYS A 39 3.94 9.36 -4.49
CA CYS A 39 4.72 8.47 -5.33
C CYS A 39 4.41 8.75 -6.79
N LYS A 40 5.42 8.71 -7.66
CA LYS A 40 5.19 9.01 -9.07
C LYS A 40 5.35 7.79 -9.96
N ILE A 41 4.21 7.27 -10.41
CA ILE A 41 4.18 6.13 -11.31
C ILE A 41 3.10 6.37 -12.36
N GLU A 42 3.51 6.60 -13.60
CA GLU A 42 2.53 6.87 -14.66
C GLU A 42 2.38 5.69 -15.60
N ASP A 43 1.25 5.02 -15.47
CA ASP A 43 0.90 3.89 -16.34
C ASP A 43 -0.51 4.10 -16.86
N ASN A 44 -0.63 4.44 -18.14
CA ASN A 44 -1.91 4.71 -18.77
C ASN A 44 -3.01 3.77 -18.28
N ARG A 45 -2.65 2.54 -17.93
CA ARG A 45 -3.61 1.56 -17.46
C ARG A 45 -4.19 1.93 -16.10
N LEU A 46 -3.34 2.40 -15.20
CA LEU A 46 -3.78 2.79 -13.86
C LEU A 46 -4.20 4.26 -13.82
N SER A 47 -5.04 4.61 -12.85
CA SER A 47 -5.50 5.98 -12.70
C SER A 47 -4.40 6.88 -12.14
N ARG A 48 -4.58 8.20 -12.28
CA ARG A 48 -3.59 9.15 -11.78
C ARG A 48 -3.29 8.86 -10.30
N VAL A 49 -4.26 8.27 -9.63
CA VAL A 49 -4.13 7.90 -8.22
C VAL A 49 -4.56 6.45 -8.03
N HIS A 50 -3.84 5.55 -8.67
CA HIS A 50 -4.14 4.13 -8.63
C HIS A 50 -4.37 3.63 -7.21
N CYS A 51 -3.50 4.05 -6.30
CA CYS A 51 -3.61 3.60 -4.91
C CYS A 51 -2.67 4.38 -3.99
N PHE A 52 -2.95 4.33 -2.69
CA PHE A 52 -2.13 5.03 -1.70
C PHE A 52 -2.03 4.22 -0.42
N ILE A 53 -0.91 4.35 0.27
CA ILE A 53 -0.69 3.64 1.52
C ILE A 53 -0.88 4.58 2.70
N PHE A 54 -1.67 4.14 3.68
CA PHE A 54 -1.96 4.93 4.85
C PHE A 54 -1.53 4.20 6.12
N LYS A 55 -0.86 4.91 7.01
CA LYS A 55 -0.40 4.33 8.26
C LYS A 55 -1.37 4.63 9.39
N LYS A 56 -1.65 3.63 10.21
CA LYS A 56 -2.59 3.78 11.33
C LYS A 56 -2.05 3.18 12.61
N ARG A 57 -2.59 3.63 13.74
CA ARG A 57 -2.16 3.13 15.04
C ARG A 57 -2.74 1.74 15.30
N HIS A 58 -1.85 0.75 15.34
CA HIS A 58 -2.22 -0.63 15.58
C HIS A 58 -2.59 -0.85 17.05
N ALA A 59 -3.78 -1.39 17.29
CA ALA A 59 -4.23 -1.65 18.65
C ALA A 59 -5.19 -2.84 18.69
N VAL A 60 -5.66 -3.16 19.89
CA VAL A 60 -6.58 -4.28 20.08
C VAL A 60 -7.19 -4.26 21.48
N GLY A 61 -8.31 -4.94 21.64
CA GLY A 61 -8.97 -5.00 22.93
C GLY A 61 -8.05 -5.49 24.04
N LYS A 62 -8.21 -6.75 24.42
CA LYS A 62 -7.39 -7.34 25.47
C LYS A 62 -6.25 -8.16 24.88
N SER A 63 -5.34 -8.61 25.73
CA SER A 63 -4.20 -9.40 25.30
C SER A 63 -4.32 -10.84 25.76
N MET A 64 -5.55 -11.32 25.86
CA MET A 64 -5.82 -12.69 26.30
C MET A 64 -5.29 -13.69 25.26
N TYR A 65 -4.39 -14.56 25.70
CA TYR A 65 -3.80 -15.58 24.82
C TYR A 65 -2.84 -14.94 23.82
N GLU A 66 -3.37 -14.08 22.96
CA GLU A 66 -2.55 -13.40 21.96
C GLU A 66 -1.74 -12.28 22.59
N SER A 67 -0.53 -12.08 22.10
CA SER A 67 0.35 -11.04 22.62
C SER A 67 0.53 -9.91 21.59
N PRO A 68 -0.17 -8.78 21.79
CA PRO A 68 -0.08 -7.63 20.89
C PRO A 68 1.10 -6.73 21.22
N ALA A 69 1.09 -5.52 20.66
CA ALA A 69 2.16 -4.57 20.90
C ALA A 69 1.63 -3.30 21.58
N GLN A 70 0.72 -3.47 22.51
CA GLN A 70 0.13 -2.34 23.23
C GLN A 70 -0.62 -1.42 22.28
N GLY A 71 0.11 -0.53 21.61
CA GLY A 71 -0.51 0.39 20.69
C GLY A 71 0.49 1.13 19.83
N LEU A 72 1.02 0.44 18.81
CA LEU A 72 2.00 1.03 17.91
C LEU A 72 1.31 1.46 16.61
N ASP A 73 2.09 1.59 15.53
CA ASP A 73 1.52 2.00 14.25
C ASP A 73 1.80 0.96 13.16
N ASP A 74 0.85 0.83 12.24
CA ASP A 74 0.98 -0.11 11.12
C ASP A 74 0.68 0.59 9.80
N ILE A 75 1.14 0.01 8.69
CA ILE A 75 0.90 0.61 7.39
C ILE A 75 -0.15 -0.15 6.59
N TRP A 76 -1.18 0.59 6.20
CA TRP A 76 -2.27 0.03 5.42
C TRP A 76 -2.21 0.49 3.97
N TYR A 77 -2.27 -0.46 3.05
CA TYR A 77 -2.23 -0.13 1.63
C TYR A 77 -3.65 0.07 1.11
N CYS A 78 -3.94 1.28 0.64
CA CYS A 78 -5.27 1.60 0.13
C CYS A 78 -5.28 1.65 -1.39
N HIS A 79 -6.23 0.94 -1.99
CA HIS A 79 -6.35 0.92 -3.45
C HIS A 79 -7.62 1.64 -3.92
N THR A 80 -7.43 2.59 -4.84
CA THR A 80 -8.53 3.36 -5.39
C THR A 80 -8.58 3.24 -6.91
N GLY A 81 -7.69 2.43 -7.48
CA GLY A 81 -7.66 2.25 -8.92
C GLY A 81 -8.76 1.33 -9.40
N THR A 82 -9.33 1.64 -10.56
CA THR A 82 -10.40 0.83 -11.13
C THR A 82 -9.86 -0.47 -11.73
N ASN A 83 -8.57 -0.49 -12.03
CA ASN A 83 -7.94 -1.68 -12.60
C ASN A 83 -7.56 -2.70 -11.54
N VAL A 84 -7.91 -2.41 -10.28
CA VAL A 84 -7.62 -3.31 -9.15
C VAL A 84 -6.15 -3.72 -9.10
N SER A 85 -5.58 -3.63 -7.90
CA SER A 85 -4.19 -4.00 -7.66
C SER A 85 -4.11 -5.35 -6.96
N TYR A 86 -2.93 -5.95 -6.93
CA TYR A 86 -2.76 -7.25 -6.27
C TYR A 86 -1.63 -7.22 -5.25
N LEU A 87 -1.96 -7.50 -4.00
CA LEU A 87 -0.97 -7.52 -2.93
C LEU A 87 -0.54 -8.94 -2.61
N ASN A 88 0.65 -9.31 -3.06
CA ASN A 88 1.19 -10.65 -2.81
C ASN A 88 0.27 -11.71 -3.42
N ASN A 89 -0.80 -12.05 -2.70
CA ASN A 89 -1.74 -13.05 -3.18
C ASN A 89 -3.19 -12.65 -2.88
N ASN A 90 -3.39 -11.42 -2.41
CA ASN A 90 -4.74 -10.94 -2.09
C ASN A 90 -5.21 -9.91 -3.12
N ARG A 91 -6.48 -9.98 -3.47
CA ARG A 91 -7.07 -9.06 -4.43
C ARG A 91 -7.28 -7.68 -3.83
N MET A 92 -7.03 -6.65 -4.62
CA MET A 92 -7.19 -5.27 -4.16
C MET A 92 -8.04 -4.46 -5.14
N ILE A 93 -9.35 -4.44 -4.90
CA ILE A 93 -10.26 -3.69 -5.76
C ILE A 93 -10.39 -2.25 -5.30
N GLN A 94 -10.91 -1.40 -6.17
CA GLN A 94 -11.08 0.01 -5.84
C GLN A 94 -11.91 0.17 -4.56
N GLY A 95 -11.23 0.50 -3.47
CA GLY A 95 -11.91 0.67 -2.20
C GLY A 95 -11.55 -0.40 -1.19
N THR A 96 -10.30 -0.88 -1.24
CA THR A 96 -9.87 -1.91 -0.30
C THR A 96 -8.61 -1.50 0.45
N LYS A 97 -8.34 -2.18 1.56
CA LYS A 97 -7.18 -1.90 2.39
C LYS A 97 -6.48 -3.20 2.80
N PHE A 98 -5.17 -3.13 3.00
CA PHE A 98 -4.41 -4.33 3.37
C PHE A 98 -3.22 -3.99 4.27
N LEU A 99 -2.92 -4.90 5.20
CA LEU A 99 -1.80 -4.72 6.13
C LEU A 99 -0.48 -4.84 5.38
N LEU A 100 0.43 -3.90 5.64
CA LEU A 100 1.73 -3.91 4.99
C LEU A 100 2.84 -4.37 5.94
N GLN A 101 3.35 -5.56 5.70
CA GLN A 101 4.43 -6.14 6.50
C GLN A 101 5.76 -5.93 5.76
N ASP A 102 6.78 -5.47 6.48
CA ASP A 102 8.10 -5.22 5.88
C ASP A 102 8.44 -6.28 4.83
N GLY A 103 8.66 -5.83 3.60
CA GLY A 103 8.96 -6.74 2.52
C GLY A 103 7.70 -7.16 1.80
N ASP A 104 6.79 -6.21 1.64
CA ASP A 104 5.51 -6.48 0.97
C ASP A 104 5.57 -6.11 -0.51
N GLU A 105 5.33 -7.09 -1.37
CA GLU A 105 5.34 -6.86 -2.81
C GLU A 105 3.93 -6.64 -3.32
N ILE A 106 3.64 -5.43 -3.80
CA ILE A 106 2.31 -5.11 -4.31
C ILE A 106 2.31 -4.92 -5.81
N LYS A 107 1.29 -5.47 -6.46
CA LYS A 107 1.12 -5.37 -7.91
C LYS A 107 0.11 -4.30 -8.24
N ILE A 108 0.55 -3.25 -8.91
CA ILE A 108 -0.32 -2.15 -9.29
C ILE A 108 -1.12 -2.46 -10.55
N ILE A 109 -0.49 -3.15 -11.50
CA ILE A 109 -1.17 -3.49 -12.75
C ILE A 109 -0.55 -4.72 -13.42
N TRP A 110 -1.41 -5.63 -13.86
CA TRP A 110 -0.96 -6.84 -14.55
C TRP A 110 -1.84 -7.13 -15.77
N ASP A 111 -1.21 -7.25 -16.94
CA ASP A 111 -1.94 -7.55 -18.16
C ASP A 111 -1.34 -8.78 -18.85
N LYS A 112 -2.16 -9.82 -18.98
CA LYS A 112 -1.73 -11.07 -19.62
C LYS A 112 -1.44 -10.88 -21.11
N ASN A 113 -2.37 -10.21 -21.79
CA ASN A 113 -2.24 -9.99 -23.23
C ASN A 113 -1.26 -8.85 -23.54
N ASN A 114 -1.33 -7.79 -22.74
CA ASN A 114 -0.45 -6.64 -22.94
C ASN A 114 0.91 -6.85 -22.27
N LYS A 115 1.01 -7.88 -21.44
CA LYS A 115 2.26 -8.18 -20.74
C LYS A 115 2.68 -7.00 -19.87
N PHE A 116 1.73 -6.13 -19.55
CA PHE A 116 1.99 -4.98 -18.71
C PHE A 116 1.89 -5.38 -17.25
N VAL A 117 3.03 -5.52 -16.59
CA VAL A 117 3.06 -5.93 -15.20
C VAL A 117 3.84 -4.96 -14.33
N ILE A 118 3.18 -4.49 -13.27
CA ILE A 118 3.82 -3.56 -12.34
C ILE A 118 3.85 -4.17 -10.94
N GLY A 119 4.88 -3.83 -10.18
CA GLY A 119 5.01 -4.37 -8.84
C GLY A 119 6.07 -3.64 -8.04
N PHE A 120 5.70 -3.21 -6.83
CA PHE A 120 6.64 -2.51 -5.97
C PHE A 120 6.95 -3.35 -4.74
N LYS A 121 8.20 -3.30 -4.29
CA LYS A 121 8.60 -4.05 -3.12
C LYS A 121 8.69 -3.12 -1.92
N VAL A 122 7.85 -3.38 -0.93
CA VAL A 122 7.82 -2.56 0.27
C VAL A 122 8.90 -3.02 1.25
N GLU A 123 9.82 -2.11 1.57
CA GLU A 123 10.88 -2.44 2.50
C GLU A 123 10.99 -1.38 3.59
N ILE A 124 10.61 -1.75 4.80
CA ILE A 124 10.68 -0.83 5.93
C ILE A 124 12.11 -0.68 6.41
N ASN A 125 12.72 0.46 6.10
CA ASN A 125 14.09 0.73 6.52
C ASN A 125 14.12 1.25 7.94
N ASP A 126 13.22 2.19 8.22
CA ASP A 126 13.13 2.78 9.56
C ASP A 126 11.84 2.34 10.24
N THR A 127 11.92 2.08 11.54
CA THR A 127 10.76 1.67 12.30
C THR A 127 10.39 2.76 13.31
N THR A 128 9.41 3.55 12.94
CA THR A 128 8.95 4.62 13.81
C THR A 128 8.07 4.08 14.93
N GLY A 129 8.68 3.24 15.78
CA GLY A 129 7.95 2.64 16.87
C GLY A 129 6.83 1.74 16.38
N LEU A 130 7.16 0.86 15.46
CA LEU A 130 6.17 -0.06 14.89
C LEU A 130 6.07 -1.34 15.72
N PHE A 131 4.82 -1.75 16.00
CA PHE A 131 4.54 -2.97 16.76
C PHE A 131 5.57 -4.06 16.49
N ASN A 132 6.02 -4.13 15.24
CA ASN A 132 7.02 -5.10 14.81
C ASN A 132 7.46 -4.81 13.39
N GLU A 133 7.43 -3.53 13.03
CA GLU A 133 7.79 -3.08 11.68
C GLU A 133 6.75 -3.59 10.67
N GLY A 134 6.57 -4.90 10.63
CA GLY A 134 5.62 -5.50 9.72
C GLY A 134 6.01 -6.91 9.33
N LEU A 135 5.79 -7.87 10.24
CA LEU A 135 6.13 -9.26 9.98
C LEU A 135 4.89 -10.10 9.68
N GLY A 136 3.71 -9.51 9.88
CA GLY A 136 2.48 -10.23 9.63
C GLY A 136 1.84 -10.74 10.91
N MET A 137 1.48 -9.81 11.78
CA MET A 137 0.86 -10.15 13.07
C MET A 137 -0.19 -11.25 12.92
N LEU A 138 -0.14 -12.23 13.82
CA LEU A 138 -1.09 -13.34 13.80
C LEU A 138 -2.53 -12.85 13.91
N GLN A 139 -3.44 -13.75 14.29
CA GLN A 139 -4.85 -13.41 14.43
C GLN A 139 -5.53 -13.31 13.07
N GLU A 140 -5.09 -12.37 12.26
CA GLU A 140 -5.64 -12.17 10.92
C GLU A 140 -4.66 -12.64 9.86
N GLN A 141 -5.01 -13.71 9.16
CA GLN A 141 -4.15 -14.25 8.11
C GLN A 141 -4.33 -13.50 6.80
N ARG A 142 -3.41 -12.57 6.53
CA ARG A 142 -3.42 -11.75 5.32
C ARG A 142 -4.79 -11.70 4.66
N VAL A 143 -5.63 -10.78 5.12
CA VAL A 143 -6.97 -10.61 4.57
C VAL A 143 -7.18 -9.18 4.11
N VAL A 144 -7.89 -9.01 3.00
CA VAL A 144 -8.15 -7.69 2.46
C VAL A 144 -9.30 -7.00 3.18
N LEU A 145 -9.02 -5.83 3.75
CA LEU A 145 -10.05 -5.07 4.47
C LEU A 145 -10.70 -4.03 3.57
N LYS A 146 -11.86 -3.53 3.98
CA LYS A 146 -12.57 -2.52 3.21
C LYS A 146 -12.40 -1.13 3.81
N GLN A 147 -12.37 -0.11 2.95
CA GLN A 147 -12.21 1.27 3.39
C GLN A 147 -13.56 1.96 3.50
N THR A 148 -13.60 3.05 4.27
CA THR A 148 -14.83 3.80 4.45
C THR A 148 -14.67 5.25 3.99
N ALA A 149 -15.69 6.07 4.25
CA ALA A 149 -15.66 7.47 3.86
C ALA A 149 -14.41 8.16 4.39
N GLU A 150 -13.90 7.67 5.52
CA GLU A 150 -12.70 8.24 6.12
C GLU A 150 -11.52 8.10 5.16
N GLU A 151 -11.43 6.93 4.52
CA GLU A 151 -10.35 6.67 3.56
C GLU A 151 -10.54 7.51 2.31
N LYS A 152 -11.74 7.43 1.74
CA LYS A 152 -12.06 8.19 0.53
C LYS A 152 -11.76 9.68 0.74
N ASP A 153 -11.94 10.14 1.97
CA ASP A 153 -11.69 11.54 2.31
C ASP A 153 -10.21 11.85 2.22
N LEU A 154 -9.38 10.89 2.61
CA LEU A 154 -7.93 11.05 2.57
C LEU A 154 -7.46 11.44 1.17
N VAL A 155 -8.01 10.75 0.17
CA VAL A 155 -7.66 11.04 -1.22
C VAL A 155 -8.29 12.33 -1.69
N LYS A 156 -9.38 12.74 -1.03
CA LYS A 156 -10.08 13.97 -1.39
C LYS A 156 -9.16 15.18 -1.21
N LYS A 157 -8.32 15.13 -0.18
CA LYS A 157 -7.39 16.23 0.10
C LYS A 157 -6.14 16.12 -0.78
N LEU A 158 -5.97 14.98 -1.44
CA LEU A 158 -4.82 14.76 -2.32
C LEU A 158 -4.68 15.88 -3.34
N GLU B 1 -15.18 9.36 -14.15
CA GLU B 1 -14.43 9.84 -15.34
C GLU B 1 -13.30 8.89 -15.71
N ASP B 2 -13.53 7.59 -15.53
CA ASP B 2 -12.54 6.57 -15.84
C ASP B 2 -13.20 5.27 -16.28
N ILE B 3 -12.62 4.62 -17.27
CA ILE B 3 -13.15 3.37 -17.79
C ILE B 3 -12.06 2.31 -17.91
N PTR B 4 -11.73 1.67 -16.79
CA PTR B 4 -10.70 0.64 -16.77
C PTR B 4 -11.32 -0.73 -16.52
O PTR B 4 -12.37 -0.84 -15.89
CB PTR B 4 -9.66 0.95 -15.70
CG PTR B 4 -8.91 2.25 -15.93
CD1 PTR B 4 -8.66 3.12 -14.88
CD2 PTR B 4 -8.47 2.60 -17.20
CE1 PTR B 4 -7.99 4.31 -15.09
CE2 PTR B 4 -7.80 3.79 -17.42
CZ PTR B 4 -7.56 4.64 -16.36
OH PTR B 4 -6.87 5.84 -16.58
P PTR B 4 -7.44 6.81 -17.66
O1P PTR B 4 -7.01 6.20 -19.01
O2P PTR B 4 -8.98 6.71 -17.53
O3P PTR B 4 -6.95 8.22 -17.48
H2 PTR B 4 -12.19 1.91 -15.96
HA PTR B 4 -10.21 0.63 -17.74
HB2 PTR B 4 -8.92 0.16 -15.67
HB3 PTR B 4 -10.15 1.02 -14.74
HD1 PTR B 4 -8.99 2.86 -13.89
HD2 PTR B 4 -8.66 1.93 -18.03
HE1 PTR B 4 -7.80 4.97 -14.26
HE2 PTR B 4 -7.47 4.04 -18.41
N TYR B 5 -10.66 -1.78 -17.01
CA TYR B 5 -11.14 -3.14 -16.85
C TYR B 5 -10.16 -4.14 -17.42
N LEU B 6 -9.21 -4.59 -16.58
CA LEU B 6 -8.22 -5.55 -17.01
C LEU B 6 -8.74 -6.98 -16.87
N ASP B 7 -9.36 -7.47 -17.93
CA ASP B 7 -9.92 -8.83 -17.94
C ASP B 7 -9.60 -9.53 -19.25
N GLY A 1 15.94 7.99 11.61
CA GLY A 1 15.03 8.21 10.52
C GLY A 1 15.14 9.61 9.94
N ASN A 2 15.72 9.71 8.75
CA ASN A 2 15.89 11.00 8.10
C ASN A 2 14.59 11.49 7.46
N GLY A 3 13.57 10.64 7.45
CA GLY A 3 12.30 11.02 6.87
C GLY A 3 11.63 9.86 6.15
N ARG A 4 12.34 8.74 5.98
CA ARG A 4 11.80 7.58 5.30
C ARG A 4 11.50 6.45 6.26
N PHE A 5 10.43 5.73 5.99
CA PHE A 5 10.02 4.61 6.83
C PHE A 5 9.79 3.36 5.99
N LEU A 6 8.92 3.49 5.00
CA LEU A 6 8.61 2.38 4.10
C LEU A 6 9.12 2.67 2.71
N THR A 7 9.68 1.66 2.06
CA THR A 7 10.22 1.82 0.72
C THR A 7 9.53 0.89 -0.27
N LEU A 8 8.80 1.47 -1.21
CA LEU A 8 8.13 0.70 -2.24
C LEU A 8 8.97 0.86 -3.50
N LYS A 9 9.66 -0.19 -3.89
CA LYS A 9 10.54 -0.08 -5.04
C LYS A 9 10.14 -0.92 -6.23
N PRO A 10 9.50 -0.30 -7.24
CA PRO A 10 9.13 -1.00 -8.48
C PRO A 10 10.30 -1.84 -8.95
N LEU A 11 10.24 -3.14 -8.68
CA LEU A 11 11.32 -4.06 -9.00
C LEU A 11 11.40 -4.41 -10.50
N PRO A 12 12.60 -4.85 -10.93
CA PRO A 12 12.87 -5.22 -12.32
C PRO A 12 11.83 -6.17 -12.88
N ASP A 13 11.20 -6.95 -12.00
CA ASP A 13 10.17 -7.88 -12.43
C ASP A 13 9.01 -7.10 -13.04
N SER A 14 8.90 -5.84 -12.60
CA SER A 14 7.88 -4.93 -13.09
C SER A 14 8.45 -4.06 -14.18
N ILE A 15 7.59 -3.57 -15.07
CA ILE A 15 8.03 -2.72 -16.17
C ILE A 15 8.73 -1.47 -15.63
N ILE A 16 8.63 -1.23 -14.32
CA ILE A 16 9.24 -0.07 -13.70
C ILE A 16 10.42 -0.46 -12.80
N GLN A 17 11.60 0.03 -13.14
CA GLN A 17 12.81 -0.25 -12.35
C GLN A 17 13.18 0.99 -11.51
N GLU A 18 12.22 1.42 -10.69
CA GLU A 18 12.41 2.60 -9.85
C GLU A 18 12.16 2.26 -8.38
N SER A 19 12.47 3.22 -7.49
CA SER A 19 12.25 3.02 -6.06
C SER A 19 11.46 4.18 -5.46
N LEU A 20 10.37 3.83 -4.78
CA LEU A 20 9.51 4.81 -4.12
C LEU A 20 9.63 4.66 -2.62
N GLU A 21 9.75 5.78 -1.91
CA GLU A 21 9.89 5.73 -0.46
C GLU A 21 8.82 6.56 0.26
N ILE A 22 8.00 5.90 1.07
CA ILE A 22 6.98 6.60 1.82
C ILE A 22 7.58 7.24 3.06
N GLN A 23 7.68 8.55 3.04
CA GLN A 23 8.25 9.28 4.17
C GLN A 23 7.39 9.07 5.41
N GLN A 24 7.98 8.47 6.45
CA GLN A 24 7.25 8.20 7.68
C GLN A 24 6.45 9.43 8.12
N GLY A 25 6.96 10.60 7.75
CA GLY A 25 6.31 11.84 8.12
C GLY A 25 5.11 12.18 7.25
N VAL A 26 4.95 11.51 6.11
CA VAL A 26 3.83 11.81 5.23
C VAL A 26 2.71 10.78 5.37
N ASN A 27 1.54 11.25 5.80
CA ASN A 27 0.38 10.39 5.94
C ASN A 27 -0.88 11.14 5.48
N PRO A 28 -1.63 10.59 4.51
CA PRO A 28 -1.33 9.31 3.86
C PRO A 28 -0.47 9.49 2.62
N PHE A 29 0.20 8.41 2.21
CA PHE A 29 1.06 8.47 1.03
C PHE A 29 0.28 8.03 -0.20
N PHE A 30 0.14 8.95 -1.15
CA PHE A 30 -0.61 8.70 -2.38
C PHE A 30 0.31 8.23 -3.50
N ILE A 31 -0.17 7.25 -4.25
CA ILE A 31 0.61 6.71 -5.37
C ILE A 31 -0.25 6.66 -6.62
N GLY A 32 0.39 6.94 -7.76
CA GLY A 32 -0.33 6.93 -9.02
C GLY A 32 0.43 7.58 -10.16
N ARG A 33 -0.30 7.99 -11.19
CA ARG A 33 0.31 8.63 -12.35
C ARG A 33 0.25 10.16 -12.25
N SER A 34 -0.33 10.67 -11.17
CA SER A 34 -0.44 12.12 -10.96
C SER A 34 0.62 12.61 -10.00
N GLU A 35 1.29 13.69 -10.37
CA GLU A 35 2.33 14.27 -9.53
C GLU A 35 1.79 14.62 -8.14
N ASP A 36 0.48 14.84 -8.06
CA ASP A 36 -0.17 15.17 -6.80
C ASP A 36 0.07 14.08 -5.77
N CYS A 37 0.26 12.86 -6.25
CA CYS A 37 0.50 11.71 -5.38
C CYS A 37 1.94 11.69 -4.89
N ASN A 38 2.10 11.52 -3.57
CA ASN A 38 3.43 11.47 -2.97
C ASN A 38 4.34 10.54 -3.75
N CYS A 39 3.73 9.51 -4.34
CA CYS A 39 4.47 8.54 -5.15
C CYS A 39 4.12 8.73 -6.62
N LYS A 40 5.11 8.61 -7.50
CA LYS A 40 4.87 8.82 -8.92
C LYS A 40 5.18 7.61 -9.79
N ILE A 41 4.17 7.14 -10.50
CA ILE A 41 4.30 6.02 -11.41
C ILE A 41 3.52 6.34 -12.68
N GLU A 42 4.22 6.59 -13.79
CA GLU A 42 3.52 6.91 -15.02
C GLU A 42 3.16 5.64 -15.78
N ASP A 43 1.89 5.28 -15.67
CA ASP A 43 1.36 4.11 -16.35
C ASP A 43 0.05 4.48 -17.01
N ASN A 44 0.02 4.50 -18.34
CA ASN A 44 -1.19 4.86 -19.08
C ASN A 44 -2.43 4.22 -18.46
N ARG A 45 -2.25 3.01 -17.91
CA ARG A 45 -3.36 2.29 -17.28
C ARG A 45 -3.65 2.85 -15.89
N LEU A 46 -2.59 3.15 -15.14
CA LEU A 46 -2.72 3.69 -13.80
C LEU A 46 -3.48 5.01 -13.82
N SER A 47 -4.04 5.39 -12.67
CA SER A 47 -4.79 6.64 -12.55
C SER A 47 -4.08 7.61 -11.62
N ARG A 48 -4.61 8.84 -11.54
CA ARG A 48 -4.02 9.86 -10.67
C ARG A 48 -3.71 9.29 -9.29
N VAL A 49 -4.75 8.86 -8.59
CA VAL A 49 -4.61 8.25 -7.28
C VAL A 49 -4.81 6.75 -7.39
N HIS A 50 -4.05 6.14 -8.30
CA HIS A 50 -4.13 4.71 -8.57
C HIS A 50 -4.20 3.89 -7.29
N CYS A 51 -3.44 4.29 -6.29
CA CYS A 51 -3.43 3.55 -5.04
C CYS A 51 -3.21 4.48 -3.85
N PHE A 52 -3.33 3.91 -2.67
CA PHE A 52 -3.18 4.66 -1.43
C PHE A 52 -2.49 3.81 -0.37
N ILE A 53 -1.53 4.38 0.34
CA ILE A 53 -0.85 3.67 1.41
C ILE A 53 -0.79 4.54 2.65
N PHE A 54 -1.43 4.10 3.72
CA PHE A 54 -1.48 4.87 4.96
C PHE A 54 -1.20 4.00 6.18
N LYS A 55 -0.52 4.58 7.17
CA LYS A 55 -0.19 3.87 8.40
C LYS A 55 -1.14 4.27 9.52
N LYS A 56 -1.58 3.28 10.28
CA LYS A 56 -2.51 3.51 11.38
C LYS A 56 -1.97 2.91 12.69
N ARG A 57 -2.50 3.40 13.81
CA ARG A 57 -2.05 2.91 15.12
C ARG A 57 -2.63 1.53 15.42
N HIS A 58 -1.73 0.56 15.55
CA HIS A 58 -2.11 -0.83 15.83
C HIS A 58 -2.34 -1.03 17.32
N ALA A 59 -3.49 -1.62 17.67
CA ALA A 59 -3.83 -1.87 19.06
C ALA A 59 -4.54 -3.21 19.20
N VAL A 60 -4.01 -4.07 20.08
CA VAL A 60 -4.60 -5.38 20.31
C VAL A 60 -5.72 -5.31 21.34
N GLY A 61 -6.51 -6.37 21.42
CA GLY A 61 -7.61 -6.41 22.36
C GLY A 61 -7.15 -6.31 23.80
N LYS A 62 -6.70 -7.43 24.36
CA LYS A 62 -6.23 -7.46 25.74
C LYS A 62 -4.82 -8.06 25.81
N SER A 63 -4.14 -7.81 26.93
CA SER A 63 -2.79 -8.33 27.12
C SER A 63 -2.59 -8.82 28.56
N MET A 64 -1.90 -9.94 28.70
CA MET A 64 -1.64 -10.51 30.02
C MET A 64 -0.22 -11.09 30.09
N TYR A 65 0.51 -10.72 31.14
CA TYR A 65 1.87 -11.20 31.35
C TYR A 65 2.80 -10.63 30.28
N GLU A 66 2.65 -11.11 29.06
CA GLU A 66 3.48 -10.67 27.94
C GLU A 66 3.03 -9.28 27.47
N SER A 67 4.00 -8.46 27.05
CA SER A 67 3.71 -7.11 26.58
C SER A 67 3.74 -7.05 25.05
N PRO A 68 2.58 -7.21 24.40
CA PRO A 68 2.49 -7.16 22.93
C PRO A 68 2.70 -5.75 22.38
N ALA A 69 2.29 -5.54 21.13
CA ALA A 69 2.44 -4.24 20.47
C ALA A 69 1.99 -3.11 21.39
N GLN A 70 1.00 -3.38 22.23
CA GLN A 70 0.48 -2.38 23.15
C GLN A 70 -0.30 -1.31 22.40
N GLY A 71 0.41 -0.52 21.60
CA GLY A 71 -0.24 0.54 20.85
C GLY A 71 0.73 1.26 19.91
N LEU A 72 1.24 0.55 18.92
CA LEU A 72 2.17 1.13 17.96
C LEU A 72 1.43 1.47 16.66
N ASP A 73 2.16 1.57 15.55
CA ASP A 73 1.55 1.90 14.26
C ASP A 73 1.83 0.82 13.22
N ASP A 74 0.87 0.62 12.33
CA ASP A 74 0.97 -0.36 11.26
C ASP A 74 0.67 0.31 9.92
N ILE A 75 1.10 -0.29 8.81
CA ILE A 75 0.86 0.30 7.51
C ILE A 75 -0.21 -0.46 6.72
N TRP A 76 -1.20 0.29 6.24
CA TRP A 76 -2.28 -0.27 5.45
C TRP A 76 -2.21 0.21 4.01
N TYR A 77 -2.10 -0.73 3.09
CA TYR A 77 -2.06 -0.39 1.67
C TYR A 77 -3.46 -0.44 1.08
N CYS A 78 -3.92 0.71 0.61
CA CYS A 78 -5.25 0.81 0.01
C CYS A 78 -5.15 1.05 -1.49
N HIS A 79 -6.10 0.48 -2.23
CA HIS A 79 -6.10 0.64 -3.69
C HIS A 79 -7.39 1.32 -4.17
N THR A 80 -7.21 2.41 -4.92
CA THR A 80 -8.35 3.15 -5.47
C THR A 80 -8.32 3.15 -6.99
N GLY A 81 -7.37 2.41 -7.57
CA GLY A 81 -7.28 2.34 -9.02
C GLY A 81 -8.27 1.35 -9.61
N THR A 82 -8.94 1.76 -10.67
CA THR A 82 -9.93 0.90 -11.32
C THR A 82 -9.27 -0.33 -11.95
N ASN A 83 -7.95 -0.32 -12.05
CA ASN A 83 -7.22 -1.45 -12.64
C ASN A 83 -7.00 -2.56 -11.61
N VAL A 84 -7.44 -2.31 -10.36
CA VAL A 84 -7.30 -3.29 -9.27
C VAL A 84 -5.86 -3.76 -9.09
N SER A 85 -5.38 -3.68 -7.85
CA SER A 85 -4.03 -4.10 -7.53
C SER A 85 -4.05 -5.48 -6.90
N TYR A 86 -2.88 -6.12 -6.80
CA TYR A 86 -2.79 -7.46 -6.21
C TYR A 86 -1.61 -7.55 -5.26
N LEU A 87 -1.90 -7.84 -3.99
CA LEU A 87 -0.86 -7.95 -2.98
C LEU A 87 -0.50 -9.41 -2.73
N ASN A 88 0.72 -9.78 -3.11
CA ASN A 88 1.20 -11.15 -2.93
C ASN A 88 0.29 -12.14 -3.67
N ASN A 89 -0.81 -12.53 -3.03
CA ASN A 89 -1.74 -13.48 -3.63
C ASN A 89 -3.19 -13.05 -3.43
N ASN A 90 -3.41 -11.89 -2.80
CA ASN A 90 -4.75 -11.39 -2.55
C ASN A 90 -5.14 -10.32 -3.57
N ARG A 91 -6.40 -10.35 -4.00
CA ARG A 91 -6.90 -9.38 -4.97
C ARG A 91 -7.26 -8.07 -4.29
N MET A 92 -6.96 -6.95 -4.95
CA MET A 92 -7.26 -5.64 -4.40
C MET A 92 -8.17 -4.85 -5.33
N ILE A 93 -9.46 -4.82 -5.00
CA ILE A 93 -10.43 -4.10 -5.80
C ILE A 93 -10.52 -2.64 -5.36
N GLN A 94 -10.83 -1.75 -6.29
CA GLN A 94 -10.93 -0.33 -5.99
C GLN A 94 -11.71 -0.10 -4.70
N GLY A 95 -11.02 0.40 -3.68
CA GLY A 95 -11.65 0.66 -2.40
C GLY A 95 -11.34 -0.42 -1.38
N THR A 96 -10.15 -1.02 -1.51
CA THR A 96 -9.72 -2.06 -0.59
C THR A 96 -8.51 -1.63 0.22
N LYS A 97 -8.27 -2.34 1.31
CA LYS A 97 -7.12 -2.06 2.19
C LYS A 97 -6.41 -3.35 2.57
N PHE A 98 -5.10 -3.29 2.75
CA PHE A 98 -4.32 -4.47 3.10
C PHE A 98 -3.13 -4.15 3.99
N LEU A 99 -2.83 -5.07 4.91
CA LEU A 99 -1.71 -4.90 5.83
C LEU A 99 -0.38 -5.00 5.10
N LEU A 100 0.54 -4.08 5.38
CA LEU A 100 1.85 -4.09 4.74
C LEU A 100 2.93 -4.56 5.71
N GLN A 101 3.48 -5.73 5.42
CA GLN A 101 4.54 -6.33 6.23
C GLN A 101 5.90 -6.06 5.60
N ASP A 102 6.91 -5.82 6.43
CA ASP A 102 8.27 -5.55 5.95
C ASP A 102 8.65 -6.51 4.82
N GLY A 103 8.78 -5.95 3.62
CA GLY A 103 9.10 -6.77 2.47
C GLY A 103 7.84 -7.20 1.77
N ASP A 104 6.88 -6.29 1.71
CA ASP A 104 5.59 -6.56 1.07
C ASP A 104 5.63 -6.21 -0.40
N GLU A 105 5.43 -7.19 -1.25
CA GLU A 105 5.42 -6.96 -2.69
C GLU A 105 3.99 -6.78 -3.17
N ILE A 106 3.64 -5.55 -3.53
CA ILE A 106 2.29 -5.25 -4.00
C ILE A 106 2.25 -5.03 -5.50
N LYS A 107 1.33 -5.73 -6.15
CA LYS A 107 1.14 -5.60 -7.59
C LYS A 107 0.14 -4.51 -7.89
N ILE A 108 0.61 -3.47 -8.55
CA ILE A 108 -0.25 -2.34 -8.89
C ILE A 108 -1.16 -2.68 -10.07
N ILE A 109 -0.62 -3.41 -11.03
CA ILE A 109 -1.40 -3.80 -12.21
C ILE A 109 -0.83 -5.06 -12.87
N TRP A 110 -1.72 -5.97 -13.24
CA TRP A 110 -1.29 -7.20 -13.90
C TRP A 110 -2.20 -7.53 -15.09
N ASP A 111 -1.58 -7.76 -16.24
CA ASP A 111 -2.33 -8.11 -17.45
C ASP A 111 -1.83 -9.43 -18.03
N LYS A 112 -2.71 -10.43 -18.06
CA LYS A 112 -2.36 -11.74 -18.57
C LYS A 112 -2.08 -11.70 -20.08
N ASN A 113 -2.97 -11.05 -20.82
CA ASN A 113 -2.82 -10.95 -22.27
C ASN A 113 -1.89 -9.81 -22.66
N ASN A 114 -2.00 -8.69 -21.96
CA ASN A 114 -1.17 -7.53 -22.24
C ASN A 114 0.22 -7.69 -21.64
N LYS A 115 0.37 -8.63 -20.70
CA LYS A 115 1.65 -8.87 -20.05
C LYS A 115 2.09 -7.65 -19.24
N PHE A 116 1.16 -6.73 -18.98
CA PHE A 116 1.46 -5.55 -18.20
C PHE A 116 1.53 -5.92 -16.74
N VAL A 117 2.74 -6.00 -16.20
CA VAL A 117 2.94 -6.38 -14.81
C VAL A 117 3.61 -5.28 -14.01
N ILE A 118 2.95 -4.84 -12.95
CA ILE A 118 3.49 -3.78 -12.09
C ILE A 118 3.45 -4.23 -10.64
N GLY A 119 4.63 -4.28 -10.02
CA GLY A 119 4.72 -4.70 -8.63
C GLY A 119 5.83 -3.97 -7.89
N PHE A 120 5.53 -3.46 -6.71
CA PHE A 120 6.51 -2.75 -5.90
C PHE A 120 6.84 -3.53 -4.64
N LYS A 121 8.10 -3.46 -4.22
CA LYS A 121 8.54 -4.17 -3.03
C LYS A 121 8.63 -3.21 -1.85
N VAL A 122 7.82 -3.46 -0.84
CA VAL A 122 7.80 -2.64 0.36
C VAL A 122 8.94 -3.03 1.30
N GLU A 123 9.87 -2.11 1.50
CA GLU A 123 10.99 -2.37 2.39
C GLU A 123 11.06 -1.30 3.47
N ILE A 124 10.72 -1.68 4.69
CA ILE A 124 10.74 -0.76 5.82
C ILE A 124 12.16 -0.63 6.38
N ASN A 125 12.77 0.52 6.18
CA ASN A 125 14.12 0.76 6.66
C ASN A 125 14.08 1.37 8.06
N ASP A 126 13.21 2.35 8.24
CA ASP A 126 13.08 3.02 9.52
C ASP A 126 11.73 2.70 10.17
N THR A 127 11.73 2.49 11.47
CA THR A 127 10.50 2.23 12.20
C THR A 127 10.22 3.37 13.17
N THR A 128 9.32 4.24 12.76
CA THR A 128 8.96 5.41 13.56
C THR A 128 7.78 5.10 14.48
N GLY A 129 7.88 4.00 15.23
CA GLY A 129 6.82 3.62 16.13
C GLY A 129 6.05 2.41 15.65
N LEU A 130 6.75 1.49 14.99
CA LEU A 130 6.12 0.28 14.47
C LEU A 130 6.29 -0.86 15.48
N PHE A 131 5.16 -1.41 15.95
CA PHE A 131 5.17 -2.52 16.89
C PHE A 131 6.26 -3.53 16.53
N ASN A 132 6.48 -3.65 15.23
CA ASN A 132 7.48 -4.56 14.69
C ASN A 132 8.04 -3.96 13.40
N GLU A 133 7.12 -3.49 12.56
CA GLU A 133 7.41 -2.89 11.25
C GLU A 133 6.40 -3.43 10.25
N GLY A 134 6.02 -4.69 10.47
CA GLY A 134 5.07 -5.35 9.63
C GLY A 134 5.47 -6.78 9.30
N LEU A 135 5.13 -7.72 10.19
CA LEU A 135 5.48 -9.12 9.97
C LEU A 135 4.26 -9.95 9.56
N GLY A 136 3.07 -9.36 9.65
CA GLY A 136 1.86 -10.07 9.30
C GLY A 136 1.38 -10.97 10.41
N MET A 137 0.99 -10.38 11.54
CA MET A 137 0.49 -11.14 12.68
C MET A 137 -0.97 -10.80 12.97
N LEU A 138 -1.84 -11.79 12.79
CA LEU A 138 -3.26 -11.61 13.03
C LEU A 138 -4.04 -12.90 12.76
N GLN A 139 -5.31 -12.90 13.12
CA GLN A 139 -6.16 -14.08 12.92
C GLN A 139 -6.23 -14.43 11.44
N GLU A 140 -6.89 -13.58 10.65
CA GLU A 140 -7.03 -13.81 9.22
C GLU A 140 -5.66 -13.78 8.55
N GLN A 141 -5.40 -14.78 7.71
CA GLN A 141 -4.12 -14.87 7.01
C GLN A 141 -4.13 -14.02 5.75
N ARG A 142 -3.53 -12.83 5.84
CA ARG A 142 -3.45 -11.91 4.71
C ARG A 142 -4.78 -11.85 3.95
N VAL A 143 -5.67 -10.96 4.39
CA VAL A 143 -6.96 -10.80 3.76
C VAL A 143 -7.18 -9.34 3.35
N VAL A 144 -7.83 -9.14 2.22
CA VAL A 144 -8.09 -7.80 1.72
C VAL A 144 -9.29 -7.16 2.42
N LEU A 145 -9.09 -5.94 2.91
CA LEU A 145 -10.16 -5.22 3.61
C LEU A 145 -10.78 -4.16 2.70
N LYS A 146 -11.86 -3.54 3.16
CA LYS A 146 -12.55 -2.52 2.38
C LYS A 146 -12.19 -1.12 2.86
N GLN A 147 -12.37 -0.13 2.00
CA GLN A 147 -12.06 1.25 2.32
C GLN A 147 -13.32 2.00 2.76
N THR A 148 -13.14 3.02 3.60
CA THR A 148 -14.26 3.81 4.10
C THR A 148 -14.05 5.29 3.84
N ALA A 149 -15.00 6.11 4.30
CA ALA A 149 -14.93 7.55 4.12
C ALA A 149 -13.61 8.09 4.66
N GLU A 150 -13.05 7.41 5.65
CA GLU A 150 -11.79 7.83 6.25
C GLU A 150 -10.69 7.90 5.18
N GLU A 151 -10.58 6.84 4.39
CA GLU A 151 -9.59 6.78 3.32
C GLU A 151 -9.95 7.77 2.21
N LYS A 152 -11.19 7.70 1.75
CA LYS A 152 -11.65 8.58 0.67
C LYS A 152 -11.55 10.05 1.09
N ASP A 153 -11.73 10.32 2.38
CA ASP A 153 -11.66 11.69 2.90
C ASP A 153 -10.27 12.27 2.75
N LEU A 154 -9.24 11.46 3.01
CA LEU A 154 -7.87 11.93 2.91
C LEU A 154 -7.52 12.36 1.49
N VAL A 155 -7.94 11.56 0.51
CA VAL A 155 -7.68 11.88 -0.89
C VAL A 155 -8.66 12.92 -1.42
N LYS A 156 -9.72 13.17 -0.66
CA LYS A 156 -10.74 14.14 -1.06
C LYS A 156 -10.09 15.47 -1.46
N LYS A 157 -8.94 15.76 -0.88
CA LYS A 157 -8.22 16.99 -1.16
C LYS A 157 -7.04 16.72 -2.11
N LEU A 158 -6.09 15.92 -1.64
CA LEU A 158 -4.92 15.58 -2.45
C LEU A 158 -4.18 16.84 -2.91
N GLU B 1 -14.58 10.88 -14.61
CA GLU B 1 -13.22 11.45 -14.82
C GLU B 1 -12.38 10.59 -15.75
N ASP B 2 -12.25 9.31 -15.41
CA ASP B 2 -11.49 8.37 -16.22
C ASP B 2 -12.09 6.97 -16.14
N ILE B 3 -11.93 6.20 -17.21
CA ILE B 3 -12.46 4.84 -17.27
C ILE B 3 -11.35 3.85 -17.62
N PTR B 4 -11.08 2.93 -16.71
CA PTR B 4 -10.05 1.91 -16.91
C PTR B 4 -10.63 0.51 -16.77
O PTR B 4 -11.66 0.31 -16.15
CB PTR B 4 -8.90 2.11 -15.92
CG PTR B 4 -7.98 3.25 -16.27
CD1 PTR B 4 -7.71 4.25 -15.34
CD2 PTR B 4 -7.37 3.32 -17.52
CE1 PTR B 4 -6.86 5.29 -15.65
CE2 PTR B 4 -6.52 4.36 -17.84
CZ PTR B 4 -6.27 5.35 -16.90
OH PTR B 4 -5.41 6.41 -17.22
P PTR B 4 -6.04 7.79 -17.56
O1P PTR B 4 -6.58 7.64 -19.00
O2P PTR B 4 -7.24 7.93 -16.58
O3P PTR B 4 -5.06 8.92 -17.42
H2 PTR B 4 -11.59 2.92 -15.86
HA PTR B 4 -9.67 2.04 -17.92
HB2 PTR B 4 -8.32 1.20 -15.87
HB3 PTR B 4 -9.33 2.30 -14.94
HD1 PTR B 4 -8.18 4.22 -14.37
HD2 PTR B 4 -7.57 2.55 -18.24
HE1 PTR B 4 -6.66 6.07 -14.93
HE2 PTR B 4 -6.06 4.40 -18.80
N TYR B 5 -9.94 -0.46 -17.37
CA TYR B 5 -10.37 -1.85 -17.31
C TYR B 5 -9.23 -2.79 -17.72
N LEU B 6 -9.37 -4.06 -17.34
CA LEU B 6 -8.35 -5.04 -17.67
C LEU B 6 -8.98 -6.43 -17.85
N ASP B 7 -9.31 -6.76 -19.10
CA ASP B 7 -9.92 -8.04 -19.41
C ASP B 7 -8.95 -9.19 -19.13
N GLY A 1 13.40 9.15 13.24
CA GLY A 1 14.16 8.84 12.04
C GLY A 1 14.54 10.07 11.24
N ASN A 2 14.87 9.88 9.98
CA ASN A 2 15.25 10.99 9.11
C ASN A 2 14.05 11.48 8.29
N GLY A 3 13.03 10.63 8.17
CA GLY A 3 11.85 11.01 7.42
C GLY A 3 11.30 9.86 6.58
N ARG A 4 12.06 8.78 6.47
CA ARG A 4 11.65 7.63 5.69
C ARG A 4 11.24 6.47 6.59
N PHE A 5 10.22 5.73 6.18
CA PHE A 5 9.74 4.60 6.96
C PHE A 5 9.54 3.37 6.07
N LEU A 6 8.88 3.55 4.93
CA LEU A 6 8.63 2.44 4.01
C LEU A 6 9.24 2.73 2.64
N THR A 7 9.78 1.69 2.01
CA THR A 7 10.38 1.83 0.71
C THR A 7 9.70 0.94 -0.32
N LEU A 8 9.05 1.56 -1.30
CA LEU A 8 8.38 0.83 -2.36
C LEU A 8 9.25 0.93 -3.59
N LYS A 9 9.88 -0.16 -3.96
CA LYS A 9 10.79 -0.12 -5.09
C LYS A 9 10.32 -0.90 -6.31
N PRO A 10 9.74 -0.20 -7.31
CA PRO A 10 9.30 -0.83 -8.54
C PRO A 10 10.42 -1.72 -9.08
N LEU A 11 10.30 -3.02 -8.82
CA LEU A 11 11.32 -3.99 -9.21
C LEU A 11 11.34 -4.30 -10.70
N PRO A 12 12.49 -4.80 -11.19
CA PRO A 12 12.68 -5.15 -12.60
C PRO A 12 11.55 -6.01 -13.15
N ASP A 13 10.87 -6.74 -12.27
CA ASP A 13 9.76 -7.58 -12.71
C ASP A 13 8.68 -6.70 -13.32
N SER A 14 8.63 -5.45 -12.85
CA SER A 14 7.68 -4.47 -13.33
C SER A 14 8.35 -3.61 -14.40
N ILE A 15 7.56 -3.05 -15.30
CA ILE A 15 8.08 -2.20 -16.36
C ILE A 15 8.87 -1.02 -15.77
N ILE A 16 8.73 -0.82 -14.46
CA ILE A 16 9.41 0.28 -13.78
C ILE A 16 10.56 -0.23 -12.90
N GLN A 17 11.78 0.20 -13.22
CA GLN A 17 12.97 -0.19 -12.47
C GLN A 17 13.46 0.95 -11.60
N GLU A 18 12.57 1.45 -10.75
CA GLU A 18 12.89 2.57 -9.86
C GLU A 18 12.59 2.21 -8.41
N SER A 19 13.00 3.09 -7.49
CA SER A 19 12.76 2.87 -6.08
C SER A 19 12.05 4.07 -5.45
N LEU A 20 10.97 3.79 -4.74
CA LEU A 20 10.19 4.83 -4.07
C LEU A 20 10.33 4.71 -2.56
N GLU A 21 10.40 5.85 -1.87
CA GLU A 21 10.52 5.85 -0.42
C GLU A 21 9.41 6.67 0.22
N ILE A 22 8.50 5.98 0.92
CA ILE A 22 7.40 6.65 1.59
C ILE A 22 7.88 7.31 2.88
N GLN A 23 7.93 8.62 2.87
CA GLN A 23 8.36 9.37 4.04
C GLN A 23 7.35 9.20 5.16
N GLN A 24 7.77 8.55 6.25
CA GLN A 24 6.88 8.33 7.39
C GLN A 24 6.12 9.60 7.74
N GLY A 25 6.76 10.74 7.48
CA GLY A 25 6.15 12.02 7.76
C GLY A 25 4.91 12.29 6.93
N VAL A 26 4.79 11.63 5.78
CA VAL A 26 3.64 11.84 4.92
C VAL A 26 2.62 10.71 5.06
N ASN A 27 1.42 11.05 5.50
CA ASN A 27 0.36 10.07 5.65
C ASN A 27 -0.98 10.65 5.15
N PRO A 28 -1.63 9.99 4.18
CA PRO A 28 -1.16 8.76 3.54
C PRO A 28 -0.29 9.05 2.32
N PHE A 29 0.50 8.07 1.90
CA PHE A 29 1.36 8.24 0.73
C PHE A 29 0.61 7.77 -0.52
N PHE A 30 0.34 8.71 -1.42
CA PHE A 30 -0.41 8.41 -2.64
C PHE A 30 0.51 8.06 -3.79
N ILE A 31 0.10 7.04 -4.54
CA ILE A 31 0.85 6.56 -5.69
C ILE A 31 -0.04 6.50 -6.92
N GLY A 32 0.55 6.80 -8.09
CA GLY A 32 -0.22 6.74 -9.31
C GLY A 32 0.33 7.62 -10.42
N ARG A 33 -0.44 7.71 -11.51
CA ARG A 33 -0.05 8.50 -12.68
C ARG A 33 -0.19 10.00 -12.42
N SER A 34 -0.76 10.37 -11.27
CA SER A 34 -0.95 11.77 -10.93
C SER A 34 0.26 12.33 -10.19
N GLU A 35 0.82 13.41 -10.71
CA GLU A 35 1.98 14.04 -10.08
C GLU A 35 1.65 14.47 -8.66
N ASP A 36 0.35 14.61 -8.37
CA ASP A 36 -0.10 15.01 -7.04
C ASP A 36 0.16 13.89 -6.04
N CYS A 37 0.25 12.66 -6.54
CA CYS A 37 0.51 11.50 -5.70
C CYS A 37 1.94 11.51 -5.18
N ASN A 38 2.09 11.33 -3.88
CA ASN A 38 3.41 11.32 -3.25
C ASN A 38 4.38 10.47 -4.08
N CYS A 39 3.84 9.44 -4.72
CA CYS A 39 4.61 8.56 -5.57
C CYS A 39 4.22 8.79 -7.03
N LYS A 40 5.20 8.79 -7.93
CA LYS A 40 4.91 9.04 -9.34
C LYS A 40 5.31 7.88 -10.26
N ILE A 41 4.30 7.21 -10.80
CA ILE A 41 4.50 6.12 -11.74
C ILE A 41 3.47 6.24 -12.87
N GLU A 42 3.93 6.57 -14.06
CA GLU A 42 3.02 6.74 -15.18
C GLU A 42 2.71 5.41 -15.88
N ASP A 43 1.51 4.92 -15.65
CA ASP A 43 1.04 3.69 -16.27
C ASP A 43 -0.33 3.94 -16.90
N ASN A 44 -0.38 3.99 -18.22
CA ASN A 44 -1.64 4.24 -18.93
C ASN A 44 -2.80 3.45 -18.33
N ARG A 45 -2.52 2.22 -17.92
CA ARG A 45 -3.54 1.36 -17.34
C ARG A 45 -3.85 1.74 -15.89
N LEU A 46 -2.83 2.18 -15.17
CA LEU A 46 -3.00 2.55 -13.77
C LEU A 46 -3.47 3.99 -13.63
N SER A 47 -4.55 4.18 -12.87
CA SER A 47 -5.12 5.51 -12.65
C SER A 47 -4.10 6.46 -12.04
N ARG A 48 -4.36 7.76 -12.18
CA ARG A 48 -3.48 8.79 -11.64
C ARG A 48 -3.32 8.60 -10.13
N VAL A 49 -4.38 8.10 -9.50
CA VAL A 49 -4.38 7.83 -8.07
C VAL A 49 -4.72 6.37 -7.85
N HIS A 50 -3.93 5.51 -8.48
CA HIS A 50 -4.12 4.07 -8.40
C HIS A 50 -4.29 3.59 -6.97
N CYS A 51 -3.37 4.01 -6.10
CA CYS A 51 -3.42 3.58 -4.71
C CYS A 51 -2.56 4.45 -3.81
N PHE A 52 -2.85 4.40 -2.51
CA PHE A 52 -2.12 5.17 -1.53
C PHE A 52 -1.98 4.36 -0.24
N ILE A 53 -0.87 4.55 0.47
CA ILE A 53 -0.64 3.84 1.71
C ILE A 53 -0.93 4.75 2.90
N PHE A 54 -1.67 4.24 3.86
CA PHE A 54 -2.03 4.99 5.05
C PHE A 54 -1.60 4.24 6.32
N LYS A 55 -0.94 4.96 7.21
CA LYS A 55 -0.47 4.37 8.45
C LYS A 55 -1.43 4.66 9.59
N LYS A 56 -1.70 3.64 10.41
CA LYS A 56 -2.62 3.78 11.52
C LYS A 56 -2.11 3.11 12.78
N ARG A 57 -2.61 3.55 13.93
CA ARG A 57 -2.20 2.99 15.21
C ARG A 57 -2.89 1.64 15.45
N HIS A 58 -2.09 0.58 15.47
CA HIS A 58 -2.60 -0.77 15.67
C HIS A 58 -2.88 -1.03 17.15
N ALA A 59 -4.11 -1.40 17.46
CA ALA A 59 -4.51 -1.68 18.84
C ALA A 59 -5.22 -3.03 18.93
N VAL A 60 -5.09 -3.67 20.09
CA VAL A 60 -5.73 -4.97 20.32
C VAL A 60 -7.07 -4.80 21.04
N GLY A 61 -7.86 -5.88 21.05
CA GLY A 61 -9.15 -5.84 21.70
C GLY A 61 -9.07 -6.16 23.19
N LYS A 62 -8.55 -5.23 23.97
CA LYS A 62 -8.42 -5.41 25.40
C LYS A 62 -7.52 -6.62 25.71
N SER A 63 -6.30 -6.35 26.14
CA SER A 63 -5.35 -7.41 26.47
C SER A 63 -5.57 -7.91 27.89
N MET A 64 -5.92 -9.18 28.01
CA MET A 64 -6.17 -9.80 29.31
C MET A 64 -5.02 -10.74 29.68
N TYR A 65 -4.40 -10.50 30.83
CA TYR A 65 -3.30 -11.33 31.29
C TYR A 65 -2.08 -11.16 30.39
N GLU A 66 -2.14 -11.76 29.20
CA GLU A 66 -1.05 -11.68 28.25
C GLU A 66 -1.05 -10.32 27.55
N SER A 67 0.08 -9.62 27.64
CA SER A 67 0.21 -8.31 27.02
C SER A 67 0.81 -8.42 25.62
N PRO A 68 0.01 -8.16 24.57
CA PRO A 68 0.48 -8.24 23.19
C PRO A 68 1.54 -7.18 22.88
N ALA A 69 1.60 -6.73 21.63
CA ALA A 69 2.57 -5.72 21.22
C ALA A 69 2.13 -4.31 21.63
N GLN A 70 0.98 -4.21 22.30
CA GLN A 70 0.46 -2.93 22.75
C GLN A 70 -0.06 -2.10 21.57
N GLY A 71 -0.41 -0.85 21.84
CA GLY A 71 -0.92 0.02 20.81
C GLY A 71 0.18 0.70 20.02
N LEU A 72 0.60 0.09 18.92
CA LEU A 72 1.65 0.64 18.07
C LEU A 72 1.05 1.17 16.76
N ASP A 73 1.87 1.26 15.71
CA ASP A 73 1.41 1.76 14.42
C ASP A 73 1.63 0.73 13.31
N ASP A 74 0.72 0.73 12.34
CA ASP A 74 0.81 -0.19 11.21
C ASP A 74 0.51 0.54 9.90
N ILE A 75 1.23 0.18 8.84
CA ILE A 75 1.01 0.84 7.55
C ILE A 75 0.04 0.04 6.67
N TRP A 76 -1.04 0.70 6.29
CA TRP A 76 -2.07 0.09 5.47
C TRP A 76 -2.01 0.58 4.03
N TYR A 77 -2.09 -0.35 3.08
CA TYR A 77 -2.05 0.00 1.67
C TYR A 77 -3.47 0.18 1.14
N CYS A 78 -3.79 1.39 0.69
CA CYS A 78 -5.13 1.68 0.17
C CYS A 78 -5.12 1.72 -1.35
N HIS A 79 -6.13 1.11 -1.97
CA HIS A 79 -6.24 1.07 -3.43
C HIS A 79 -7.48 1.84 -3.89
N THR A 80 -7.27 2.79 -4.80
CA THR A 80 -8.36 3.58 -5.35
C THR A 80 -8.41 3.47 -6.88
N GLY A 81 -7.59 2.59 -7.44
CA GLY A 81 -7.58 2.41 -8.88
C GLY A 81 -8.70 1.51 -9.36
N THR A 82 -9.07 1.64 -10.63
CA THR A 82 -10.14 0.83 -11.20
C THR A 82 -9.61 -0.48 -11.78
N ASN A 83 -8.31 -0.52 -12.05
CA ASN A 83 -7.68 -1.72 -12.61
C ASN A 83 -7.32 -2.73 -11.52
N VAL A 84 -7.69 -2.41 -10.28
CA VAL A 84 -7.41 -3.28 -9.12
C VAL A 84 -5.97 -3.74 -9.05
N SER A 85 -5.41 -3.70 -7.84
CA SER A 85 -4.03 -4.12 -7.60
C SER A 85 -4.01 -5.44 -6.83
N TYR A 86 -2.86 -6.09 -6.78
CA TYR A 86 -2.74 -7.37 -6.08
C TYR A 86 -1.60 -7.33 -5.06
N LEU A 87 -1.93 -7.55 -3.80
CA LEU A 87 -0.94 -7.54 -2.74
C LEU A 87 -0.59 -8.96 -2.31
N ASN A 88 0.54 -9.46 -2.80
CA ASN A 88 0.99 -10.80 -2.47
C ASN A 88 -0.02 -11.84 -2.93
N ASN A 89 -1.06 -12.04 -2.13
CA ASN A 89 -2.09 -13.02 -2.45
C ASN A 89 -3.50 -12.47 -2.21
N ASN A 90 -3.59 -11.20 -1.80
CA ASN A 90 -4.89 -10.60 -1.53
C ASN A 90 -5.28 -9.63 -2.65
N ARG A 91 -6.55 -9.72 -3.08
CA ARG A 91 -7.06 -8.85 -4.13
C ARG A 91 -7.28 -7.44 -3.62
N MET A 92 -6.97 -6.45 -4.44
CA MET A 92 -7.13 -5.05 -4.06
C MET A 92 -8.08 -4.33 -5.00
N ILE A 93 -9.37 -4.37 -4.69
CA ILE A 93 -10.38 -3.71 -5.52
C ILE A 93 -10.56 -2.26 -5.10
N GLN A 94 -10.98 -1.42 -6.05
CA GLN A 94 -11.19 0.00 -5.79
C GLN A 94 -11.89 0.23 -4.45
N GLY A 95 -11.12 0.72 -3.48
CA GLY A 95 -11.67 0.99 -2.17
C GLY A 95 -11.29 -0.08 -1.16
N THR A 96 -10.10 -0.64 -1.32
CA THR A 96 -9.62 -1.68 -0.41
C THR A 96 -8.43 -1.21 0.42
N LYS A 97 -8.16 -1.92 1.51
CA LYS A 97 -7.05 -1.59 2.39
C LYS A 97 -6.39 -2.86 2.92
N PHE A 98 -5.07 -2.93 2.80
CA PHE A 98 -4.33 -4.11 3.26
C PHE A 98 -3.07 -3.72 4.01
N LEU A 99 -2.75 -4.49 5.05
CA LEU A 99 -1.56 -4.23 5.85
C LEU A 99 -0.30 -4.59 5.07
N LEU A 100 0.74 -3.78 5.22
CA LEU A 100 2.00 -4.03 4.53
C LEU A 100 3.05 -4.60 5.48
N GLN A 101 3.93 -5.42 4.94
CA GLN A 101 4.99 -6.07 5.71
C GLN A 101 6.37 -5.68 5.17
N ASP A 102 7.40 -5.88 5.97
CA ASP A 102 8.75 -5.57 5.54
C ASP A 102 9.15 -6.48 4.39
N GLY A 103 8.97 -6.00 3.18
CA GLY A 103 9.26 -6.79 2.00
C GLY A 103 7.99 -7.20 1.30
N ASP A 104 6.99 -6.32 1.38
CA ASP A 104 5.69 -6.56 0.76
C ASP A 104 5.71 -6.17 -0.70
N GLU A 105 5.60 -7.15 -1.58
CA GLU A 105 5.60 -6.89 -3.01
C GLU A 105 4.15 -6.79 -3.49
N ILE A 106 3.74 -5.57 -3.83
CA ILE A 106 2.38 -5.34 -4.30
C ILE A 106 2.33 -5.12 -5.80
N LYS A 107 1.37 -5.77 -6.44
CA LYS A 107 1.18 -5.62 -7.88
C LYS A 107 0.12 -4.57 -8.14
N ILE A 108 0.53 -3.48 -8.76
CA ILE A 108 -0.39 -2.38 -9.05
C ILE A 108 -1.15 -2.62 -10.35
N ILE A 109 -0.51 -3.25 -11.33
CA ILE A 109 -1.17 -3.50 -12.60
C ILE A 109 -0.56 -4.70 -13.33
N TRP A 110 -1.43 -5.61 -13.77
CA TRP A 110 -0.99 -6.80 -14.49
C TRP A 110 -1.90 -7.08 -15.68
N ASP A 111 -1.31 -7.21 -16.87
CA ASP A 111 -2.08 -7.50 -18.07
C ASP A 111 -1.55 -8.76 -18.76
N LYS A 112 -2.39 -9.79 -18.83
CA LYS A 112 -2.01 -11.05 -19.45
C LYS A 112 -1.82 -10.91 -20.95
N ASN A 113 -2.77 -10.24 -21.61
CA ASN A 113 -2.70 -10.04 -23.06
C ASN A 113 -1.74 -8.92 -23.43
N ASN A 114 -1.76 -7.85 -22.65
CA ASN A 114 -0.88 -6.70 -22.91
C ASN A 114 0.51 -6.92 -22.32
N LYS A 115 0.64 -7.93 -21.45
CA LYS A 115 1.92 -8.23 -20.82
C LYS A 115 2.38 -7.06 -19.95
N PHE A 116 1.46 -6.15 -19.64
CA PHE A 116 1.78 -5.02 -18.78
C PHE A 116 1.83 -5.49 -17.34
N VAL A 117 3.04 -5.62 -16.81
CA VAL A 117 3.21 -6.10 -15.44
C VAL A 117 3.87 -5.05 -14.56
N ILE A 118 3.22 -4.76 -13.44
CA ILE A 118 3.72 -3.78 -12.49
C ILE A 118 3.78 -4.38 -11.08
N GLY A 119 4.64 -3.83 -10.24
CA GLY A 119 4.77 -4.32 -8.89
C GLY A 119 5.90 -3.65 -8.13
N PHE A 120 5.61 -3.17 -6.93
CA PHE A 120 6.61 -2.51 -6.11
C PHE A 120 6.93 -3.33 -4.87
N LYS A 121 8.18 -3.28 -4.44
CA LYS A 121 8.60 -4.02 -3.25
C LYS A 121 8.69 -3.10 -2.05
N VAL A 122 7.85 -3.36 -1.05
CA VAL A 122 7.82 -2.56 0.16
C VAL A 122 8.93 -2.99 1.11
N GLU A 123 9.74 -2.04 1.55
CA GLU A 123 10.81 -2.33 2.47
C GLU A 123 10.84 -1.32 3.60
N ILE A 124 10.46 -1.77 4.80
CA ILE A 124 10.45 -0.91 5.97
C ILE A 124 11.86 -0.66 6.47
N ASN A 125 12.36 0.54 6.21
CA ASN A 125 13.70 0.91 6.66
C ASN A 125 13.65 1.39 8.10
N ASP A 126 12.70 2.27 8.38
CA ASP A 126 12.52 2.80 9.73
C ASP A 126 11.23 2.30 10.35
N THR A 127 11.27 1.98 11.64
CA THR A 127 10.10 1.53 12.34
C THR A 127 9.73 2.53 13.42
N THR A 128 8.76 3.37 13.12
CA THR A 128 8.31 4.40 14.05
C THR A 128 7.44 3.79 15.15
N GLY A 129 8.08 3.01 16.02
CA GLY A 129 7.36 2.37 17.10
C GLY A 129 6.32 1.40 16.58
N LEU A 130 6.74 0.53 15.66
CA LEU A 130 5.84 -0.46 15.08
C LEU A 130 5.75 -1.71 15.94
N PHE A 131 4.52 -2.18 16.18
CA PHE A 131 4.31 -3.40 16.97
C PHE A 131 5.29 -4.48 16.54
N ASN A 132 5.62 -4.45 15.25
CA ASN A 132 6.55 -5.38 14.66
C ASN A 132 7.29 -4.68 13.53
N GLU A 133 6.49 -4.15 12.59
CA GLU A 133 7.00 -3.43 11.42
C GLU A 133 5.96 -3.49 10.30
N GLY A 134 5.17 -4.57 10.30
CA GLY A 134 4.14 -4.74 9.30
C GLY A 134 4.01 -6.19 8.85
N LEU A 135 4.92 -7.04 9.31
CA LEU A 135 4.91 -8.46 8.93
C LEU A 135 3.92 -9.27 9.77
N GLY A 136 3.10 -8.59 10.57
CA GLY A 136 2.13 -9.28 11.39
C GLY A 136 0.72 -8.81 11.16
N MET A 137 -0.20 -9.75 11.00
CA MET A 137 -1.59 -9.43 10.78
C MET A 137 -2.42 -9.82 11.99
N LEU A 138 -3.47 -9.04 12.25
CA LEU A 138 -4.35 -9.28 13.38
C LEU A 138 -4.93 -10.70 13.35
N GLN A 139 -6.00 -10.94 14.10
CA GLN A 139 -6.65 -12.25 14.16
C GLN A 139 -6.69 -12.92 12.79
N GLU A 140 -7.09 -12.17 11.78
CA GLU A 140 -7.19 -12.70 10.42
C GLU A 140 -5.79 -12.84 9.81
N GLN A 141 -5.58 -13.95 9.09
CA GLN A 141 -4.28 -14.19 8.45
C GLN A 141 -4.18 -13.45 7.13
N ARG A 142 -3.49 -12.31 7.15
CA ARG A 142 -3.29 -11.49 5.95
C ARG A 142 -4.57 -11.42 5.11
N VAL A 143 -5.47 -10.51 5.49
CA VAL A 143 -6.71 -10.33 4.76
C VAL A 143 -6.88 -8.89 4.32
N VAL A 144 -7.43 -8.70 3.13
CA VAL A 144 -7.62 -7.37 2.59
C VAL A 144 -8.90 -6.73 3.13
N LEU A 145 -8.76 -5.63 3.85
CA LEU A 145 -9.91 -4.93 4.42
C LEU A 145 -10.47 -3.92 3.43
N LYS A 146 -11.61 -3.34 3.77
CA LYS A 146 -12.26 -2.36 2.89
C LYS A 146 -11.98 -0.94 3.37
N GLN A 147 -12.10 0.02 2.45
CA GLN A 147 -11.86 1.42 2.77
C GLN A 147 -13.13 2.07 3.34
N THR A 148 -12.94 3.12 4.13
CA THR A 148 -14.07 3.84 4.73
C THR A 148 -14.01 5.32 4.41
N ALA A 149 -14.95 6.07 4.97
CA ALA A 149 -15.01 7.51 4.75
C ALA A 149 -13.71 8.18 5.17
N GLU A 150 -13.03 7.60 6.16
CA GLU A 150 -11.77 8.14 6.65
C GLU A 150 -10.71 8.11 5.56
N GLU A 151 -10.52 6.94 4.95
CA GLU A 151 -9.53 6.79 3.89
C GLU A 151 -9.90 7.62 2.67
N LYS A 152 -11.16 7.54 2.27
CA LYS A 152 -11.65 8.29 1.12
C LYS A 152 -11.41 9.78 1.30
N ASP A 153 -11.48 10.25 2.54
CA ASP A 153 -11.26 11.65 2.85
C ASP A 153 -9.82 12.06 2.59
N LEU A 154 -8.89 11.16 2.88
CA LEU A 154 -7.47 11.42 2.67
C LEU A 154 -7.18 11.73 1.21
N VAL A 155 -7.76 10.94 0.31
CA VAL A 155 -7.56 11.13 -1.12
C VAL A 155 -8.44 12.26 -1.66
N LYS A 156 -9.50 12.60 -0.93
CA LYS A 156 -10.41 13.65 -1.35
C LYS A 156 -9.65 14.95 -1.65
N LYS A 157 -8.80 15.36 -0.72
CA LYS A 157 -8.02 16.57 -0.88
C LYS A 157 -7.08 16.46 -2.08
N LEU A 158 -6.67 15.23 -2.39
CA LEU A 158 -5.78 14.98 -3.51
C LEU A 158 -6.41 15.46 -4.82
N GLU B 1 -15.15 8.21 -17.50
CA GLU B 1 -15.97 7.51 -16.48
C GLU B 1 -15.34 6.17 -16.09
N ASP B 2 -14.02 6.16 -15.95
CA ASP B 2 -13.30 4.95 -15.57
C ASP B 2 -13.48 3.87 -16.64
N ILE B 3 -12.73 3.99 -17.73
CA ILE B 3 -12.81 3.02 -18.82
C ILE B 3 -11.66 2.02 -18.74
N PTR B 4 -11.29 1.63 -17.51
CA PTR B 4 -10.21 0.69 -17.30
C PTR B 4 -10.75 -0.71 -17.00
O PTR B 4 -11.91 -0.85 -16.59
CB PTR B 4 -9.31 1.15 -16.16
CG PTR B 4 -8.53 2.41 -16.47
CD1 PTR B 4 -7.88 2.56 -17.70
CD2 PTR B 4 -8.43 3.45 -15.55
CE1 PTR B 4 -7.17 3.71 -17.99
CE2 PTR B 4 -7.72 4.60 -15.84
CZ PTR B 4 -7.10 4.72 -17.06
OH PTR B 4 -6.38 5.89 -17.35
P PTR B 4 -7.18 7.21 -17.59
O1P PTR B 4 -8.16 7.28 -16.40
O2P PTR B 4 -6.13 8.33 -17.46
O3P PTR B 4 -7.87 7.22 -18.92
H2 PTR B 4 -11.76 2.01 -16.74
HA PTR B 4 -9.62 0.64 -18.21
HB2 PTR B 4 -8.60 0.38 -15.92
HB3 PTR B 4 -9.92 1.35 -15.29
HD1 PTR B 4 -7.95 1.77 -18.44
HD2 PTR B 4 -8.93 3.34 -14.60
HE1 PTR B 4 -6.69 3.82 -18.95
HE2 PTR B 4 -7.66 5.39 -15.11
N TYR B 5 -9.91 -1.72 -17.19
CA TYR B 5 -10.31 -3.10 -16.94
C TYR B 5 -9.15 -4.05 -17.17
N LEU B 6 -8.99 -5.02 -16.28
CA LEU B 6 -7.92 -6.00 -16.38
C LEU B 6 -8.42 -7.40 -16.03
N ASP B 7 -7.52 -8.37 -16.07
CA ASP B 7 -7.86 -9.75 -15.76
C ASP B 7 -7.29 -10.16 -14.41
N GLY A 1 13.76 9.28 13.20
CA GLY A 1 13.62 9.08 11.76
C GLY A 1 13.99 10.32 10.97
N ASN A 2 14.73 10.14 9.89
CA ASN A 2 15.15 11.24 9.04
C ASN A 2 13.98 11.74 8.18
N GLY A 3 12.99 10.89 7.98
CA GLY A 3 11.84 11.25 7.17
C GLY A 3 11.28 10.09 6.38
N ARG A 4 12.06 9.03 6.24
CA ARG A 4 11.63 7.85 5.51
C ARG A 4 11.31 6.69 6.45
N PHE A 5 10.29 5.93 6.11
CA PHE A 5 9.88 4.79 6.92
C PHE A 5 9.67 3.55 6.06
N LEU A 6 8.86 3.69 5.01
CA LEU A 6 8.57 2.56 4.13
C LEU A 6 9.13 2.83 2.73
N THR A 7 9.63 1.77 2.10
CA THR A 7 10.20 1.89 0.77
C THR A 7 9.50 0.95 -0.20
N LEU A 8 8.85 1.53 -1.21
CA LEU A 8 8.18 0.76 -2.23
C LEU A 8 9.05 0.79 -3.45
N LYS A 9 9.68 -0.32 -3.78
CA LYS A 9 10.59 -0.32 -4.91
C LYS A 9 10.11 -1.11 -6.11
N PRO A 10 9.53 -0.42 -7.12
CA PRO A 10 9.10 -1.07 -8.36
C PRO A 10 10.25 -1.94 -8.90
N LEU A 11 10.10 -3.26 -8.76
CA LEU A 11 11.15 -4.19 -9.16
C LEU A 11 11.28 -4.36 -10.67
N PRO A 12 12.48 -4.80 -11.11
CA PRO A 12 12.82 -5.03 -12.53
C PRO A 12 11.83 -5.94 -13.25
N ASP A 13 11.16 -6.81 -12.51
CA ASP A 13 10.21 -7.72 -13.12
C ASP A 13 9.07 -6.93 -13.78
N SER A 14 8.89 -5.69 -13.31
CA SER A 14 7.88 -4.80 -13.84
C SER A 14 8.48 -3.85 -14.85
N ILE A 15 7.66 -3.36 -15.78
CA ILE A 15 8.13 -2.40 -16.78
C ILE A 15 8.85 -1.24 -16.08
N ILE A 16 8.54 -1.05 -14.80
CA ILE A 16 9.16 -0.01 -14.00
C ILE A 16 10.20 -0.60 -13.04
N GLN A 17 11.44 -0.18 -13.20
CA GLN A 17 12.54 -0.67 -12.37
C GLN A 17 13.14 0.47 -11.54
N GLU A 18 12.29 1.08 -10.72
CA GLU A 18 12.69 2.20 -9.88
C GLU A 18 12.36 1.91 -8.41
N SER A 19 12.81 2.78 -7.51
CA SER A 19 12.53 2.62 -6.09
C SER A 19 11.85 3.85 -5.51
N LEU A 20 10.76 3.62 -4.77
CA LEU A 20 10.01 4.70 -4.15
C LEU A 20 10.14 4.63 -2.63
N GLU A 21 10.19 5.78 -1.98
CA GLU A 21 10.33 5.82 -0.52
C GLU A 21 9.21 6.64 0.13
N ILE A 22 8.39 5.98 0.94
CA ILE A 22 7.30 6.63 1.63
C ILE A 22 7.80 7.33 2.87
N GLN A 23 7.81 8.65 2.84
CA GLN A 23 8.27 9.43 3.98
C GLN A 23 7.31 9.23 5.16
N GLN A 24 7.82 8.64 6.23
CA GLN A 24 7.00 8.38 7.42
C GLN A 24 6.19 9.62 7.79
N GLY A 25 6.75 10.78 7.49
CA GLY A 25 6.09 12.03 7.78
C GLY A 25 4.84 12.26 6.96
N VAL A 26 4.71 11.56 5.82
CA VAL A 26 3.55 11.72 4.97
C VAL A 26 2.56 10.59 5.15
N ASN A 27 1.34 10.93 5.58
CA ASN A 27 0.29 9.94 5.76
C ASN A 27 -1.04 10.50 5.28
N PRO A 28 -1.70 9.86 4.30
CA PRO A 28 -1.23 8.63 3.65
C PRO A 28 -0.37 8.93 2.43
N PHE A 29 0.43 7.96 2.00
CA PHE A 29 1.30 8.15 0.84
C PHE A 29 0.57 7.71 -0.42
N PHE A 30 0.34 8.65 -1.32
CA PHE A 30 -0.39 8.39 -2.56
C PHE A 30 0.54 8.04 -3.71
N ILE A 31 0.13 7.04 -4.49
CA ILE A 31 0.89 6.59 -5.64
C ILE A 31 0.01 6.53 -6.88
N GLY A 32 0.56 6.90 -8.02
CA GLY A 32 -0.22 6.86 -9.26
C GLY A 32 0.39 7.67 -10.39
N ARG A 33 -0.39 7.84 -11.46
CA ARG A 33 0.05 8.59 -12.64
C ARG A 33 -0.11 10.09 -12.42
N SER A 34 -0.57 10.49 -11.23
CA SER A 34 -0.76 11.90 -10.91
C SER A 34 0.39 12.41 -10.06
N GLU A 35 1.11 13.41 -10.57
CA GLU A 35 2.23 14.00 -9.85
C GLU A 35 1.82 14.40 -8.43
N ASP A 36 0.52 14.65 -8.23
CA ASP A 36 0.01 15.03 -6.93
C ASP A 36 0.26 13.91 -5.92
N CYS A 37 0.35 12.68 -6.41
CA CYS A 37 0.60 11.53 -5.57
C CYS A 37 2.02 11.53 -5.05
N ASN A 38 2.18 11.38 -3.73
CA ASN A 38 3.50 11.36 -3.11
C ASN A 38 4.46 10.50 -3.93
N CYS A 39 3.91 9.44 -4.51
CA CYS A 39 4.67 8.54 -5.36
C CYS A 39 4.30 8.78 -6.82
N LYS A 40 5.28 8.72 -7.71
CA LYS A 40 5.01 8.99 -9.12
C LYS A 40 5.23 7.78 -10.02
N ILE A 41 4.13 7.27 -10.55
CA ILE A 41 4.15 6.16 -11.49
C ILE A 41 3.15 6.46 -12.59
N GLU A 42 3.66 6.75 -13.79
CA GLU A 42 2.77 7.09 -14.90
C GLU A 42 2.61 5.94 -15.90
N ASP A 43 1.45 5.31 -15.84
CA ASP A 43 1.11 4.24 -16.76
C ASP A 43 -0.26 4.52 -17.35
N ASN A 44 -0.37 4.53 -18.67
CA ASN A 44 -1.64 4.81 -19.32
C ASN A 44 -2.79 4.07 -18.65
N ARG A 45 -2.50 2.87 -18.14
CA ARG A 45 -3.50 2.06 -17.45
C ARG A 45 -3.72 2.59 -16.04
N LEU A 46 -2.63 2.99 -15.40
CA LEU A 46 -2.69 3.52 -14.04
C LEU A 46 -3.59 4.76 -13.97
N SER A 47 -4.07 5.05 -12.77
CA SER A 47 -4.94 6.21 -12.56
C SER A 47 -4.20 7.28 -11.75
N ARG A 48 -4.72 8.50 -11.76
CA ARG A 48 -4.10 9.59 -11.01
C ARG A 48 -3.73 9.13 -9.61
N VAL A 49 -4.72 8.62 -8.89
CA VAL A 49 -4.51 8.09 -7.55
C VAL A 49 -4.67 6.58 -7.57
N HIS A 50 -3.78 5.92 -8.30
CA HIS A 50 -3.80 4.47 -8.45
C HIS A 50 -3.94 3.78 -7.10
N CYS A 51 -3.14 4.20 -6.13
CA CYS A 51 -3.18 3.63 -4.79
C CYS A 51 -2.42 4.48 -3.80
N PHE A 52 -2.76 4.33 -2.53
CA PHE A 52 -2.10 5.08 -1.47
C PHE A 52 -1.97 4.23 -0.21
N ILE A 53 -0.86 4.39 0.49
CA ILE A 53 -0.61 3.66 1.72
C ILE A 53 -0.88 4.56 2.92
N PHE A 54 -1.65 4.04 3.88
CA PHE A 54 -2.02 4.80 5.06
C PHE A 54 -1.58 4.07 6.33
N LYS A 55 -0.94 4.80 7.22
CA LYS A 55 -0.46 4.23 8.47
C LYS A 55 -1.45 4.52 9.61
N LYS A 56 -1.71 3.51 10.42
CA LYS A 56 -2.64 3.63 11.54
C LYS A 56 -2.08 3.00 12.80
N ARG A 57 -2.61 3.41 13.95
CA ARG A 57 -2.15 2.87 15.22
C ARG A 57 -2.73 1.48 15.46
N HIS A 58 -1.83 0.49 15.45
CA HIS A 58 -2.21 -0.91 15.64
C HIS A 58 -2.67 -1.17 17.08
N ALA A 59 -3.89 -1.67 17.22
CA ALA A 59 -4.45 -1.97 18.54
C ALA A 59 -5.89 -2.46 18.42
N VAL A 60 -6.17 -3.61 19.01
CA VAL A 60 -7.52 -4.18 18.97
C VAL A 60 -8.42 -3.53 20.01
N GLY A 61 -9.71 -3.87 19.96
CA GLY A 61 -10.65 -3.31 20.90
C GLY A 61 -10.39 -3.77 22.32
N LYS A 62 -9.70 -2.93 23.10
CA LYS A 62 -9.39 -3.26 24.48
C LYS A 62 -8.52 -4.51 24.57
N SER A 63 -7.71 -4.60 25.62
CA SER A 63 -6.84 -5.74 25.82
C SER A 63 -7.48 -6.78 26.72
N MET A 64 -8.76 -7.05 26.48
CA MET A 64 -9.50 -8.03 27.29
C MET A 64 -8.94 -9.43 27.08
N TYR A 65 -8.33 -9.98 28.12
CA TYR A 65 -7.74 -11.31 28.06
C TYR A 65 -6.50 -11.34 27.17
N GLU A 66 -6.69 -11.05 25.88
CA GLU A 66 -5.59 -11.04 24.93
C GLU A 66 -4.72 -9.80 25.10
N SER A 67 -3.41 -9.97 24.93
CA SER A 67 -2.48 -8.86 25.06
C SER A 67 -1.79 -8.55 23.73
N PRO A 68 -2.35 -7.62 22.95
CA PRO A 68 -1.79 -7.24 21.64
C PRO A 68 -0.44 -6.55 21.78
N ALA A 69 -0.13 -5.66 20.84
CA ALA A 69 1.14 -4.93 20.87
C ALA A 69 1.00 -3.60 21.61
N GLN A 70 0.19 -3.59 22.66
CA GLN A 70 -0.03 -2.37 23.45
C GLN A 70 -0.77 -1.32 22.65
N GLY A 71 -0.10 -0.75 21.65
CA GLY A 71 -0.73 0.27 20.82
C GLY A 71 0.27 1.03 19.97
N LEU A 72 0.93 0.31 19.06
CA LEU A 72 1.91 0.92 18.18
C LEU A 72 1.25 1.31 16.85
N ASP A 73 2.04 1.49 15.79
CA ASP A 73 1.48 1.87 14.50
C ASP A 73 1.76 0.84 13.41
N ASP A 74 0.82 0.71 12.48
CA ASP A 74 0.95 -0.22 11.36
C ASP A 74 0.72 0.52 10.05
N ILE A 75 1.18 -0.06 8.94
CA ILE A 75 1.00 0.57 7.64
C ILE A 75 0.03 -0.20 6.76
N TRP A 76 -1.03 0.48 6.35
CA TRP A 76 -2.06 -0.09 5.51
C TRP A 76 -1.91 0.38 4.06
N TYR A 77 -2.04 -0.55 3.13
CA TYR A 77 -1.94 -0.22 1.71
C TYR A 77 -3.34 -0.08 1.11
N CYS A 78 -3.64 1.11 0.58
CA CYS A 78 -4.94 1.37 -0.01
C CYS A 78 -4.83 1.51 -1.52
N HIS A 79 -5.83 0.99 -2.23
CA HIS A 79 -5.84 1.05 -3.70
C HIS A 79 -7.10 1.77 -4.19
N THR A 80 -6.89 2.84 -4.96
CA THR A 80 -7.98 3.63 -5.51
C THR A 80 -8.00 3.57 -7.04
N GLY A 81 -7.20 2.66 -7.60
CA GLY A 81 -7.15 2.52 -9.05
C GLY A 81 -8.21 1.54 -9.55
N THR A 82 -8.83 1.87 -10.67
CA THR A 82 -9.87 1.01 -11.24
C THR A 82 -9.27 -0.26 -11.87
N ASN A 83 -7.94 -0.31 -11.95
CA ASN A 83 -7.26 -1.46 -12.55
C ASN A 83 -7.03 -2.57 -11.51
N VAL A 84 -7.52 -2.36 -10.29
CA VAL A 84 -7.38 -3.34 -9.22
C VAL A 84 -5.92 -3.61 -8.90
N SER A 85 -5.63 -3.86 -7.63
CA SER A 85 -4.28 -4.15 -7.20
C SER A 85 -4.20 -5.58 -6.64
N TYR A 86 -2.99 -6.10 -6.55
CA TYR A 86 -2.79 -7.45 -6.03
C TYR A 86 -1.59 -7.48 -5.09
N LEU A 87 -1.84 -7.87 -3.84
CA LEU A 87 -0.78 -7.94 -2.84
C LEU A 87 -0.43 -9.39 -2.51
N ASN A 88 0.81 -9.77 -2.81
CA ASN A 88 1.28 -11.13 -2.54
C ASN A 88 0.45 -12.15 -3.31
N ASN A 89 -0.68 -12.55 -2.73
CA ASN A 89 -1.56 -13.53 -3.36
C ASN A 89 -3.04 -13.14 -3.25
N ASN A 90 -3.31 -11.98 -2.65
CA ASN A 90 -4.69 -11.51 -2.49
C ASN A 90 -5.02 -10.44 -3.52
N ARG A 91 -6.25 -10.49 -4.04
CA ARG A 91 -6.70 -9.53 -5.03
C ARG A 91 -7.45 -8.38 -4.36
N MET A 92 -7.24 -7.17 -4.85
CA MET A 92 -7.90 -6.00 -4.28
C MET A 92 -8.41 -5.05 -5.36
N ILE A 93 -9.57 -4.47 -5.12
CA ILE A 93 -10.19 -3.55 -6.08
C ILE A 93 -10.20 -2.12 -5.55
N GLN A 94 -10.46 -1.16 -6.44
CA GLN A 94 -10.51 0.24 -6.05
C GLN A 94 -11.35 0.43 -4.79
N GLY A 95 -10.71 0.91 -3.73
CA GLY A 95 -11.41 1.12 -2.48
C GLY A 95 -11.11 0.01 -1.47
N THR A 96 -9.98 -0.67 -1.66
CA THR A 96 -9.59 -1.76 -0.77
C THR A 96 -8.35 -1.38 0.05
N LYS A 97 -8.12 -2.13 1.12
CA LYS A 97 -6.98 -1.90 2.00
C LYS A 97 -6.28 -3.20 2.35
N PHE A 98 -4.96 -3.15 2.48
CA PHE A 98 -4.17 -4.34 2.81
C PHE A 98 -2.97 -3.97 3.68
N LEU A 99 -2.75 -4.74 4.75
CA LEU A 99 -1.63 -4.48 5.65
C LEU A 99 -0.30 -4.78 4.95
N LEU A 100 0.69 -3.94 5.21
CA LEU A 100 2.01 -4.11 4.61
C LEU A 100 3.06 -4.54 5.62
N GLN A 101 3.68 -5.67 5.36
CA GLN A 101 4.73 -6.23 6.21
C GLN A 101 6.09 -5.99 5.57
N ASP A 102 7.08 -5.60 6.38
CA ASP A 102 8.43 -5.33 5.88
C ASP A 102 8.84 -6.38 4.84
N GLY A 103 8.89 -5.95 3.58
CA GLY A 103 9.24 -6.86 2.50
C GLY A 103 8.01 -7.35 1.78
N ASP A 104 7.02 -6.46 1.67
CA ASP A 104 5.77 -6.80 1.00
C ASP A 104 5.79 -6.36 -0.46
N GLU A 105 5.57 -7.30 -1.36
CA GLU A 105 5.55 -6.99 -2.78
C GLU A 105 4.11 -6.78 -3.23
N ILE A 106 3.77 -5.52 -3.52
CA ILE A 106 2.41 -5.18 -3.94
C ILE A 106 2.34 -4.87 -5.43
N LYS A 107 1.36 -5.47 -6.10
CA LYS A 107 1.14 -5.24 -7.52
C LYS A 107 -0.07 -4.34 -7.68
N ILE A 108 0.10 -3.25 -8.42
CA ILE A 108 -1.00 -2.31 -8.61
C ILE A 108 -1.76 -2.60 -9.91
N ILE A 109 -1.09 -3.22 -10.88
CA ILE A 109 -1.74 -3.53 -12.15
C ILE A 109 -1.06 -4.72 -12.84
N TRP A 110 -1.88 -5.68 -13.27
CA TRP A 110 -1.39 -6.87 -13.96
C TRP A 110 -2.26 -7.20 -15.17
N ASP A 111 -1.64 -7.33 -16.34
CA ASP A 111 -2.36 -7.67 -17.56
C ASP A 111 -1.92 -9.03 -18.10
N LYS A 112 -2.86 -9.97 -18.14
CA LYS A 112 -2.57 -11.32 -18.63
C LYS A 112 -2.25 -11.33 -20.13
N ASN A 113 -3.07 -10.63 -20.90
CA ASN A 113 -2.89 -10.58 -22.35
C ASN A 113 -1.81 -9.59 -22.74
N ASN A 114 -1.78 -8.45 -22.08
CA ASN A 114 -0.79 -7.41 -22.37
C ASN A 114 0.55 -7.72 -21.73
N LYS A 115 0.54 -8.59 -20.70
CA LYS A 115 1.76 -8.96 -20.00
C LYS A 115 2.33 -7.77 -19.23
N PHE A 116 1.58 -6.69 -19.16
CA PHE A 116 2.03 -5.51 -18.43
C PHE A 116 1.85 -5.76 -16.92
N VAL A 117 2.96 -6.01 -16.24
CA VAL A 117 2.92 -6.27 -14.82
C VAL A 117 3.74 -5.25 -14.04
N ILE A 118 3.08 -4.57 -13.11
CA ILE A 118 3.74 -3.57 -12.30
C ILE A 118 3.63 -3.92 -10.81
N GLY A 119 4.77 -4.07 -10.16
CA GLY A 119 4.78 -4.42 -8.75
C GLY A 119 5.86 -3.68 -7.98
N PHE A 120 5.50 -3.21 -6.80
CA PHE A 120 6.44 -2.49 -5.96
C PHE A 120 6.75 -3.30 -4.70
N LYS A 121 8.00 -3.24 -4.26
CA LYS A 121 8.42 -3.98 -3.08
C LYS A 121 8.50 -3.06 -1.88
N VAL A 122 7.69 -3.35 -0.87
CA VAL A 122 7.65 -2.56 0.35
C VAL A 122 8.74 -3.03 1.31
N GLU A 123 9.61 -2.10 1.69
CA GLU A 123 10.68 -2.41 2.62
C GLU A 123 10.77 -1.35 3.71
N ILE A 124 10.40 -1.73 4.91
CA ILE A 124 10.44 -0.82 6.05
C ILE A 124 11.86 -0.65 6.57
N ASN A 125 12.43 0.52 6.32
CA ASN A 125 13.79 0.81 6.78
C ASN A 125 13.76 1.45 8.16
N ASP A 126 12.84 2.38 8.34
CA ASP A 126 12.68 3.07 9.61
C ASP A 126 11.38 2.65 10.28
N THR A 127 11.41 2.49 11.61
CA THR A 127 10.24 2.12 12.36
C THR A 127 9.82 3.26 13.27
N THR A 128 8.83 4.01 12.84
CA THR A 128 8.33 5.14 13.60
C THR A 128 7.33 4.67 14.66
N GLY A 129 7.78 3.79 15.54
CA GLY A 129 6.92 3.27 16.58
C GLY A 129 6.02 2.15 16.08
N LEU A 130 6.56 1.30 15.22
CA LEU A 130 5.81 0.18 14.66
C LEU A 130 5.71 -0.94 15.68
N PHE A 131 4.51 -1.50 15.84
CA PHE A 131 4.28 -2.60 16.77
C PHE A 131 5.40 -3.63 16.67
N ASN A 132 5.91 -3.77 15.45
CA ASN A 132 6.99 -4.70 15.16
C ASN A 132 7.86 -4.14 14.05
N GLU A 133 7.22 -3.95 12.89
CA GLU A 133 7.84 -3.45 11.67
C GLU A 133 7.21 -4.12 10.46
N GLY A 134 5.91 -4.41 10.57
CA GLY A 134 5.19 -5.06 9.50
C GLY A 134 5.58 -6.53 9.33
N LEU A 135 5.21 -7.37 10.29
CA LEU A 135 5.51 -8.79 10.22
C LEU A 135 4.26 -9.62 9.90
N GLY A 136 3.10 -8.97 9.96
CA GLY A 136 1.85 -9.66 9.71
C GLY A 136 0.85 -9.43 10.82
N MET A 137 0.48 -10.52 11.51
CA MET A 137 -0.46 -10.43 12.62
C MET A 137 -0.99 -11.82 12.98
N LEU A 138 -0.60 -12.30 14.15
CA LEU A 138 -1.04 -13.61 14.63
C LEU A 138 -0.64 -14.73 13.67
N GLN A 139 -1.32 -15.88 13.78
CA GLN A 139 -1.03 -17.02 12.93
C GLN A 139 -0.90 -16.63 11.46
N GLU A 140 -1.99 -16.73 10.70
CA GLU A 140 -1.97 -16.39 9.28
C GLU A 140 -2.86 -15.19 8.97
N GLN A 141 -2.24 -14.02 8.88
CA GLN A 141 -2.96 -12.80 8.55
C GLN A 141 -2.48 -12.24 7.22
N ARG A 142 -3.42 -11.81 6.38
CA ARG A 142 -3.12 -11.25 5.06
C ARG A 142 -4.35 -11.31 4.17
N VAL A 143 -5.35 -10.49 4.50
CA VAL A 143 -6.58 -10.44 3.72
C VAL A 143 -6.88 -9.03 3.24
N VAL A 144 -7.53 -8.92 2.08
CA VAL A 144 -7.88 -7.62 1.52
C VAL A 144 -9.10 -7.03 2.21
N LEU A 145 -8.92 -5.88 2.83
CA LEU A 145 -10.00 -5.20 3.53
C LEU A 145 -10.63 -4.12 2.66
N LYS A 146 -11.74 -3.56 3.12
CA LYS A 146 -12.43 -2.51 2.37
C LYS A 146 -12.11 -1.13 2.95
N GLN A 147 -12.22 -0.11 2.12
CA GLN A 147 -11.94 1.26 2.54
C GLN A 147 -13.20 1.95 3.04
N THR A 148 -13.03 2.96 3.88
CA THR A 148 -14.16 3.70 4.42
C THR A 148 -14.02 5.20 4.17
N ALA A 149 -14.93 5.98 4.73
CA ALA A 149 -14.91 7.43 4.57
C ALA A 149 -13.57 8.02 5.00
N GLU A 150 -12.96 7.40 6.02
CA GLU A 150 -11.67 7.86 6.53
C GLU A 150 -10.61 7.83 5.43
N GLU A 151 -10.51 6.70 4.74
CA GLU A 151 -9.53 6.54 3.67
C GLU A 151 -9.87 7.46 2.51
N LYS A 152 -11.12 7.42 2.06
CA LYS A 152 -11.56 8.25 0.95
C LYS A 152 -11.33 9.73 1.26
N ASP A 153 -11.45 10.09 2.53
CA ASP A 153 -11.26 11.48 2.95
C ASP A 153 -9.82 11.94 2.69
N LEU A 154 -8.87 11.04 2.93
CA LEU A 154 -7.46 11.36 2.71
C LEU A 154 -7.20 11.72 1.26
N VAL A 155 -7.76 10.94 0.34
CA VAL A 155 -7.60 11.18 -1.09
C VAL A 155 -8.42 12.39 -1.52
N LYS A 156 -9.49 12.66 -0.81
CA LYS A 156 -10.36 13.79 -1.12
C LYS A 156 -9.59 15.10 -1.08
N LYS A 157 -8.57 15.15 -0.23
CA LYS A 157 -7.75 16.35 -0.10
C LYS A 157 -6.60 16.34 -1.11
N LEU A 158 -6.30 15.16 -1.65
CA LEU A 158 -5.22 15.03 -2.64
C LEU A 158 -5.37 16.06 -3.76
N GLU B 1 -14.71 11.63 -19.94
CA GLU B 1 -14.00 10.81 -18.92
C GLU B 1 -14.00 9.34 -19.31
N ASP B 2 -12.85 8.69 -19.16
CA ASP B 2 -12.73 7.28 -19.49
C ASP B 2 -12.27 6.47 -18.28
N ILE B 3 -12.82 5.28 -18.12
CA ILE B 3 -12.47 4.40 -17.00
C ILE B 3 -11.60 3.24 -17.46
N PTR B 4 -11.08 2.48 -16.51
CA PTR B 4 -10.23 1.33 -16.81
C PTR B 4 -10.99 0.02 -16.64
O PTR B 4 -12.17 0.02 -16.26
CB PTR B 4 -8.99 1.34 -15.92
CG PTR B 4 -8.14 2.58 -16.08
CD1 PTR B 4 -7.54 2.88 -17.29
CD2 PTR B 4 -7.93 3.44 -15.00
CE1 PTR B 4 -6.76 4.01 -17.43
CE2 PTR B 4 -7.15 4.57 -15.13
CZ PTR B 4 -6.57 4.85 -16.35
OH PTR B 4 -5.78 6.00 -16.50
P PTR B 4 -6.50 7.39 -16.53
O1P PTR B 4 -7.20 7.43 -17.91
O2P PTR B 4 -7.57 7.30 -15.42
O3P PTR B 4 -5.55 8.53 -16.32
H2 PTR B 4 -11.27 2.69 -15.57
HA PTR B 4 -9.92 1.42 -17.84
HB2 PTR B 4 -8.38 0.48 -16.17
HB3 PTR B 4 -9.30 1.27 -14.89
HD1 PTR B 4 -7.69 2.23 -18.13
HD2 PTR B 4 -8.39 3.21 -14.06
HE1 PTR B 4 -6.31 4.25 -18.39
HE2 PTR B 4 -7.00 5.23 -14.29
N TYR B 5 -10.32 -1.09 -16.90
CA TYR B 5 -10.93 -2.41 -16.78
C TYR B 5 -9.92 -3.50 -17.11
N LEU B 6 -9.77 -4.46 -16.19
CA LEU B 6 -8.84 -5.56 -16.40
C LEU B 6 -9.37 -6.84 -15.76
N ASP B 7 -10.11 -7.63 -16.55
CA ASP B 7 -10.68 -8.87 -16.06
C ASP B 7 -9.93 -10.07 -16.64
N GLY A 1 17.56 7.69 10.27
CA GLY A 1 16.71 7.89 9.10
C GLY A 1 16.43 9.36 8.82
N ASN A 2 16.25 9.69 7.55
CA ASN A 2 15.97 11.07 7.16
C ASN A 2 14.46 11.33 7.09
N GLY A 3 13.66 10.33 7.46
CA GLY A 3 12.22 10.49 7.43
C GLY A 3 11.54 9.48 6.53
N ARG A 4 12.22 8.37 6.26
CA ARG A 4 11.67 7.33 5.41
C ARG A 4 11.37 6.07 6.22
N PHE A 5 10.10 5.67 6.24
CA PHE A 5 9.67 4.48 6.97
C PHE A 5 9.50 3.28 6.03
N LEU A 6 8.83 3.49 4.90
CA LEU A 6 8.60 2.41 3.96
C LEU A 6 9.19 2.74 2.59
N THR A 7 9.73 1.71 1.94
CA THR A 7 10.32 1.88 0.62
C THR A 7 9.64 0.95 -0.38
N LEU A 8 8.95 1.53 -1.35
CA LEU A 8 8.29 0.76 -2.38
C LEU A 8 9.12 0.87 -3.62
N LYS A 9 9.79 -0.21 -3.99
CA LYS A 9 10.67 -0.15 -5.15
C LYS A 9 10.19 -0.97 -6.34
N PRO A 10 9.54 -0.31 -7.32
CA PRO A 10 9.10 -0.98 -8.55
C PRO A 10 10.24 -1.84 -9.09
N LEU A 11 10.17 -3.13 -8.80
CA LEU A 11 11.22 -4.08 -9.18
C LEU A 11 11.21 -4.43 -10.66
N PRO A 12 12.37 -4.90 -11.16
CA PRO A 12 12.57 -5.28 -12.57
C PRO A 12 11.48 -6.22 -13.06
N ASP A 13 10.87 -6.98 -12.14
CA ASP A 13 9.80 -7.89 -12.52
C ASP A 13 8.64 -7.10 -13.11
N SER A 14 8.54 -5.85 -12.68
CA SER A 14 7.52 -4.94 -13.16
C SER A 14 8.08 -4.09 -14.28
N ILE A 15 7.21 -3.62 -15.17
CA ILE A 15 7.64 -2.78 -16.28
C ILE A 15 8.43 -1.56 -15.78
N ILE A 16 8.36 -1.30 -14.47
CA ILE A 16 9.05 -0.16 -13.88
C ILE A 16 10.24 -0.60 -13.03
N GLN A 17 11.41 -0.01 -13.28
CA GLN A 17 12.63 -0.32 -12.55
C GLN A 17 13.07 0.89 -11.73
N GLU A 18 12.18 1.37 -10.87
CA GLU A 18 12.44 2.55 -10.03
C GLU A 18 12.22 2.22 -8.56
N SER A 19 12.58 3.15 -7.69
CA SER A 19 12.40 2.97 -6.25
C SER A 19 11.65 4.14 -5.63
N LEU A 20 10.59 3.83 -4.89
CA LEU A 20 9.79 4.85 -4.22
C LEU A 20 9.96 4.73 -2.71
N GLU A 21 10.05 5.86 -2.03
CA GLU A 21 10.23 5.86 -0.58
C GLU A 21 9.15 6.65 0.14
N ILE A 22 8.33 5.94 0.93
CA ILE A 22 7.27 6.58 1.69
C ILE A 22 7.84 7.22 2.95
N GLN A 23 7.87 8.55 2.97
CA GLN A 23 8.38 9.27 4.12
C GLN A 23 7.47 9.04 5.31
N GLN A 24 8.01 8.39 6.36
CA GLN A 24 7.23 8.11 7.56
C GLN A 24 6.43 9.34 7.97
N GLY A 25 7.00 10.51 7.70
CA GLY A 25 6.36 11.76 8.04
C GLY A 25 5.12 12.06 7.21
N VAL A 26 4.99 11.40 6.05
CA VAL A 26 3.83 11.66 5.20
C VAL A 26 2.77 10.58 5.34
N ASN A 27 1.59 10.97 5.78
CA ASN A 27 0.48 10.05 5.94
C ASN A 27 -0.82 10.72 5.48
N PRO A 28 -1.53 10.13 4.50
CA PRO A 28 -1.14 8.91 3.82
C PRO A 28 -0.28 9.18 2.60
N PHE A 29 0.45 8.17 2.13
CA PHE A 29 1.31 8.33 0.97
C PHE A 29 0.53 7.94 -0.28
N PHE A 30 0.32 8.91 -1.17
CA PHE A 30 -0.44 8.70 -2.39
C PHE A 30 0.45 8.30 -3.56
N ILE A 31 -0.02 7.32 -4.32
CA ILE A 31 0.71 6.83 -5.48
C ILE A 31 -0.19 6.80 -6.71
N GLY A 32 0.39 7.07 -7.87
CA GLY A 32 -0.38 7.05 -9.10
C GLY A 32 0.28 7.80 -10.24
N ARG A 33 -0.48 8.01 -11.32
CA ARG A 33 0.02 8.71 -12.49
C ARG A 33 -0.08 10.23 -12.31
N SER A 34 -0.52 10.67 -11.14
CA SER A 34 -0.66 12.10 -10.85
C SER A 34 0.52 12.60 -10.01
N GLU A 35 1.17 13.64 -10.49
CA GLU A 35 2.31 14.22 -9.77
C GLU A 35 1.90 14.64 -8.36
N ASP A 36 0.60 14.87 -8.16
CA ASP A 36 0.09 15.28 -6.86
C ASP A 36 0.30 14.18 -5.84
N CYS A 37 0.39 12.94 -6.31
CA CYS A 37 0.59 11.78 -5.45
C CYS A 37 2.02 11.75 -4.93
N ASN A 38 2.17 11.53 -3.63
CA ASN A 38 3.49 11.47 -3.01
C ASN A 38 4.41 10.54 -3.81
N CYS A 39 3.81 9.57 -4.50
CA CYS A 39 4.55 8.63 -5.32
C CYS A 39 4.17 8.83 -6.78
N LYS A 40 5.14 8.72 -7.68
CA LYS A 40 4.86 8.94 -9.10
C LYS A 40 5.12 7.71 -9.97
N ILE A 41 4.06 7.25 -10.61
CA ILE A 41 4.12 6.10 -11.51
C ILE A 41 3.28 6.40 -12.74
N GLU A 42 3.92 6.61 -13.89
CA GLU A 42 3.16 6.89 -15.10
C GLU A 42 2.81 5.60 -15.83
N ASP A 43 1.56 5.20 -15.67
CA ASP A 43 1.04 4.01 -16.33
C ASP A 43 -0.29 4.34 -16.98
N ASN A 44 -0.34 4.32 -18.30
CA ASN A 44 -1.58 4.65 -19.02
C ASN A 44 -2.79 3.98 -18.36
N ARG A 45 -2.59 2.79 -17.81
CA ARG A 45 -3.67 2.06 -17.15
C ARG A 45 -3.92 2.62 -15.75
N LEU A 46 -2.86 2.99 -15.06
CA LEU A 46 -2.95 3.56 -13.72
C LEU A 46 -3.74 4.87 -13.76
N SER A 47 -4.27 5.26 -12.61
CA SER A 47 -5.03 6.50 -12.50
C SER A 47 -4.25 7.53 -11.69
N ARG A 48 -4.69 8.78 -11.73
CA ARG A 48 -4.03 9.85 -10.98
C ARG A 48 -3.69 9.38 -9.57
N VAL A 49 -4.73 8.93 -8.86
CA VAL A 49 -4.56 8.41 -7.51
C VAL A 49 -4.85 6.92 -7.50
N HIS A 50 -4.10 6.19 -8.31
CA HIS A 50 -4.25 4.74 -8.43
C HIS A 50 -4.39 4.07 -7.08
N CYS A 51 -3.51 4.45 -6.16
CA CYS A 51 -3.53 3.88 -4.81
C CYS A 51 -2.66 4.69 -3.86
N PHE A 52 -2.97 4.59 -2.58
CA PHE A 52 -2.22 5.30 -1.56
C PHE A 52 -2.10 4.45 -0.29
N ILE A 53 -1.00 4.62 0.42
CA ILE A 53 -0.76 3.88 1.65
C ILE A 53 -1.02 4.78 2.85
N PHE A 54 -1.64 4.21 3.87
CA PHE A 54 -1.96 4.97 5.08
C PHE A 54 -1.54 4.20 6.32
N LYS A 55 -0.87 4.89 7.24
CA LYS A 55 -0.39 4.27 8.48
C LYS A 55 -1.38 4.54 9.62
N LYS A 56 -1.65 3.50 10.39
CA LYS A 56 -2.59 3.60 11.51
C LYS A 56 -2.06 2.93 12.76
N ARG A 57 -2.61 3.31 13.91
CA ARG A 57 -2.19 2.74 15.19
C ARG A 57 -2.78 1.35 15.36
N HIS A 58 -1.97 0.44 15.90
CA HIS A 58 -2.38 -0.94 16.11
C HIS A 58 -3.59 -1.02 17.02
N ALA A 59 -4.56 -1.82 16.61
CA ALA A 59 -5.79 -2.01 17.37
C ALA A 59 -5.65 -3.17 18.36
N VAL A 60 -4.65 -3.07 19.23
CA VAL A 60 -4.41 -4.11 20.23
C VAL A 60 -5.27 -3.89 21.47
N GLY A 61 -6.04 -4.91 21.84
CA GLY A 61 -6.89 -4.80 23.01
C GLY A 61 -6.15 -5.08 24.30
N LYS A 62 -6.85 -5.66 25.26
CA LYS A 62 -6.25 -5.99 26.56
C LYS A 62 -5.36 -7.23 26.45
N SER A 63 -4.41 -7.36 27.36
CA SER A 63 -3.50 -8.50 27.37
C SER A 63 -3.45 -9.14 28.75
N MET A 64 -2.87 -10.34 28.83
CA MET A 64 -2.75 -11.05 30.09
C MET A 64 -1.29 -11.39 30.38
N TYR A 65 -0.73 -10.78 31.42
CA TYR A 65 0.66 -11.02 31.79
C TYR A 65 1.60 -10.44 30.74
N GLU A 66 1.64 -11.08 29.57
CA GLU A 66 2.48 -10.62 28.47
C GLU A 66 1.65 -9.90 27.43
N SER A 67 1.95 -8.62 27.20
CA SER A 67 1.22 -7.82 26.24
C SER A 67 2.06 -7.56 24.99
N PRO A 68 2.00 -8.47 24.00
CA PRO A 68 2.75 -8.31 22.75
C PRO A 68 2.08 -7.32 21.81
N ALA A 69 2.80 -6.91 20.78
CA ALA A 69 2.28 -5.96 19.80
C ALA A 69 2.15 -4.57 20.40
N GLN A 70 1.31 -4.43 21.43
CA GLN A 70 1.10 -3.15 22.09
C GLN A 70 0.48 -2.14 21.13
N GLY A 71 0.06 -1.00 21.68
CA GLY A 71 -0.55 0.03 20.87
C GLY A 71 0.46 0.81 20.05
N LEU A 72 1.00 0.18 19.01
CA LEU A 72 1.98 0.82 18.15
C LEU A 72 1.32 1.26 16.83
N ASP A 73 2.11 1.36 15.76
CA ASP A 73 1.57 1.79 14.47
C ASP A 73 1.81 0.73 13.38
N ASP A 74 0.87 0.67 12.43
CA ASP A 74 0.95 -0.26 11.32
C ASP A 74 0.69 0.48 10.00
N ILE A 75 1.22 -0.04 8.90
CA ILE A 75 1.03 0.61 7.60
C ILE A 75 0.02 -0.14 6.74
N TRP A 76 -0.96 0.62 6.23
CA TRP A 76 -2.00 0.06 5.40
C TRP A 76 -1.88 0.56 3.95
N TYR A 77 -2.14 -0.33 3.01
CA TYR A 77 -2.08 0.03 1.59
C TYR A 77 -3.49 0.18 1.05
N CYS A 78 -3.84 1.37 0.60
CA CYS A 78 -5.18 1.62 0.07
C CYS A 78 -5.15 1.75 -1.46
N HIS A 79 -5.98 0.96 -2.12
CA HIS A 79 -6.07 0.99 -3.58
C HIS A 79 -7.34 1.71 -4.03
N THR A 80 -7.16 2.75 -4.83
CA THR A 80 -8.28 3.53 -5.33
C THR A 80 -8.38 3.44 -6.86
N GLY A 81 -7.54 2.62 -7.46
CA GLY A 81 -7.57 2.46 -8.90
C GLY A 81 -8.57 1.41 -9.34
N THR A 82 -9.19 1.62 -10.50
CA THR A 82 -10.18 0.68 -11.02
C THR A 82 -9.52 -0.52 -11.68
N ASN A 83 -8.19 -0.54 -11.72
CA ASN A 83 -7.45 -1.65 -12.33
C ASN A 83 -7.22 -2.78 -11.33
N VAL A 84 -7.71 -2.61 -10.10
CA VAL A 84 -7.56 -3.61 -9.03
C VAL A 84 -6.09 -4.03 -8.85
N SER A 85 -5.63 -3.95 -7.62
CA SER A 85 -4.26 -4.33 -7.29
C SER A 85 -4.23 -5.70 -6.61
N TYR A 86 -3.04 -6.30 -6.52
CA TYR A 86 -2.90 -7.60 -5.90
C TYR A 86 -1.66 -7.64 -5.00
N LEU A 87 -1.87 -7.90 -3.72
CA LEU A 87 -0.77 -7.95 -2.76
C LEU A 87 -0.32 -9.39 -2.51
N ASN A 88 0.82 -9.74 -3.07
CA ASN A 88 1.38 -11.09 -2.92
C ASN A 88 0.43 -12.14 -3.50
N ASN A 89 -0.59 -12.52 -2.72
CA ASN A 89 -1.55 -13.52 -3.18
C ASN A 89 -3.00 -13.05 -2.95
N ASN A 90 -3.18 -11.90 -2.33
CA ASN A 90 -4.52 -11.39 -2.07
C ASN A 90 -4.94 -10.37 -3.12
N ARG A 91 -6.20 -10.46 -3.56
CA ARG A 91 -6.72 -9.54 -4.56
C ARG A 91 -7.23 -8.27 -3.91
N MET A 92 -7.00 -7.14 -4.56
CA MET A 92 -7.43 -5.85 -4.03
C MET A 92 -8.19 -5.05 -5.08
N ILE A 93 -9.42 -4.67 -4.75
CA ILE A 93 -10.26 -3.90 -5.65
C ILE A 93 -10.31 -2.44 -5.22
N GLN A 94 -10.78 -1.57 -6.11
CA GLN A 94 -10.87 -0.15 -5.79
C GLN A 94 -11.60 0.07 -4.48
N GLY A 95 -10.90 0.66 -3.51
CA GLY A 95 -11.48 0.90 -2.21
C GLY A 95 -11.14 -0.18 -1.21
N THR A 96 -9.98 -0.80 -1.38
CA THR A 96 -9.54 -1.86 -0.47
C THR A 96 -8.33 -1.43 0.34
N LYS A 97 -8.09 -2.15 1.43
CA LYS A 97 -6.95 -1.87 2.31
C LYS A 97 -6.24 -3.15 2.71
N PHE A 98 -4.92 -3.09 2.84
CA PHE A 98 -4.14 -4.28 3.20
C PHE A 98 -2.91 -3.90 4.04
N LEU A 99 -2.57 -4.76 4.99
CA LEU A 99 -1.41 -4.54 5.86
C LEU A 99 -0.11 -4.65 5.06
N LEU A 100 0.81 -3.73 5.31
CA LEU A 100 2.10 -3.73 4.62
C LEU A 100 3.21 -4.15 5.58
N GLN A 101 3.99 -5.14 5.15
CA GLN A 101 5.09 -5.68 5.96
C GLN A 101 6.44 -5.47 5.28
N ASP A 102 7.52 -5.54 6.04
CA ASP A 102 8.85 -5.38 5.49
C ASP A 102 9.10 -6.41 4.39
N GLY A 103 9.05 -5.95 3.16
CA GLY A 103 9.25 -6.85 2.03
C GLY A 103 7.93 -7.22 1.39
N ASP A 104 6.98 -6.28 1.43
CA ASP A 104 5.66 -6.51 0.86
C ASP A 104 5.65 -6.15 -0.62
N GLU A 105 5.42 -7.16 -1.46
CA GLU A 105 5.38 -6.94 -2.89
C GLU A 105 3.93 -6.76 -3.32
N ILE A 106 3.58 -5.53 -3.69
CA ILE A 106 2.22 -5.23 -4.09
C ILE A 106 2.09 -5.06 -5.60
N LYS A 107 1.09 -5.72 -6.18
CA LYS A 107 0.83 -5.62 -7.60
C LYS A 107 -0.21 -4.54 -7.84
N ILE A 108 0.21 -3.50 -8.54
CA ILE A 108 -0.67 -2.38 -8.83
C ILE A 108 -1.49 -2.63 -10.09
N ILE A 109 -0.86 -3.25 -11.09
CA ILE A 109 -1.54 -3.56 -12.35
C ILE A 109 -0.90 -4.73 -13.06
N TRP A 110 -1.73 -5.69 -13.47
CA TRP A 110 -1.23 -6.87 -14.18
C TRP A 110 -2.13 -7.21 -15.37
N ASP A 111 -1.54 -7.34 -16.55
CA ASP A 111 -2.30 -7.68 -17.75
C ASP A 111 -1.71 -8.91 -18.43
N LYS A 112 -2.49 -9.98 -18.50
CA LYS A 112 -2.05 -11.22 -19.12
C LYS A 112 -1.89 -11.06 -20.63
N ASN A 113 -2.88 -10.45 -21.28
CA ASN A 113 -2.86 -10.26 -22.72
C ASN A 113 -1.64 -9.46 -23.19
N ASN A 114 -1.27 -8.44 -22.42
CA ASN A 114 -0.12 -7.61 -22.78
C ASN A 114 1.15 -8.06 -22.05
N LYS A 115 0.97 -8.80 -20.95
CA LYS A 115 2.09 -9.28 -20.16
C LYS A 115 2.76 -8.15 -19.40
N PHE A 116 2.23 -6.93 -19.51
CA PHE A 116 2.78 -5.80 -18.79
C PHE A 116 2.33 -5.90 -17.34
N VAL A 117 3.26 -6.28 -16.48
CA VAL A 117 2.95 -6.47 -15.07
C VAL A 117 3.61 -5.41 -14.21
N ILE A 118 2.86 -4.90 -13.23
CA ILE A 118 3.35 -3.89 -12.31
C ILE A 118 3.47 -4.47 -10.90
N GLY A 119 4.47 -4.01 -10.17
CA GLY A 119 4.68 -4.50 -8.82
C GLY A 119 5.82 -3.81 -8.12
N PHE A 120 5.55 -3.31 -6.92
CA PHE A 120 6.58 -2.61 -6.14
C PHE A 120 6.92 -3.41 -4.89
N LYS A 121 8.18 -3.30 -4.45
CA LYS A 121 8.62 -4.03 -3.27
C LYS A 121 8.69 -3.10 -2.06
N VAL A 122 7.87 -3.40 -1.06
CA VAL A 122 7.83 -2.61 0.16
C VAL A 122 8.96 -3.00 1.10
N GLU A 123 9.75 -2.03 1.53
CA GLU A 123 10.84 -2.30 2.43
C GLU A 123 10.86 -1.28 3.56
N ILE A 124 10.51 -1.73 4.76
CA ILE A 124 10.50 -0.85 5.93
C ILE A 124 11.91 -0.58 6.40
N ASN A 125 12.40 0.63 6.12
CA ASN A 125 13.73 1.03 6.53
C ASN A 125 13.70 1.59 7.94
N ASP A 126 12.74 2.49 8.18
CA ASP A 126 12.60 3.09 9.49
C ASP A 126 11.31 2.61 10.16
N THR A 127 11.37 2.36 11.46
CA THR A 127 10.22 1.92 12.21
C THR A 127 9.85 2.98 13.25
N THR A 128 8.85 3.77 12.91
CA THR A 128 8.39 4.83 13.81
C THR A 128 7.71 4.23 15.03
N GLY A 129 8.47 3.52 15.85
CA GLY A 129 7.91 2.89 17.04
C GLY A 129 6.76 1.97 16.69
N LEU A 130 7.03 0.99 15.84
CA LEU A 130 6.01 0.05 15.41
C LEU A 130 6.03 -1.24 16.23
N PHE A 131 4.85 -1.83 16.38
CA PHE A 131 4.72 -3.09 17.12
C PHE A 131 5.72 -4.11 16.60
N ASN A 132 6.09 -3.95 15.34
CA ASN A 132 7.06 -4.82 14.69
C ASN A 132 7.63 -4.08 13.46
N GLU A 133 6.71 -3.58 12.64
CA GLU A 133 7.05 -2.84 11.44
C GLU A 133 5.86 -2.85 10.47
N GLY A 134 5.10 -3.94 10.50
CA GLY A 134 3.93 -4.06 9.64
C GLY A 134 3.69 -5.47 9.15
N LEU A 135 3.87 -6.45 10.04
CA LEU A 135 3.66 -7.86 9.69
C LEU A 135 2.22 -8.31 9.89
N GLY A 136 1.34 -7.36 10.20
CA GLY A 136 -0.06 -7.69 10.42
C GLY A 136 -0.28 -8.55 11.66
N MET A 137 0.21 -9.78 11.62
CA MET A 137 0.08 -10.72 12.73
C MET A 137 -1.27 -10.57 13.44
N LEU A 138 -2.32 -10.36 12.66
CA LEU A 138 -3.66 -10.20 13.21
C LEU A 138 -4.43 -11.52 13.17
N GLN A 139 -5.58 -11.54 13.82
CA GLN A 139 -6.41 -12.75 13.86
C GLN A 139 -6.65 -13.27 12.44
N GLU A 140 -6.67 -12.35 11.47
CA GLU A 140 -6.88 -12.71 10.08
C GLU A 140 -5.54 -12.87 9.37
N GLN A 141 -5.38 -13.99 8.67
CA GLN A 141 -4.14 -14.27 7.95
C GLN A 141 -4.13 -13.57 6.59
N ARG A 142 -3.42 -12.43 6.53
CA ARG A 142 -3.31 -11.65 5.30
C ARG A 142 -4.63 -11.60 4.54
N VAL A 143 -5.49 -10.67 4.92
CA VAL A 143 -6.78 -10.51 4.27
C VAL A 143 -6.96 -9.07 3.78
N VAL A 144 -7.59 -8.94 2.62
CA VAL A 144 -7.82 -7.61 2.04
C VAL A 144 -9.04 -6.95 2.66
N LEU A 145 -8.81 -5.84 3.37
CA LEU A 145 -9.89 -5.10 4.00
C LEU A 145 -10.47 -4.07 3.04
N LYS A 146 -11.59 -3.46 3.43
CA LYS A 146 -12.23 -2.45 2.59
C LYS A 146 -11.97 -1.05 3.13
N GLN A 147 -12.11 -0.06 2.25
CA GLN A 147 -11.89 1.34 2.63
C GLN A 147 -13.21 2.01 2.99
N THR A 148 -13.12 3.09 3.76
CA THR A 148 -14.32 3.83 4.17
C THR A 148 -14.20 5.31 3.83
N ALA A 149 -15.19 6.09 4.22
CA ALA A 149 -15.21 7.52 3.95
C ALA A 149 -13.93 8.19 4.44
N GLU A 150 -13.34 7.62 5.49
CA GLU A 150 -12.12 8.16 6.05
C GLU A 150 -10.99 8.10 5.02
N GLU A 151 -10.87 6.97 4.34
CA GLU A 151 -9.85 6.79 3.32
C GLU A 151 -10.13 7.68 2.11
N LYS A 152 -11.36 7.62 1.62
CA LYS A 152 -11.76 8.42 0.47
C LYS A 152 -11.51 9.90 0.72
N ASP A 153 -11.65 10.31 1.97
CA ASP A 153 -11.45 11.71 2.35
C ASP A 153 -9.99 12.12 2.16
N LEU A 154 -9.08 11.23 2.55
CA LEU A 154 -7.65 11.51 2.43
C LEU A 154 -7.27 11.86 1.00
N VAL A 155 -7.80 11.10 0.05
CA VAL A 155 -7.53 11.33 -1.36
C VAL A 155 -8.32 12.51 -1.89
N LYS A 156 -9.49 12.75 -1.29
CA LYS A 156 -10.35 13.86 -1.71
C LYS A 156 -9.59 15.18 -1.66
N LYS A 157 -8.73 15.32 -0.65
CA LYS A 157 -7.94 16.54 -0.49
C LYS A 157 -6.54 16.36 -1.06
N LEU A 158 -6.43 15.49 -2.07
CA LEU A 158 -5.14 15.22 -2.70
C LEU A 158 -4.80 16.31 -3.71
N GLU B 1 -16.12 9.81 -20.85
CA GLU B 1 -15.16 9.15 -19.94
C GLU B 1 -15.10 7.64 -20.19
N ASP B 2 -13.95 7.05 -19.91
CA ASP B 2 -13.77 5.61 -20.10
C ASP B 2 -13.11 4.97 -18.88
N ILE B 3 -13.88 4.18 -18.14
CA ILE B 3 -13.37 3.52 -16.95
C ILE B 3 -12.23 2.57 -17.30
N PTR B 4 -11.41 2.25 -16.29
CA PTR B 4 -10.28 1.36 -16.49
C PTR B 4 -10.68 -0.10 -16.26
O PTR B 4 -11.73 -0.37 -15.67
CB PTR B 4 -9.13 1.75 -15.56
CG PTR B 4 -8.37 2.96 -16.00
CD1 PTR B 4 -7.77 3.01 -17.26
CD2 PTR B 4 -8.24 4.07 -15.18
CE1 PTR B 4 -7.06 4.12 -17.67
CE2 PTR B 4 -7.54 5.20 -15.59
CZ PTR B 4 -6.96 5.21 -16.84
OH PTR B 4 -6.25 6.34 -17.26
P PTR B 4 -7.03 7.67 -17.45
O1P PTR B 4 -8.24 7.29 -18.35
O2P PTR B 4 -7.55 8.05 -16.04
O3P PTR B 4 -6.20 8.76 -18.06
H2 PTR B 4 -11.58 2.61 -15.40
HA PTR B 4 -9.94 1.46 -17.51
HB2 PTR B 4 -8.44 0.92 -15.49
HB3 PTR B 4 -9.54 1.95 -14.57
HD1 PTR B 4 -7.85 2.16 -17.91
HD2 PTR B 4 -8.70 4.06 -14.20
HE1 PTR B 4 -6.60 4.13 -18.65
HE2 PTR B 4 -7.46 6.05 -14.94
N TYR B 5 -9.84 -1.02 -16.71
CA TYR B 5 -10.10 -2.44 -16.54
C TYR B 5 -8.93 -3.29 -17.04
N LEU B 6 -8.90 -4.55 -16.62
CA LEU B 6 -7.82 -5.46 -17.01
C LEU B 6 -8.38 -6.83 -17.37
N ASP B 7 -9.38 -6.86 -18.22
CA ASP B 7 -10.00 -8.11 -18.63
C ASP B 7 -10.47 -8.04 -20.09
N GLY A 1 16.43 7.44 11.60
CA GLY A 1 15.18 7.94 11.03
C GLY A 1 15.36 9.26 10.31
N ASN A 2 15.96 9.20 9.12
CA ASN A 2 16.19 10.41 8.33
C ASN A 2 14.88 10.97 7.78
N GLY A 3 13.87 10.12 7.70
CA GLY A 3 12.57 10.56 7.19
C GLY A 3 11.86 9.48 6.39
N ARG A 4 12.59 8.43 6.01
CA ARG A 4 12.02 7.35 5.23
C ARG A 4 11.70 6.15 6.13
N PHE A 5 10.47 5.66 6.02
CA PHE A 5 10.05 4.52 6.81
C PHE A 5 9.79 3.31 5.92
N LEU A 6 8.90 3.49 4.95
CA LEU A 6 8.57 2.42 4.03
C LEU A 6 9.13 2.72 2.65
N THR A 7 9.69 1.70 2.01
CA THR A 7 10.26 1.86 0.68
C THR A 7 9.52 1.00 -0.32
N LEU A 8 8.85 1.64 -1.27
CA LEU A 8 8.14 0.93 -2.31
C LEU A 8 8.98 1.03 -3.56
N LYS A 9 9.60 -0.06 -3.95
CA LYS A 9 10.49 0.01 -5.09
C LYS A 9 10.07 -0.83 -6.29
N PRO A 10 9.45 -0.19 -7.31
CA PRO A 10 9.07 -0.88 -8.53
C PRO A 10 10.22 -1.74 -9.01
N LEU A 11 10.12 -3.04 -8.79
CA LEU A 11 11.18 -3.99 -9.14
C LEU A 11 11.27 -4.24 -10.65
N PRO A 12 12.46 -4.71 -11.10
CA PRO A 12 12.72 -5.00 -12.51
C PRO A 12 11.65 -5.86 -13.15
N ASP A 13 10.96 -6.65 -12.34
CA ASP A 13 9.89 -7.50 -12.86
C ASP A 13 8.77 -6.63 -13.42
N SER A 14 8.74 -5.37 -13.00
CA SER A 14 7.74 -4.41 -13.46
C SER A 14 8.27 -3.57 -14.60
N ILE A 15 7.38 -3.07 -15.45
CA ILE A 15 7.79 -2.22 -16.56
C ILE A 15 8.59 -1.04 -16.03
N ILE A 16 8.41 -0.76 -14.74
CA ILE A 16 9.12 0.34 -14.07
C ILE A 16 10.14 -0.23 -13.08
N GLN A 17 11.41 0.08 -13.32
CA GLN A 17 12.49 -0.40 -12.45
C GLN A 17 13.07 0.74 -11.63
N GLU A 18 12.22 1.34 -10.80
CA GLU A 18 12.59 2.46 -9.95
C GLU A 18 12.28 2.16 -8.49
N SER A 19 12.73 3.03 -7.59
CA SER A 19 12.47 2.84 -6.15
C SER A 19 11.76 4.06 -5.55
N LEU A 20 10.71 3.81 -4.79
CA LEU A 20 9.94 4.87 -4.14
C LEU A 20 10.10 4.78 -2.63
N GLU A 21 10.14 5.93 -1.96
CA GLU A 21 10.30 5.95 -0.51
C GLU A 21 9.17 6.71 0.19
N ILE A 22 8.40 5.99 1.02
CA ILE A 22 7.32 6.61 1.77
C ILE A 22 7.85 7.16 3.08
N GLN A 23 7.92 8.47 3.17
CA GLN A 23 8.43 9.11 4.38
C GLN A 23 7.48 8.88 5.55
N GLN A 24 8.02 8.35 6.65
CA GLN A 24 7.21 8.09 7.84
C GLN A 24 6.36 9.31 8.17
N GLY A 25 6.87 10.47 7.82
CA GLY A 25 6.17 11.71 8.08
C GLY A 25 4.95 11.93 7.21
N VAL A 26 4.88 11.28 6.04
CA VAL A 26 3.75 11.47 5.16
C VAL A 26 2.72 10.36 5.30
N ASN A 27 1.52 10.73 5.72
CA ASN A 27 0.43 9.77 5.86
C ASN A 27 -0.89 10.41 5.40
N PRO A 28 -1.57 9.82 4.40
CA PRO A 28 -1.13 8.60 3.70
C PRO A 28 -0.27 8.95 2.48
N PHE A 29 0.51 7.98 2.02
CA PHE A 29 1.37 8.21 0.85
C PHE A 29 0.62 7.79 -0.41
N PHE A 30 0.38 8.77 -1.29
CA PHE A 30 -0.35 8.52 -2.52
C PHE A 30 0.56 8.17 -3.69
N ILE A 31 0.13 7.19 -4.46
CA ILE A 31 0.88 6.73 -5.62
C ILE A 31 -0.02 6.70 -6.85
N GLY A 32 0.57 6.98 -8.02
CA GLY A 32 -0.22 6.96 -9.24
C GLY A 32 0.47 7.63 -10.42
N ARG A 33 -0.32 7.90 -11.46
CA ARG A 33 0.18 8.53 -12.67
C ARG A 33 0.18 10.06 -12.55
N SER A 34 -0.40 10.58 -11.47
CA SER A 34 -0.46 12.02 -11.26
C SER A 34 0.62 12.48 -10.28
N GLU A 35 1.36 13.52 -10.67
CA GLU A 35 2.41 14.07 -9.83
C GLU A 35 1.87 14.44 -8.45
N ASP A 36 0.57 14.72 -8.38
CA ASP A 36 -0.06 15.09 -7.13
C ASP A 36 0.17 14.00 -6.07
N CYS A 37 0.31 12.77 -6.54
CA CYS A 37 0.55 11.64 -5.65
C CYS A 37 1.97 11.67 -5.11
N ASN A 38 2.11 11.48 -3.80
CA ASN A 38 3.42 11.48 -3.17
C ASN A 38 4.40 10.60 -3.94
N CYS A 39 3.85 9.60 -4.63
CA CYS A 39 4.65 8.70 -5.44
C CYS A 39 4.31 8.88 -6.91
N LYS A 40 5.31 8.81 -7.78
CA LYS A 40 5.07 9.01 -9.21
C LYS A 40 5.33 7.75 -10.03
N ILE A 41 4.26 7.24 -10.63
CA ILE A 41 4.32 6.06 -11.48
C ILE A 41 3.44 6.28 -12.70
N GLU A 42 4.05 6.45 -13.87
CA GLU A 42 3.25 6.67 -15.07
C GLU A 42 2.96 5.36 -15.76
N ASP A 43 1.74 4.89 -15.58
CA ASP A 43 1.28 3.67 -16.20
C ASP A 43 -0.10 3.90 -16.83
N ASN A 44 -0.16 3.90 -18.15
CA ASN A 44 -1.42 4.13 -18.86
C ASN A 44 -2.58 3.34 -18.25
N ARG A 45 -2.27 2.23 -17.59
CA ARG A 45 -3.30 1.38 -16.99
C ARG A 45 -3.84 1.97 -15.68
N LEU A 46 -2.96 2.51 -14.85
CA LEU A 46 -3.38 3.08 -13.56
C LEU A 46 -3.85 4.53 -13.72
N SER A 47 -4.64 4.99 -12.75
CA SER A 47 -5.17 6.35 -12.77
C SER A 47 -4.29 7.31 -11.99
N ARG A 48 -4.68 8.59 -11.99
CA ARG A 48 -3.93 9.63 -11.28
C ARG A 48 -3.59 9.16 -9.87
N VAL A 49 -4.61 8.75 -9.13
CA VAL A 49 -4.44 8.25 -7.78
C VAL A 49 -4.80 6.78 -7.75
N HIS A 50 -4.04 5.99 -8.49
CA HIS A 50 -4.26 4.56 -8.59
C HIS A 50 -4.42 3.92 -7.22
N CYS A 51 -3.48 4.20 -6.33
CA CYS A 51 -3.50 3.64 -4.98
C CYS A 51 -2.59 4.42 -4.04
N PHE A 52 -2.87 4.31 -2.74
CA PHE A 52 -2.09 5.01 -1.73
C PHE A 52 -1.95 4.15 -0.47
N ILE A 53 -0.84 4.33 0.24
CA ILE A 53 -0.60 3.59 1.47
C ILE A 53 -0.87 4.48 2.68
N PHE A 54 -1.72 4.00 3.58
CA PHE A 54 -2.09 4.76 4.76
C PHE A 54 -1.71 4.00 6.04
N LYS A 55 -1.09 4.70 6.97
CA LYS A 55 -0.68 4.11 8.24
C LYS A 55 -1.72 4.40 9.32
N LYS A 56 -2.03 3.41 10.13
CA LYS A 56 -3.02 3.55 11.18
C LYS A 56 -2.56 2.92 12.49
N ARG A 57 -3.16 3.36 13.59
CA ARG A 57 -2.81 2.84 14.91
C ARG A 57 -3.40 1.45 15.10
N HIS A 58 -2.53 0.46 15.16
CA HIS A 58 -2.92 -0.93 15.34
C HIS A 58 -3.14 -1.24 16.81
N ALA A 59 -4.35 -1.70 17.15
CA ALA A 59 -4.68 -2.04 18.53
C ALA A 59 -5.87 -2.99 18.57
N VAL A 60 -5.61 -4.23 18.97
CA VAL A 60 -6.66 -5.24 19.06
C VAL A 60 -7.51 -5.05 20.31
N GLY A 61 -8.76 -5.47 20.25
CA GLY A 61 -9.66 -5.34 21.38
C GLY A 61 -9.16 -6.06 22.61
N LYS A 62 -8.47 -5.33 23.49
CA LYS A 62 -7.93 -5.90 24.71
C LYS A 62 -6.94 -7.02 24.40
N SER A 63 -6.34 -7.59 25.44
CA SER A 63 -5.37 -8.66 25.27
C SER A 63 -5.39 -9.61 26.46
N MET A 64 -6.01 -10.77 26.28
CA MET A 64 -6.10 -11.76 27.35
C MET A 64 -4.95 -12.75 27.25
N TYR A 65 -4.24 -12.94 28.36
CA TYR A 65 -3.11 -13.87 28.41
C TYR A 65 -1.95 -13.35 27.58
N GLU A 66 -2.14 -13.28 26.27
CA GLU A 66 -1.11 -12.79 25.37
C GLU A 66 -1.16 -11.26 25.25
N SER A 67 0.01 -10.64 25.25
CA SER A 67 0.09 -9.18 25.14
C SER A 67 0.80 -8.76 23.85
N PRO A 68 0.05 -8.62 22.75
CA PRO A 68 0.61 -8.22 21.45
C PRO A 68 1.30 -6.86 21.53
N ALA A 69 1.32 -6.15 20.39
CA ALA A 69 1.94 -4.83 20.33
C ALA A 69 1.24 -3.82 21.26
N GLN A 70 0.04 -4.18 21.72
CA GLN A 70 -0.73 -3.31 22.61
C GLN A 70 -1.50 -2.26 21.82
N GLY A 71 -0.77 -1.30 21.26
CA GLY A 71 -1.41 -0.25 20.49
C GLY A 71 -0.41 0.62 19.75
N LEU A 72 0.19 0.07 18.69
CA LEU A 72 1.17 0.80 17.91
C LEU A 72 0.59 1.21 16.56
N ASP A 73 1.44 1.39 15.55
CA ASP A 73 0.98 1.80 14.23
C ASP A 73 1.27 0.74 13.16
N ASP A 74 0.38 0.66 12.18
CA ASP A 74 0.51 -0.30 11.09
C ASP A 74 0.31 0.39 9.75
N ILE A 75 0.86 -0.16 8.67
CA ILE A 75 0.71 0.45 7.35
C ILE A 75 -0.27 -0.32 6.48
N TRP A 76 -1.32 0.38 6.07
CA TRP A 76 -2.35 -0.20 5.21
C TRP A 76 -2.19 0.31 3.78
N TYR A 77 -2.16 -0.61 2.83
CA TYR A 77 -2.04 -0.23 1.43
C TYR A 77 -3.44 -0.05 0.85
N CYS A 78 -3.76 1.17 0.45
CA CYS A 78 -5.08 1.47 -0.10
C CYS A 78 -5.05 1.48 -1.62
N HIS A 79 -6.08 0.89 -2.22
CA HIS A 79 -6.20 0.83 -3.67
C HIS A 79 -7.48 1.49 -4.15
N THR A 80 -7.33 2.50 -5.00
CA THR A 80 -8.46 3.22 -5.55
C THR A 80 -8.50 3.11 -7.07
N GLY A 81 -7.57 2.35 -7.63
CA GLY A 81 -7.52 2.17 -9.07
C GLY A 81 -8.55 1.16 -9.55
N THR A 82 -9.08 1.38 -10.75
CA THR A 82 -10.08 0.47 -11.31
C THR A 82 -9.44 -0.80 -11.85
N ASN A 83 -8.12 -0.80 -12.01
CA ASN A 83 -7.40 -1.95 -12.53
C ASN A 83 -7.11 -3.00 -11.45
N VAL A 84 -7.57 -2.74 -10.24
CA VAL A 84 -7.37 -3.65 -9.10
C VAL A 84 -5.89 -4.07 -8.96
N SER A 85 -5.43 -4.09 -7.71
CA SER A 85 -4.05 -4.47 -7.42
C SER A 85 -4.02 -5.78 -6.66
N TYR A 86 -2.83 -6.40 -6.57
CA TYR A 86 -2.70 -7.66 -5.86
C TYR A 86 -1.58 -7.60 -4.83
N LEU A 87 -1.92 -7.82 -3.56
CA LEU A 87 -0.94 -7.80 -2.49
C LEU A 87 -0.52 -9.22 -2.11
N ASN A 88 0.63 -9.64 -2.63
CA ASN A 88 1.14 -10.98 -2.35
C ASN A 88 0.17 -12.04 -2.83
N ASN A 89 -0.85 -12.34 -2.03
CA ASN A 89 -1.85 -13.33 -2.39
C ASN A 89 -3.27 -12.81 -2.19
N ASN A 90 -3.41 -11.57 -1.72
CA ASN A 90 -4.72 -10.99 -1.49
C ASN A 90 -5.10 -10.01 -2.61
N ARG A 91 -6.36 -10.03 -3.00
CA ARG A 91 -6.87 -9.16 -4.05
C ARG A 91 -7.07 -7.73 -3.54
N MET A 92 -6.76 -6.76 -4.38
CA MET A 92 -6.90 -5.36 -4.01
C MET A 92 -7.84 -4.64 -4.98
N ILE A 93 -9.13 -4.62 -4.65
CA ILE A 93 -10.12 -3.98 -5.49
C ILE A 93 -10.26 -2.50 -5.15
N GLN A 94 -10.79 -1.72 -6.08
CA GLN A 94 -10.96 -0.29 -5.86
C GLN A 94 -11.77 -0.01 -4.59
N GLY A 95 -11.08 0.49 -3.56
CA GLY A 95 -11.74 0.79 -2.31
C GLY A 95 -11.42 -0.20 -1.21
N THR A 96 -10.18 -0.70 -1.21
CA THR A 96 -9.76 -1.67 -0.19
C THR A 96 -8.38 -1.33 0.36
N LYS A 97 -8.09 -1.85 1.55
CA LYS A 97 -6.80 -1.60 2.18
C LYS A 97 -6.24 -2.89 2.79
N PHE A 98 -4.93 -3.08 2.64
CA PHE A 98 -4.26 -4.28 3.17
C PHE A 98 -3.01 -3.92 3.96
N LEU A 99 -2.73 -4.67 5.02
CA LEU A 99 -1.57 -4.42 5.86
C LEU A 99 -0.27 -4.73 5.14
N LEU A 100 0.69 -3.82 5.26
CA LEU A 100 1.99 -3.97 4.63
C LEU A 100 3.06 -4.37 5.65
N GLN A 101 3.88 -5.35 5.26
CA GLN A 101 4.95 -5.85 6.13
C GLN A 101 6.30 -5.66 5.45
N ASP A 102 7.33 -5.40 6.24
CA ASP A 102 8.68 -5.20 5.71
C ASP A 102 9.02 -6.26 4.67
N GLY A 103 8.96 -5.87 3.41
CA GLY A 103 9.24 -6.79 2.33
C GLY A 103 7.97 -7.23 1.64
N ASP A 104 6.99 -6.31 1.61
CA ASP A 104 5.70 -6.59 0.99
C ASP A 104 5.72 -6.22 -0.49
N GLU A 105 5.64 -7.22 -1.35
CA GLU A 105 5.64 -6.98 -2.78
C GLU A 105 4.21 -6.93 -3.29
N ILE A 106 3.76 -5.74 -3.65
CA ILE A 106 2.38 -5.56 -4.12
C ILE A 106 2.33 -5.32 -5.62
N LYS A 107 1.36 -5.96 -6.26
CA LYS A 107 1.15 -5.81 -7.70
C LYS A 107 0.09 -4.76 -7.94
N ILE A 108 0.49 -3.66 -8.56
CA ILE A 108 -0.42 -2.56 -8.83
C ILE A 108 -1.27 -2.82 -10.08
N ILE A 109 -0.65 -3.42 -11.09
CA ILE A 109 -1.36 -3.72 -12.34
C ILE A 109 -0.71 -4.87 -13.09
N TRP A 110 -1.54 -5.83 -13.51
CA TRP A 110 -1.05 -6.98 -14.26
C TRP A 110 -1.98 -7.30 -15.42
N ASP A 111 -1.43 -7.32 -16.64
CA ASP A 111 -2.20 -7.63 -17.83
C ASP A 111 -1.55 -8.76 -18.63
N LYS A 112 -2.25 -9.88 -18.74
CA LYS A 112 -1.73 -11.04 -19.46
C LYS A 112 -1.63 -10.77 -20.97
N ASN A 113 -2.68 -10.19 -21.54
CA ASN A 113 -2.71 -9.91 -22.97
C ASN A 113 -1.79 -8.76 -23.34
N ASN A 114 -1.77 -7.73 -22.50
CA ASN A 114 -0.92 -6.56 -22.77
C ASN A 114 0.47 -6.73 -22.15
N LYS A 115 0.66 -7.80 -21.38
CA LYS A 115 1.94 -8.06 -20.74
C LYS A 115 2.32 -6.90 -19.82
N PHE A 116 1.33 -6.10 -19.44
CA PHE A 116 1.59 -4.98 -18.54
C PHE A 116 1.68 -5.50 -17.12
N VAL A 117 2.89 -5.58 -16.61
CA VAL A 117 3.11 -6.08 -15.27
C VAL A 117 3.72 -5.03 -14.36
N ILE A 118 3.02 -4.73 -13.27
CA ILE A 118 3.48 -3.73 -12.31
C ILE A 118 3.48 -4.30 -10.90
N GLY A 119 4.54 -3.99 -10.16
CA GLY A 119 4.64 -4.47 -8.79
C GLY A 119 5.76 -3.77 -8.03
N PHE A 120 5.45 -3.30 -6.83
CA PHE A 120 6.43 -2.61 -6.01
C PHE A 120 6.76 -3.42 -4.76
N LYS A 121 8.02 -3.36 -4.34
CA LYS A 121 8.44 -4.09 -3.15
C LYS A 121 8.55 -3.15 -1.95
N VAL A 122 7.73 -3.40 -0.95
CA VAL A 122 7.73 -2.58 0.26
C VAL A 122 8.88 -2.97 1.17
N GLU A 123 9.75 -2.00 1.44
CA GLU A 123 10.90 -2.24 2.31
C GLU A 123 10.92 -1.21 3.42
N ILE A 124 10.64 -1.66 4.64
CA ILE A 124 10.63 -0.79 5.80
C ILE A 124 12.03 -0.54 6.31
N ASN A 125 12.55 0.66 6.05
CA ASN A 125 13.87 1.03 6.51
C ASN A 125 13.80 1.56 7.93
N ASP A 126 12.87 2.48 8.17
CA ASP A 126 12.69 3.05 9.49
C ASP A 126 11.36 2.61 10.09
N THR A 127 11.37 2.27 11.38
CA THR A 127 10.17 1.87 12.07
C THR A 127 9.83 2.86 13.16
N THR A 128 8.90 3.75 12.86
CA THR A 128 8.48 4.77 13.82
C THR A 128 7.55 4.17 14.86
N GLY A 129 8.06 3.19 15.61
CA GLY A 129 7.26 2.53 16.62
C GLY A 129 5.95 2.03 16.07
N LEU A 130 5.99 1.42 14.89
CA LEU A 130 4.79 0.90 14.25
C LEU A 130 4.63 -0.60 14.52
N PHE A 131 5.06 -1.03 15.69
CA PHE A 131 4.98 -2.44 16.06
C PHE A 131 5.79 -3.27 15.08
N ASN A 132 6.91 -3.81 15.54
CA ASN A 132 7.76 -4.64 14.66
C ASN A 132 8.16 -3.85 13.42
N GLU A 133 7.18 -3.60 12.55
CA GLU A 133 7.39 -2.86 11.32
C GLU A 133 6.14 -2.90 10.44
N GLY A 134 5.29 -3.90 10.65
CA GLY A 134 4.07 -4.02 9.88
C GLY A 134 3.79 -5.44 9.45
N LEU A 135 4.02 -6.41 10.33
CA LEU A 135 3.79 -7.81 10.02
C LEU A 135 2.33 -8.22 10.19
N GLY A 136 1.50 -7.29 10.66
CA GLY A 136 0.08 -7.57 10.85
C GLY A 136 -0.18 -8.94 11.47
N MET A 137 -0.08 -9.01 12.79
CA MET A 137 -0.30 -10.27 13.50
C MET A 137 -1.71 -10.33 14.08
N LEU A 138 -2.65 -9.66 13.41
CA LEU A 138 -4.04 -9.64 13.87
C LEU A 138 -4.60 -11.06 13.96
N GLN A 139 -5.72 -11.20 14.65
CA GLN A 139 -6.36 -12.50 14.83
C GLN A 139 -6.57 -13.19 13.48
N GLU A 140 -6.83 -12.41 12.45
CA GLU A 140 -7.03 -12.94 11.11
C GLU A 140 -5.70 -13.10 10.39
N GLN A 141 -5.56 -14.20 9.65
CA GLN A 141 -4.32 -14.46 8.93
C GLN A 141 -4.29 -13.73 7.60
N ARG A 142 -3.59 -12.60 7.57
CA ARG A 142 -3.46 -11.79 6.37
C ARG A 142 -4.77 -11.70 5.59
N VAL A 143 -5.61 -10.72 5.96
CA VAL A 143 -6.89 -10.52 5.31
C VAL A 143 -7.00 -9.10 4.79
N VAL A 144 -7.61 -8.96 3.61
CA VAL A 144 -7.77 -7.63 3.01
C VAL A 144 -9.01 -6.92 3.55
N LEU A 145 -8.82 -5.68 3.96
CA LEU A 145 -9.92 -4.88 4.50
C LEU A 145 -10.46 -3.92 3.44
N LYS A 146 -11.60 -3.30 3.74
CA LYS A 146 -12.22 -2.36 2.81
C LYS A 146 -11.97 -0.91 3.24
N GLN A 147 -12.04 0.00 2.28
CA GLN A 147 -11.82 1.42 2.56
C GLN A 147 -13.09 2.08 3.07
N THR A 148 -12.92 3.11 3.89
CA THR A 148 -14.05 3.83 4.45
C THR A 148 -13.95 5.33 4.17
N ALA A 149 -14.91 6.09 4.67
CA ALA A 149 -14.94 7.54 4.47
C ALA A 149 -13.64 8.17 4.95
N GLU A 150 -13.02 7.57 5.96
CA GLU A 150 -11.77 8.08 6.51
C GLU A 150 -10.66 8.04 5.44
N GLU A 151 -10.52 6.89 4.79
CA GLU A 151 -9.51 6.72 3.76
C GLU A 151 -9.81 7.62 2.55
N LYS A 152 -11.07 7.58 2.09
CA LYS A 152 -11.48 8.39 0.95
C LYS A 152 -11.22 9.87 1.22
N ASP A 153 -11.35 10.27 2.48
CA ASP A 153 -11.13 11.66 2.87
C ASP A 153 -9.68 12.05 2.66
N LEU A 154 -8.77 11.12 2.93
CA LEU A 154 -7.35 11.37 2.76
C LEU A 154 -7.01 11.74 1.31
N VAL A 155 -7.59 10.99 0.38
CA VAL A 155 -7.37 11.23 -1.04
C VAL A 155 -8.17 12.44 -1.53
N LYS A 156 -9.25 12.75 -0.82
CA LYS A 156 -10.09 13.89 -1.17
C LYS A 156 -9.26 15.16 -1.32
N LYS A 157 -8.38 15.39 -0.36
CA LYS A 157 -7.52 16.57 -0.37
C LYS A 157 -6.57 16.54 -1.57
N LEU A 158 -6.27 15.33 -2.05
CA LEU A 158 -5.38 15.15 -3.18
C LEU A 158 -5.86 15.93 -4.39
N GLU B 1 -16.32 8.60 -19.43
CA GLU B 1 -16.50 7.52 -18.42
C GLU B 1 -15.23 7.33 -17.60
N ASP B 2 -14.11 7.12 -18.28
CA ASP B 2 -12.83 6.93 -17.60
C ASP B 2 -12.88 5.70 -16.69
N ILE B 3 -13.38 4.60 -17.23
CA ILE B 3 -13.48 3.36 -16.48
C ILE B 3 -12.35 2.41 -16.84
N PTR B 4 -11.37 2.29 -15.94
CA PTR B 4 -10.23 1.41 -16.16
C PTR B 4 -10.63 -0.06 -16.00
O PTR B 4 -11.72 -0.37 -15.51
CB PTR B 4 -9.10 1.75 -15.17
CG PTR B 4 -8.09 2.72 -15.73
CD1 PTR B 4 -7.78 3.89 -15.04
CD2 PTR B 4 -7.45 2.47 -16.94
CE1 PTR B 4 -6.86 4.79 -15.54
CE2 PTR B 4 -6.52 3.36 -17.45
CZ PTR B 4 -6.23 4.52 -16.75
OH PTR B 4 -5.29 5.42 -17.26
P PTR B 4 -5.78 6.84 -17.68
O1P PTR B 4 -7.31 6.84 -17.43
O2P PTR B 4 -5.09 7.80 -16.67
O3P PTR B 4 -5.44 7.17 -19.10
H2 PTR B 4 -11.42 2.80 -15.11
HA PTR B 4 -9.88 1.57 -17.16
HB2 PTR B 4 -8.58 0.84 -14.91
HB3 PTR B 4 -9.54 2.18 -14.29
HD1 PTR B 4 -8.28 4.10 -14.10
HD2 PTR B 4 -7.68 1.57 -17.48
HE1 PTR B 4 -6.62 5.69 -15.00
HE2 PTR B 4 -6.03 3.15 -18.38
N TYR B 5 -9.75 -0.95 -16.42
CA TYR B 5 -10.00 -2.38 -16.33
C TYR B 5 -8.80 -3.19 -16.83
N LEU B 6 -8.94 -4.51 -16.83
CA LEU B 6 -7.87 -5.39 -17.28
C LEU B 6 -8.44 -6.66 -17.89
N ASP B 7 -8.22 -6.84 -19.20
CA ASP B 7 -8.72 -8.02 -19.90
C ASP B 7 -7.93 -9.26 -19.49
N GLY A 1 16.33 7.06 10.00
CA GLY A 1 15.13 7.37 9.23
C GLY A 1 14.51 8.68 9.64
N ASN A 2 15.17 9.78 9.30
CA ASN A 2 14.67 11.12 9.61
C ASN A 2 13.84 11.69 8.47
N GLY A 3 13.51 10.84 7.49
CA GLY A 3 12.72 11.30 6.36
C GLY A 3 12.02 10.16 5.64
N ARG A 4 12.68 9.02 5.55
CA ARG A 4 12.10 7.87 4.87
C ARG A 4 11.78 6.75 5.85
N PHE A 5 10.68 6.05 5.61
CA PHE A 5 10.27 4.95 6.48
C PHE A 5 10.00 3.69 5.65
N LEU A 6 9.00 3.79 4.77
CA LEU A 6 8.63 2.66 3.92
C LEU A 6 9.09 2.91 2.49
N THR A 7 9.83 1.96 1.95
CA THR A 7 10.34 2.09 0.59
C THR A 7 9.65 1.13 -0.36
N LEU A 8 8.97 1.67 -1.35
CA LEU A 8 8.30 0.86 -2.35
C LEU A 8 9.13 0.94 -3.61
N LYS A 9 9.81 -0.14 -3.95
CA LYS A 9 10.69 -0.09 -5.11
C LYS A 9 10.20 -0.92 -6.29
N PRO A 10 9.57 -0.26 -7.29
CA PRO A 10 9.13 -0.95 -8.49
C PRO A 10 10.26 -1.83 -9.04
N LEU A 11 10.19 -3.11 -8.70
CA LEU A 11 11.24 -4.07 -9.07
C LEU A 11 11.20 -4.48 -10.54
N PRO A 12 12.35 -4.96 -11.06
CA PRO A 12 12.49 -5.40 -12.46
C PRO A 12 11.38 -6.35 -12.89
N ASP A 13 10.79 -7.05 -11.93
CA ASP A 13 9.70 -7.97 -12.24
C ASP A 13 8.54 -7.16 -12.82
N SER A 14 8.49 -5.89 -12.46
CA SER A 14 7.48 -4.96 -12.93
C SER A 14 8.02 -4.19 -14.13
N ILE A 15 7.12 -3.74 -15.00
CA ILE A 15 7.52 -2.98 -16.17
C ILE A 15 8.33 -1.75 -15.79
N ILE A 16 8.33 -1.42 -14.49
CA ILE A 16 9.06 -0.25 -13.99
C ILE A 16 10.23 -0.67 -13.10
N GLN A 17 11.42 -0.13 -13.38
CA GLN A 17 12.63 -0.45 -12.61
C GLN A 17 13.08 0.77 -11.81
N GLU A 18 12.19 1.28 -10.99
CA GLU A 18 12.47 2.46 -10.16
C GLU A 18 12.23 2.17 -8.69
N SER A 19 12.60 3.11 -7.82
CA SER A 19 12.41 2.95 -6.38
C SER A 19 11.64 4.14 -5.81
N LEU A 20 10.59 3.85 -5.04
CA LEU A 20 9.77 4.87 -4.40
C LEU A 20 9.96 4.83 -2.89
N GLU A 21 9.97 5.99 -2.25
CA GLU A 21 10.16 6.06 -0.81
C GLU A 21 9.03 6.82 -0.10
N ILE A 22 8.33 6.14 0.81
CA ILE A 22 7.26 6.75 1.56
C ILE A 22 7.81 7.38 2.84
N GLN A 23 7.83 8.70 2.87
CA GLN A 23 8.33 9.43 4.02
C GLN A 23 7.41 9.23 5.21
N GLN A 24 7.94 8.71 6.32
CA GLN A 24 7.15 8.49 7.53
C GLN A 24 6.31 9.72 7.85
N GLY A 25 6.83 10.87 7.47
CA GLY A 25 6.14 12.12 7.73
C GLY A 25 4.88 12.32 6.89
N VAL A 26 4.78 11.63 5.75
CA VAL A 26 3.61 11.78 4.89
C VAL A 26 2.63 10.63 5.07
N ASN A 27 1.42 10.97 5.52
CA ASN A 27 0.37 9.97 5.69
C ASN A 27 -0.97 10.55 5.23
N PRO A 28 -1.65 9.92 4.27
CA PRO A 28 -1.19 8.69 3.61
C PRO A 28 -0.35 9.00 2.37
N PHE A 29 0.45 8.03 1.94
CA PHE A 29 1.30 8.22 0.76
C PHE A 29 0.55 7.74 -0.48
N PHE A 30 0.24 8.68 -1.37
CA PHE A 30 -0.50 8.38 -2.58
C PHE A 30 0.42 8.07 -3.76
N ILE A 31 0.02 7.06 -4.53
CA ILE A 31 0.78 6.64 -5.70
C ILE A 31 -0.12 6.62 -6.93
N GLY A 32 0.44 6.99 -8.06
CA GLY A 32 -0.33 7.00 -9.29
C GLY A 32 0.37 7.71 -10.44
N ARG A 33 -0.34 7.85 -11.56
CA ARG A 33 0.19 8.51 -12.74
C ARG A 33 0.10 10.03 -12.63
N SER A 34 -0.53 10.52 -11.56
CA SER A 34 -0.67 11.95 -11.35
C SER A 34 0.35 12.46 -10.35
N GLU A 35 1.10 13.49 -10.74
CA GLU A 35 2.12 14.08 -9.89
C GLU A 35 1.55 14.40 -8.50
N ASP A 36 0.24 14.64 -8.45
CA ASP A 36 -0.42 14.95 -7.18
C ASP A 36 -0.13 13.88 -6.14
N CYS A 37 0.09 12.65 -6.61
CA CYS A 37 0.37 11.53 -5.73
C CYS A 37 1.80 11.61 -5.20
N ASN A 38 1.96 11.41 -3.89
CA ASN A 38 3.27 11.45 -3.27
C ASN A 38 4.26 10.59 -4.05
N CYS A 39 3.73 9.57 -4.72
CA CYS A 39 4.53 8.66 -5.53
C CYS A 39 4.20 8.89 -7.00
N LYS A 40 5.21 8.81 -7.87
CA LYS A 40 4.98 9.03 -9.30
C LYS A 40 5.30 7.82 -10.16
N ILE A 41 4.25 7.29 -10.78
CA ILE A 41 4.37 6.14 -11.68
C ILE A 41 3.51 6.38 -12.90
N GLU A 42 4.12 6.63 -14.05
CA GLU A 42 3.35 6.88 -15.26
C GLU A 42 3.05 5.59 -16.00
N ASP A 43 1.80 5.15 -15.86
CA ASP A 43 1.33 3.96 -16.52
C ASP A 43 0.00 4.25 -17.20
N ASN A 44 -0.03 4.21 -18.53
CA ASN A 44 -1.24 4.52 -19.28
C ASN A 44 -2.48 3.88 -18.63
N ARG A 45 -2.33 2.67 -18.11
CA ARG A 45 -3.44 1.97 -17.47
C ARG A 45 -3.69 2.51 -16.06
N LEU A 46 -2.62 2.90 -15.38
CA LEU A 46 -2.72 3.43 -14.03
C LEU A 46 -3.61 4.67 -13.99
N SER A 47 -4.14 4.98 -12.80
CA SER A 47 -5.01 6.13 -12.63
C SER A 47 -4.29 7.22 -11.85
N ARG A 48 -4.83 8.44 -11.89
CA ARG A 48 -4.23 9.58 -11.17
C ARG A 48 -3.90 9.16 -9.75
N VAL A 49 -4.87 8.57 -9.08
CA VAL A 49 -4.69 8.09 -7.72
C VAL A 49 -4.83 6.58 -7.68
N HIS A 50 -3.92 5.92 -8.38
CA HIS A 50 -3.92 4.46 -8.46
C HIS A 50 -4.12 3.82 -7.10
N CYS A 51 -3.37 4.28 -6.12
CA CYS A 51 -3.47 3.76 -4.76
C CYS A 51 -2.64 4.58 -3.79
N PHE A 52 -2.92 4.42 -2.51
CA PHE A 52 -2.20 5.13 -1.47
C PHE A 52 -2.03 4.26 -0.23
N ILE A 53 -0.89 4.41 0.42
CA ILE A 53 -0.61 3.64 1.63
C ILE A 53 -0.81 4.53 2.86
N PHE A 54 -1.56 4.02 3.83
CA PHE A 54 -1.84 4.77 5.04
C PHE A 54 -1.36 4.02 6.28
N LYS A 55 -0.69 4.74 7.17
CA LYS A 55 -0.19 4.14 8.40
C LYS A 55 -1.14 4.45 9.55
N LYS A 56 -1.42 3.44 10.36
CA LYS A 56 -2.35 3.58 11.48
C LYS A 56 -1.82 2.92 12.75
N ARG A 57 -2.33 3.35 13.89
CA ARG A 57 -1.91 2.79 15.17
C ARG A 57 -2.55 1.43 15.40
N HIS A 58 -1.72 0.39 15.39
CA HIS A 58 -2.17 -0.98 15.58
C HIS A 58 -2.68 -1.21 16.99
N ALA A 59 -3.84 -1.84 17.10
CA ALA A 59 -4.43 -2.12 18.40
C ALA A 59 -4.79 -3.60 18.53
N VAL A 60 -4.97 -4.06 19.76
CA VAL A 60 -5.32 -5.45 20.03
C VAL A 60 -6.34 -5.56 21.15
N GLY A 61 -7.03 -6.69 21.20
CA GLY A 61 -8.03 -6.91 22.23
C GLY A 61 -7.42 -7.03 23.61
N LYS A 62 -7.14 -8.27 24.03
CA LYS A 62 -6.56 -8.51 25.34
C LYS A 62 -5.24 -9.28 25.20
N SER A 63 -4.25 -8.88 26.00
CA SER A 63 -2.94 -9.52 25.96
C SER A 63 -2.68 -10.29 27.26
N MET A 64 -2.44 -11.59 27.12
CA MET A 64 -2.17 -12.44 28.28
C MET A 64 -0.98 -13.36 28.01
N TYR A 65 0.09 -13.18 28.78
CA TYR A 65 1.30 -13.98 28.63
C TYR A 65 2.05 -13.62 27.35
N GLU A 66 1.41 -13.81 26.21
CA GLU A 66 2.02 -13.49 24.92
C GLU A 66 1.89 -12.01 24.61
N SER A 67 2.91 -11.44 23.98
CA SER A 67 2.91 -10.03 23.61
C SER A 67 2.40 -9.84 22.18
N PRO A 68 1.18 -9.30 22.02
CA PRO A 68 0.60 -9.07 20.70
C PRO A 68 1.12 -7.79 20.05
N ALA A 69 0.44 -7.35 19.00
CA ALA A 69 0.82 -6.13 18.29
C ALA A 69 0.90 -4.94 19.23
N GLN A 70 0.08 -4.95 20.27
CA GLN A 70 0.05 -3.86 21.24
C GLN A 70 -0.40 -2.56 20.59
N GLY A 71 -0.20 -1.44 21.27
CA GLY A 71 -0.61 -0.15 20.74
C GLY A 71 0.51 0.58 20.01
N LEU A 72 0.90 0.05 18.86
CA LEU A 72 1.95 0.65 18.05
C LEU A 72 1.37 1.14 16.72
N ASP A 73 2.20 1.28 15.69
CA ASP A 73 1.73 1.74 14.39
C ASP A 73 1.95 0.69 13.30
N ASP A 74 1.04 0.67 12.33
CA ASP A 74 1.11 -0.26 11.22
C ASP A 74 0.86 0.45 9.90
N ILE A 75 1.28 -0.17 8.80
CA ILE A 75 1.08 0.43 7.48
C ILE A 75 0.04 -0.31 6.68
N TRP A 76 -0.98 0.42 6.26
CA TRP A 76 -2.08 -0.13 5.49
C TRP A 76 -2.05 0.39 4.04
N TYR A 77 -2.08 -0.54 3.09
CA TYR A 77 -2.07 -0.18 1.68
C TYR A 77 -3.50 -0.02 1.16
N CYS A 78 -3.80 1.16 0.63
CA CYS A 78 -5.15 1.43 0.11
C CYS A 78 -5.13 1.57 -1.40
N HIS A 79 -5.99 0.82 -2.08
CA HIS A 79 -6.08 0.85 -3.54
C HIS A 79 -7.33 1.60 -4.01
N THR A 80 -7.12 2.54 -4.93
CA THR A 80 -8.21 3.34 -5.49
C THR A 80 -8.22 3.28 -7.01
N GLY A 81 -7.33 2.47 -7.58
CA GLY A 81 -7.28 2.34 -9.02
C GLY A 81 -8.29 1.35 -9.54
N THR A 82 -8.90 1.66 -10.68
CA THR A 82 -9.92 0.79 -11.27
C THR A 82 -9.28 -0.43 -11.93
N ASN A 83 -7.94 -0.48 -11.99
CA ASN A 83 -7.23 -1.58 -12.59
C ASN A 83 -7.00 -2.71 -11.59
N VAL A 84 -7.46 -2.51 -10.35
CA VAL A 84 -7.29 -3.50 -9.29
C VAL A 84 -5.84 -3.66 -8.88
N SER A 85 -5.62 -3.94 -7.60
CA SER A 85 -4.29 -4.16 -7.08
C SER A 85 -4.20 -5.56 -6.51
N TYR A 86 -2.98 -6.08 -6.40
CA TYR A 86 -2.78 -7.43 -5.87
C TYR A 86 -1.58 -7.46 -4.93
N LEU A 87 -1.83 -7.82 -3.67
CA LEU A 87 -0.77 -7.89 -2.67
C LEU A 87 -0.44 -9.34 -2.33
N ASN A 88 0.75 -9.78 -2.71
CA ASN A 88 1.19 -11.14 -2.44
C ASN A 88 0.29 -12.15 -3.16
N ASN A 89 -0.87 -12.46 -2.56
CA ASN A 89 -1.80 -13.40 -3.15
C ASN A 89 -3.26 -12.96 -2.96
N ASN A 90 -3.47 -11.81 -2.29
CA ASN A 90 -4.82 -11.31 -2.06
C ASN A 90 -5.23 -10.28 -3.11
N ARG A 91 -6.49 -10.33 -3.51
CA ARG A 91 -7.03 -9.41 -4.51
C ARG A 91 -7.35 -8.06 -3.89
N MET A 92 -7.08 -6.98 -4.63
CA MET A 92 -7.34 -5.64 -4.14
C MET A 92 -8.23 -4.86 -5.10
N ILE A 93 -9.50 -4.74 -4.74
CA ILE A 93 -10.46 -4.02 -5.57
C ILE A 93 -10.47 -2.54 -5.20
N GLN A 94 -10.80 -1.68 -6.17
CA GLN A 94 -10.84 -0.25 -5.94
C GLN A 94 -11.61 0.08 -4.66
N GLY A 95 -10.86 0.48 -3.64
CA GLY A 95 -11.48 0.82 -2.37
C GLY A 95 -11.22 -0.24 -1.31
N THR A 96 -10.03 -0.82 -1.35
CA THR A 96 -9.66 -1.86 -0.38
C THR A 96 -8.40 -1.49 0.38
N LYS A 97 -8.19 -2.16 1.51
CA LYS A 97 -7.03 -1.91 2.35
C LYS A 97 -6.32 -3.22 2.68
N PHE A 98 -5.01 -3.14 2.94
CA PHE A 98 -4.23 -4.32 3.26
C PHE A 98 -3.10 -4.01 4.25
N LEU A 99 -2.85 -4.95 5.14
CA LEU A 99 -1.79 -4.80 6.13
C LEU A 99 -0.42 -4.95 5.48
N LEU A 100 0.42 -3.94 5.62
CA LEU A 100 1.75 -3.97 5.04
C LEU A 100 2.82 -4.36 6.06
N GLN A 101 3.77 -5.16 5.61
CA GLN A 101 4.87 -5.65 6.46
C GLN A 101 6.20 -5.42 5.75
N ASP A 102 7.22 -5.02 6.49
CA ASP A 102 8.55 -4.78 5.91
C ASP A 102 8.90 -5.89 4.93
N GLY A 103 9.01 -5.52 3.66
CA GLY A 103 9.32 -6.49 2.63
C GLY A 103 8.07 -6.99 1.97
N ASP A 104 7.10 -6.10 1.82
CA ASP A 104 5.81 -6.43 1.20
C ASP A 104 5.82 -6.10 -0.28
N GLU A 105 5.58 -7.12 -1.11
CA GLU A 105 5.56 -6.91 -2.55
C GLU A 105 4.12 -6.71 -3.01
N ILE A 106 3.80 -5.48 -3.41
CA ILE A 106 2.46 -5.15 -3.86
C ILE A 106 2.40 -4.91 -5.36
N LYS A 107 1.38 -5.48 -5.98
CA LYS A 107 1.15 -5.31 -7.41
C LYS A 107 -0.04 -4.39 -7.62
N ILE A 108 0.19 -3.25 -8.24
CA ILE A 108 -0.88 -2.29 -8.44
C ILE A 108 -1.62 -2.56 -9.76
N ILE A 109 -0.93 -3.10 -10.75
CA ILE A 109 -1.56 -3.38 -12.03
C ILE A 109 -0.84 -4.50 -12.80
N TRP A 110 -1.62 -5.48 -13.26
CA TRP A 110 -1.08 -6.59 -14.02
C TRP A 110 -1.99 -6.91 -15.21
N ASP A 111 -1.42 -7.00 -16.41
CA ASP A 111 -2.20 -7.31 -17.60
C ASP A 111 -1.62 -8.49 -18.35
N LYS A 112 -2.38 -9.58 -18.44
CA LYS A 112 -1.95 -10.79 -19.13
C LYS A 112 -1.86 -10.57 -20.64
N ASN A 113 -2.90 -9.96 -21.20
CA ASN A 113 -2.97 -9.72 -22.64
C ASN A 113 -1.79 -8.88 -23.14
N ASN A 114 -1.42 -7.87 -22.37
CA ASN A 114 -0.32 -6.99 -22.75
C ASN A 114 0.99 -7.43 -22.09
N LYS A 115 0.89 -8.29 -21.07
CA LYS A 115 2.08 -8.76 -20.36
C LYS A 115 2.70 -7.66 -19.52
N PHE A 116 2.06 -6.48 -19.51
CA PHE A 116 2.56 -5.37 -18.71
C PHE A 116 2.19 -5.61 -17.25
N VAL A 117 3.17 -6.01 -16.47
CA VAL A 117 2.94 -6.32 -15.07
C VAL A 117 3.65 -5.32 -14.16
N ILE A 118 2.95 -4.90 -13.10
CA ILE A 118 3.51 -3.96 -12.15
C ILE A 118 3.62 -4.60 -10.77
N GLY A 119 4.54 -4.07 -9.96
CA GLY A 119 4.76 -4.61 -8.63
C GLY A 119 5.85 -3.87 -7.91
N PHE A 120 5.54 -3.35 -6.73
CA PHE A 120 6.51 -2.61 -5.93
C PHE A 120 6.86 -3.37 -4.67
N LYS A 121 8.13 -3.29 -4.27
CA LYS A 121 8.60 -3.97 -3.07
C LYS A 121 8.70 -3.01 -1.91
N VAL A 122 7.92 -3.27 -0.87
CA VAL A 122 7.92 -2.43 0.32
C VAL A 122 9.05 -2.80 1.25
N GLU A 123 9.85 -1.82 1.63
CA GLU A 123 10.97 -2.06 2.54
C GLU A 123 11.00 -1.00 3.64
N ILE A 124 10.68 -1.41 4.86
CA ILE A 124 10.69 -0.50 5.99
C ILE A 124 12.11 -0.26 6.49
N ASN A 125 12.63 0.92 6.19
CA ASN A 125 13.98 1.29 6.62
C ASN A 125 13.97 1.73 8.07
N ASP A 126 12.99 2.56 8.42
CA ASP A 126 12.86 3.06 9.79
C ASP A 126 11.65 2.46 10.48
N THR A 127 11.80 2.13 11.75
CA THR A 127 10.69 1.60 12.52
C THR A 127 10.30 2.57 13.63
N THR A 128 9.26 3.32 13.38
CA THR A 128 8.77 4.29 14.34
C THR A 128 7.92 3.61 15.40
N GLY A 129 8.53 2.68 16.13
CA GLY A 129 7.81 1.95 17.16
C GLY A 129 6.63 1.20 16.60
N LEU A 130 6.89 0.29 15.65
CA LEU A 130 5.83 -0.49 15.03
C LEU A 130 5.49 -1.73 15.85
N PHE A 131 4.21 -2.07 15.87
CA PHE A 131 3.70 -3.24 16.59
C PHE A 131 4.68 -4.43 16.52
N ASN A 132 5.16 -4.72 15.33
CA ASN A 132 6.09 -5.81 15.10
C ASN A 132 7.11 -5.42 14.02
N GLU A 133 7.03 -4.16 13.57
CA GLU A 133 7.92 -3.64 12.53
C GLU A 133 7.33 -3.91 11.16
N GLY A 134 6.77 -5.10 10.99
CA GLY A 134 6.18 -5.49 9.72
C GLY A 134 6.91 -6.67 9.12
N LEU A 135 7.38 -7.55 9.98
CA LEU A 135 8.11 -8.72 9.53
C LEU A 135 7.17 -9.83 9.05
N GLY A 136 5.87 -9.65 9.29
CA GLY A 136 4.89 -10.64 8.86
C GLY A 136 5.28 -12.06 9.23
N MET A 137 4.68 -12.58 10.30
CA MET A 137 4.97 -13.94 10.75
C MET A 137 4.89 -14.92 9.58
N LEU A 138 6.05 -15.23 8.99
CA LEU A 138 6.11 -16.15 7.87
C LEU A 138 5.44 -15.54 6.64
N GLN A 139 5.79 -16.06 5.46
CA GLN A 139 5.20 -15.57 4.21
C GLN A 139 3.73 -15.97 4.13
N GLU A 140 2.94 -15.41 5.03
CA GLU A 140 1.52 -15.71 5.09
C GLU A 140 0.69 -14.53 4.59
N GLN A 141 -0.38 -14.83 3.87
CA GLN A 141 -1.26 -13.79 3.33
C GLN A 141 -2.22 -13.32 4.41
N ARG A 142 -2.41 -12.01 4.49
CA ARG A 142 -3.29 -11.42 5.48
C ARG A 142 -4.72 -11.34 4.94
N VAL A 143 -5.40 -10.27 5.28
CA VAL A 143 -6.77 -10.07 4.84
C VAL A 143 -6.94 -8.69 4.20
N VAL A 144 -7.77 -8.63 3.17
CA VAL A 144 -8.02 -7.37 2.47
C VAL A 144 -9.31 -6.73 2.94
N LEU A 145 -9.20 -5.58 3.60
CA LEU A 145 -10.37 -4.87 4.10
C LEU A 145 -10.90 -3.87 3.07
N LYS A 146 -12.05 -3.28 3.35
CA LYS A 146 -12.66 -2.32 2.45
C LYS A 146 -12.42 -0.89 2.94
N GLN A 147 -12.51 0.06 2.01
CA GLN A 147 -12.30 1.47 2.35
C GLN A 147 -13.62 2.14 2.73
N THR A 148 -13.54 3.17 3.56
CA THR A 148 -14.73 3.89 4.01
C THR A 148 -14.59 5.39 3.73
N ALA A 149 -15.57 6.16 4.18
CA ALA A 149 -15.57 7.61 3.99
C ALA A 149 -14.28 8.23 4.53
N GLU A 150 -13.79 7.70 5.64
CA GLU A 150 -12.56 8.19 6.25
C GLU A 150 -11.41 8.13 5.26
N GLU A 151 -11.27 6.97 4.60
CA GLU A 151 -10.20 6.78 3.64
C GLU A 151 -10.40 7.68 2.42
N LYS A 152 -11.64 7.73 1.93
CA LYS A 152 -11.96 8.57 0.78
C LYS A 152 -11.62 10.03 1.05
N ASP A 153 -11.76 10.45 2.30
CA ASP A 153 -11.47 11.81 2.70
C ASP A 153 -9.97 12.12 2.56
N LEU A 154 -9.15 11.13 2.90
CA LEU A 154 -7.69 11.29 2.83
C LEU A 154 -7.26 11.64 1.40
N VAL A 155 -7.83 10.94 0.43
CA VAL A 155 -7.50 11.17 -0.98
C VAL A 155 -8.27 12.36 -1.53
N LYS A 156 -9.39 12.70 -0.90
CA LYS A 156 -10.21 13.82 -1.34
C LYS A 156 -9.38 15.10 -1.45
N LYS A 157 -8.48 15.30 -0.50
CA LYS A 157 -7.63 16.48 -0.48
C LYS A 157 -6.51 16.36 -1.52
N LEU A 158 -6.28 15.14 -2.01
CA LEU A 158 -5.25 14.91 -3.01
C LEU A 158 -5.41 15.83 -4.22
N GLU B 1 -15.25 10.34 -15.80
CA GLU B 1 -14.22 10.58 -14.76
C GLU B 1 -13.03 9.62 -14.90
N ASP B 2 -13.31 8.33 -14.78
CA ASP B 2 -12.27 7.32 -14.91
C ASP B 2 -12.87 5.91 -14.81
N ILE B 3 -12.71 5.13 -15.88
CA ILE B 3 -13.23 3.77 -15.90
C ILE B 3 -12.30 2.84 -16.65
N PTR B 4 -11.41 2.18 -15.92
CA PTR B 4 -10.45 1.26 -16.52
C PTR B 4 -10.99 -0.17 -16.49
O PTR B 4 -12.03 -0.44 -15.91
CB PTR B 4 -9.11 1.33 -15.78
CG PTR B 4 -8.44 2.67 -15.87
CD1 PTR B 4 -8.71 3.67 -14.94
CD2 PTR B 4 -7.53 2.95 -16.87
CE1 PTR B 4 -8.09 4.90 -15.01
CE2 PTR B 4 -6.90 4.18 -16.96
CZ PTR B 4 -7.19 5.15 -16.03
OH PTR B 4 -6.56 6.40 -16.11
P PTR B 4 -7.42 7.64 -16.49
O1P PTR B 4 -8.41 7.12 -17.57
O2P PTR B 4 -8.22 7.98 -15.20
O3P PTR B 4 -6.60 8.80 -16.97
H2 PTR B 4 -11.40 2.31 -14.95
HA PTR B 4 -10.30 1.56 -17.54
HB2 PTR B 4 -8.44 0.58 -16.20
HB3 PTR B 4 -9.28 1.10 -14.73
HD1 PTR B 4 -9.41 3.47 -14.14
HD2 PTR B 4 -7.31 2.18 -17.60
HE1 PTR B 4 -8.31 5.66 -14.28
HE2 PTR B 4 -6.20 4.37 -17.76
N TYR B 5 -10.26 -1.08 -17.13
CA TYR B 5 -10.66 -2.49 -17.18
C TYR B 5 -9.57 -3.34 -17.80
N LEU B 6 -9.13 -4.36 -17.07
CA LEU B 6 -8.08 -5.26 -17.56
C LEU B 6 -8.59 -6.69 -17.63
N ASP B 7 -9.84 -6.85 -18.02
CA ASP B 7 -10.45 -8.17 -18.12
C ASP B 7 -9.87 -8.94 -19.32
N GLY A 1 16.80 7.54 9.76
CA GLY A 1 15.46 7.53 9.21
C GLY A 1 14.56 8.55 9.87
N ASN A 2 14.88 9.83 9.70
CA ASN A 2 14.10 10.91 10.30
C ASN A 2 13.03 11.42 9.32
N GLY A 3 12.85 10.70 8.21
CA GLY A 3 11.86 11.11 7.23
C GLY A 3 11.32 9.95 6.43
N ARG A 4 12.18 8.99 6.11
CA ARG A 4 11.76 7.83 5.35
C ARG A 4 11.47 6.65 6.27
N PHE A 5 10.44 5.90 5.93
CA PHE A 5 10.06 4.75 6.73
C PHE A 5 9.85 3.51 5.85
N LEU A 6 8.91 3.61 4.93
CA LEU A 6 8.60 2.50 4.03
C LEU A 6 9.12 2.78 2.63
N THR A 7 9.75 1.79 2.03
CA THR A 7 10.29 1.93 0.69
C THR A 7 9.59 1.00 -0.29
N LEU A 8 8.88 1.58 -1.24
CA LEU A 8 8.20 0.80 -2.26
C LEU A 8 9.00 0.95 -3.52
N LYS A 9 9.68 -0.11 -3.92
CA LYS A 9 10.52 -0.01 -5.10
C LYS A 9 10.05 -0.87 -6.27
N PRO A 10 9.37 -0.24 -7.25
CA PRO A 10 8.92 -0.95 -8.45
C PRO A 10 10.05 -1.82 -8.99
N LEU A 11 9.99 -3.10 -8.66
CA LEU A 11 11.04 -4.05 -9.05
C LEU A 11 10.98 -4.44 -10.52
N PRO A 12 12.12 -4.93 -11.05
CA PRO A 12 12.26 -5.34 -12.45
C PRO A 12 11.13 -6.23 -12.91
N ASP A 13 10.49 -6.92 -11.97
CA ASP A 13 9.38 -7.79 -12.33
C ASP A 13 8.25 -6.94 -12.94
N SER A 14 8.27 -5.66 -12.61
CA SER A 14 7.30 -4.71 -13.13
C SER A 14 7.88 -4.00 -14.34
N ILE A 15 7.00 -3.55 -15.23
CA ILE A 15 7.44 -2.83 -16.43
C ILE A 15 8.34 -1.66 -16.06
N ILE A 16 8.28 -1.24 -14.80
CA ILE A 16 9.09 -0.11 -14.32
C ILE A 16 10.16 -0.56 -13.33
N GLN A 17 11.34 0.06 -13.40
CA GLN A 17 12.44 -0.26 -12.51
C GLN A 17 12.86 0.96 -11.70
N GLU A 18 11.95 1.42 -10.84
CA GLU A 18 12.20 2.59 -10.01
C GLU A 18 12.01 2.27 -8.53
N SER A 19 12.37 3.22 -7.66
CA SER A 19 12.21 3.04 -6.23
C SER A 19 11.46 4.22 -5.61
N LEU A 20 10.38 3.90 -4.90
CA LEU A 20 9.56 4.91 -4.24
C LEU A 20 9.69 4.77 -2.72
N GLU A 21 9.79 5.90 -2.02
CA GLU A 21 9.92 5.86 -0.56
C GLU A 21 8.84 6.67 0.13
N ILE A 22 8.08 6.02 1.00
CA ILE A 22 7.03 6.70 1.76
C ILE A 22 7.61 7.34 3.00
N GLN A 23 7.67 8.66 2.99
CA GLN A 23 8.20 9.40 4.12
C GLN A 23 7.31 9.18 5.34
N GLN A 24 7.87 8.52 6.36
CA GLN A 24 7.12 8.24 7.59
C GLN A 24 6.30 9.44 8.03
N GLY A 25 6.84 10.63 7.75
CA GLY A 25 6.17 11.85 8.13
C GLY A 25 4.92 12.13 7.32
N VAL A 26 4.77 11.53 6.15
CA VAL A 26 3.60 11.75 5.32
C VAL A 26 2.59 10.61 5.42
N ASN A 27 1.40 10.93 5.90
CA ASN A 27 0.33 9.95 6.03
C ASN A 27 -1.00 10.58 5.63
N PRO A 28 -1.71 10.01 4.64
CA PRO A 28 -1.30 8.81 3.91
C PRO A 28 -0.48 9.16 2.68
N PHE A 29 0.29 8.20 2.20
CA PHE A 29 1.14 8.41 1.02
C PHE A 29 0.38 7.98 -0.24
N PHE A 30 0.15 8.95 -1.12
CA PHE A 30 -0.58 8.70 -2.35
C PHE A 30 0.35 8.36 -3.50
N ILE A 31 -0.06 7.37 -4.30
CA ILE A 31 0.73 6.92 -5.44
C ILE A 31 -0.12 6.89 -6.70
N GLY A 32 0.51 7.13 -7.85
CA GLY A 32 -0.21 7.12 -9.10
C GLY A 32 0.57 7.76 -10.23
N ARG A 33 -0.06 7.85 -11.40
CA ARG A 33 0.56 8.44 -12.58
C ARG A 33 0.52 9.97 -12.52
N SER A 34 -0.15 10.51 -11.50
CA SER A 34 -0.26 11.95 -11.33
C SER A 34 0.71 12.46 -10.28
N GLU A 35 1.47 13.51 -10.65
CA GLU A 35 2.44 14.10 -9.74
C GLU A 35 1.79 14.49 -8.41
N ASP A 36 0.48 14.73 -8.44
CA ASP A 36 -0.25 15.10 -7.24
C ASP A 36 -0.04 14.07 -6.13
N CYS A 37 0.20 12.84 -6.53
CA CYS A 37 0.42 11.75 -5.57
C CYS A 37 1.84 11.82 -5.01
N ASN A 38 1.95 11.61 -3.70
CA ASN A 38 3.25 11.64 -3.03
C ASN A 38 4.25 10.72 -3.75
N CYS A 39 3.71 9.73 -4.46
CA CYS A 39 4.52 8.78 -5.21
C CYS A 39 4.21 8.92 -6.70
N LYS A 40 5.23 8.77 -7.54
CA LYS A 40 5.04 8.90 -8.98
C LYS A 40 5.40 7.64 -9.76
N ILE A 41 4.40 7.09 -10.45
CA ILE A 41 4.58 5.91 -11.28
C ILE A 41 3.85 6.11 -12.60
N GLU A 42 4.57 6.27 -13.68
CA GLU A 42 3.91 6.48 -14.97
C GLU A 42 3.56 5.16 -15.62
N ASP A 43 2.28 4.82 -15.51
CA ASP A 43 1.75 3.59 -16.10
C ASP A 43 0.47 3.94 -16.86
N ASN A 44 0.49 3.81 -18.17
CA ASN A 44 -0.68 4.14 -18.98
C ASN A 44 -1.97 3.60 -18.36
N ARG A 45 -1.88 2.42 -17.76
CA ARG A 45 -3.03 1.79 -17.12
C ARG A 45 -3.33 2.44 -15.76
N LEU A 46 -2.28 2.91 -15.10
CA LEU A 46 -2.41 3.55 -13.79
C LEU A 46 -3.32 4.77 -13.87
N SER A 47 -3.84 5.18 -12.71
CA SER A 47 -4.71 6.34 -12.63
C SER A 47 -4.04 7.44 -11.81
N ARG A 48 -4.56 8.67 -11.92
CA ARG A 48 -4.00 9.79 -11.18
C ARG A 48 -3.72 9.39 -9.73
N VAL A 49 -4.70 8.73 -9.14
CA VAL A 49 -4.59 8.26 -7.76
C VAL A 49 -4.86 6.76 -7.73
N HIS A 50 -4.01 6.01 -8.42
CA HIS A 50 -4.13 4.56 -8.52
C HIS A 50 -4.29 3.92 -7.15
N CYS A 51 -3.43 4.30 -6.21
CA CYS A 51 -3.48 3.73 -4.87
C CYS A 51 -2.62 4.54 -3.90
N PHE A 52 -2.93 4.40 -2.61
CA PHE A 52 -2.19 5.11 -1.58
C PHE A 52 -2.04 4.24 -0.33
N ILE A 53 -0.91 4.41 0.37
CA ILE A 53 -0.65 3.64 1.58
C ILE A 53 -0.90 4.53 2.80
N PHE A 54 -1.66 4.00 3.76
CA PHE A 54 -1.98 4.74 4.97
C PHE A 54 -1.57 3.95 6.20
N LYS A 55 -0.88 4.61 7.12
CA LYS A 55 -0.43 3.98 8.34
C LYS A 55 -1.38 4.28 9.49
N LYS A 56 -1.70 3.27 10.27
CA LYS A 56 -2.63 3.42 11.40
C LYS A 56 -2.07 2.79 12.66
N ARG A 57 -2.55 3.24 13.81
CA ARG A 57 -2.07 2.72 15.08
C ARG A 57 -2.68 1.34 15.36
N HIS A 58 -1.81 0.35 15.54
CA HIS A 58 -2.23 -1.02 15.80
C HIS A 58 -2.66 -1.21 17.25
N ALA A 59 -3.83 -1.80 17.45
CA ALA A 59 -4.36 -2.04 18.79
C ALA A 59 -5.55 -2.98 18.74
N VAL A 60 -5.46 -4.07 19.51
CA VAL A 60 -6.53 -5.06 19.56
C VAL A 60 -7.67 -4.61 20.47
N GLY A 61 -8.71 -5.43 20.56
CA GLY A 61 -9.84 -5.11 21.40
C GLY A 61 -9.46 -4.98 22.87
N LYS A 62 -9.18 -6.10 23.50
CA LYS A 62 -8.80 -6.10 24.92
C LYS A 62 -7.57 -6.97 25.14
N SER A 63 -6.69 -6.52 26.04
CA SER A 63 -5.47 -7.25 26.35
C SER A 63 -5.60 -7.96 27.70
N MET A 64 -5.60 -9.29 27.66
CA MET A 64 -5.73 -10.09 28.87
C MET A 64 -4.56 -11.08 28.99
N TYR A 65 -3.83 -11.01 30.09
CA TYR A 65 -2.70 -11.90 30.33
C TYR A 65 -1.56 -11.59 29.37
N GLU A 66 -1.78 -11.84 28.08
CA GLU A 66 -0.76 -11.59 27.07
C GLU A 66 -0.75 -10.12 26.65
N SER A 67 0.44 -9.59 26.42
CA SER A 67 0.60 -8.19 26.03
C SER A 67 0.76 -8.07 24.51
N PRO A 68 -0.31 -7.65 23.80
CA PRO A 68 -0.28 -7.50 22.34
C PRO A 68 0.54 -6.28 21.93
N ALA A 69 0.35 -5.83 20.69
CA ALA A 69 1.07 -4.68 20.16
C ALA A 69 1.00 -3.49 21.11
N GLN A 70 -0.04 -3.45 21.96
CA GLN A 70 -0.22 -2.37 22.91
C GLN A 70 -0.90 -1.16 22.26
N GLY A 71 -0.19 -0.56 21.30
CA GLY A 71 -0.73 0.60 20.62
C GLY A 71 0.28 1.25 19.69
N LEU A 72 0.97 0.44 18.90
CA LEU A 72 1.97 0.96 17.97
C LEU A 72 1.32 1.31 16.63
N ASP A 73 2.10 1.32 15.55
CA ASP A 73 1.55 1.69 14.23
C ASP A 73 1.75 0.60 13.18
N ASP A 74 0.78 0.51 12.27
CA ASP A 74 0.79 -0.46 11.17
C ASP A 74 0.63 0.28 9.83
N ILE A 75 1.01 -0.36 8.73
CA ILE A 75 0.88 0.27 7.42
C ILE A 75 -0.15 -0.44 6.55
N TRP A 76 -1.16 0.32 6.14
CA TRP A 76 -2.23 -0.20 5.31
C TRP A 76 -2.12 0.31 3.87
N TYR A 77 -2.11 -0.60 2.91
CA TYR A 77 -2.04 -0.24 1.50
C TYR A 77 -3.44 -0.07 0.93
N CYS A 78 -3.76 1.13 0.48
CA CYS A 78 -5.09 1.40 -0.08
C CYS A 78 -5.03 1.53 -1.61
N HIS A 79 -5.98 0.88 -2.27
CA HIS A 79 -6.06 0.93 -3.73
C HIS A 79 -7.34 1.61 -4.19
N THR A 80 -7.17 2.66 -5.01
CA THR A 80 -8.31 3.41 -5.54
C THR A 80 -8.35 3.34 -7.06
N GLY A 81 -7.48 2.53 -7.65
CA GLY A 81 -7.46 2.40 -9.09
C GLY A 81 -8.51 1.40 -9.58
N THR A 82 -8.99 1.61 -10.80
CA THR A 82 -10.01 0.73 -11.37
C THR A 82 -9.40 -0.55 -11.95
N ASN A 83 -8.08 -0.58 -12.05
CA ASN A 83 -7.38 -1.75 -12.60
C ASN A 83 -7.10 -2.80 -11.53
N VAL A 84 -7.56 -2.54 -10.30
CA VAL A 84 -7.36 -3.46 -9.17
C VAL A 84 -5.91 -3.89 -9.02
N SER A 85 -5.40 -3.78 -7.79
CA SER A 85 -4.04 -4.17 -7.47
C SER A 85 -4.02 -5.52 -6.76
N TYR A 86 -2.85 -6.14 -6.66
CA TYR A 86 -2.73 -7.43 -5.99
C TYR A 86 -1.58 -7.42 -4.98
N LEU A 87 -1.90 -7.66 -3.72
CA LEU A 87 -0.90 -7.68 -2.67
C LEU A 87 -0.43 -9.11 -2.40
N ASN A 88 0.72 -9.46 -2.96
CA ASN A 88 1.28 -10.80 -2.77
C ASN A 88 0.33 -11.86 -3.33
N ASN A 89 -0.68 -12.22 -2.55
CA ASN A 89 -1.65 -13.23 -2.97
C ASN A 89 -3.09 -12.75 -2.74
N ASN A 90 -3.25 -11.56 -2.17
CA ASN A 90 -4.59 -11.03 -1.90
C ASN A 90 -5.00 -10.01 -2.97
N ARG A 91 -6.23 -10.13 -3.45
CA ARG A 91 -6.75 -9.22 -4.46
C ARG A 91 -7.06 -7.85 -3.87
N MET A 92 -6.78 -6.81 -4.64
CA MET A 92 -7.02 -5.44 -4.18
C MET A 92 -7.87 -4.67 -5.19
N ILE A 93 -9.19 -4.68 -4.98
CA ILE A 93 -10.10 -3.98 -5.88
C ILE A 93 -10.26 -2.53 -5.44
N GLN A 94 -10.69 -1.67 -6.36
CA GLN A 94 -10.87 -0.26 -6.05
C GLN A 94 -11.64 -0.08 -4.75
N GLY A 95 -10.97 0.53 -3.76
CA GLY A 95 -11.60 0.75 -2.48
C GLY A 95 -11.25 -0.32 -1.47
N THR A 96 -10.07 -0.93 -1.63
CA THR A 96 -9.62 -1.98 -0.73
C THR A 96 -8.42 -1.53 0.10
N LYS A 97 -8.17 -2.24 1.19
CA LYS A 97 -7.05 -1.92 2.07
C LYS A 97 -6.39 -3.20 2.58
N PHE A 98 -5.07 -3.27 2.46
CA PHE A 98 -4.33 -4.44 2.92
C PHE A 98 -3.09 -4.05 3.72
N LEU A 99 -2.76 -4.83 4.74
CA LEU A 99 -1.62 -4.56 5.59
C LEU A 99 -0.30 -4.76 4.85
N LEU A 100 0.65 -3.87 5.11
CA LEU A 100 1.97 -3.95 4.48
C LEU A 100 3.04 -4.36 5.50
N GLN A 101 3.82 -5.36 5.13
CA GLN A 101 4.89 -5.89 5.98
C GLN A 101 6.25 -5.67 5.34
N ASP A 102 7.26 -5.42 6.17
CA ASP A 102 8.62 -5.18 5.66
C ASP A 102 8.98 -6.24 4.62
N GLY A 103 8.98 -5.82 3.36
CA GLY A 103 9.28 -6.74 2.28
C GLY A 103 8.02 -7.16 1.56
N ASP A 104 7.05 -6.25 1.50
CA ASP A 104 5.77 -6.51 0.85
C ASP A 104 5.78 -6.08 -0.61
N GLU A 105 5.73 -7.05 -1.50
CA GLU A 105 5.71 -6.76 -2.93
C GLU A 105 4.28 -6.74 -3.42
N ILE A 106 3.78 -5.55 -3.75
CA ILE A 106 2.41 -5.38 -4.20
C ILE A 106 2.33 -5.12 -5.69
N LYS A 107 1.38 -5.78 -6.35
CA LYS A 107 1.17 -5.60 -7.78
C LYS A 107 0.12 -4.52 -8.00
N ILE A 108 0.51 -3.43 -8.61
CA ILE A 108 -0.40 -2.32 -8.86
C ILE A 108 -1.24 -2.56 -10.11
N ILE A 109 -0.68 -3.24 -11.10
CA ILE A 109 -1.40 -3.51 -12.34
C ILE A 109 -0.87 -4.77 -13.02
N TRP A 110 -1.79 -5.66 -13.41
CA TRP A 110 -1.41 -6.89 -14.09
C TRP A 110 -2.35 -7.18 -15.27
N ASP A 111 -1.78 -7.34 -16.46
CA ASP A 111 -2.57 -7.63 -17.65
C ASP A 111 -2.16 -8.97 -18.25
N LYS A 112 -3.10 -9.91 -18.27
CA LYS A 112 -2.83 -11.24 -18.81
C LYS A 112 -2.58 -11.21 -20.31
N ASN A 113 -3.46 -10.50 -21.03
CA ASN A 113 -3.34 -10.40 -22.48
C ASN A 113 -2.34 -9.31 -22.89
N ASN A 114 -2.37 -8.19 -22.18
CA ASN A 114 -1.47 -7.08 -22.47
C ASN A 114 -0.08 -7.33 -21.88
N LYS A 115 0.02 -8.30 -20.97
CA LYS A 115 1.30 -8.61 -20.34
C LYS A 115 1.82 -7.43 -19.53
N PHE A 116 0.94 -6.47 -19.26
CA PHE A 116 1.33 -5.32 -18.47
C PHE A 116 1.39 -5.72 -17.00
N VAL A 117 2.60 -5.88 -16.50
CA VAL A 117 2.79 -6.29 -15.12
C VAL A 117 3.50 -5.21 -14.30
N ILE A 118 2.85 -4.79 -13.21
CA ILE A 118 3.40 -3.77 -12.34
C ILE A 118 3.42 -4.24 -10.90
N GLY A 119 4.34 -3.69 -10.11
CA GLY A 119 4.43 -4.07 -8.71
C GLY A 119 5.68 -3.53 -8.05
N PHE A 120 5.53 -3.01 -6.83
CA PHE A 120 6.65 -2.45 -6.09
C PHE A 120 6.94 -3.27 -4.84
N LYS A 121 8.18 -3.23 -4.38
CA LYS A 121 8.57 -3.98 -3.19
C LYS A 121 8.67 -3.06 -1.97
N VAL A 122 7.83 -3.33 -0.97
CA VAL A 122 7.82 -2.54 0.24
C VAL A 122 8.96 -2.95 1.17
N GLU A 123 9.77 -1.99 1.56
CA GLU A 123 10.89 -2.25 2.45
C GLU A 123 10.92 -1.24 3.58
N ILE A 124 10.60 -1.71 4.78
CA ILE A 124 10.61 -0.84 5.95
C ILE A 124 12.02 -0.67 6.49
N ASN A 125 12.60 0.50 6.25
CA ASN A 125 13.94 0.80 6.72
C ASN A 125 13.90 1.35 8.14
N ASP A 126 12.99 2.29 8.37
CA ASP A 126 12.83 2.90 9.67
C ASP A 126 11.52 2.49 10.32
N THR A 127 11.54 2.24 11.62
CA THR A 127 10.34 1.86 12.33
C THR A 127 9.96 2.96 13.31
N THR A 128 9.00 3.77 12.91
CA THR A 128 8.53 4.87 13.74
C THR A 128 7.74 4.33 14.93
N GLY A 129 8.43 3.62 15.81
CA GLY A 129 7.77 3.05 16.97
C GLY A 129 6.66 2.10 16.59
N LEU A 130 7.00 1.08 15.80
CA LEU A 130 6.02 0.11 15.34
C LEU A 130 6.06 -1.16 16.18
N PHE A 131 4.89 -1.77 16.38
CA PHE A 131 4.78 -3.01 17.14
C PHE A 131 5.83 -4.01 16.63
N ASN A 132 6.13 -3.91 15.34
CA ASN A 132 7.10 -4.76 14.69
C ASN A 132 7.63 -4.03 13.46
N GLU A 133 6.70 -3.59 12.61
CA GLU A 133 7.01 -2.86 11.38
C GLU A 133 5.83 -2.91 10.42
N GLY A 134 5.01 -3.95 10.54
CA GLY A 134 3.83 -4.08 9.69
C GLY A 134 3.59 -5.51 9.20
N LEU A 135 3.89 -6.49 10.06
CA LEU A 135 3.70 -7.89 9.69
C LEU A 135 2.27 -8.36 9.91
N GLY A 136 1.41 -7.48 10.44
CA GLY A 136 0.03 -7.84 10.68
C GLY A 136 -0.13 -9.20 11.32
N MET A 137 0.19 -9.29 12.61
CA MET A 137 0.09 -10.54 13.34
C MET A 137 -1.26 -10.64 14.06
N LEU A 138 -2.33 -10.27 13.36
CA LEU A 138 -3.67 -10.32 13.93
C LEU A 138 -4.25 -11.73 13.82
N GLN A 139 -5.50 -11.88 14.26
CA GLN A 139 -6.17 -13.17 14.21
C GLN A 139 -6.25 -13.70 12.79
N GLU A 140 -6.86 -12.91 11.90
CA GLU A 140 -7.00 -13.29 10.50
C GLU A 140 -5.64 -13.38 9.83
N GLN A 141 -5.42 -14.46 9.09
CA GLN A 141 -4.15 -14.67 8.40
C GLN A 141 -4.12 -13.90 7.07
N ARG A 142 -3.46 -12.75 7.08
CA ARG A 142 -3.33 -11.92 5.89
C ARG A 142 -4.65 -11.84 5.11
N VAL A 143 -5.49 -10.89 5.49
CA VAL A 143 -6.78 -10.70 4.83
C VAL A 143 -6.92 -9.28 4.33
N VAL A 144 -7.55 -9.12 3.16
CA VAL A 144 -7.72 -7.80 2.58
C VAL A 144 -8.99 -7.13 3.13
N LEU A 145 -8.83 -5.90 3.60
CA LEU A 145 -9.94 -5.14 4.15
C LEU A 145 -10.50 -4.17 3.12
N LYS A 146 -11.62 -3.55 3.45
CA LYS A 146 -12.27 -2.59 2.54
C LYS A 146 -12.01 -1.15 2.99
N GLN A 147 -12.11 -0.22 2.05
CA GLN A 147 -11.89 1.19 2.34
C GLN A 147 -13.19 1.85 2.78
N THR A 148 -13.07 2.90 3.60
CA THR A 148 -14.24 3.62 4.09
C THR A 148 -14.13 5.11 3.80
N ALA A 149 -15.12 5.87 4.25
CA ALA A 149 -15.14 7.31 4.03
C ALA A 149 -13.85 7.96 4.52
N GLU A 150 -13.31 7.41 5.62
CA GLU A 150 -12.07 7.93 6.19
C GLU A 150 -10.94 7.91 5.17
N GLU A 151 -10.80 6.77 4.50
CA GLU A 151 -9.75 6.60 3.50
C GLU A 151 -10.02 7.51 2.29
N LYS A 152 -11.26 7.47 1.79
CA LYS A 152 -11.65 8.27 0.65
C LYS A 152 -11.44 9.77 0.93
N ASP A 153 -11.62 10.16 2.19
CA ASP A 153 -11.47 11.55 2.58
C ASP A 153 -10.02 12.01 2.41
N LEU A 154 -9.08 11.13 2.74
CA LEU A 154 -7.66 11.46 2.63
C LEU A 154 -7.29 11.78 1.19
N VAL A 155 -7.77 10.97 0.25
CA VAL A 155 -7.49 11.19 -1.16
C VAL A 155 -8.23 12.41 -1.68
N LYS A 156 -9.36 12.72 -1.05
CA LYS A 156 -10.17 13.86 -1.46
C LYS A 156 -9.35 15.14 -1.43
N LYS A 157 -8.40 15.21 -0.50
CA LYS A 157 -7.53 16.37 -0.36
C LYS A 157 -6.20 16.14 -1.07
N LEU A 158 -6.22 15.30 -2.10
CA LEU A 158 -5.02 15.00 -2.87
C LEU A 158 -4.82 16.00 -4.00
N GLU B 1 -16.93 10.62 -17.56
CA GLU B 1 -16.61 9.38 -16.80
C GLU B 1 -15.23 8.84 -17.18
N ASP B 2 -14.79 7.81 -16.48
CA ASP B 2 -13.49 7.20 -16.74
C ASP B 2 -13.65 5.76 -17.21
N ILE B 3 -12.58 5.20 -17.75
CA ILE B 3 -12.58 3.83 -18.25
C ILE B 3 -11.24 3.16 -18.03
N PTR B 4 -11.17 2.29 -17.03
CA PTR B 4 -9.93 1.59 -16.71
C PTR B 4 -10.21 0.14 -16.32
O PTR B 4 -11.14 -0.14 -15.54
CB PTR B 4 -9.17 2.29 -15.59
CG PTR B 4 -8.21 3.35 -16.08
CD1 PTR B 4 -8.38 4.69 -15.76
CD2 PTR B 4 -7.12 3.00 -16.88
CE1 PTR B 4 -7.50 5.65 -16.21
CE2 PTR B 4 -6.24 3.96 -17.34
CZ PTR B 4 -6.43 5.28 -16.99
OH PTR B 4 -5.54 6.25 -17.45
P PTR B 4 -6.03 7.25 -18.54
O1P PTR B 4 -6.06 8.63 -17.84
O2P PTR B 4 -4.91 7.26 -19.62
O3P PTR B 4 -7.37 6.87 -19.12
H2 PTR B 4 -11.96 2.13 -16.48
HA PTR B 4 -9.32 1.58 -17.60
HB2 PTR B 4 -8.62 1.57 -15.03
HB3 PTR B 4 -9.89 2.78 -14.94
HD1 PTR B 4 -9.22 4.97 -15.15
HD2 PTR B 4 -6.97 1.96 -17.14
HE1 PTR B 4 -7.66 6.68 -15.94
HE2 PTR B 4 -5.40 3.67 -17.95
N TYR B 5 -9.42 -0.79 -16.84
CA TYR B 5 -9.58 -2.20 -16.54
C TYR B 5 -8.45 -3.03 -17.15
N LEU B 6 -8.36 -4.29 -16.74
CA LEU B 6 -7.32 -5.18 -17.24
C LEU B 6 -7.91 -6.52 -17.65
N ASP B 7 -8.69 -6.52 -18.73
CA ASP B 7 -9.31 -7.74 -19.22
C ASP B 7 -9.22 -7.82 -20.74
N GLY A 1 12.38 9.07 13.85
CA GLY A 1 12.24 9.15 12.41
C GLY A 1 13.41 9.85 11.75
N ASN A 2 14.10 9.15 10.87
CA ASN A 2 15.24 9.72 10.16
C ASN A 2 14.82 10.38 8.85
N GLY A 3 13.57 10.17 8.46
CA GLY A 3 13.06 10.75 7.23
C GLY A 3 12.28 9.75 6.39
N ARG A 4 12.84 8.57 6.21
CA ARG A 4 12.19 7.53 5.43
C ARG A 4 11.80 6.35 6.30
N PHE A 5 10.66 5.74 6.00
CA PHE A 5 10.17 4.59 6.77
C PHE A 5 9.93 3.39 5.86
N LEU A 6 9.00 3.53 4.94
CA LEU A 6 8.67 2.45 4.02
C LEU A 6 9.19 2.75 2.63
N THR A 7 9.66 1.71 1.94
CA THR A 7 10.20 1.88 0.60
C THR A 7 9.46 1.00 -0.41
N LEU A 8 8.76 1.63 -1.33
CA LEU A 8 8.06 0.92 -2.38
C LEU A 8 8.90 1.04 -3.62
N LYS A 9 9.53 -0.06 -4.03
CA LYS A 9 10.41 0.02 -5.17
C LYS A 9 9.98 -0.82 -6.37
N PRO A 10 9.36 -0.18 -7.39
CA PRO A 10 8.98 -0.87 -8.61
C PRO A 10 10.16 -1.72 -9.09
N LEU A 11 10.06 -3.03 -8.90
CA LEU A 11 11.15 -3.95 -9.23
C LEU A 11 11.30 -4.20 -10.73
N PRO A 12 12.53 -4.60 -11.14
CA PRO A 12 12.87 -4.88 -12.54
C PRO A 12 11.90 -5.84 -13.21
N ASP A 13 11.23 -6.67 -12.42
CA ASP A 13 10.28 -7.62 -12.97
C ASP A 13 9.12 -6.87 -13.63
N SER A 14 8.87 -5.65 -13.14
CA SER A 14 7.80 -4.81 -13.65
C SER A 14 8.33 -3.81 -14.65
N ILE A 15 7.47 -3.37 -15.57
CA ILE A 15 7.87 -2.38 -16.56
C ILE A 15 8.55 -1.19 -15.88
N ILE A 16 8.26 -1.04 -14.59
CA ILE A 16 8.85 0.04 -13.79
C ILE A 16 10.01 -0.50 -12.95
N GLN A 17 11.20 0.02 -13.19
CA GLN A 17 12.40 -0.41 -12.48
C GLN A 17 13.00 0.73 -11.67
N GLU A 18 12.14 1.35 -10.86
CA GLU A 18 12.53 2.47 -10.01
C GLU A 18 12.21 2.17 -8.54
N SER A 19 12.66 3.03 -7.63
CA SER A 19 12.39 2.84 -6.22
C SER A 19 11.70 4.07 -5.61
N LEU A 20 10.63 3.82 -4.86
CA LEU A 20 9.89 4.88 -4.19
C LEU A 20 10.04 4.74 -2.68
N GLU A 21 10.12 5.86 -1.98
CA GLU A 21 10.28 5.84 -0.53
C GLU A 21 9.19 6.63 0.18
N ILE A 22 8.41 5.95 1.02
CA ILE A 22 7.35 6.60 1.77
C ILE A 22 7.91 7.22 3.03
N GLN A 23 7.95 8.54 3.06
CA GLN A 23 8.47 9.26 4.22
C GLN A 23 7.54 9.04 5.41
N GLN A 24 8.08 8.49 6.49
CA GLN A 24 7.29 8.24 7.69
C GLN A 24 6.45 9.46 8.07
N GLY A 25 6.96 10.63 7.69
CA GLY A 25 6.27 11.86 7.99
C GLY A 25 5.04 12.10 7.13
N VAL A 26 4.93 11.42 5.99
CA VAL A 26 3.78 11.62 5.12
C VAL A 26 2.77 10.50 5.28
N ASN A 27 1.56 10.87 5.72
CA ASN A 27 0.48 9.91 5.89
C ASN A 27 -0.83 10.54 5.43
N PRO A 28 -1.53 9.93 4.44
CA PRO A 28 -1.11 8.71 3.77
C PRO A 28 -0.24 9.01 2.54
N PHE A 29 0.53 8.03 2.09
CA PHE A 29 1.39 8.21 0.93
C PHE A 29 0.64 7.80 -0.33
N PHE A 30 0.39 8.78 -1.19
CA PHE A 30 -0.36 8.54 -2.42
C PHE A 30 0.55 8.21 -3.59
N ILE A 31 0.11 7.23 -4.38
CA ILE A 31 0.86 6.79 -5.55
C ILE A 31 -0.02 6.82 -6.79
N GLY A 32 0.59 7.14 -7.92
CA GLY A 32 -0.16 7.19 -9.16
C GLY A 32 0.53 8.01 -10.25
N ARG A 33 -0.16 8.18 -11.37
CA ARG A 33 0.39 8.93 -12.51
C ARG A 33 0.57 10.41 -12.16
N SER A 34 -0.48 11.00 -11.58
CA SER A 34 -0.44 12.41 -11.21
C SER A 34 0.66 12.70 -10.20
N GLU A 35 1.48 13.70 -10.50
CA GLU A 35 2.56 14.09 -9.61
C GLU A 35 2.02 14.49 -8.23
N ASP A 36 0.72 14.77 -8.17
CA ASP A 36 0.09 15.14 -6.91
C ASP A 36 0.31 14.06 -5.87
N CYS A 37 0.38 12.82 -6.34
CA CYS A 37 0.61 11.67 -5.46
C CYS A 37 2.03 11.68 -4.93
N ASN A 38 2.17 11.46 -3.63
CA ASN A 38 3.48 11.44 -2.99
C ASN A 38 4.45 10.56 -3.79
N CYS A 39 3.89 9.57 -4.50
CA CYS A 39 4.68 8.68 -5.35
C CYS A 39 4.34 8.95 -6.81
N LYS A 40 5.35 8.89 -7.68
CA LYS A 40 5.12 9.17 -9.10
C LYS A 40 5.28 7.94 -9.98
N ILE A 41 4.15 7.42 -10.43
CA ILE A 41 4.11 6.28 -11.32
C ILE A 41 3.04 6.52 -12.39
N GLU A 42 3.45 6.78 -13.62
CA GLU A 42 2.49 7.04 -14.68
C GLU A 42 2.36 5.87 -15.64
N ASP A 43 1.23 5.17 -15.51
CA ASP A 43 0.90 4.06 -16.37
C ASP A 43 -0.52 4.24 -16.90
N ASN A 44 -0.64 4.53 -18.18
CA ASN A 44 -1.95 4.77 -18.79
C ASN A 44 -3.04 3.85 -18.24
N ARG A 45 -2.66 2.65 -17.82
CA ARG A 45 -3.61 1.70 -17.28
C ARG A 45 -4.06 2.07 -15.86
N LEU A 46 -3.12 2.51 -15.02
CA LEU A 46 -3.45 2.92 -13.65
C LEU A 46 -3.86 4.39 -13.57
N SER A 47 -4.91 4.67 -12.82
CA SER A 47 -5.40 6.03 -12.66
C SER A 47 -4.34 6.95 -12.06
N ARG A 48 -4.55 8.27 -12.18
CA ARG A 48 -3.61 9.25 -11.64
C ARG A 48 -3.36 8.99 -10.16
N VAL A 49 -4.36 8.40 -9.50
CA VAL A 49 -4.25 8.05 -8.09
C VAL A 49 -4.67 6.59 -7.91
N HIS A 50 -3.91 5.71 -8.57
CA HIS A 50 -4.18 4.28 -8.55
C HIS A 50 -4.39 3.77 -7.13
N CYS A 51 -3.50 4.14 -6.23
CA CYS A 51 -3.60 3.68 -4.85
C CYS A 51 -2.67 4.46 -3.92
N PHE A 52 -2.95 4.39 -2.63
CA PHE A 52 -2.14 5.08 -1.64
C PHE A 52 -2.04 4.24 -0.37
N ILE A 53 -0.91 4.37 0.32
CA ILE A 53 -0.68 3.63 1.56
C ILE A 53 -0.89 4.54 2.76
N PHE A 54 -1.72 4.09 3.70
CA PHE A 54 -2.02 4.85 4.90
C PHE A 54 -1.57 4.07 6.14
N LYS A 55 -0.91 4.78 7.06
CA LYS A 55 -0.44 4.15 8.29
C LYS A 55 -1.41 4.41 9.43
N LYS A 56 -1.70 3.38 10.20
CA LYS A 56 -2.63 3.49 11.32
C LYS A 56 -2.10 2.76 12.55
N ARG A 57 -2.63 3.12 13.72
CA ARG A 57 -2.20 2.51 14.97
C ARG A 57 -2.78 1.11 15.11
N HIS A 58 -1.89 0.12 15.08
CA HIS A 58 -2.29 -1.28 15.19
C HIS A 58 -2.94 -1.55 16.53
N ALA A 59 -4.07 -2.26 16.50
CA ALA A 59 -4.80 -2.59 17.71
C ALA A 59 -5.34 -4.02 17.65
N VAL A 60 -4.65 -4.93 18.35
CA VAL A 60 -5.06 -6.33 18.38
C VAL A 60 -6.47 -6.48 18.94
N GLY A 61 -6.93 -7.72 19.08
CA GLY A 61 -8.25 -7.97 19.62
C GLY A 61 -8.25 -8.15 21.13
N LYS A 62 -7.37 -9.01 21.62
CA LYS A 62 -7.27 -9.27 23.05
C LYS A 62 -5.83 -9.12 23.54
N SER A 63 -5.67 -9.09 24.86
CA SER A 63 -4.35 -8.95 25.46
C SER A 63 -4.42 -9.16 26.97
N MET A 64 -3.47 -9.92 27.51
CA MET A 64 -3.41 -10.18 28.93
C MET A 64 -2.12 -9.66 29.55
N TYR A 65 -2.24 -8.69 30.45
CA TYR A 65 -1.07 -8.09 31.10
C TYR A 65 -0.22 -7.34 30.09
N GLU A 66 0.49 -8.08 29.24
CA GLU A 66 1.35 -7.48 28.23
C GLU A 66 0.52 -6.94 27.08
N SER A 67 0.95 -5.82 26.50
CA SER A 67 0.24 -5.20 25.39
C SER A 67 0.94 -5.52 24.06
N PRO A 68 0.35 -6.42 23.26
CA PRO A 68 0.91 -6.81 21.95
C PRO A 68 1.00 -5.62 21.01
N ALA A 69 0.89 -5.90 19.70
CA ALA A 69 0.95 -4.85 18.68
C ALA A 69 0.10 -3.64 19.06
N GLN A 70 -0.96 -3.89 19.83
CA GLN A 70 -1.86 -2.82 20.26
C GLN A 70 -1.09 -1.68 20.94
N GLY A 71 -0.88 -0.60 20.19
CA GLY A 71 -0.17 0.54 20.74
C GLY A 71 0.82 1.15 19.77
N LEU A 72 1.12 0.45 18.68
CA LEU A 72 2.07 0.95 17.71
C LEU A 72 1.38 1.26 16.37
N ASP A 73 2.16 1.64 15.36
CA ASP A 73 1.59 1.98 14.06
C ASP A 73 1.86 0.90 13.02
N ASP A 74 0.89 0.76 12.12
CA ASP A 74 0.98 -0.22 11.03
C ASP A 74 0.68 0.48 9.71
N ILE A 75 1.09 -0.13 8.61
CA ILE A 75 0.86 0.47 7.30
C ILE A 75 -0.20 -0.27 6.50
N TRP A 76 -1.24 0.46 6.15
CA TRP A 76 -2.36 -0.08 5.39
C TRP A 76 -2.29 0.42 3.95
N TYR A 77 -2.34 -0.51 3.00
CA TYR A 77 -2.30 -0.15 1.59
C TYR A 77 -3.71 0.07 1.05
N CYS A 78 -3.98 1.29 0.62
CA CYS A 78 -5.31 1.65 0.11
C CYS A 78 -5.31 1.69 -1.42
N HIS A 79 -6.26 0.97 -2.03
CA HIS A 79 -6.36 0.94 -3.49
C HIS A 79 -7.59 1.69 -3.96
N THR A 80 -7.38 2.65 -4.87
CA THR A 80 -8.46 3.45 -5.43
C THR A 80 -8.53 3.29 -6.95
N GLY A 81 -7.66 2.46 -7.51
CA GLY A 81 -7.65 2.24 -8.95
C GLY A 81 -8.78 1.34 -9.39
N THR A 82 -9.11 1.39 -10.68
CA THR A 82 -10.19 0.57 -11.23
C THR A 82 -9.67 -0.77 -11.75
N ASN A 83 -8.37 -0.84 -12.01
CA ASN A 83 -7.76 -2.07 -12.52
C ASN A 83 -7.44 -3.04 -11.39
N VAL A 84 -7.80 -2.67 -10.16
CA VAL A 84 -7.57 -3.51 -8.97
C VAL A 84 -6.11 -3.96 -8.85
N SER A 85 -5.54 -3.75 -7.66
CA SER A 85 -4.16 -4.15 -7.39
C SER A 85 -4.13 -5.46 -6.61
N TYR A 86 -2.97 -6.09 -6.52
CA TYR A 86 -2.83 -7.35 -5.81
C TYR A 86 -1.69 -7.32 -4.82
N LEU A 87 -2.00 -7.54 -3.54
CA LEU A 87 -0.99 -7.54 -2.49
C LEU A 87 -0.51 -8.98 -2.23
N ASN A 88 0.64 -9.32 -2.79
CA ASN A 88 1.21 -10.65 -2.63
C ASN A 88 0.28 -11.71 -3.20
N ASN A 89 -0.73 -12.08 -2.42
CA ASN A 89 -1.69 -13.10 -2.85
C ASN A 89 -3.13 -12.63 -2.64
N ASN A 90 -3.32 -11.46 -2.04
CA ASN A 90 -4.65 -10.94 -1.78
C ASN A 90 -5.09 -9.95 -2.87
N ARG A 91 -6.36 -10.01 -3.23
CA ARG A 91 -6.91 -9.12 -4.26
C ARG A 91 -7.26 -7.76 -3.69
N MET A 92 -7.01 -6.71 -4.47
CA MET A 92 -7.29 -5.35 -4.03
C MET A 92 -8.22 -4.63 -5.02
N ILE A 93 -9.51 -4.61 -4.71
CA ILE A 93 -10.48 -3.95 -5.57
C ILE A 93 -10.62 -2.47 -5.19
N GLN A 94 -11.07 -1.66 -6.13
CA GLN A 94 -11.25 -0.23 -5.89
C GLN A 94 -11.98 0.02 -4.58
N GLY A 95 -11.25 0.51 -3.58
CA GLY A 95 -11.85 0.78 -2.29
C GLY A 95 -11.50 -0.29 -1.26
N THR A 96 -10.29 -0.82 -1.34
CA THR A 96 -9.85 -1.85 -0.41
C THR A 96 -8.63 -1.43 0.39
N LYS A 97 -8.39 -2.13 1.50
CA LYS A 97 -7.25 -1.85 2.36
C LYS A 97 -6.52 -3.14 2.72
N PHE A 98 -5.21 -3.06 2.91
CA PHE A 98 -4.43 -4.25 3.24
C PHE A 98 -3.25 -3.94 4.16
N LEU A 99 -2.96 -4.89 5.05
CA LEU A 99 -1.85 -4.76 5.99
C LEU A 99 -0.51 -4.85 5.27
N LEU A 100 0.39 -3.92 5.56
CA LEU A 100 1.71 -3.91 4.93
C LEU A 100 2.81 -4.27 5.93
N GLN A 101 3.55 -5.33 5.58
CA GLN A 101 4.66 -5.81 6.40
C GLN A 101 5.97 -5.64 5.64
N ASP A 102 7.03 -5.21 6.33
CA ASP A 102 8.33 -5.01 5.70
C ASP A 102 8.63 -6.12 4.69
N GLY A 103 8.89 -5.72 3.45
CA GLY A 103 9.15 -6.69 2.41
C GLY A 103 7.87 -7.13 1.75
N ASP A 104 6.94 -6.19 1.59
CA ASP A 104 5.65 -6.47 0.98
C ASP A 104 5.66 -6.13 -0.51
N GLU A 105 5.50 -7.15 -1.34
CA GLU A 105 5.47 -6.94 -2.78
C GLU A 105 4.04 -6.84 -3.27
N ILE A 106 3.63 -5.63 -3.65
CA ILE A 106 2.27 -5.40 -4.12
C ILE A 106 2.22 -5.12 -5.62
N LYS A 107 1.24 -5.74 -6.28
CA LYS A 107 1.06 -5.56 -7.72
C LYS A 107 0.01 -4.50 -7.96
N ILE A 108 0.42 -3.40 -8.56
CA ILE A 108 -0.50 -2.30 -8.84
C ILE A 108 -1.32 -2.57 -10.10
N ILE A 109 -0.68 -3.14 -11.10
CA ILE A 109 -1.36 -3.45 -12.36
C ILE A 109 -0.67 -4.59 -13.11
N TRP A 110 -1.47 -5.55 -13.54
CA TRP A 110 -0.95 -6.71 -14.28
C TRP A 110 -1.84 -7.04 -15.47
N ASP A 111 -1.24 -7.14 -16.66
CA ASP A 111 -1.97 -7.48 -17.87
C ASP A 111 -1.42 -8.74 -18.50
N LYS A 112 -2.24 -9.78 -18.57
CA LYS A 112 -1.84 -11.05 -19.15
C LYS A 112 -1.62 -10.95 -20.66
N ASN A 113 -2.54 -10.30 -21.35
CA ASN A 113 -2.47 -10.15 -22.81
C ASN A 113 -1.22 -9.39 -23.24
N ASN A 114 -0.88 -8.34 -22.50
CA ASN A 114 0.29 -7.54 -22.84
C ASN A 114 1.52 -7.97 -22.04
N LYS A 115 1.29 -8.66 -20.93
CA LYS A 115 2.38 -9.13 -20.07
C LYS A 115 3.02 -7.96 -19.31
N PHE A 116 2.49 -6.76 -19.48
CA PHE A 116 3.03 -5.61 -18.78
C PHE A 116 2.53 -5.64 -17.33
N VAL A 117 3.43 -6.00 -16.42
CA VAL A 117 3.08 -6.12 -15.02
C VAL A 117 3.82 -5.08 -14.18
N ILE A 118 3.08 -4.43 -13.29
CA ILE A 118 3.66 -3.42 -12.42
C ILE A 118 3.49 -3.81 -10.95
N GLY A 119 4.61 -3.94 -10.26
CA GLY A 119 4.58 -4.30 -8.85
C GLY A 119 5.67 -3.59 -8.07
N PHE A 120 5.35 -3.17 -6.85
CA PHE A 120 6.32 -2.49 -6.01
C PHE A 120 6.67 -3.32 -4.79
N LYS A 121 7.94 -3.29 -4.40
CA LYS A 121 8.39 -4.04 -3.24
C LYS A 121 8.52 -3.12 -2.04
N VAL A 122 7.73 -3.39 -1.01
CA VAL A 122 7.76 -2.58 0.20
C VAL A 122 8.93 -2.98 1.09
N GLU A 123 9.75 -2.00 1.44
CA GLU A 123 10.89 -2.26 2.30
C GLU A 123 10.97 -1.23 3.42
N ILE A 124 10.68 -1.66 4.64
CA ILE A 124 10.73 -0.77 5.79
C ILE A 124 12.15 -0.65 6.33
N ASN A 125 12.78 0.49 6.07
CA ASN A 125 14.15 0.73 6.54
C ASN A 125 14.12 1.30 7.95
N ASP A 126 13.23 2.25 8.18
CA ASP A 126 13.10 2.87 9.48
C ASP A 126 11.79 2.44 10.14
N THR A 127 11.83 2.22 11.46
CA THR A 127 10.65 1.83 12.19
C THR A 127 10.25 2.92 13.16
N THR A 128 9.26 3.70 12.75
CA THR A 128 8.75 4.80 13.56
C THR A 128 7.75 4.28 14.59
N GLY A 129 8.21 3.39 15.46
CA GLY A 129 7.35 2.82 16.46
C GLY A 129 6.38 1.82 15.87
N LEU A 130 6.91 0.90 15.08
CA LEU A 130 6.10 -0.13 14.45
C LEU A 130 5.84 -1.31 15.38
N PHE A 131 4.57 -1.65 15.54
CA PHE A 131 4.13 -2.76 16.41
C PHE A 131 5.13 -3.94 16.39
N ASN A 132 5.53 -4.34 15.19
CA ASN A 132 6.45 -5.44 15.02
C ASN A 132 7.42 -5.15 13.86
N GLU A 133 7.37 -3.91 13.36
CA GLU A 133 8.21 -3.48 12.24
C GLU A 133 7.51 -3.77 10.91
N GLY A 134 6.92 -4.95 10.83
CA GLY A 134 6.24 -5.38 9.64
C GLY A 134 6.83 -6.68 9.09
N LEU A 135 7.41 -7.46 10.00
CA LEU A 135 8.03 -8.73 9.62
C LEU A 135 7.03 -9.87 9.62
N GLY A 136 5.74 -9.57 9.78
CA GLY A 136 4.73 -10.61 9.80
C GLY A 136 5.00 -11.65 10.86
N MET A 137 4.48 -11.41 12.06
CA MET A 137 4.67 -12.33 13.18
C MET A 137 4.36 -13.77 12.79
N LEU A 138 5.40 -14.52 12.41
CA LEU A 138 5.27 -15.92 12.01
C LEU A 138 3.95 -16.18 11.29
N GLN A 139 3.95 -16.01 9.97
CA GLN A 139 2.75 -16.24 9.18
C GLN A 139 1.59 -15.40 9.70
N GLU A 140 1.79 -14.09 9.73
CA GLU A 140 0.77 -13.17 10.22
C GLU A 140 -0.47 -13.21 9.33
N GLN A 141 -1.64 -13.13 9.95
CA GLN A 141 -2.90 -13.15 9.22
C GLN A 141 -3.21 -11.77 8.66
N ARG A 142 -3.63 -11.73 7.40
CA ARG A 142 -3.95 -10.48 6.76
C ARG A 142 -4.91 -10.71 5.60
N VAL A 143 -6.06 -10.07 5.69
CA VAL A 143 -7.08 -10.18 4.67
C VAL A 143 -7.41 -8.80 4.10
N VAL A 144 -8.05 -8.76 2.95
CA VAL A 144 -8.38 -7.50 2.32
C VAL A 144 -9.60 -6.85 2.97
N LEU A 145 -9.38 -5.68 3.55
CA LEU A 145 -10.46 -4.94 4.21
C LEU A 145 -11.09 -3.95 3.25
N LYS A 146 -12.19 -3.33 3.68
CA LYS A 146 -12.88 -2.35 2.84
C LYS A 146 -12.52 -0.93 3.24
N GLN A 147 -12.67 0.00 2.30
CA GLN A 147 -12.37 1.40 2.54
C GLN A 147 -13.61 2.16 3.00
N THR A 148 -13.41 3.21 3.79
CA THR A 148 -14.52 4.01 4.29
C THR A 148 -14.32 5.49 3.98
N ALA A 149 -15.22 6.32 4.47
CA ALA A 149 -15.15 7.76 4.24
C ALA A 149 -13.85 8.33 4.81
N GLU A 150 -13.33 7.70 5.85
CA GLU A 150 -12.10 8.15 6.47
C GLU A 150 -10.92 8.11 5.50
N GLU A 151 -10.69 6.95 4.89
CA GLU A 151 -9.60 6.81 3.93
C GLU A 151 -9.91 7.59 2.65
N LYS A 152 -11.15 7.51 2.19
CA LYS A 152 -11.57 8.21 0.99
C LYS A 152 -11.36 9.71 1.14
N ASP A 153 -11.51 10.20 2.36
CA ASP A 153 -11.34 11.62 2.64
C ASP A 153 -9.88 12.03 2.48
N LEU A 154 -8.97 11.14 2.89
CA LEU A 154 -7.54 11.41 2.79
C LEU A 154 -7.16 11.72 1.34
N VAL A 155 -7.68 10.94 0.41
CA VAL A 155 -7.40 11.13 -1.00
C VAL A 155 -8.22 12.28 -1.58
N LYS A 156 -9.35 12.58 -0.94
CA LYS A 156 -10.22 13.66 -1.40
C LYS A 156 -9.48 14.99 -1.41
N LYS A 157 -8.62 15.19 -0.42
CA LYS A 157 -7.85 16.42 -0.31
C LYS A 157 -6.64 16.40 -1.24
N LEU A 158 -6.29 15.22 -1.75
CA LEU A 158 -5.17 15.07 -2.66
C LEU A 158 -5.30 16.02 -3.86
N GLU B 1 -16.75 8.22 -17.93
CA GLU B 1 -15.40 8.70 -18.32
C GLU B 1 -14.43 7.54 -18.50
N ASP B 2 -14.70 6.70 -19.49
CA ASP B 2 -13.84 5.55 -19.77
C ASP B 2 -13.83 4.58 -18.58
N ILE B 3 -13.66 3.30 -18.87
CA ILE B 3 -13.62 2.28 -17.83
C ILE B 3 -12.37 1.42 -17.94
N PTR B 4 -11.53 1.46 -16.91
CA PTR B 4 -10.30 0.69 -16.89
C PTR B 4 -10.56 -0.74 -16.43
O PTR B 4 -11.48 -0.99 -15.64
CB PTR B 4 -9.27 1.35 -15.96
CG PTR B 4 -8.63 2.61 -16.53
CD1 PTR B 4 -9.01 3.12 -17.77
CD2 PTR B 4 -7.64 3.28 -15.83
CE1 PTR B 4 -8.42 4.25 -18.29
CE2 PTR B 4 -7.05 4.42 -16.34
CZ PTR B 4 -7.44 4.90 -17.57
OH PTR B 4 -6.85 6.06 -18.09
P PTR B 4 -7.62 7.41 -17.94
O1P PTR B 4 -9.03 7.13 -18.52
O2P PTR B 4 -7.74 7.63 -16.41
O3P PTR B 4 -6.93 8.55 -18.63
H2 PTR B 4 -11.75 2.03 -16.14
HA PTR B 4 -9.90 0.67 -17.89
HB2 PTR B 4 -8.48 0.65 -15.76
HB3 PTR B 4 -9.75 1.62 -15.04
HD1 PTR B 4 -9.79 2.61 -18.33
HD2 PTR B 4 -7.33 2.89 -14.87
HE1 PTR B 4 -8.74 4.64 -19.25
HE2 PTR B 4 -6.28 4.92 -15.78
N TYR B 5 -9.76 -1.67 -16.92
CA TYR B 5 -9.91 -3.08 -16.56
C TYR B 5 -8.79 -3.93 -17.17
N LEU B 6 -8.55 -5.09 -16.58
CA LEU B 6 -7.52 -6.00 -17.06
C LEU B 6 -8.05 -7.42 -17.17
N ASP B 7 -7.95 -7.99 -18.37
CA ASP B 7 -8.42 -9.35 -18.61
C ASP B 7 -7.62 -10.37 -17.80
N GLY A 1 17.81 9.33 4.99
CA GLY A 1 16.55 8.86 5.53
C GLY A 1 16.11 9.64 6.76
N ASN A 2 15.81 10.92 6.56
CA ASN A 2 15.39 11.78 7.66
C ASN A 2 13.98 11.41 8.12
N GLY A 3 13.21 10.77 7.24
CA GLY A 3 11.86 10.38 7.59
C GLY A 3 11.31 9.32 6.65
N ARG A 4 12.18 8.41 6.19
CA ARG A 4 11.77 7.35 5.29
C ARG A 4 11.48 6.07 6.07
N PHE A 5 10.21 5.69 6.14
CA PHE A 5 9.80 4.49 6.87
C PHE A 5 9.69 3.28 5.94
N LEU A 6 8.84 3.38 4.93
CA LEU A 6 8.63 2.28 3.99
C LEU A 6 9.27 2.56 2.64
N THR A 7 9.83 1.53 2.04
CA THR A 7 10.46 1.65 0.73
C THR A 7 9.74 0.79 -0.30
N LEU A 8 9.12 1.45 -1.26
CA LEU A 8 8.42 0.73 -2.32
C LEU A 8 9.27 0.85 -3.57
N LYS A 9 9.87 -0.25 -3.98
CA LYS A 9 10.76 -0.19 -5.12
C LYS A 9 10.31 -1.02 -6.32
N PRO A 10 9.68 -0.38 -7.32
CA PRO A 10 9.26 -1.06 -8.54
C PRO A 10 10.40 -1.95 -9.05
N LEU A 11 10.30 -3.23 -8.76
CA LEU A 11 11.34 -4.20 -9.12
C LEU A 11 11.35 -4.56 -10.60
N PRO A 12 12.52 -5.04 -11.09
CA PRO A 12 12.72 -5.43 -12.49
C PRO A 12 11.63 -6.36 -13.01
N ASP A 13 11.00 -7.10 -12.11
CA ASP A 13 9.93 -8.02 -12.51
C ASP A 13 8.79 -7.21 -13.12
N SER A 14 8.67 -5.97 -12.69
CA SER A 14 7.66 -5.06 -13.19
C SER A 14 8.25 -4.18 -14.28
N ILE A 15 7.40 -3.70 -15.19
CA ILE A 15 7.84 -2.84 -16.27
C ILE A 15 8.67 -1.66 -15.75
N ILE A 16 8.58 -1.41 -14.44
CA ILE A 16 9.31 -0.31 -13.82
C ILE A 16 10.50 -0.80 -13.00
N GLN A 17 11.61 -0.08 -13.09
CA GLN A 17 12.83 -0.42 -12.35
C GLN A 17 13.31 0.76 -11.52
N GLU A 18 12.41 1.27 -10.68
CA GLU A 18 12.73 2.42 -9.83
C GLU A 18 12.48 2.10 -8.36
N SER A 19 12.90 2.99 -7.46
CA SER A 19 12.69 2.79 -6.03
C SER A 19 12.10 4.04 -5.38
N LEU A 20 10.93 3.87 -4.75
CA LEU A 20 10.27 4.97 -4.06
C LEU A 20 10.26 4.70 -2.56
N GLU A 21 10.33 5.76 -1.77
CA GLU A 21 10.33 5.61 -0.31
C GLU A 21 9.22 6.42 0.35
N ILE A 22 8.31 5.73 1.05
CA ILE A 22 7.23 6.39 1.73
C ILE A 22 7.74 7.10 2.97
N GLN A 23 7.77 8.42 2.92
CA GLN A 23 8.23 9.21 4.04
C GLN A 23 7.30 9.05 5.23
N GLN A 24 7.79 8.40 6.29
CA GLN A 24 6.98 8.19 7.49
C GLN A 24 6.22 9.46 7.84
N GLY A 25 6.87 10.59 7.61
CA GLY A 25 6.28 11.88 7.89
C GLY A 25 5.01 12.14 7.08
N VAL A 26 4.87 11.48 5.93
CA VAL A 26 3.70 11.68 5.10
C VAL A 26 2.70 10.56 5.27
N ASN A 27 1.50 10.91 5.73
CA ASN A 27 0.43 9.94 5.91
C ASN A 27 -0.90 10.54 5.46
N PRO A 28 -1.59 9.91 4.49
CA PRO A 28 -1.16 8.69 3.84
C PRO A 28 -0.30 8.97 2.59
N PHE A 29 0.47 7.98 2.16
CA PHE A 29 1.32 8.16 1.00
C PHE A 29 0.56 7.75 -0.26
N PHE A 30 0.35 8.72 -1.14
CA PHE A 30 -0.40 8.50 -2.37
C PHE A 30 0.49 8.12 -3.54
N ILE A 31 0.02 7.15 -4.31
CA ILE A 31 0.73 6.67 -5.48
C ILE A 31 -0.15 6.75 -6.72
N GLY A 32 0.45 7.03 -7.87
CA GLY A 32 -0.32 7.12 -9.10
C GLY A 32 0.43 7.80 -10.23
N ARG A 33 -0.27 7.99 -11.35
CA ARG A 33 0.32 8.62 -12.52
C ARG A 33 0.34 10.14 -12.39
N SER A 34 -0.35 10.66 -11.39
CA SER A 34 -0.41 12.10 -11.15
C SER A 34 0.61 12.53 -10.11
N GLU A 35 1.37 13.58 -10.41
CA GLU A 35 2.38 14.09 -9.50
C GLU A 35 1.80 14.35 -8.10
N ASP A 36 0.50 14.61 -8.06
CA ASP A 36 -0.19 14.86 -6.79
C ASP A 36 0.10 13.75 -5.79
N CYS A 37 0.31 12.55 -6.31
CA CYS A 37 0.59 11.39 -5.48
C CYS A 37 2.04 11.40 -5.00
N ASN A 38 2.23 11.25 -3.69
CA ASN A 38 3.56 11.24 -3.11
C ASN A 38 4.50 10.36 -3.93
N CYS A 39 3.92 9.29 -4.48
CA CYS A 39 4.67 8.37 -5.32
C CYS A 39 4.34 8.65 -6.79
N LYS A 40 5.34 8.61 -7.65
CA LYS A 40 5.12 8.90 -9.07
C LYS A 40 5.40 7.70 -9.95
N ILE A 41 4.34 7.20 -10.58
CA ILE A 41 4.44 6.07 -11.49
C ILE A 41 3.56 6.33 -12.71
N GLU A 42 4.19 6.56 -13.86
CA GLU A 42 3.43 6.82 -15.06
C GLU A 42 3.08 5.51 -15.77
N ASP A 43 1.82 5.12 -15.62
CA ASP A 43 1.30 3.92 -16.25
C ASP A 43 -0.02 4.26 -16.94
N ASN A 44 -0.01 4.26 -18.27
CA ASN A 44 -1.21 4.60 -19.03
C ASN A 44 -2.48 4.00 -18.41
N ARG A 45 -2.36 2.80 -17.87
CA ARG A 45 -3.49 2.12 -17.25
C ARG A 45 -3.77 2.68 -15.85
N LEU A 46 -2.71 3.03 -15.14
CA LEU A 46 -2.84 3.58 -13.78
C LEU A 46 -3.66 4.87 -13.81
N SER A 47 -4.20 5.25 -12.65
CA SER A 47 -4.99 6.46 -12.53
C SER A 47 -4.23 7.52 -11.74
N ARG A 48 -4.69 8.76 -11.79
CA ARG A 48 -4.03 9.85 -11.05
C ARG A 48 -3.75 9.41 -9.62
N VAL A 49 -4.77 8.83 -9.00
CA VAL A 49 -4.66 8.33 -7.63
C VAL A 49 -4.97 6.84 -7.61
N HIS A 50 -4.17 6.08 -8.34
CA HIS A 50 -4.35 4.64 -8.45
C HIS A 50 -4.50 3.98 -7.08
N CYS A 51 -3.61 4.32 -6.17
CA CYS A 51 -3.64 3.75 -4.83
C CYS A 51 -2.73 4.51 -3.88
N PHE A 52 -3.03 4.44 -2.59
CA PHE A 52 -2.23 5.11 -1.58
C PHE A 52 -2.13 4.27 -0.31
N ILE A 53 -1.02 4.42 0.39
CA ILE A 53 -0.78 3.68 1.63
C ILE A 53 -1.04 4.59 2.82
N PHE A 54 -1.76 4.09 3.81
CA PHE A 54 -2.08 4.85 5.00
C PHE A 54 -1.64 4.11 6.25
N LYS A 55 -0.97 4.82 7.15
CA LYS A 55 -0.49 4.24 8.40
C LYS A 55 -1.46 4.53 9.54
N LYS A 56 -1.72 3.51 10.35
CA LYS A 56 -2.64 3.65 11.47
C LYS A 56 -2.08 3.02 12.75
N ARG A 57 -2.60 3.45 13.89
CA ARG A 57 -2.13 2.95 15.17
C ARG A 57 -2.71 1.55 15.43
N HIS A 58 -1.81 0.57 15.44
CA HIS A 58 -2.16 -0.83 15.65
C HIS A 58 -2.28 -1.14 17.14
N ALA A 59 -3.36 -1.81 17.52
CA ALA A 59 -3.59 -2.16 18.92
C ALA A 59 -4.50 -3.38 19.03
N VAL A 60 -4.00 -4.44 19.64
CA VAL A 60 -4.78 -5.66 19.81
C VAL A 60 -6.05 -5.40 20.62
N GLY A 61 -7.03 -6.29 20.46
CA GLY A 61 -8.29 -6.14 21.18
C GLY A 61 -8.09 -6.15 22.69
N LYS A 62 -7.23 -7.04 23.16
CA LYS A 62 -6.96 -7.16 24.58
C LYS A 62 -5.80 -8.11 24.84
N SER A 63 -4.68 -7.58 25.32
CA SER A 63 -3.50 -8.38 25.61
C SER A 63 -3.78 -9.39 26.72
N MET A 64 -4.19 -10.59 26.32
CA MET A 64 -4.50 -11.65 27.28
C MET A 64 -3.42 -12.73 27.25
N TYR A 65 -2.75 -12.91 28.39
CA TYR A 65 -1.68 -13.91 28.50
C TYR A 65 -0.46 -13.50 27.70
N GLU A 66 -0.62 -13.42 26.38
CA GLU A 66 0.48 -13.04 25.49
C GLU A 66 0.72 -11.54 25.56
N SER A 67 1.99 -11.16 25.45
CA SER A 67 2.37 -9.75 25.49
C SER A 67 2.69 -9.23 24.09
N PRO A 68 1.74 -8.51 23.46
CA PRO A 68 1.93 -7.96 22.11
C PRO A 68 2.66 -6.62 22.15
N ALA A 69 2.50 -5.84 21.08
CA ALA A 69 3.15 -4.54 20.98
C ALA A 69 2.35 -3.46 21.72
N GLN A 70 1.28 -3.87 22.41
CA GLN A 70 0.45 -2.93 23.17
C GLN A 70 -0.32 -2.01 22.23
N GLY A 71 0.35 -0.99 21.69
CA GLY A 71 -0.30 -0.06 20.79
C GLY A 71 0.69 0.77 19.99
N LEU A 72 1.07 0.27 18.83
CA LEU A 72 2.01 0.98 17.97
C LEU A 72 1.35 1.34 16.64
N ASP A 73 2.12 1.47 15.57
CA ASP A 73 1.55 1.85 14.26
C ASP A 73 1.76 0.78 13.20
N ASP A 74 0.78 0.68 12.29
CA ASP A 74 0.83 -0.28 11.19
C ASP A 74 0.56 0.45 9.88
N ILE A 75 1.14 -0.03 8.78
CA ILE A 75 0.92 0.60 7.48
C ILE A 75 -0.06 -0.16 6.62
N TRP A 76 -1.12 0.54 6.23
CA TRP A 76 -2.18 -0.03 5.40
C TRP A 76 -2.05 0.43 3.95
N TYR A 77 -2.27 -0.49 3.02
CA TYR A 77 -2.20 -0.16 1.61
C TYR A 77 -3.61 0.03 1.06
N CYS A 78 -3.91 1.23 0.59
CA CYS A 78 -5.23 1.53 0.06
C CYS A 78 -5.21 1.64 -1.46
N HIS A 79 -6.19 1.00 -2.10
CA HIS A 79 -6.29 1.02 -3.55
C HIS A 79 -7.57 1.74 -4.01
N THR A 80 -7.40 2.73 -4.87
CA THR A 80 -8.52 3.50 -5.40
C THR A 80 -8.55 3.46 -6.92
N GLY A 81 -7.68 2.64 -7.51
CA GLY A 81 -7.64 2.53 -8.96
C GLY A 81 -8.70 1.59 -9.49
N THR A 82 -9.15 1.82 -10.72
CA THR A 82 -10.18 0.98 -11.33
C THR A 82 -9.60 -0.31 -11.89
N ASN A 83 -8.28 -0.35 -12.08
CA ASN A 83 -7.62 -1.53 -12.62
C ASN A 83 -7.32 -2.57 -11.52
N VAL A 84 -7.76 -2.28 -10.30
CA VAL A 84 -7.56 -3.17 -9.16
C VAL A 84 -6.10 -3.61 -9.00
N SER A 85 -5.57 -3.44 -7.79
CA SER A 85 -4.20 -3.80 -7.47
C SER A 85 -4.16 -5.19 -6.80
N TYR A 86 -2.98 -5.78 -6.71
CA TYR A 86 -2.85 -7.10 -6.08
C TYR A 86 -1.71 -7.12 -5.07
N LEU A 87 -2.04 -7.41 -3.81
CA LEU A 87 -1.04 -7.49 -2.75
C LEU A 87 -0.56 -8.92 -2.56
N ASN A 88 0.60 -9.23 -3.11
CA ASN A 88 1.17 -10.56 -3.00
C ASN A 88 0.25 -11.60 -3.63
N ASN A 89 -0.74 -12.06 -2.88
CA ASN A 89 -1.68 -13.06 -3.37
C ASN A 89 -3.13 -12.62 -3.13
N ASN A 90 -3.32 -11.45 -2.54
CA ASN A 90 -4.65 -10.94 -2.26
C ASN A 90 -5.07 -9.90 -3.30
N ARG A 91 -6.34 -9.93 -3.69
CA ARG A 91 -6.87 -9.00 -4.68
C ARG A 91 -7.23 -7.66 -4.04
N MET A 92 -6.95 -6.58 -4.76
CA MET A 92 -7.23 -5.24 -4.26
C MET A 92 -8.15 -4.49 -5.22
N ILE A 93 -9.44 -4.48 -4.91
CA ILE A 93 -10.42 -3.79 -5.75
C ILE A 93 -10.56 -2.34 -5.32
N GLN A 94 -10.93 -1.48 -6.26
CA GLN A 94 -11.10 -0.06 -5.97
C GLN A 94 -11.90 0.15 -4.68
N GLY A 95 -11.21 0.55 -3.62
CA GLY A 95 -11.86 0.76 -2.35
C GLY A 95 -11.52 -0.31 -1.34
N THR A 96 -10.29 -0.79 -1.37
CA THR A 96 -9.86 -1.84 -0.45
C THR A 96 -8.60 -1.44 0.32
N LYS A 97 -8.35 -2.13 1.42
CA LYS A 97 -7.18 -1.87 2.26
C LYS A 97 -6.49 -3.18 2.61
N PHE A 98 -5.16 -3.14 2.78
CA PHE A 98 -4.40 -4.34 3.10
C PHE A 98 -3.19 -4.05 3.99
N LEU A 99 -2.87 -5.00 4.87
CA LEU A 99 -1.74 -4.86 5.78
C LEU A 99 -0.42 -4.93 5.01
N LEU A 100 0.49 -4.01 5.31
CA LEU A 100 1.78 -3.98 4.65
C LEU A 100 2.91 -4.37 5.60
N GLN A 101 3.47 -5.55 5.38
CA GLN A 101 4.56 -6.08 6.19
C GLN A 101 5.90 -5.83 5.50
N ASP A 102 6.97 -5.74 6.30
CA ASP A 102 8.30 -5.51 5.76
C ASP A 102 8.62 -6.52 4.66
N GLY A 103 8.79 -6.03 3.45
CA GLY A 103 9.07 -6.91 2.33
C GLY A 103 7.80 -7.31 1.62
N ASP A 104 6.87 -6.36 1.54
CA ASP A 104 5.58 -6.60 0.90
C ASP A 104 5.64 -6.27 -0.58
N GLU A 105 5.44 -7.28 -1.42
CA GLU A 105 5.46 -7.08 -2.85
C GLU A 105 4.03 -6.90 -3.35
N ILE A 106 3.70 -5.66 -3.74
CA ILE A 106 2.35 -5.36 -4.21
C ILE A 106 2.34 -5.07 -5.71
N LYS A 107 1.38 -5.68 -6.40
CA LYS A 107 1.21 -5.48 -7.82
C LYS A 107 0.15 -4.43 -8.07
N ILE A 108 0.56 -3.31 -8.64
CA ILE A 108 -0.35 -2.21 -8.92
C ILE A 108 -1.22 -2.52 -10.13
N ILE A 109 -0.62 -3.14 -11.14
CA ILE A 109 -1.36 -3.49 -12.35
C ILE A 109 -0.71 -4.65 -13.10
N TRP A 110 -1.52 -5.61 -13.50
CA TRP A 110 -1.03 -6.78 -14.23
C TRP A 110 -1.94 -7.10 -15.42
N ASP A 111 -1.35 -7.20 -16.61
CA ASP A 111 -2.12 -7.51 -17.81
C ASP A 111 -1.63 -8.81 -18.44
N LYS A 112 -2.51 -9.80 -18.48
CA LYS A 112 -2.18 -11.11 -19.05
C LYS A 112 -1.95 -11.04 -20.55
N ASN A 113 -2.84 -10.36 -21.26
CA ASN A 113 -2.76 -10.24 -22.72
C ASN A 113 -1.60 -9.35 -23.15
N ASN A 114 -1.38 -8.26 -22.42
CA ASN A 114 -0.30 -7.34 -22.74
C ASN A 114 1.01 -7.77 -22.09
N LYS A 115 0.92 -8.59 -21.05
CA LYS A 115 2.10 -9.07 -20.35
C LYS A 115 2.79 -7.94 -19.58
N PHE A 116 2.17 -6.76 -19.59
CA PHE A 116 2.73 -5.63 -18.86
C PHE A 116 2.32 -5.74 -17.40
N VAL A 117 3.28 -6.13 -16.56
CA VAL A 117 3.01 -6.33 -15.15
C VAL A 117 3.75 -5.32 -14.28
N ILE A 118 3.05 -4.80 -13.28
CA ILE A 118 3.63 -3.83 -12.36
C ILE A 118 3.67 -4.43 -10.95
N GLY A 119 4.66 -4.01 -10.17
CA GLY A 119 4.80 -4.51 -8.82
C GLY A 119 5.93 -3.85 -8.07
N PHE A 120 5.63 -3.38 -6.87
CA PHE A 120 6.65 -2.71 -6.06
C PHE A 120 6.96 -3.53 -4.82
N LYS A 121 8.22 -3.48 -4.39
CA LYS A 121 8.64 -4.21 -3.21
C LYS A 121 8.72 -3.29 -2.01
N VAL A 122 7.89 -3.55 -1.02
CA VAL A 122 7.85 -2.74 0.19
C VAL A 122 8.93 -3.16 1.16
N GLU A 123 9.79 -2.21 1.54
CA GLU A 123 10.86 -2.51 2.48
C GLU A 123 10.93 -1.45 3.56
N ILE A 124 10.53 -1.83 4.78
CA ILE A 124 10.57 -0.92 5.92
C ILE A 124 12.00 -0.70 6.39
N ASN A 125 12.54 0.46 6.09
CA ASN A 125 13.90 0.80 6.50
C ASN A 125 13.88 1.45 7.88
N ASP A 126 12.98 2.41 8.05
CA ASP A 126 12.86 3.11 9.32
C ASP A 126 11.55 2.76 10.03
N THR A 127 11.61 2.61 11.34
CA THR A 127 10.44 2.33 12.14
C THR A 127 10.15 3.49 13.06
N THR A 128 9.18 4.29 12.68
CA THR A 128 8.79 5.45 13.47
C THR A 128 8.15 5.01 14.80
N GLY A 129 8.93 4.31 15.62
CA GLY A 129 8.43 3.83 16.89
C GLY A 129 7.15 3.02 16.73
N LEU A 130 7.18 2.04 15.85
CA LEU A 130 6.00 1.21 15.61
C LEU A 130 6.25 -0.25 15.99
N PHE A 131 5.21 -1.06 15.93
CA PHE A 131 5.31 -2.48 16.23
C PHE A 131 6.20 -3.16 15.18
N ASN A 132 7.31 -3.74 15.61
CA ASN A 132 8.22 -4.41 14.68
C ASN A 132 8.54 -3.50 13.50
N GLU A 133 7.55 -3.31 12.64
CA GLU A 133 7.65 -2.47 11.45
C GLU A 133 6.50 -2.82 10.53
N GLY A 134 6.28 -4.13 10.41
CA GLY A 134 5.23 -4.66 9.59
C GLY A 134 5.40 -6.16 9.38
N LEU A 135 4.95 -6.95 10.35
CA LEU A 135 5.07 -8.41 10.25
C LEU A 135 3.73 -9.06 9.93
N GLY A 136 2.66 -8.28 9.98
CA GLY A 136 1.34 -8.81 9.71
C GLY A 136 0.57 -9.05 10.99
N MET A 137 0.34 -10.32 11.32
CA MET A 137 -0.38 -10.67 12.54
C MET A 137 -1.79 -10.08 12.57
N LEU A 138 -2.78 -10.95 12.65
CA LEU A 138 -4.18 -10.51 12.68
C LEU A 138 -5.12 -11.71 12.71
N GLN A 139 -6.34 -11.50 13.18
CA GLN A 139 -7.34 -12.56 13.26
C GLN A 139 -7.45 -13.29 11.92
N GLU A 140 -7.75 -12.54 10.87
CA GLU A 140 -7.88 -13.10 9.54
C GLU A 140 -6.51 -13.32 8.90
N GLN A 141 -6.35 -14.43 8.19
CA GLN A 141 -5.07 -14.74 7.55
C GLN A 141 -4.95 -14.01 6.21
N ARG A 142 -4.21 -12.90 6.21
CA ARG A 142 -4.00 -12.11 5.01
C ARG A 142 -5.28 -11.95 4.20
N VAL A 143 -6.13 -11.02 4.60
CA VAL A 143 -7.38 -10.77 3.91
C VAL A 143 -7.50 -9.31 3.48
N VAL A 144 -8.21 -9.06 2.40
CA VAL A 144 -8.39 -7.71 1.89
C VAL A 144 -9.55 -7.01 2.60
N LEU A 145 -9.24 -5.93 3.31
CA LEU A 145 -10.26 -5.17 4.03
C LEU A 145 -10.84 -4.08 3.16
N LYS A 146 -12.02 -3.58 3.54
CA LYS A 146 -12.68 -2.53 2.78
C LYS A 146 -12.52 -1.17 3.48
N GLN A 147 -12.48 -0.11 2.69
CA GLN A 147 -12.33 1.25 3.22
C GLN A 147 -13.68 1.93 3.34
N THR A 148 -13.75 2.97 4.16
CA THR A 148 -14.98 3.71 4.36
C THR A 148 -14.83 5.18 3.96
N ALA A 149 -15.85 5.98 4.23
CA ALA A 149 -15.83 7.39 3.89
C ALA A 149 -14.59 8.07 4.47
N GLU A 150 -14.11 7.55 5.59
CA GLU A 150 -12.92 8.09 6.24
C GLU A 150 -11.72 7.99 5.29
N GLU A 151 -11.56 6.84 4.67
CA GLU A 151 -10.47 6.61 3.73
C GLU A 151 -10.64 7.47 2.48
N LYS A 152 -11.83 7.42 1.90
CA LYS A 152 -12.14 8.19 0.71
C LYS A 152 -11.86 9.67 0.94
N ASP A 153 -12.06 10.11 2.17
CA ASP A 153 -11.83 11.51 2.54
C ASP A 153 -10.34 11.84 2.47
N LEU A 154 -9.50 10.88 2.85
CA LEU A 154 -8.06 11.09 2.83
C LEU A 154 -7.59 11.48 1.42
N VAL A 155 -8.10 10.78 0.42
CA VAL A 155 -7.76 11.06 -0.97
C VAL A 155 -8.45 12.34 -1.45
N LYS A 156 -9.49 12.76 -0.74
CA LYS A 156 -10.23 13.96 -1.11
C LYS A 156 -9.33 15.19 -1.03
N LYS A 157 -8.42 15.19 -0.06
CA LYS A 157 -7.50 16.31 0.11
C LYS A 157 -6.16 16.02 -0.55
N LEU A 158 -6.18 15.14 -1.55
CA LEU A 158 -4.97 14.78 -2.28
C LEU A 158 -4.60 15.86 -3.29
N GLU B 1 -13.80 10.12 -19.81
CA GLU B 1 -12.37 10.06 -20.22
C GLU B 1 -11.57 9.16 -19.29
N ASP B 2 -12.05 7.94 -19.08
CA ASP B 2 -11.38 6.97 -18.21
C ASP B 2 -11.94 5.57 -18.42
N ILE B 3 -11.18 4.75 -19.14
CA ILE B 3 -11.59 3.38 -19.42
C ILE B 3 -10.54 2.38 -18.96
N PTR B 4 -10.55 2.07 -17.66
CA PTR B 4 -9.60 1.13 -17.08
C PTR B 4 -10.32 -0.13 -16.59
O PTR B 4 -11.36 -0.05 -15.94
CB PTR B 4 -8.84 1.79 -15.93
CG PTR B 4 -7.97 2.94 -16.37
CD1 PTR B 4 -7.17 2.85 -17.50
CD2 PTR B 4 -7.93 4.12 -15.63
CE1 PTR B 4 -6.37 3.90 -17.89
CE2 PTR B 4 -7.14 5.18 -16.02
CZ PTR B 4 -6.36 5.07 -17.15
OH PTR B 4 -5.56 6.14 -17.55
P PTR B 4 -6.26 7.46 -18.01
O1P PTR B 4 -5.21 8.18 -18.90
O2P PTR B 4 -7.44 6.99 -18.89
O3P PTR B 4 -6.71 8.30 -16.85
H2 PTR B 4 -11.23 2.48 -17.07
HA PTR B 4 -8.90 0.85 -17.86
HB2 PTR B 4 -8.21 1.04 -15.46
HB3 PTR B 4 -9.55 2.15 -15.21
HD1 PTR B 4 -7.18 1.94 -18.08
HD2 PTR B 4 -8.55 4.20 -14.74
HE1 PTR B 4 -5.76 3.81 -18.78
HE2 PTR B 4 -7.13 6.09 -15.44
N TYR B 5 -9.73 -1.28 -16.89
CA TYR B 5 -10.31 -2.56 -16.47
C TYR B 5 -9.44 -3.72 -16.94
N LEU B 6 -9.18 -4.66 -16.03
CA LEU B 6 -8.35 -5.83 -16.35
C LEU B 6 -8.93 -7.08 -15.71
N ASP B 7 -8.26 -8.21 -15.94
CA ASP B 7 -8.71 -9.48 -15.38
C ASP B 7 -7.79 -9.94 -14.25
N GLY A 1 16.55 9.50 12.06
CA GLY A 1 15.97 8.91 10.88
C GLY A 1 15.92 9.87 9.71
N ASN A 2 15.90 9.33 8.49
CA ASN A 2 15.85 10.16 7.29
C ASN A 2 14.41 10.54 6.94
N GLY A 3 13.44 9.94 7.63
CA GLY A 3 12.05 10.24 7.37
C GLY A 3 11.38 9.19 6.49
N ARG A 4 12.16 8.20 6.05
CA ARG A 4 11.65 7.13 5.21
C ARG A 4 11.32 5.90 6.03
N PHE A 5 10.04 5.61 6.20
CA PHE A 5 9.60 4.45 6.96
C PHE A 5 9.44 3.23 6.05
N LEU A 6 8.77 3.43 4.92
CA LEU A 6 8.56 2.34 3.97
C LEU A 6 9.11 2.68 2.61
N THR A 7 9.69 1.68 1.95
CA THR A 7 10.26 1.88 0.62
C THR A 7 9.57 0.97 -0.39
N LEU A 8 8.89 1.58 -1.35
CA LEU A 8 8.24 0.83 -2.39
C LEU A 8 9.11 0.93 -3.61
N LYS A 9 9.77 -0.16 -3.97
CA LYS A 9 10.68 -0.11 -5.09
C LYS A 9 10.26 -0.94 -6.29
N PRO A 10 9.65 -0.28 -7.31
CA PRO A 10 9.26 -0.96 -8.54
C PRO A 10 10.44 -1.80 -9.05
N LEU A 11 10.43 -3.08 -8.71
CA LEU A 11 11.51 -4.00 -9.06
C LEU A 11 11.52 -4.41 -10.53
N PRO A 12 12.71 -4.84 -11.01
CA PRO A 12 12.89 -5.27 -12.41
C PRO A 12 11.84 -6.27 -12.86
N ASP A 13 11.30 -7.03 -11.90
CA ASP A 13 10.27 -8.00 -12.23
C ASP A 13 9.05 -7.27 -12.77
N SER A 14 8.93 -6.01 -12.36
CA SER A 14 7.85 -5.14 -12.80
C SER A 14 8.30 -4.29 -13.97
N ILE A 15 7.36 -3.88 -14.80
CA ILE A 15 7.67 -3.05 -15.95
C ILE A 15 8.46 -1.80 -15.55
N ILE A 16 8.49 -1.50 -14.25
CA ILE A 16 9.21 -0.34 -13.75
C ILE A 16 10.44 -0.73 -12.93
N GLN A 17 11.57 -0.08 -13.21
CA GLN A 17 12.82 -0.35 -12.50
C GLN A 17 13.25 0.88 -11.69
N GLU A 18 12.33 1.38 -10.88
CA GLU A 18 12.58 2.55 -10.04
C GLU A 18 12.32 2.23 -8.57
N SER A 19 12.66 3.16 -7.68
CA SER A 19 12.43 2.97 -6.25
C SER A 19 11.68 4.14 -5.64
N LEU A 20 10.65 3.82 -4.87
CA LEU A 20 9.83 4.82 -4.20
C LEU A 20 10.03 4.75 -2.69
N GLU A 21 10.04 5.90 -2.04
CA GLU A 21 10.25 5.95 -0.59
C GLU A 21 9.10 6.67 0.13
N ILE A 22 8.32 5.92 0.89
CA ILE A 22 7.22 6.50 1.64
C ILE A 22 7.74 7.15 2.91
N GLN A 23 7.72 8.46 2.94
CA GLN A 23 8.20 9.20 4.11
C GLN A 23 7.26 8.95 5.29
N GLN A 24 7.78 8.35 6.35
CA GLN A 24 6.98 8.08 7.54
C GLN A 24 6.15 9.30 7.90
N GLY A 25 6.73 10.47 7.64
CA GLY A 25 6.07 11.72 7.94
C GLY A 25 4.84 11.98 7.06
N VAL A 26 4.77 11.33 5.90
CA VAL A 26 3.65 11.52 5.01
C VAL A 26 2.60 10.43 5.18
N ASN A 27 1.40 10.83 5.58
CA ASN A 27 0.30 9.89 5.75
C ASN A 27 -1.01 10.50 5.24
N PRO A 28 -1.67 9.87 4.27
CA PRO A 28 -1.24 8.64 3.62
C PRO A 28 -0.37 8.91 2.39
N PHE A 29 0.40 7.91 1.96
CA PHE A 29 1.26 8.07 0.81
C PHE A 29 0.52 7.64 -0.45
N PHE A 30 0.28 8.59 -1.34
CA PHE A 30 -0.48 8.33 -2.57
C PHE A 30 0.42 7.96 -3.73
N ILE A 31 -0.03 6.96 -4.50
CA ILE A 31 0.68 6.48 -5.67
C ILE A 31 -0.21 6.57 -6.90
N GLY A 32 0.37 6.97 -8.03
CA GLY A 32 -0.41 7.08 -9.25
C GLY A 32 0.36 7.72 -10.39
N ARG A 33 -0.34 7.94 -11.50
CA ARG A 33 0.24 8.55 -12.68
C ARG A 33 0.24 10.08 -12.58
N SER A 34 -0.39 10.60 -11.52
CA SER A 34 -0.46 12.03 -11.31
C SER A 34 0.55 12.49 -10.26
N GLU A 35 1.32 13.53 -10.60
CA GLU A 35 2.33 14.06 -9.69
C GLU A 35 1.74 14.34 -8.31
N ASP A 36 0.43 14.62 -8.28
CA ASP A 36 -0.26 14.91 -7.03
C ASP A 36 -0.01 13.81 -6.00
N CYS A 37 0.21 12.59 -6.50
CA CYS A 37 0.47 11.44 -5.63
C CYS A 37 1.90 11.48 -5.10
N ASN A 38 2.04 11.25 -3.79
CA ASN A 38 3.35 11.24 -3.17
C ASN A 38 4.32 10.36 -3.95
N CYS A 39 3.76 9.36 -4.64
CA CYS A 39 4.56 8.46 -5.46
C CYS A 39 4.25 8.72 -6.93
N LYS A 40 5.28 8.71 -7.76
CA LYS A 40 5.09 8.99 -9.19
C LYS A 40 5.39 7.78 -10.06
N ILE A 41 4.34 7.25 -10.67
CA ILE A 41 4.45 6.11 -11.56
C ILE A 41 3.57 6.34 -12.78
N GLU A 42 4.18 6.55 -13.94
CA GLU A 42 3.39 6.77 -15.15
C GLU A 42 3.08 5.47 -15.84
N ASP A 43 1.84 5.04 -15.69
CA ASP A 43 1.35 3.83 -16.32
C ASP A 43 0.04 4.12 -17.02
N ASN A 44 0.03 4.04 -18.34
CA ASN A 44 -1.17 4.33 -19.12
C ASN A 44 -2.41 3.70 -18.49
N ARG A 45 -2.25 2.50 -17.93
CA ARG A 45 -3.35 1.80 -17.28
C ARG A 45 -3.65 2.38 -15.90
N LEU A 46 -2.61 2.85 -15.22
CA LEU A 46 -2.76 3.44 -13.89
C LEU A 46 -3.60 4.72 -13.94
N SER A 47 -4.16 5.10 -12.81
CA SER A 47 -4.98 6.30 -12.72
C SER A 47 -4.25 7.39 -11.92
N ARG A 48 -4.77 8.61 -11.98
CA ARG A 48 -4.15 9.73 -11.26
C ARG A 48 -3.85 9.31 -9.82
N VAL A 49 -4.88 8.85 -9.12
CA VAL A 49 -4.74 8.38 -7.75
C VAL A 49 -5.00 6.88 -7.72
N HIS A 50 -4.15 6.15 -8.43
CA HIS A 50 -4.27 4.69 -8.53
C HIS A 50 -4.45 4.05 -7.16
N CYS A 51 -3.59 4.42 -6.22
CA CYS A 51 -3.66 3.84 -4.88
C CYS A 51 -2.80 4.65 -3.90
N PHE A 52 -3.10 4.51 -2.62
CA PHE A 52 -2.36 5.20 -1.57
C PHE A 52 -2.21 4.33 -0.33
N ILE A 53 -1.10 4.49 0.36
CA ILE A 53 -0.84 3.73 1.58
C ILE A 53 -1.10 4.61 2.79
N PHE A 54 -1.83 4.09 3.76
CA PHE A 54 -2.16 4.84 4.96
C PHE A 54 -1.70 4.09 6.21
N LYS A 55 -1.04 4.82 7.11
CA LYS A 55 -0.55 4.24 8.34
C LYS A 55 -1.52 4.52 9.48
N LYS A 56 -1.77 3.50 10.30
CA LYS A 56 -2.69 3.63 11.42
C LYS A 56 -2.12 2.99 12.68
N ARG A 57 -2.63 3.42 13.83
CA ARG A 57 -2.16 2.89 15.11
C ARG A 57 -2.78 1.52 15.38
N HIS A 58 -1.90 0.53 15.59
CA HIS A 58 -2.33 -0.84 15.84
C HIS A 58 -2.79 -1.01 17.29
N ALA A 59 -3.96 -1.62 17.46
CA ALA A 59 -4.51 -1.85 18.80
C ALA A 59 -5.65 -2.86 18.75
N VAL A 60 -5.71 -3.72 19.78
CA VAL A 60 -6.75 -4.73 19.85
C VAL A 60 -7.74 -4.41 20.97
N GLY A 61 -9.03 -4.48 20.65
CA GLY A 61 -10.05 -4.20 21.63
C GLY A 61 -9.97 -5.09 22.85
N LYS A 62 -9.50 -4.54 23.96
CA LYS A 62 -9.37 -5.30 25.20
C LYS A 62 -8.37 -6.44 25.05
N SER A 63 -7.47 -6.58 26.02
CA SER A 63 -6.46 -7.62 25.99
C SER A 63 -6.47 -8.42 27.28
N MET A 64 -6.66 -9.74 27.15
CA MET A 64 -6.70 -10.63 28.32
C MET A 64 -5.76 -11.81 28.13
N TYR A 65 -5.04 -12.16 29.19
CA TYR A 65 -4.10 -13.28 29.14
C TYR A 65 -2.92 -12.97 28.23
N GLU A 66 -3.18 -12.99 26.92
CA GLU A 66 -2.14 -12.71 25.93
C GLU A 66 -1.85 -11.22 25.86
N SER A 67 -0.59 -10.87 25.71
CA SER A 67 -0.18 -9.48 25.62
C SER A 67 -0.01 -9.03 24.17
N PRO A 68 -0.78 -8.02 23.73
CA PRO A 68 -0.71 -7.51 22.36
C PRO A 68 0.37 -6.45 22.20
N ALA A 69 0.27 -5.65 21.13
CA ALA A 69 1.24 -4.60 20.87
C ALA A 69 0.88 -3.30 21.60
N GLN A 70 -0.07 -3.38 22.53
CA GLN A 70 -0.49 -2.20 23.28
C GLN A 70 -1.11 -1.16 22.36
N GLY A 71 -0.26 -0.36 21.71
CA GLY A 71 -0.75 0.67 20.81
C GLY A 71 0.34 1.26 19.94
N LEU A 72 0.77 0.51 18.94
CA LEU A 72 1.82 0.98 18.03
C LEU A 72 1.21 1.41 16.70
N ASP A 73 2.01 1.45 15.63
CA ASP A 73 1.51 1.86 14.32
C ASP A 73 1.72 0.80 13.24
N ASP A 74 0.80 0.74 12.29
CA ASP A 74 0.86 -0.21 11.18
C ASP A 74 0.63 0.52 9.86
N ILE A 75 1.07 -0.07 8.75
CA ILE A 75 0.89 0.55 7.44
C ILE A 75 -0.10 -0.21 6.59
N TRP A 76 -1.14 0.50 6.15
CA TRP A 76 -2.19 -0.08 5.32
C TRP A 76 -2.11 0.43 3.88
N TYR A 77 -2.12 -0.49 2.93
CA TYR A 77 -2.07 -0.13 1.52
C TYR A 77 -3.50 0.01 0.98
N CYS A 78 -3.85 1.21 0.55
CA CYS A 78 -5.20 1.45 0.01
C CYS A 78 -5.18 1.51 -1.51
N HIS A 79 -6.19 0.89 -2.12
CA HIS A 79 -6.30 0.87 -3.58
C HIS A 79 -7.57 1.59 -4.04
N THR A 80 -7.38 2.51 -5.00
CA THR A 80 -8.49 3.28 -5.55
C THR A 80 -8.55 3.17 -7.07
N GLY A 81 -7.59 2.45 -7.66
CA GLY A 81 -7.57 2.29 -9.10
C GLY A 81 -8.60 1.27 -9.56
N THR A 82 -9.27 1.59 -10.66
CA THR A 82 -10.30 0.70 -11.21
C THR A 82 -9.68 -0.53 -11.87
N ASN A 83 -8.36 -0.56 -12.00
CA ASN A 83 -7.67 -1.69 -12.59
C ASN A 83 -7.35 -2.76 -11.55
N VAL A 84 -7.78 -2.54 -10.31
CA VAL A 84 -7.56 -3.49 -9.22
C VAL A 84 -6.08 -3.64 -8.91
N SER A 85 -5.77 -3.80 -7.64
CA SER A 85 -4.40 -4.01 -7.19
C SER A 85 -4.28 -5.40 -6.58
N TYR A 86 -3.06 -5.90 -6.46
CA TYR A 86 -2.86 -7.22 -5.89
C TYR A 86 -1.67 -7.23 -4.93
N LEU A 87 -1.94 -7.55 -3.67
CA LEU A 87 -0.89 -7.59 -2.65
C LEU A 87 -0.41 -9.02 -2.44
N ASN A 88 0.73 -9.35 -3.05
CA ASN A 88 1.30 -10.69 -2.92
C ASN A 88 0.35 -11.73 -3.51
N ASN A 89 -0.63 -12.14 -2.71
CA ASN A 89 -1.61 -13.13 -3.15
C ASN A 89 -3.05 -12.68 -2.86
N ASN A 90 -3.20 -11.50 -2.23
CA ASN A 90 -4.52 -10.98 -1.90
C ASN A 90 -5.00 -9.99 -2.97
N ARG A 91 -6.30 -10.05 -3.25
CA ARG A 91 -6.89 -9.17 -4.26
C ARG A 91 -7.21 -7.80 -3.67
N MET A 92 -6.99 -6.75 -4.46
CA MET A 92 -7.26 -5.40 -4.02
C MET A 92 -8.24 -4.69 -4.94
N ILE A 93 -9.50 -4.64 -4.53
CA ILE A 93 -10.54 -4.00 -5.33
C ILE A 93 -10.63 -2.52 -5.00
N GLN A 94 -11.11 -1.72 -5.95
CA GLN A 94 -11.23 -0.29 -5.75
C GLN A 94 -11.91 0.03 -4.42
N GLY A 95 -11.11 0.46 -3.46
CA GLY A 95 -11.63 0.80 -2.14
C GLY A 95 -11.30 -0.25 -1.10
N THR A 96 -10.08 -0.78 -1.15
CA THR A 96 -9.65 -1.80 -0.20
C THR A 96 -8.32 -1.42 0.45
N LYS A 97 -8.11 -1.93 1.66
CA LYS A 97 -6.87 -1.65 2.40
C LYS A 97 -6.20 -2.97 2.78
N PHE A 98 -4.87 -2.98 2.78
CA PHE A 98 -4.13 -4.20 3.12
C PHE A 98 -2.90 -3.91 3.97
N LEU A 99 -2.59 -4.84 4.87
CA LEU A 99 -1.43 -4.70 5.76
C LEU A 99 -0.14 -4.80 4.97
N LEU A 100 0.78 -3.86 5.21
CA LEU A 100 2.07 -3.85 4.52
C LEU A 100 3.18 -4.26 5.48
N GLN A 101 3.88 -5.33 5.13
CA GLN A 101 4.98 -5.86 5.93
C GLN A 101 6.32 -5.64 5.24
N ASP A 102 7.40 -5.73 6.02
CA ASP A 102 8.74 -5.55 5.48
C ASP A 102 9.01 -6.54 4.35
N GLY A 103 9.06 -6.03 3.14
CA GLY A 103 9.29 -6.88 1.99
C GLY A 103 8.00 -7.26 1.30
N ASP A 104 7.05 -6.33 1.33
CA ASP A 104 5.74 -6.56 0.71
C ASP A 104 5.78 -6.19 -0.76
N GLU A 105 5.60 -7.17 -1.62
CA GLU A 105 5.60 -6.93 -3.06
C GLU A 105 4.17 -6.76 -3.55
N ILE A 106 3.81 -5.53 -3.89
CA ILE A 106 2.47 -5.23 -4.36
C ILE A 106 2.42 -4.92 -5.85
N LYS A 107 1.45 -5.51 -6.52
CA LYS A 107 1.24 -5.29 -7.96
C LYS A 107 -0.02 -4.46 -8.16
N ILE A 108 0.13 -3.28 -8.72
CA ILE A 108 -1.03 -2.41 -8.93
C ILE A 108 -1.70 -2.63 -10.28
N ILE A 109 -0.97 -3.18 -11.24
CA ILE A 109 -1.56 -3.44 -12.56
C ILE A 109 -0.86 -4.61 -13.25
N TRP A 110 -1.66 -5.55 -13.74
CA TRP A 110 -1.16 -6.73 -14.44
C TRP A 110 -2.01 -7.03 -15.67
N ASP A 111 -1.35 -7.20 -16.81
CA ASP A 111 -2.06 -7.51 -18.05
C ASP A 111 -1.54 -8.81 -18.66
N LYS A 112 -2.42 -9.80 -18.75
CA LYS A 112 -2.06 -11.11 -19.30
C LYS A 112 -1.74 -11.02 -20.79
N ASN A 113 -2.60 -10.34 -21.55
CA ASN A 113 -2.41 -10.21 -22.99
C ASN A 113 -1.41 -9.11 -23.34
N ASN A 114 -1.49 -7.99 -22.62
CA ASN A 114 -0.59 -6.87 -22.87
C ASN A 114 0.78 -7.10 -22.22
N LYS A 115 0.86 -8.08 -21.32
CA LYS A 115 2.11 -8.39 -20.65
C LYS A 115 2.54 -7.23 -19.76
N PHE A 116 1.63 -6.29 -19.50
CA PHE A 116 1.93 -5.15 -18.66
C PHE A 116 1.88 -5.59 -17.21
N VAL A 117 3.05 -5.74 -16.60
CA VAL A 117 3.13 -6.20 -15.23
C VAL A 117 3.79 -5.15 -14.32
N ILE A 118 3.05 -4.74 -13.29
CA ILE A 118 3.54 -3.77 -12.34
C ILE A 118 3.74 -4.43 -10.97
N GLY A 119 4.76 -4.01 -10.26
CA GLY A 119 5.02 -4.59 -8.94
C GLY A 119 6.10 -3.83 -8.19
N PHE A 120 5.76 -3.37 -6.99
CA PHE A 120 6.69 -2.62 -6.16
C PHE A 120 7.05 -3.43 -4.92
N LYS A 121 8.29 -3.27 -4.46
CA LYS A 121 8.74 -3.99 -3.28
C LYS A 121 8.75 -3.07 -2.06
N VAL A 122 7.94 -3.42 -1.07
CA VAL A 122 7.85 -2.65 0.15
C VAL A 122 8.98 -3.03 1.09
N GLU A 123 9.77 -2.04 1.51
CA GLU A 123 10.87 -2.31 2.42
C GLU A 123 10.88 -1.30 3.56
N ILE A 124 10.54 -1.77 4.75
CA ILE A 124 10.52 -0.92 5.93
C ILE A 124 11.94 -0.63 6.40
N ASN A 125 12.40 0.58 6.13
CA ASN A 125 13.73 0.99 6.54
C ASN A 125 13.69 1.59 7.94
N ASP A 126 12.73 2.50 8.15
CA ASP A 126 12.57 3.13 9.45
C ASP A 126 11.28 2.66 10.11
N THR A 127 11.33 2.42 11.41
CA THR A 127 10.16 2.01 12.16
C THR A 127 9.81 3.08 13.19
N THR A 128 8.82 3.88 12.85
CA THR A 128 8.37 4.94 13.73
C THR A 128 7.66 4.37 14.96
N GLY A 129 8.40 3.61 15.77
CA GLY A 129 7.83 3.00 16.95
C GLY A 129 6.68 2.08 16.60
N LEU A 130 6.96 1.06 15.78
CA LEU A 130 5.93 0.11 15.37
C LEU A 130 5.96 -1.16 16.19
N PHE A 131 4.79 -1.75 16.39
CA PHE A 131 4.66 -3.00 17.14
C PHE A 131 5.72 -4.00 16.66
N ASN A 132 6.00 -3.93 15.36
CA ASN A 132 6.98 -4.79 14.72
C ASN A 132 7.56 -4.05 13.52
N GLU A 133 6.66 -3.55 12.67
CA GLU A 133 7.03 -2.80 11.47
C GLU A 133 5.86 -2.79 10.48
N GLY A 134 5.07 -3.87 10.49
CA GLY A 134 3.93 -3.96 9.60
C GLY A 134 3.66 -5.39 9.12
N LEU A 135 3.92 -6.37 9.99
CA LEU A 135 3.71 -7.78 9.63
C LEU A 135 2.28 -8.24 9.93
N GLY A 136 1.42 -7.29 10.28
CA GLY A 136 0.03 -7.63 10.56
C GLY A 136 -0.15 -8.16 11.98
N MET A 137 -0.04 -9.47 12.13
CA MET A 137 -0.18 -10.09 13.44
C MET A 137 -1.57 -9.80 14.02
N LEU A 138 -2.48 -10.76 13.89
CA LEU A 138 -3.84 -10.61 14.40
C LEU A 138 -4.67 -11.84 14.09
N GLN A 139 -5.95 -11.80 14.47
CA GLN A 139 -6.85 -12.91 14.23
C GLN A 139 -6.88 -13.30 12.75
N GLU A 140 -7.11 -12.31 11.90
CA GLU A 140 -7.17 -12.53 10.45
C GLU A 140 -5.76 -12.72 9.89
N GLN A 141 -5.62 -13.66 8.96
CA GLN A 141 -4.33 -13.94 8.34
C GLN A 141 -4.28 -13.39 6.92
N ARG A 142 -3.62 -12.24 6.75
CA ARG A 142 -3.49 -11.61 5.44
C ARG A 142 -4.83 -11.58 4.70
N VAL A 143 -5.70 -10.65 5.11
CA VAL A 143 -7.00 -10.51 4.49
C VAL A 143 -7.21 -9.07 4.01
N VAL A 144 -7.87 -8.92 2.87
CA VAL A 144 -8.11 -7.60 2.31
C VAL A 144 -9.26 -6.89 3.05
N LEU A 145 -9.00 -5.66 3.48
CA LEU A 145 -10.00 -4.88 4.21
C LEU A 145 -10.66 -3.87 3.27
N LYS A 146 -11.76 -3.28 3.74
CA LYS A 146 -12.47 -2.29 2.95
C LYS A 146 -12.18 -0.87 3.45
N GLN A 147 -12.32 0.10 2.55
CA GLN A 147 -12.08 1.50 2.89
C GLN A 147 -13.33 2.15 3.49
N THR A 148 -13.12 3.20 4.28
CA THR A 148 -14.23 3.91 4.90
C THR A 148 -14.17 5.39 4.60
N ALA A 149 -15.10 6.16 5.19
CA ALA A 149 -15.16 7.59 4.97
C ALA A 149 -13.83 8.26 5.33
N GLU A 150 -13.14 7.67 6.31
CA GLU A 150 -11.86 8.21 6.75
C GLU A 150 -10.82 8.13 5.64
N GLU A 151 -10.77 6.96 4.97
CA GLU A 151 -9.83 6.76 3.88
C GLU A 151 -10.16 7.65 2.69
N LYS A 152 -11.42 7.61 2.26
CA LYS A 152 -11.87 8.42 1.13
C LYS A 152 -11.56 9.90 1.36
N ASP A 153 -11.61 10.32 2.62
CA ASP A 153 -11.35 11.71 2.98
C ASP A 153 -9.88 12.06 2.73
N LEU A 154 -8.99 11.11 2.98
CA LEU A 154 -7.56 11.34 2.79
C LEU A 154 -7.26 11.68 1.33
N VAL A 155 -7.87 10.96 0.41
CA VAL A 155 -7.67 11.19 -1.02
C VAL A 155 -8.41 12.46 -1.47
N LYS A 156 -9.48 12.80 -0.76
CA LYS A 156 -10.27 13.98 -1.09
C LYS A 156 -9.40 15.23 -1.10
N LYS A 157 -8.40 15.25 -0.22
CA LYS A 157 -7.50 16.39 -0.12
C LYS A 157 -6.21 16.12 -0.89
N LEU A 158 -6.32 15.37 -1.97
CA LEU A 158 -5.16 15.03 -2.79
C LEU A 158 -5.01 16.02 -3.95
N GLU B 1 -10.87 10.18 -20.85
CA GLU B 1 -12.31 9.89 -21.10
C GLU B 1 -12.52 8.41 -21.43
N ASP B 2 -12.13 7.55 -20.50
CA ASP B 2 -12.28 6.10 -20.70
C ASP B 2 -11.98 5.36 -19.40
N ILE B 3 -12.82 4.37 -19.10
CA ILE B 3 -12.65 3.58 -17.88
C ILE B 3 -11.45 2.64 -18.01
N PTR B 4 -11.16 1.90 -16.94
CA PTR B 4 -10.05 0.97 -16.93
C PTR B 4 -10.55 -0.48 -16.82
O PTR B 4 -11.67 -0.71 -16.40
CB PTR B 4 -9.09 1.28 -15.78
CG PTR B 4 -8.27 2.53 -16.01
CD1 PTR B 4 -7.63 2.76 -17.23
CD2 PTR B 4 -8.12 3.48 -15.01
CE1 PTR B 4 -6.88 3.89 -17.43
CE2 PTR B 4 -7.37 4.61 -15.21
CZ PTR B 4 -6.74 4.82 -16.43
OH PTR B 4 -5.98 5.97 -16.63
P PTR B 4 -6.68 7.35 -16.48
O1P PTR B 4 -5.71 8.19 -15.60
O2P PTR B 4 -6.69 7.94 -17.92
O3P PTR B 4 -8.05 7.24 -15.89
H2 PTR B 4 -11.72 1.99 -16.14
HA PTR B 4 -9.52 1.08 -17.87
HB2 PTR B 4 -8.42 0.46 -15.64
HB3 PTR B 4 -9.67 1.43 -14.88
HD1 PTR B 4 -7.74 2.02 -18.01
HD2 PTR B 4 -8.60 3.32 -14.05
HE1 PTR B 4 -6.40 4.04 -18.39
HE2 PTR B 4 -7.25 5.34 -14.42
N TYR B 5 -9.69 -1.42 -17.18
CA TYR B 5 -10.04 -2.83 -17.12
C TYR B 5 -8.85 -3.71 -17.51
N LEU B 6 -8.70 -4.84 -16.82
CA LEU B 6 -7.60 -5.76 -17.09
C LEU B 6 -8.08 -7.21 -16.98
N ASP B 7 -8.86 -7.64 -17.96
CA ASP B 7 -9.39 -9.00 -17.98
C ASP B 7 -8.30 -9.99 -18.37
N GLY A 1 14.57 6.65 11.87
CA GLY A 1 13.39 6.97 11.10
C GLY A 1 13.00 8.44 11.21
N ASN A 2 13.86 9.30 10.66
CA ASN A 2 13.62 10.74 10.70
C ASN A 2 13.19 11.26 9.33
N GLY A 3 13.32 10.43 8.30
CA GLY A 3 12.93 10.85 6.96
C GLY A 3 12.19 9.77 6.19
N ARG A 4 12.82 8.61 6.05
CA ARG A 4 12.21 7.51 5.31
C ARG A 4 11.88 6.34 6.24
N PHE A 5 10.76 5.68 5.97
CA PHE A 5 10.32 4.54 6.76
C PHE A 5 10.14 3.31 5.89
N LEU A 6 9.26 3.42 4.90
CA LEU A 6 8.97 2.32 4.00
C LEU A 6 9.46 2.61 2.59
N THR A 7 9.99 1.60 1.93
CA THR A 7 10.49 1.74 0.56
C THR A 7 9.62 0.92 -0.39
N LEU A 8 9.05 1.61 -1.37
CA LEU A 8 8.24 0.95 -2.37
C LEU A 8 9.04 0.97 -3.65
N LYS A 9 9.53 -0.18 -4.06
CA LYS A 9 10.39 -0.19 -5.23
C LYS A 9 9.90 -1.00 -6.41
N PRO A 10 9.28 -0.32 -7.41
CA PRO A 10 8.85 -1.00 -8.63
C PRO A 10 9.99 -1.89 -9.13
N LEU A 11 9.82 -3.19 -8.90
CA LEU A 11 10.84 -4.18 -9.22
C LEU A 11 10.99 -4.48 -10.72
N PRO A 12 12.15 -5.06 -11.10
CA PRO A 12 12.47 -5.40 -12.48
C PRO A 12 11.35 -6.12 -13.20
N ASP A 13 10.55 -6.88 -12.47
CA ASP A 13 9.43 -7.58 -13.07
C ASP A 13 8.43 -6.57 -13.62
N SER A 14 8.55 -5.33 -13.16
CA SER A 14 7.69 -4.24 -13.59
C SER A 14 8.33 -3.45 -14.72
N ILE A 15 7.51 -2.90 -15.60
CA ILE A 15 8.02 -2.10 -16.70
C ILE A 15 8.90 -0.97 -16.17
N ILE A 16 8.67 -0.60 -14.90
CA ILE A 16 9.43 0.46 -14.25
C ILE A 16 10.30 -0.10 -13.11
N GLN A 17 11.62 0.12 -13.21
CA GLN A 17 12.56 -0.38 -12.20
C GLN A 17 13.10 0.77 -11.35
N GLU A 18 12.23 1.33 -10.53
CA GLU A 18 12.59 2.45 -9.65
C GLU A 18 12.20 2.16 -8.21
N SER A 19 12.63 3.01 -7.27
CA SER A 19 12.25 2.84 -5.87
C SER A 19 11.74 4.13 -5.25
N LEU A 20 10.49 4.12 -4.86
CA LEU A 20 9.87 5.26 -4.20
C LEU A 20 9.78 4.94 -2.71
N GLU A 21 10.04 5.91 -1.85
CA GLU A 21 10.02 5.65 -0.42
C GLU A 21 8.98 6.48 0.32
N ILE A 22 8.18 5.81 1.15
CA ILE A 22 7.16 6.47 1.94
C ILE A 22 7.77 7.08 3.19
N GLN A 23 7.86 8.40 3.21
CA GLN A 23 8.41 9.10 4.36
C GLN A 23 7.50 8.89 5.58
N GLN A 24 8.06 8.31 6.65
CA GLN A 24 7.28 8.06 7.86
C GLN A 24 6.44 9.29 8.23
N GLY A 25 6.93 10.46 7.86
CA GLY A 25 6.25 11.69 8.17
C GLY A 25 5.03 11.96 7.30
N VAL A 26 4.93 11.30 6.15
CA VAL A 26 3.80 11.52 5.27
C VAL A 26 2.74 10.44 5.41
N ASN A 27 1.54 10.83 5.85
CA ASN A 27 0.44 9.90 5.99
C ASN A 27 -0.86 10.55 5.54
N PRO A 28 -1.57 9.96 4.55
CA PRO A 28 -1.17 8.72 3.88
C PRO A 28 -0.32 9.00 2.66
N PHE A 29 0.42 8.00 2.21
CA PHE A 29 1.29 8.17 1.04
C PHE A 29 0.52 7.75 -0.22
N PHE A 30 0.31 8.72 -1.11
CA PHE A 30 -0.42 8.48 -2.34
C PHE A 30 0.50 8.10 -3.48
N ILE A 31 0.08 7.11 -4.26
CA ILE A 31 0.85 6.64 -5.40
C ILE A 31 0.00 6.61 -6.66
N GLY A 32 0.64 6.86 -7.80
CA GLY A 32 -0.09 6.85 -9.05
C GLY A 32 0.67 7.48 -10.20
N ARG A 33 -0.06 7.92 -11.22
CA ARG A 33 0.54 8.53 -12.40
C ARG A 33 0.72 10.04 -12.21
N SER A 34 -0.23 10.67 -11.51
CA SER A 34 -0.17 12.10 -11.27
C SER A 34 0.86 12.45 -10.21
N GLU A 35 1.61 13.52 -10.46
CA GLU A 35 2.64 13.96 -9.53
C GLU A 35 2.03 14.31 -8.17
N ASP A 36 0.72 14.57 -8.17
CA ASP A 36 0.04 14.92 -6.92
C ASP A 36 0.25 13.84 -5.87
N CYS A 37 0.40 12.61 -6.34
CA CYS A 37 0.62 11.47 -5.46
C CYS A 37 2.04 11.49 -4.91
N ASN A 38 2.16 11.31 -3.59
CA ASN A 38 3.46 11.30 -2.94
C ASN A 38 4.44 10.42 -3.70
N CYS A 39 3.90 9.40 -4.36
CA CYS A 39 4.70 8.48 -5.16
C CYS A 39 4.43 8.71 -6.64
N LYS A 40 5.48 8.71 -7.46
CA LYS A 40 5.32 8.96 -8.88
C LYS A 40 5.66 7.74 -9.74
N ILE A 41 4.62 7.17 -10.35
CA ILE A 41 4.76 6.02 -11.23
C ILE A 41 3.87 6.21 -12.45
N GLU A 42 4.47 6.43 -13.61
CA GLU A 42 3.68 6.64 -14.82
C GLU A 42 3.31 5.33 -15.49
N ASP A 43 2.05 4.96 -15.32
CA ASP A 43 1.51 3.75 -15.92
C ASP A 43 0.19 4.09 -16.63
N ASN A 44 0.22 4.08 -17.95
CA ASN A 44 -0.97 4.42 -18.73
C ASN A 44 -2.21 3.67 -18.24
N ARG A 45 -2.02 2.44 -17.79
CA ARG A 45 -3.12 1.62 -17.30
C ARG A 45 -3.56 2.00 -15.88
N LEU A 46 -2.61 2.39 -15.04
CA LEU A 46 -2.92 2.75 -13.66
C LEU A 46 -3.34 4.22 -13.54
N SER A 47 -4.45 4.47 -12.85
CA SER A 47 -4.99 5.81 -12.66
C SER A 47 -3.98 6.76 -12.00
N ARG A 48 -4.28 8.05 -12.06
CA ARG A 48 -3.43 9.07 -11.46
C ARG A 48 -3.23 8.80 -9.98
N VAL A 49 -4.29 8.28 -9.36
CA VAL A 49 -4.26 7.94 -7.95
C VAL A 49 -4.67 6.49 -7.78
N HIS A 50 -3.91 5.61 -8.44
CA HIS A 50 -4.19 4.18 -8.42
C HIS A 50 -4.40 3.66 -7.00
N CYS A 51 -3.47 4.00 -6.12
CA CYS A 51 -3.56 3.53 -4.74
C CYS A 51 -2.65 4.33 -3.82
N PHE A 52 -2.93 4.25 -2.52
CA PHE A 52 -2.14 4.96 -1.53
C PHE A 52 -2.01 4.12 -0.26
N ILE A 53 -0.88 4.26 0.43
CA ILE A 53 -0.65 3.51 1.66
C ILE A 53 -0.89 4.44 2.85
N PHE A 54 -1.67 3.97 3.81
CA PHE A 54 -2.00 4.76 4.98
C PHE A 54 -1.59 4.02 6.26
N LYS A 55 -0.94 4.74 7.16
CA LYS A 55 -0.50 4.17 8.43
C LYS A 55 -1.50 4.49 9.54
N LYS A 56 -1.80 3.50 10.36
CA LYS A 56 -2.77 3.68 11.44
C LYS A 56 -2.25 3.12 12.76
N ARG A 57 -2.82 3.59 13.86
CA ARG A 57 -2.43 3.16 15.19
C ARG A 57 -2.99 1.78 15.49
N HIS A 58 -2.10 0.80 15.57
CA HIS A 58 -2.47 -0.59 15.85
C HIS A 58 -2.81 -0.79 17.31
N ALA A 59 -3.93 -1.47 17.57
CA ALA A 59 -4.37 -1.73 18.93
C ALA A 59 -5.11 -3.06 19.02
N VAL A 60 -4.58 -3.98 19.82
CA VAL A 60 -5.18 -5.29 19.99
C VAL A 60 -5.50 -5.56 21.45
N GLY A 61 -6.07 -6.73 21.73
CA GLY A 61 -6.42 -7.09 23.09
C GLY A 61 -5.85 -8.43 23.51
N LYS A 62 -4.53 -8.59 23.37
CA LYS A 62 -3.86 -9.83 23.73
C LYS A 62 -2.43 -9.56 24.17
N SER A 63 -2.22 -9.50 25.49
CA SER A 63 -0.90 -9.26 26.04
C SER A 63 -0.72 -9.99 27.37
N MET A 64 -0.95 -11.29 27.35
CA MET A 64 -0.81 -12.11 28.56
C MET A 64 0.62 -12.04 29.09
N TYR A 65 0.77 -11.52 30.31
CA TYR A 65 2.08 -11.39 30.93
C TYR A 65 2.92 -10.35 30.21
N GLU A 66 3.34 -10.67 28.99
CA GLU A 66 4.15 -9.76 28.19
C GLU A 66 3.27 -8.84 27.36
N SER A 67 3.71 -7.60 27.19
CA SER A 67 2.97 -6.61 26.41
C SER A 67 3.70 -6.27 25.12
N PRO A 68 3.31 -6.89 23.99
CA PRO A 68 3.94 -6.64 22.68
C PRO A 68 3.59 -5.26 22.13
N ALA A 69 3.64 -5.12 20.81
CA ALA A 69 3.33 -3.86 20.16
C ALA A 69 1.83 -3.73 19.90
N GLN A 70 1.07 -3.58 20.97
CA GLN A 70 -0.39 -3.45 20.85
C GLN A 70 -0.82 -1.99 21.02
N GLY A 71 0.09 -1.06 20.76
CA GLY A 71 -0.22 0.35 20.89
C GLY A 71 0.65 1.23 20.02
N LEU A 72 1.14 0.66 18.91
CA LEU A 72 1.98 1.42 17.99
C LEU A 72 1.25 1.66 16.67
N ASP A 73 1.99 2.00 15.62
CA ASP A 73 1.39 2.26 14.31
C ASP A 73 1.67 1.16 13.30
N ASP A 74 0.70 0.94 12.42
CA ASP A 74 0.82 -0.06 11.35
C ASP A 74 0.58 0.60 10.01
N ILE A 75 1.04 -0.04 8.93
CA ILE A 75 0.86 0.53 7.60
C ILE A 75 -0.11 -0.28 6.75
N TRP A 76 -1.16 0.40 6.30
CA TRP A 76 -2.19 -0.22 5.49
C TRP A 76 -2.11 0.28 4.04
N TYR A 77 -2.23 -0.64 3.09
CA TYR A 77 -2.19 -0.28 1.68
C TYR A 77 -3.61 -0.08 1.16
N CYS A 78 -3.91 1.14 0.72
CA CYS A 78 -5.23 1.46 0.20
C CYS A 78 -5.24 1.52 -1.32
N HIS A 79 -6.13 0.74 -1.92
CA HIS A 79 -6.25 0.71 -3.39
C HIS A 79 -7.45 1.52 -3.86
N THR A 80 -7.23 2.33 -4.90
CA THR A 80 -8.29 3.17 -5.45
C THR A 80 -8.33 3.10 -6.98
N GLY A 81 -7.48 2.26 -7.57
CA GLY A 81 -7.45 2.13 -9.02
C GLY A 81 -8.55 1.23 -9.54
N THR A 82 -9.19 1.65 -10.63
CA THR A 82 -10.28 0.87 -11.22
C THR A 82 -9.76 -0.42 -11.87
N ASN A 83 -8.43 -0.52 -12.01
CA ASN A 83 -7.83 -1.70 -12.61
C ASN A 83 -7.55 -2.79 -11.57
N VAL A 84 -7.95 -2.53 -10.32
CA VAL A 84 -7.77 -3.48 -9.21
C VAL A 84 -6.31 -3.91 -9.06
N SER A 85 -5.79 -3.79 -7.85
CA SER A 85 -4.41 -4.16 -7.55
C SER A 85 -4.37 -5.52 -6.86
N TYR A 86 -3.19 -6.12 -6.78
CA TYR A 86 -3.03 -7.43 -6.14
C TYR A 86 -1.89 -7.42 -5.14
N LEU A 87 -2.19 -7.69 -3.88
CA LEU A 87 -1.18 -7.71 -2.83
C LEU A 87 -0.77 -9.14 -2.49
N ASN A 88 0.37 -9.56 -3.04
CA ASN A 88 0.88 -10.90 -2.80
C ASN A 88 -0.10 -11.97 -3.29
N ASN A 89 -1.12 -12.23 -2.49
CA ASN A 89 -2.13 -13.22 -2.85
C ASN A 89 -3.55 -12.70 -2.59
N ASN A 90 -3.68 -11.46 -2.12
CA ASN A 90 -4.99 -10.89 -1.84
C ASN A 90 -5.37 -9.88 -2.91
N ARG A 91 -6.60 -10.00 -3.40
CA ARG A 91 -7.11 -9.08 -4.43
C ARG A 91 -7.41 -7.72 -3.83
N MET A 92 -7.08 -6.66 -4.57
CA MET A 92 -7.30 -5.30 -4.10
C MET A 92 -8.25 -4.56 -5.02
N ILE A 93 -9.53 -4.52 -4.64
CA ILE A 93 -10.55 -3.84 -5.43
C ILE A 93 -10.63 -2.36 -5.04
N GLN A 94 -11.08 -1.52 -5.97
CA GLN A 94 -11.21 -0.10 -5.70
C GLN A 94 -11.86 0.17 -4.35
N GLY A 95 -11.04 0.58 -3.38
CA GLY A 95 -11.56 0.86 -2.06
C GLY A 95 -11.26 -0.24 -1.07
N THR A 96 -10.06 -0.82 -1.18
CA THR A 96 -9.66 -1.89 -0.28
C THR A 96 -8.46 -1.50 0.58
N LYS A 97 -8.25 -2.24 1.65
CA LYS A 97 -7.14 -1.98 2.56
C LYS A 97 -6.47 -3.28 2.97
N PHE A 98 -5.15 -3.29 3.05
CA PHE A 98 -4.41 -4.50 3.43
C PHE A 98 -3.13 -4.15 4.20
N LEU A 99 -2.77 -5.03 5.15
CA LEU A 99 -1.57 -4.82 5.96
C LEU A 99 -0.32 -4.98 5.09
N LEU A 100 0.65 -4.09 5.31
CA LEU A 100 1.89 -4.12 4.54
C LEU A 100 3.06 -4.55 5.41
N GLN A 101 3.42 -5.83 5.31
CA GLN A 101 4.53 -6.38 6.06
C GLN A 101 5.87 -6.04 5.39
N ASP A 102 6.91 -5.87 6.19
CA ASP A 102 8.24 -5.57 5.67
C ASP A 102 8.60 -6.52 4.52
N GLY A 103 8.69 -5.97 3.31
CA GLY A 103 8.98 -6.80 2.16
C GLY A 103 7.71 -7.22 1.47
N ASP A 104 6.73 -6.32 1.47
CA ASP A 104 5.44 -6.59 0.86
C ASP A 104 5.44 -6.18 -0.61
N GLU A 105 5.24 -7.16 -1.48
CA GLU A 105 5.21 -6.90 -2.91
C GLU A 105 3.77 -6.74 -3.38
N ILE A 106 3.41 -5.50 -3.73
CA ILE A 106 2.05 -5.21 -4.17
C ILE A 106 1.97 -5.00 -5.67
N LYS A 107 1.02 -5.69 -6.29
CA LYS A 107 0.80 -5.58 -7.73
C LYS A 107 -0.22 -4.49 -8.00
N ILE A 108 0.21 -3.44 -8.68
CA ILE A 108 -0.68 -2.32 -8.99
C ILE A 108 -1.40 -2.54 -10.31
N ILE A 109 -0.73 -3.16 -11.27
CA ILE A 109 -1.34 -3.39 -12.57
C ILE A 109 -0.72 -4.60 -13.29
N TRP A 110 -1.57 -5.48 -13.80
CA TRP A 110 -1.11 -6.67 -14.51
C TRP A 110 -1.95 -6.91 -15.77
N ASP A 111 -1.27 -7.06 -16.90
CA ASP A 111 -1.95 -7.31 -18.17
C ASP A 111 -1.57 -8.68 -18.72
N LYS A 112 -2.55 -9.57 -18.82
CA LYS A 112 -2.32 -10.92 -19.32
C LYS A 112 -1.93 -10.93 -20.80
N ASN A 113 -2.67 -10.19 -21.61
CA ASN A 113 -2.42 -10.14 -23.05
C ASN A 113 -1.33 -9.14 -23.39
N ASN A 114 -1.34 -7.99 -22.72
CA ASN A 114 -0.35 -6.94 -22.98
C ASN A 114 0.93 -7.19 -22.21
N LYS A 115 0.87 -8.06 -21.21
CA LYS A 115 2.04 -8.38 -20.38
C LYS A 115 2.50 -7.14 -19.61
N PHE A 116 1.65 -6.13 -19.55
CA PHE A 116 1.97 -4.91 -18.83
C PHE A 116 1.76 -5.14 -17.33
N VAL A 117 2.87 -5.27 -16.60
CA VAL A 117 2.79 -5.53 -15.17
C VAL A 117 3.57 -4.49 -14.36
N ILE A 118 2.92 -3.89 -13.38
CA ILE A 118 3.57 -2.91 -12.53
C ILE A 118 3.37 -3.25 -11.05
N GLY A 119 4.48 -3.46 -10.35
CA GLY A 119 4.41 -3.80 -8.94
C GLY A 119 5.64 -3.34 -8.18
N PHE A 120 5.42 -2.84 -6.97
CA PHE A 120 6.52 -2.35 -6.14
C PHE A 120 6.68 -3.21 -4.89
N LYS A 121 7.91 -3.33 -4.42
CA LYS A 121 8.20 -4.11 -3.23
C LYS A 121 8.39 -3.21 -2.02
N VAL A 122 7.52 -3.36 -1.03
CA VAL A 122 7.58 -2.56 0.18
C VAL A 122 8.72 -3.03 1.07
N GLU A 123 9.64 -2.13 1.40
CA GLU A 123 10.76 -2.47 2.25
C GLU A 123 10.89 -1.47 3.38
N ILE A 124 10.58 -1.90 4.60
CA ILE A 124 10.67 -1.05 5.77
C ILE A 124 12.10 -1.03 6.31
N ASN A 125 12.77 0.10 6.16
CA ASN A 125 14.14 0.24 6.64
C ASN A 125 14.14 0.90 8.01
N ASP A 126 13.36 1.98 8.12
CA ASP A 126 13.25 2.69 9.39
C ASP A 126 11.87 2.52 9.98
N THR A 127 11.80 2.35 11.31
CA THR A 127 10.54 2.21 11.99
C THR A 127 10.30 3.39 12.91
N THR A 128 9.48 4.31 12.46
CA THR A 128 9.16 5.50 13.24
C THR A 128 8.32 5.12 14.45
N GLY A 129 8.89 4.29 15.33
CA GLY A 129 8.18 3.85 16.50
C GLY A 129 6.85 3.21 16.15
N LEU A 130 6.87 2.33 15.16
CA LEU A 130 5.65 1.64 14.73
C LEU A 130 5.64 0.20 15.19
N PHE A 131 4.46 -0.36 15.41
CA PHE A 131 4.33 -1.75 15.84
C PHE A 131 5.23 -2.66 15.03
N ASN A 132 6.03 -3.47 15.71
CA ASN A 132 6.94 -4.40 15.02
C ASN A 132 7.63 -3.72 13.84
N GLU A 133 6.91 -3.62 12.73
CA GLU A 133 7.40 -3.00 11.50
C GLU A 133 6.47 -3.39 10.36
N GLY A 134 6.21 -4.69 10.28
CA GLY A 134 5.33 -5.24 9.26
C GLY A 134 5.57 -6.72 9.06
N LEU A 135 5.12 -7.55 10.00
CA LEU A 135 5.30 -8.99 9.88
C LEU A 135 3.98 -9.69 9.55
N GLY A 136 2.89 -8.94 9.49
CA GLY A 136 1.59 -9.53 9.19
C GLY A 136 1.19 -10.60 10.18
N MET A 137 0.74 -10.19 11.36
CA MET A 137 0.33 -11.13 12.39
C MET A 137 -0.98 -10.68 13.05
N LEU A 138 -1.93 -11.62 13.17
CA LEU A 138 -3.22 -11.33 13.79
C LEU A 138 -4.12 -12.57 13.75
N GLN A 139 -5.36 -12.40 14.18
CA GLN A 139 -6.32 -13.50 14.20
C GLN A 139 -6.61 -14.00 12.78
N GLU A 140 -6.61 -13.07 11.83
CA GLU A 140 -6.87 -13.41 10.43
C GLU A 140 -5.57 -13.58 9.66
N GLN A 141 -5.48 -14.65 8.86
CA GLN A 141 -4.28 -14.91 8.08
C GLN A 141 -4.30 -14.10 6.78
N ARG A 142 -3.56 -12.99 6.77
CA ARG A 142 -3.47 -12.12 5.60
C ARG A 142 -4.82 -11.97 4.90
N VAL A 143 -5.61 -11.01 5.36
CA VAL A 143 -6.91 -10.74 4.77
C VAL A 143 -7.02 -9.28 4.35
N VAL A 144 -7.68 -9.05 3.22
CA VAL A 144 -7.85 -7.70 2.70
C VAL A 144 -9.16 -7.07 3.18
N LEU A 145 -9.06 -5.91 3.81
CA LEU A 145 -10.25 -5.21 4.31
C LEU A 145 -10.73 -4.18 3.29
N LYS A 146 -11.89 -3.59 3.57
CA LYS A 146 -12.47 -2.59 2.68
C LYS A 146 -12.25 -1.18 3.22
N GLN A 147 -12.31 -0.21 2.31
CA GLN A 147 -12.13 1.20 2.70
C GLN A 147 -13.46 1.85 3.05
N THR A 148 -13.40 2.91 3.85
CA THR A 148 -14.60 3.62 4.26
C THR A 148 -14.50 5.10 3.94
N ALA A 149 -15.51 5.86 4.33
CA ALA A 149 -15.54 7.30 4.09
C ALA A 149 -14.28 7.97 4.64
N GLU A 150 -13.72 7.38 5.69
CA GLU A 150 -12.51 7.91 6.29
C GLU A 150 -11.35 7.90 5.30
N GLU A 151 -11.13 6.74 4.67
CA GLU A 151 -10.06 6.59 3.69
C GLU A 151 -10.33 7.46 2.47
N LYS A 152 -11.57 7.41 1.98
CA LYS A 152 -11.96 8.19 0.81
C LYS A 152 -11.67 9.67 1.04
N ASP A 153 -11.80 10.11 2.28
CA ASP A 153 -11.56 11.51 2.63
C ASP A 153 -10.08 11.86 2.49
N LEU A 154 -9.21 10.91 2.85
CA LEU A 154 -7.77 11.12 2.77
C LEU A 154 -7.33 11.46 1.34
N VAL A 155 -7.84 10.72 0.37
CA VAL A 155 -7.51 10.96 -1.03
C VAL A 155 -8.34 12.10 -1.62
N LYS A 156 -9.41 12.46 -0.93
CA LYS A 156 -10.27 13.55 -1.38
C LYS A 156 -9.54 14.87 -1.36
N LYS A 157 -8.63 15.01 -0.39
CA LYS A 157 -7.84 16.24 -0.26
C LYS A 157 -6.56 16.18 -1.09
N LEU A 158 -6.28 15.00 -1.67
CA LEU A 158 -5.09 14.81 -2.48
C LEU A 158 -5.02 15.87 -3.59
N GLU B 1 -13.46 8.90 -23.01
CA GLU B 1 -13.90 8.48 -21.66
C GLU B 1 -12.80 7.67 -20.96
N ASP B 2 -12.62 7.93 -19.67
CA ASP B 2 -11.60 7.24 -18.89
C ASP B 2 -12.11 5.87 -18.43
N ILE B 3 -11.55 4.82 -19.01
CA ILE B 3 -11.95 3.45 -18.67
C ILE B 3 -10.73 2.60 -18.32
N PTR B 4 -10.87 1.77 -17.29
CA PTR B 4 -9.78 0.90 -16.85
C PTR B 4 -10.26 -0.53 -16.70
O PTR B 4 -11.36 -0.79 -16.20
CB PTR B 4 -9.21 1.40 -15.53
CG PTR B 4 -8.28 2.58 -15.67
CD1 PTR B 4 -7.30 2.60 -16.66
CD2 PTR B 4 -8.37 3.68 -14.83
CE1 PTR B 4 -6.44 3.68 -16.80
CE2 PTR B 4 -7.53 4.76 -14.96
CZ PTR B 4 -6.56 4.75 -15.95
OH PTR B 4 -5.71 5.85 -16.09
P PTR B 4 -6.18 7.06 -16.96
O1P PTR B 4 -6.72 6.40 -18.26
O2P PTR B 4 -7.35 7.68 -16.18
O3P PTR B 4 -5.08 8.04 -17.23
H2 PTR B 4 -11.72 1.75 -16.81
HA PTR B 4 -9.01 0.94 -17.61
HB2 PTR B 4 -8.66 0.60 -15.06
HB3 PTR B 4 -10.02 1.70 -14.89
HD1 PTR B 4 -7.21 1.75 -17.33
HD2 PTR B 4 -9.12 3.68 -14.05
HE1 PTR B 4 -5.69 3.68 -17.58
HE2 PTR B 4 -7.61 5.60 -14.29
N TYR B 5 -9.44 -1.48 -17.14
CA TYR B 5 -9.78 -2.90 -17.06
C TYR B 5 -8.58 -3.76 -17.42
N LEU B 6 -8.53 -4.96 -16.86
CA LEU B 6 -7.44 -5.89 -17.11
C LEU B 6 -7.92 -7.33 -17.08
N ASP B 7 -7.35 -8.17 -17.94
CA ASP B 7 -7.73 -9.58 -18.00
C ASP B 7 -7.42 -10.28 -16.69
N GLY A 1 12.35 10.74 13.08
CA GLY A 1 13.25 9.70 12.60
C GLY A 1 14.31 10.25 11.66
N ASN A 2 14.60 9.50 10.60
CA ASN A 2 15.60 9.90 9.62
C ASN A 2 14.95 10.59 8.43
N GLY A 3 13.66 10.33 8.23
CA GLY A 3 12.94 10.93 7.12
C GLY A 3 12.16 9.92 6.31
N ARG A 4 12.74 8.74 6.15
CA ARG A 4 12.09 7.67 5.39
C ARG A 4 11.71 6.50 6.29
N PHE A 5 10.57 5.88 6.01
CA PHE A 5 10.09 4.75 6.80
C PHE A 5 9.86 3.52 5.93
N LEU A 6 8.93 3.64 4.99
CA LEU A 6 8.61 2.54 4.10
C LEU A 6 9.16 2.79 2.71
N THR A 7 9.64 1.74 2.07
CA THR A 7 10.20 1.87 0.73
C THR A 7 9.51 0.95 -0.26
N LEU A 8 8.83 1.56 -1.23
CA LEU A 8 8.16 0.79 -2.26
C LEU A 8 9.00 0.92 -3.51
N LYS A 9 9.67 -0.16 -3.88
CA LYS A 9 10.57 -0.09 -5.03
C LYS A 9 10.13 -0.91 -6.22
N PRO A 10 9.52 -0.24 -7.24
CA PRO A 10 9.12 -0.92 -8.47
C PRO A 10 10.27 -1.81 -8.97
N LEU A 11 10.16 -3.10 -8.68
CA LEU A 11 11.20 -4.07 -9.03
C LEU A 11 11.22 -4.41 -10.51
N PRO A 12 12.39 -4.91 -11.00
CA PRO A 12 12.59 -5.29 -12.40
C PRO A 12 11.48 -6.19 -12.92
N ASP A 13 10.82 -6.92 -12.02
CA ASP A 13 9.73 -7.79 -12.44
C ASP A 13 8.62 -6.95 -13.04
N SER A 14 8.55 -5.69 -12.60
CA SER A 14 7.58 -4.75 -13.11
C SER A 14 8.21 -3.90 -14.21
N ILE A 15 7.39 -3.39 -15.11
CA ILE A 15 7.88 -2.56 -16.19
C ILE A 15 8.68 -1.37 -15.66
N ILE A 16 8.59 -1.12 -14.35
CA ILE A 16 9.29 -0.01 -13.73
C ILE A 16 10.45 -0.49 -12.84
N GLN A 17 11.65 0.00 -13.13
CA GLN A 17 12.84 -0.37 -12.36
C GLN A 17 13.30 0.82 -11.51
N GLU A 18 12.38 1.33 -10.71
CA GLU A 18 12.66 2.47 -9.84
C GLU A 18 12.35 2.14 -8.38
N SER A 19 12.73 3.04 -7.47
CA SER A 19 12.47 2.84 -6.05
C SER A 19 11.76 4.06 -5.44
N LEU A 20 10.67 3.79 -4.72
CA LEU A 20 9.90 4.84 -4.07
C LEU A 20 10.01 4.71 -2.56
N GLU A 21 10.12 5.83 -1.86
CA GLU A 21 10.24 5.81 -0.41
C GLU A 21 9.16 6.64 0.26
N ILE A 22 8.31 5.98 1.05
CA ILE A 22 7.25 6.67 1.77
C ILE A 22 7.80 7.32 3.03
N GLN A 23 7.87 8.63 3.02
CA GLN A 23 8.38 9.38 4.17
C GLN A 23 7.45 9.19 5.37
N GLN A 24 7.98 8.64 6.46
CA GLN A 24 7.18 8.41 7.66
C GLN A 24 6.35 9.64 8.00
N GLY A 25 6.85 10.81 7.61
CA GLY A 25 6.17 12.05 7.89
C GLY A 25 4.91 12.26 7.05
N VAL A 26 4.81 11.58 5.91
CA VAL A 26 3.64 11.76 5.05
C VAL A 26 2.65 10.61 5.22
N ASN A 27 1.44 10.95 5.67
CA ASN A 27 0.38 9.97 5.84
C ASN A 27 -0.95 10.57 5.40
N PRO A 28 -1.64 9.96 4.42
CA PRO A 28 -1.21 8.74 3.74
C PRO A 28 -0.37 9.08 2.51
N PHE A 29 0.42 8.10 2.05
CA PHE A 29 1.27 8.30 0.88
C PHE A 29 0.51 7.89 -0.38
N PHE A 30 0.27 8.86 -1.25
CA PHE A 30 -0.48 8.62 -2.48
C PHE A 30 0.43 8.28 -3.64
N ILE A 31 0.02 7.30 -4.43
CA ILE A 31 0.78 6.86 -5.59
C ILE A 31 -0.10 6.87 -6.84
N GLY A 32 0.50 7.18 -7.97
CA GLY A 32 -0.27 7.19 -9.21
C GLY A 32 0.43 7.90 -10.35
N ARG A 33 -0.26 8.03 -11.48
CA ARG A 33 0.29 8.68 -12.67
C ARG A 33 0.25 10.20 -12.53
N SER A 34 -0.37 10.69 -11.46
CA SER A 34 -0.45 12.13 -11.22
C SER A 34 0.61 12.59 -10.22
N GLU A 35 1.36 13.62 -10.59
CA GLU A 35 2.41 14.16 -9.73
C GLU A 35 1.85 14.54 -8.36
N ASP A 36 0.54 14.79 -8.30
CA ASP A 36 -0.11 15.15 -7.05
C ASP A 36 0.12 14.07 -5.99
N CYS A 37 0.28 12.84 -6.44
CA CYS A 37 0.51 11.72 -5.55
C CYS A 37 1.94 11.74 -5.02
N ASN A 38 2.09 11.52 -3.72
CA ASN A 38 3.41 11.52 -3.08
C ASN A 38 4.37 10.62 -3.87
N CYS A 39 3.81 9.63 -4.56
CA CYS A 39 4.60 8.70 -5.37
C CYS A 39 4.27 8.92 -6.85
N LYS A 40 5.27 8.81 -7.71
CA LYS A 40 5.06 9.04 -9.14
C LYS A 40 5.36 7.81 -9.99
N ILE A 41 4.30 7.30 -10.63
CA ILE A 41 4.41 6.16 -11.52
C ILE A 41 3.54 6.41 -12.75
N GLU A 42 4.17 6.64 -13.90
CA GLU A 42 3.40 6.90 -15.11
C GLU A 42 3.08 5.61 -15.83
N ASP A 43 1.83 5.18 -15.68
CA ASP A 43 1.34 3.98 -16.32
C ASP A 43 0.01 4.28 -17.01
N ASN A 44 -0.02 4.23 -18.32
CA ASN A 44 -1.23 4.52 -19.08
C ASN A 44 -2.46 3.88 -18.43
N ARG A 45 -2.27 2.69 -17.87
CA ARG A 45 -3.36 1.97 -17.21
C ARG A 45 -3.64 2.54 -15.82
N LEU A 46 -2.58 2.95 -15.13
CA LEU A 46 -2.70 3.52 -13.78
C LEU A 46 -3.56 4.79 -13.81
N SER A 47 -4.09 5.16 -12.64
CA SER A 47 -4.91 6.36 -12.53
C SER A 47 -4.17 7.45 -11.76
N ARG A 48 -4.72 8.66 -11.75
CA ARG A 48 -4.11 9.78 -11.04
C ARG A 48 -3.74 9.36 -9.62
N VAL A 49 -4.69 8.69 -8.96
CA VAL A 49 -4.49 8.20 -7.61
C VAL A 49 -4.75 6.71 -7.57
N HIS A 50 -4.00 5.97 -8.38
CA HIS A 50 -4.14 4.52 -8.49
C HIS A 50 -4.28 3.87 -7.11
N CYS A 51 -3.41 4.26 -6.20
CA CYS A 51 -3.44 3.70 -4.85
C CYS A 51 -2.57 4.52 -3.90
N PHE A 52 -2.88 4.42 -2.61
CA PHE A 52 -2.14 5.14 -1.58
C PHE A 52 -2.02 4.30 -0.32
N ILE A 53 -0.90 4.46 0.39
CA ILE A 53 -0.67 3.73 1.62
C ILE A 53 -0.93 4.63 2.83
N PHE A 54 -1.73 4.12 3.77
CA PHE A 54 -2.07 4.87 4.97
C PHE A 54 -1.64 4.11 6.22
N LYS A 55 -0.96 4.80 7.12
CA LYS A 55 -0.48 4.18 8.36
C LYS A 55 -1.44 4.49 9.49
N LYS A 56 -1.72 3.47 10.29
CA LYS A 56 -2.64 3.60 11.42
C LYS A 56 -2.07 2.98 12.68
N ARG A 57 -2.60 3.38 13.83
CA ARG A 57 -2.14 2.87 15.12
C ARG A 57 -2.67 1.46 15.36
N HIS A 58 -1.74 0.51 15.43
CA HIS A 58 -2.06 -0.90 15.65
C HIS A 58 -2.27 -1.17 17.14
N ALA A 59 -3.42 -1.75 17.47
CA ALA A 59 -3.73 -2.07 18.86
C ALA A 59 -4.90 -3.05 18.95
N VAL A 60 -4.67 -4.18 19.60
CA VAL A 60 -5.70 -5.21 19.76
C VAL A 60 -6.79 -4.73 20.72
N GLY A 61 -7.77 -5.61 20.96
CA GLY A 61 -8.85 -5.26 21.86
C GLY A 61 -8.38 -5.08 23.29
N LYS A 62 -7.82 -6.14 23.87
CA LYS A 62 -7.33 -6.09 25.25
C LYS A 62 -5.93 -6.70 25.34
N SER A 63 -5.44 -6.83 26.58
CA SER A 63 -4.12 -7.40 26.81
C SER A 63 -3.90 -7.66 28.30
N MET A 64 -4.84 -8.38 28.91
CA MET A 64 -4.76 -8.71 30.33
C MET A 64 -4.21 -10.13 30.53
N TYR A 65 -3.36 -10.56 29.62
CA TYR A 65 -2.76 -11.89 29.69
C TYR A 65 -1.57 -12.00 28.75
N GLU A 66 -1.77 -11.62 27.50
CA GLU A 66 -0.72 -11.66 26.50
C GLU A 66 0.06 -10.35 26.48
N SER A 67 1.36 -10.42 26.23
CA SER A 67 2.21 -9.24 26.19
C SER A 67 2.62 -8.92 24.75
N PRO A 68 1.84 -8.06 24.06
CA PRO A 68 2.12 -7.67 22.68
C PRO A 68 3.10 -6.50 22.61
N ALA A 69 3.11 -5.81 21.49
CA ALA A 69 4.00 -4.68 21.29
C ALA A 69 3.28 -3.37 21.61
N GLN A 70 2.28 -3.43 22.48
CA GLN A 70 1.53 -2.24 22.86
C GLN A 70 0.85 -1.61 21.66
N GLY A 71 0.33 -0.41 21.84
CA GLY A 71 -0.35 0.29 20.75
C GLY A 71 0.61 1.08 19.88
N LEU A 72 1.11 0.44 18.83
CA LEU A 72 2.04 1.09 17.91
C LEU A 72 1.34 1.44 16.60
N ASP A 73 2.09 1.53 15.50
CA ASP A 73 1.50 1.88 14.20
C ASP A 73 1.75 0.81 13.14
N ASP A 74 0.78 0.66 12.25
CA ASP A 74 0.86 -0.30 11.15
C ASP A 74 0.59 0.42 9.83
N ILE A 75 1.01 -0.17 8.72
CA ILE A 75 0.80 0.46 7.42
C ILE A 75 -0.25 -0.26 6.59
N TRP A 76 -1.26 0.50 6.18
CA TRP A 76 -2.35 -0.02 5.37
C TRP A 76 -2.24 0.47 3.93
N TYR A 77 -2.24 -0.46 2.99
CA TYR A 77 -2.15 -0.10 1.58
C TYR A 77 -3.55 0.08 0.99
N CYS A 78 -3.83 1.30 0.54
CA CYS A 78 -5.14 1.61 -0.03
C CYS A 78 -5.08 1.66 -1.56
N HIS A 79 -6.10 1.12 -2.21
CA HIS A 79 -6.16 1.09 -3.66
C HIS A 79 -7.46 1.72 -4.18
N THR A 80 -7.32 2.76 -5.00
CA THR A 80 -8.47 3.43 -5.59
C THR A 80 -8.45 3.29 -7.11
N GLY A 81 -7.51 2.52 -7.64
CA GLY A 81 -7.42 2.31 -9.06
C GLY A 81 -8.48 1.34 -9.56
N THR A 82 -9.10 1.67 -10.69
CA THR A 82 -10.14 0.82 -11.25
C THR A 82 -9.56 -0.46 -11.87
N ASN A 83 -8.24 -0.51 -11.99
CA ASN A 83 -7.58 -1.68 -12.57
C ASN A 83 -7.28 -2.75 -11.51
N VAL A 84 -7.69 -2.49 -10.28
CA VAL A 84 -7.46 -3.44 -9.18
C VAL A 84 -5.98 -3.64 -8.89
N SER A 85 -5.68 -3.86 -7.63
CA SER A 85 -4.32 -4.12 -7.18
C SER A 85 -4.27 -5.49 -6.52
N TYR A 86 -3.09 -6.07 -6.40
CA TYR A 86 -2.97 -7.38 -5.78
C TYR A 86 -1.76 -7.44 -4.85
N LEU A 87 -2.03 -7.71 -3.57
CA LEU A 87 -0.97 -7.79 -2.57
C LEU A 87 -0.51 -9.23 -2.38
N ASN A 88 0.67 -9.54 -2.92
CA ASN A 88 1.23 -10.88 -2.82
C ASN A 88 0.35 -11.88 -3.53
N ASN A 89 -0.72 -12.30 -2.87
CA ASN A 89 -1.65 -13.27 -3.45
C ASN A 89 -3.11 -12.86 -3.24
N ASN A 90 -3.33 -11.72 -2.58
CA ASN A 90 -4.68 -11.24 -2.34
C ASN A 90 -5.10 -10.21 -3.37
N ARG A 91 -6.37 -10.28 -3.79
CA ARG A 91 -6.91 -9.34 -4.78
C ARG A 91 -7.47 -8.11 -4.08
N MET A 92 -7.22 -6.93 -4.66
CA MET A 92 -7.71 -5.69 -4.08
C MET A 92 -8.30 -4.78 -5.14
N ILE A 93 -9.62 -4.60 -5.08
CA ILE A 93 -10.32 -3.75 -6.03
C ILE A 93 -10.40 -2.31 -5.52
N GLN A 94 -10.68 -1.38 -6.42
CA GLN A 94 -10.79 0.03 -6.05
C GLN A 94 -11.64 0.19 -4.79
N GLY A 95 -11.02 0.67 -3.74
CA GLY A 95 -11.72 0.85 -2.48
C GLY A 95 -11.37 -0.22 -1.47
N THR A 96 -10.20 -0.84 -1.65
CA THR A 96 -9.76 -1.90 -0.74
C THR A 96 -8.54 -1.46 0.07
N LYS A 97 -8.29 -2.18 1.15
CA LYS A 97 -7.15 -1.89 2.02
C LYS A 97 -6.44 -3.18 2.41
N PHE A 98 -5.12 -3.12 2.62
CA PHE A 98 -4.36 -4.32 2.99
C PHE A 98 -3.18 -4.01 3.91
N LEU A 99 -2.90 -4.96 4.80
CA LEU A 99 -1.79 -4.81 5.76
C LEU A 99 -0.44 -4.87 5.05
N LEU A 100 0.43 -3.92 5.38
CA LEU A 100 1.76 -3.87 4.77
C LEU A 100 2.84 -4.27 5.78
N GLN A 101 3.45 -5.41 5.53
CA GLN A 101 4.52 -5.95 6.38
C GLN A 101 5.86 -5.76 5.69
N ASP A 102 6.88 -5.31 6.45
CA ASP A 102 8.22 -5.10 5.89
C ASP A 102 8.57 -6.17 4.86
N GLY A 103 8.81 -5.74 3.63
CA GLY A 103 9.13 -6.67 2.57
C GLY A 103 7.88 -7.14 1.87
N ASP A 104 6.92 -6.23 1.74
CA ASP A 104 5.63 -6.54 1.11
C ASP A 104 5.64 -6.15 -0.37
N GLU A 105 5.47 -7.14 -1.24
CA GLU A 105 5.44 -6.89 -2.67
C GLU A 105 4.00 -6.76 -3.14
N ILE A 106 3.61 -5.54 -3.49
CA ILE A 106 2.24 -5.28 -3.93
C ILE A 106 2.15 -5.07 -5.44
N LYS A 107 1.24 -5.79 -6.07
CA LYS A 107 1.02 -5.66 -7.51
C LYS A 107 -0.01 -4.57 -7.77
N ILE A 108 0.42 -3.53 -8.44
CA ILE A 108 -0.45 -2.41 -8.74
C ILE A 108 -1.28 -2.67 -10.01
N ILE A 109 -0.66 -3.32 -10.99
CA ILE A 109 -1.36 -3.63 -12.24
C ILE A 109 -0.75 -4.84 -12.94
N TRP A 110 -1.61 -5.77 -13.34
CA TRP A 110 -1.17 -6.98 -14.04
C TRP A 110 -2.09 -7.27 -15.23
N ASP A 111 -1.50 -7.44 -16.41
CA ASP A 111 -2.26 -7.75 -17.61
C ASP A 111 -1.78 -9.08 -18.22
N LYS A 112 -2.68 -10.06 -18.26
CA LYS A 112 -2.35 -11.37 -18.80
C LYS A 112 -2.11 -11.31 -20.31
N ASN A 113 -2.99 -10.64 -21.03
CA ASN A 113 -2.89 -10.52 -22.47
C ASN A 113 -1.94 -9.40 -22.88
N ASN A 114 -2.01 -8.27 -22.18
CA ASN A 114 -1.15 -7.13 -22.48
C ASN A 114 0.26 -7.33 -21.96
N LYS A 115 0.44 -8.32 -21.08
CA LYS A 115 1.74 -8.60 -20.50
C LYS A 115 2.22 -7.44 -19.63
N PHE A 116 1.31 -6.53 -19.31
CA PHE A 116 1.65 -5.39 -18.47
C PHE A 116 1.70 -5.85 -17.02
N VAL A 117 2.91 -6.01 -16.49
CA VAL A 117 3.08 -6.47 -15.13
C VAL A 117 3.72 -5.41 -14.25
N ILE A 118 3.05 -5.08 -13.16
CA ILE A 118 3.54 -4.08 -12.23
C ILE A 118 3.59 -4.64 -10.81
N GLY A 119 4.49 -4.10 -10.01
CA GLY A 119 4.62 -4.57 -8.64
C GLY A 119 5.77 -3.90 -7.91
N PHE A 120 5.48 -3.35 -6.73
CA PHE A 120 6.50 -2.67 -5.94
C PHE A 120 6.78 -3.45 -4.67
N LYS A 121 8.04 -3.43 -4.25
CA LYS A 121 8.43 -4.15 -3.04
C LYS A 121 8.57 -3.19 -1.87
N VAL A 122 7.74 -3.40 -0.85
CA VAL A 122 7.76 -2.57 0.33
C VAL A 122 8.90 -2.97 1.26
N GLU A 123 9.74 -2.01 1.61
CA GLU A 123 10.85 -2.29 2.50
C GLU A 123 10.94 -1.22 3.59
N ILE A 124 10.61 -1.61 4.80
CA ILE A 124 10.66 -0.69 5.94
C ILE A 124 12.09 -0.54 6.44
N ASN A 125 12.68 0.61 6.14
CA ASN A 125 14.05 0.88 6.56
C ASN A 125 14.06 1.49 7.96
N ASP A 126 13.16 2.44 8.20
CA ASP A 126 13.06 3.08 9.50
C ASP A 126 11.78 2.66 10.21
N THR A 127 11.86 2.47 11.52
CA THR A 127 10.70 2.09 12.29
C THR A 127 10.32 3.20 13.25
N THR A 128 9.32 3.97 12.85
CA THR A 128 8.84 5.09 13.66
C THR A 128 7.91 4.59 14.75
N GLY A 129 8.46 3.81 15.68
CA GLY A 129 7.67 3.28 16.77
C GLY A 129 6.72 2.20 16.29
N LEU A 130 7.25 1.27 15.49
CA LEU A 130 6.44 0.17 14.96
C LEU A 130 6.43 -1.01 15.93
N PHE A 131 5.24 -1.55 16.20
CA PHE A 131 5.09 -2.69 17.10
C PHE A 131 6.17 -3.72 16.83
N ASN A 132 6.56 -3.81 15.57
CA ASN A 132 7.58 -4.74 15.12
C ASN A 132 8.35 -4.13 13.97
N GLU A 133 7.60 -3.86 12.89
CA GLU A 133 8.12 -3.29 11.65
C GLU A 133 7.37 -3.88 10.47
N GLY A 134 6.09 -4.20 10.68
CA GLY A 134 5.29 -4.78 9.63
C GLY A 134 5.64 -6.24 9.37
N LEU A 135 5.30 -7.12 10.31
CA LEU A 135 5.57 -8.55 10.14
C LEU A 135 4.28 -9.32 9.85
N GLY A 136 3.14 -8.64 9.98
CA GLY A 136 1.87 -9.30 9.74
C GLY A 136 1.12 -9.59 11.03
N MET A 137 0.84 -10.87 11.26
CA MET A 137 0.13 -11.29 12.47
C MET A 137 -1.25 -10.64 12.55
N LEU A 138 -2.28 -11.49 12.61
CA LEU A 138 -3.66 -11.02 12.70
C LEU A 138 -4.63 -12.19 12.70
N GLN A 139 -5.87 -11.94 13.10
CA GLN A 139 -6.89 -12.97 13.15
C GLN A 139 -7.03 -13.64 11.78
N GLU A 140 -7.54 -12.89 10.81
CA GLU A 140 -7.71 -13.40 9.46
C GLU A 140 -6.35 -13.58 8.78
N GLN A 141 -6.20 -14.66 8.03
CA GLN A 141 -4.94 -14.92 7.34
C GLN A 141 -4.85 -14.13 6.04
N ARG A 142 -4.12 -13.02 6.09
CA ARG A 142 -3.93 -12.16 4.92
C ARG A 142 -5.22 -12.02 4.11
N VAL A 143 -6.07 -11.09 4.53
CA VAL A 143 -7.34 -10.84 3.85
C VAL A 143 -7.45 -9.39 3.43
N VAL A 144 -8.04 -9.15 2.27
CA VAL A 144 -8.21 -7.80 1.76
C VAL A 144 -9.37 -7.09 2.45
N LEU A 145 -9.08 -5.95 3.08
CA LEU A 145 -10.09 -5.18 3.79
C LEU A 145 -10.71 -4.12 2.88
N LYS A 146 -11.87 -3.62 3.26
CA LYS A 146 -12.56 -2.60 2.49
C LYS A 146 -12.41 -1.23 3.15
N GLN A 147 -12.14 -0.21 2.35
CA GLN A 147 -11.97 1.15 2.86
C GLN A 147 -13.31 1.87 2.96
N THR A 148 -13.42 2.78 3.92
CA THR A 148 -14.65 3.54 4.12
C THR A 148 -14.47 5.00 3.73
N ALA A 149 -15.49 5.81 3.98
CA ALA A 149 -15.46 7.23 3.66
C ALA A 149 -14.24 7.89 4.28
N GLU A 150 -13.79 7.38 5.42
CA GLU A 150 -12.63 7.93 6.11
C GLU A 150 -11.41 7.89 5.20
N GLU A 151 -11.16 6.72 4.62
CA GLU A 151 -10.02 6.54 3.72
C GLU A 151 -10.23 7.35 2.44
N LYS A 152 -11.43 7.27 1.89
CA LYS A 152 -11.76 8.00 0.67
C LYS A 152 -11.55 9.50 0.86
N ASP A 153 -11.78 9.96 2.09
CA ASP A 153 -11.62 11.37 2.42
C ASP A 153 -10.14 11.77 2.33
N LEU A 154 -9.26 10.85 2.74
CA LEU A 154 -7.83 11.11 2.70
C LEU A 154 -7.37 11.44 1.29
N VAL A 155 -7.86 10.68 0.32
CA VAL A 155 -7.52 10.90 -1.08
C VAL A 155 -8.26 12.10 -1.65
N LYS A 156 -9.29 12.56 -0.94
CA LYS A 156 -10.07 13.71 -1.38
C LYS A 156 -9.25 14.99 -1.28
N LYS A 157 -8.46 15.10 -0.21
CA LYS A 157 -7.62 16.27 0.00
C LYS A 157 -6.20 16.04 -0.56
N LEU A 158 -6.03 14.96 -1.33
CA LEU A 158 -4.74 14.65 -1.91
C LEU A 158 -4.27 15.77 -2.82
N GLU B 1 -6.37 6.90 -22.08
CA GLU B 1 -7.41 5.85 -21.90
C GLU B 1 -8.56 6.35 -21.03
N ASP B 2 -9.70 5.69 -21.14
CA ASP B 2 -10.88 6.06 -20.35
C ASP B 2 -11.59 4.82 -19.83
N ILE B 3 -11.92 4.83 -18.54
CA ILE B 3 -12.61 3.71 -17.92
C ILE B 3 -11.71 2.47 -17.91
N PTR B 4 -10.75 2.45 -17.00
CA PTR B 4 -9.83 1.33 -16.88
C PTR B 4 -10.58 0.03 -16.63
O PTR B 4 -11.67 0.03 -16.05
CB PTR B 4 -8.83 1.58 -15.74
CG PTR B 4 -8.25 2.98 -15.75
CD1 PTR B 4 -8.72 3.95 -14.88
CD2 PTR B 4 -7.23 3.32 -16.63
CE1 PTR B 4 -8.20 5.22 -14.88
CE2 PTR B 4 -6.69 4.60 -16.64
CZ PTR B 4 -7.18 5.54 -15.76
OH PTR B 4 -6.65 6.83 -15.77
P PTR B 4 -7.04 7.79 -16.93
O1P PTR B 4 -6.43 7.14 -18.21
O2P PTR B 4 -8.59 7.69 -17.01
O3P PTR B 4 -6.56 9.20 -16.72
H2 PTR B 4 -10.64 3.22 -16.40
HA PTR B 4 -9.28 1.24 -17.80
HB2 PTR B 4 -8.02 0.88 -15.82
HB3 PTR B 4 -9.34 1.44 -14.80
HD1 PTR B 4 -9.51 3.70 -14.18
HD2 PTR B 4 -6.86 2.58 -17.31
HE1 PTR B 4 -8.57 5.98 -14.19
HE2 PTR B 4 -5.90 4.84 -17.32
N TYR B 5 -10.01 -1.09 -17.08
CA TYR B 5 -10.65 -2.39 -16.91
C TYR B 5 -9.81 -3.51 -17.51
N LEU B 6 -8.79 -3.94 -16.77
CA LEU B 6 -7.92 -5.01 -17.24
C LEU B 6 -8.64 -6.36 -17.22
N ASP B 7 -8.52 -7.10 -18.30
CA ASP B 7 -9.18 -8.40 -18.41
C ASP B 7 -8.19 -9.54 -18.10
N GLY A 1 11.97 10.05 13.55
CA GLY A 1 12.54 9.18 12.54
C GLY A 1 13.62 9.86 11.73
N ASN A 2 14.23 9.10 10.82
CA ASN A 2 15.30 9.64 9.97
C ASN A 2 14.71 10.35 8.75
N GLY A 3 13.48 10.01 8.39
CA GLY A 3 12.85 10.63 7.25
C GLY A 3 12.02 9.65 6.44
N ARG A 4 12.55 8.45 6.24
CA ARG A 4 11.87 7.42 5.48
C ARG A 4 11.49 6.24 6.37
N PHE A 5 10.33 5.65 6.11
CA PHE A 5 9.86 4.51 6.88
C PHE A 5 9.70 3.29 5.97
N LEU A 6 8.87 3.42 4.94
CA LEU A 6 8.65 2.33 4.01
C LEU A 6 9.20 2.66 2.63
N THR A 7 9.76 1.65 1.99
CA THR A 7 10.33 1.84 0.66
C THR A 7 9.64 0.93 -0.35
N LEU A 8 8.95 1.55 -1.31
CA LEU A 8 8.29 0.79 -2.36
C LEU A 8 9.15 0.90 -3.58
N LYS A 9 9.80 -0.19 -3.96
CA LYS A 9 10.71 -0.13 -5.09
C LYS A 9 10.27 -0.95 -6.29
N PRO A 10 9.65 -0.30 -7.30
CA PRO A 10 9.27 -0.99 -8.53
C PRO A 10 10.44 -1.84 -9.04
N LEU A 11 10.39 -3.12 -8.72
CA LEU A 11 11.47 -4.04 -9.07
C LEU A 11 11.49 -4.44 -10.54
N PRO A 12 12.67 -4.90 -11.03
CA PRO A 12 12.85 -5.31 -12.43
C PRO A 12 11.78 -6.28 -12.90
N ASP A 13 11.20 -7.04 -11.96
CA ASP A 13 10.15 -7.97 -12.31
C ASP A 13 8.96 -7.20 -12.87
N SER A 14 8.83 -5.96 -12.43
CA SER A 14 7.78 -5.08 -12.90
C SER A 14 8.30 -4.20 -14.02
N ILE A 15 7.39 -3.77 -14.89
CA ILE A 15 7.75 -2.92 -16.01
C ILE A 15 8.54 -1.68 -15.55
N ILE A 16 8.49 -1.40 -14.24
CA ILE A 16 9.18 -0.25 -13.68
C ILE A 16 10.39 -0.67 -12.83
N GLN A 17 11.53 -0.02 -13.08
CA GLN A 17 12.76 -0.31 -12.35
C GLN A 17 13.22 0.90 -11.54
N GLU A 18 12.32 1.41 -10.72
CA GLU A 18 12.59 2.58 -9.88
C GLU A 18 12.36 2.26 -8.41
N SER A 19 12.72 3.19 -7.53
CA SER A 19 12.52 2.99 -6.09
C SER A 19 11.78 4.17 -5.48
N LEU A 20 10.71 3.87 -4.75
CA LEU A 20 9.90 4.88 -4.08
C LEU A 20 10.04 4.73 -2.57
N GLU A 21 10.14 5.86 -1.87
CA GLU A 21 10.29 5.82 -0.41
C GLU A 21 9.20 6.62 0.29
N ILE A 22 8.32 5.93 1.03
CA ILE A 22 7.25 6.58 1.74
C ILE A 22 7.78 7.24 3.01
N GLN A 23 7.81 8.55 3.00
CA GLN A 23 8.29 9.30 4.15
C GLN A 23 7.32 9.13 5.33
N GLN A 24 7.81 8.55 6.42
CA GLN A 24 6.98 8.33 7.60
C GLN A 24 6.19 9.59 7.95
N GLY A 25 6.75 10.74 7.60
CA GLY A 25 6.10 12.00 7.88
C GLY A 25 4.86 12.24 7.04
N VAL A 26 4.75 11.54 5.90
CA VAL A 26 3.60 11.73 5.03
C VAL A 26 2.58 10.61 5.21
N ASN A 27 1.38 10.99 5.65
CA ASN A 27 0.30 10.02 5.82
C ASN A 27 -1.03 10.63 5.35
N PRO A 28 -1.70 9.99 4.38
CA PRO A 28 -1.27 8.76 3.74
C PRO A 28 -0.40 9.04 2.51
N PHE A 29 0.37 8.04 2.09
CA PHE A 29 1.25 8.21 0.93
C PHE A 29 0.51 7.80 -0.33
N PHE A 30 0.29 8.78 -1.22
CA PHE A 30 -0.45 8.53 -2.45
C PHE A 30 0.46 8.17 -3.60
N ILE A 31 0.04 7.18 -4.38
CA ILE A 31 0.80 6.73 -5.52
C ILE A 31 -0.06 6.77 -6.78
N GLY A 32 0.56 7.09 -7.90
CA GLY A 32 -0.18 7.16 -9.15
C GLY A 32 0.54 7.93 -10.23
N ARG A 33 -0.14 8.13 -11.36
CA ARG A 33 0.43 8.85 -12.50
C ARG A 33 0.64 10.33 -12.18
N SER A 34 -0.37 10.95 -11.60
CA SER A 34 -0.31 12.37 -11.24
C SER A 34 0.80 12.64 -10.24
N GLU A 35 1.64 13.62 -10.55
CA GLU A 35 2.73 14.00 -9.67
C GLU A 35 2.21 14.39 -8.29
N ASP A 36 0.91 14.71 -8.22
CA ASP A 36 0.30 15.09 -6.95
C ASP A 36 0.47 13.98 -5.93
N CYS A 37 0.51 12.75 -6.41
CA CYS A 37 0.66 11.58 -5.55
C CYS A 37 2.07 11.54 -4.97
N ASN A 38 2.16 11.33 -3.66
CA ASN A 38 3.44 11.27 -2.98
C ASN A 38 4.43 10.41 -3.78
N CYS A 39 3.88 9.41 -4.46
CA CYS A 39 4.67 8.52 -5.29
C CYS A 39 4.35 8.80 -6.76
N LYS A 40 5.36 8.74 -7.62
CA LYS A 40 5.15 9.02 -9.04
C LYS A 40 5.29 7.79 -9.92
N ILE A 41 4.15 7.30 -10.38
CA ILE A 41 4.11 6.15 -11.27
C ILE A 41 3.05 6.38 -12.34
N GLU A 42 3.48 6.59 -13.58
CA GLU A 42 2.51 6.85 -14.65
C GLU A 42 2.34 5.63 -15.56
N ASP A 43 1.20 4.98 -15.41
CA ASP A 43 0.83 3.83 -16.22
C ASP A 43 -0.58 4.06 -16.76
N ASN A 44 -0.68 4.34 -18.06
CA ASN A 44 -1.97 4.61 -18.69
C ASN A 44 -3.10 3.70 -18.18
N ARG A 45 -2.74 2.50 -17.74
CA ARG A 45 -3.74 1.56 -17.25
C ARG A 45 -4.32 1.98 -15.90
N LEU A 46 -3.46 2.47 -15.01
CA LEU A 46 -3.92 2.92 -13.68
C LEU A 46 -4.31 4.40 -13.70
N SER A 47 -5.12 4.79 -12.73
CA SER A 47 -5.57 6.17 -12.61
C SER A 47 -4.47 7.07 -12.04
N ARG A 48 -4.64 8.38 -12.19
CA ARG A 48 -3.65 9.33 -11.68
C ARG A 48 -3.36 9.06 -10.21
N VAL A 49 -4.34 8.48 -9.52
CA VAL A 49 -4.21 8.13 -8.11
C VAL A 49 -4.66 6.69 -7.93
N HIS A 50 -3.95 5.77 -8.57
CA HIS A 50 -4.27 4.36 -8.53
C HIS A 50 -4.47 3.86 -7.11
N CYS A 51 -3.54 4.19 -6.22
CA CYS A 51 -3.63 3.73 -4.84
C CYS A 51 -2.72 4.54 -3.92
N PHE A 52 -3.00 4.45 -2.62
CA PHE A 52 -2.23 5.16 -1.61
C PHE A 52 -2.10 4.31 -0.35
N ILE A 53 -0.98 4.47 0.35
CA ILE A 53 -0.73 3.73 1.58
C ILE A 53 -0.99 4.63 2.79
N PHE A 54 -1.86 4.20 3.68
CA PHE A 54 -2.19 4.97 4.87
C PHE A 54 -1.73 4.24 6.13
N LYS A 55 -1.08 4.97 7.03
CA LYS A 55 -0.59 4.41 8.27
C LYS A 55 -1.56 4.68 9.41
N LYS A 56 -1.81 3.66 10.21
CA LYS A 56 -2.75 3.78 11.33
C LYS A 56 -2.21 3.14 12.60
N ARG A 57 -2.75 3.55 13.74
CA ARG A 57 -2.33 3.01 15.03
C ARG A 57 -2.95 1.64 15.24
N HIS A 58 -2.08 0.63 15.31
CA HIS A 58 -2.53 -0.76 15.51
C HIS A 58 -3.29 -0.92 16.82
N ALA A 59 -4.44 -1.56 16.74
CA ALA A 59 -5.26 -1.80 17.92
C ALA A 59 -4.51 -2.64 18.95
N VAL A 60 -5.25 -3.28 19.84
CA VAL A 60 -4.67 -4.12 20.89
C VAL A 60 -3.72 -3.32 21.78
N GLY A 61 -3.96 -3.36 23.08
CA GLY A 61 -3.11 -2.64 24.01
C GLY A 61 -2.82 -3.43 25.27
N LYS A 62 -3.71 -3.32 26.25
CA LYS A 62 -3.54 -4.03 27.52
C LYS A 62 -3.57 -5.54 27.29
N SER A 63 -2.46 -6.20 27.59
CA SER A 63 -2.36 -7.64 27.42
C SER A 63 -1.83 -8.30 28.69
N MET A 64 -2.02 -9.62 28.80
CA MET A 64 -1.56 -10.36 29.98
C MET A 64 -0.19 -10.96 29.72
N TYR A 65 0.80 -10.51 30.48
CA TYR A 65 2.17 -11.02 30.35
C TYR A 65 2.73 -10.69 28.96
N GLU A 66 2.36 -11.50 27.97
CA GLU A 66 2.83 -11.30 26.61
C GLU A 66 2.08 -10.15 25.95
N SER A 67 2.84 -9.18 25.43
CA SER A 67 2.24 -8.03 24.76
C SER A 67 2.27 -8.20 23.24
N PRO A 68 1.10 -8.44 22.62
CA PRO A 68 0.99 -8.61 21.17
C PRO A 68 1.48 -7.38 20.41
N ALA A 69 0.91 -7.14 19.24
CA ALA A 69 1.27 -6.00 18.41
C ALA A 69 1.32 -4.70 19.23
N GLN A 70 0.57 -4.67 20.33
CA GLN A 70 0.53 -3.51 21.21
C GLN A 70 -0.06 -2.30 20.48
N GLY A 71 -0.08 -1.16 21.15
CA GLY A 71 -0.63 0.05 20.56
C GLY A 71 0.41 0.87 19.81
N LEU A 72 0.81 0.38 18.65
CA LEU A 72 1.80 1.07 17.82
C LEU A 72 1.16 1.50 16.49
N ASP A 73 1.97 1.71 15.46
CA ASP A 73 1.45 2.13 14.16
C ASP A 73 1.74 1.10 13.08
N ASP A 74 0.82 1.00 12.13
CA ASP A 74 0.95 0.08 11.01
C ASP A 74 0.62 0.79 9.70
N ILE A 75 1.13 0.27 8.59
CA ILE A 75 0.86 0.89 7.29
C ILE A 75 -0.12 0.07 6.48
N TRP A 76 -1.24 0.69 6.16
CA TRP A 76 -2.28 0.07 5.37
C TRP A 76 -2.21 0.52 3.92
N TYR A 77 -2.27 -0.43 2.99
CA TYR A 77 -2.23 -0.09 1.57
C TYR A 77 -3.65 0.11 1.05
N CYS A 78 -3.94 1.32 0.60
CA CYS A 78 -5.27 1.65 0.09
C CYS A 78 -5.29 1.70 -1.44
N HIS A 79 -6.14 0.87 -2.04
CA HIS A 79 -6.26 0.83 -3.49
C HIS A 79 -7.51 1.56 -3.97
N THR A 80 -7.31 2.48 -4.92
CA THR A 80 -8.41 3.26 -5.47
C THR A 80 -8.47 3.13 -7.00
N GLY A 81 -7.58 2.32 -7.56
CA GLY A 81 -7.58 2.12 -9.00
C GLY A 81 -8.68 1.19 -9.46
N THR A 82 -9.16 1.39 -10.68
CA THR A 82 -10.23 0.56 -11.23
C THR A 82 -9.68 -0.75 -11.81
N ASN A 83 -8.39 -0.78 -12.09
CA ASN A 83 -7.75 -1.97 -12.65
C ASN A 83 -7.39 -2.98 -11.57
N VAL A 84 -7.76 -2.69 -10.31
CA VAL A 84 -7.49 -3.55 -9.18
C VAL A 84 -6.03 -3.98 -9.10
N SER A 85 -5.49 -3.96 -7.88
CA SER A 85 -4.10 -4.34 -7.64
C SER A 85 -4.04 -5.67 -6.91
N TYR A 86 -2.86 -6.27 -6.88
CA TYR A 86 -2.68 -7.57 -6.22
C TYR A 86 -1.59 -7.50 -5.15
N LEU A 87 -1.95 -7.79 -3.91
CA LEU A 87 -1.00 -7.77 -2.81
C LEU A 87 -0.63 -9.18 -2.37
N ASN A 88 0.53 -9.64 -2.83
CA ASN A 88 1.01 -10.98 -2.49
C ASN A 88 0.04 -12.05 -2.99
N ASN A 89 -1.02 -12.29 -2.22
CA ASN A 89 -2.00 -13.30 -2.59
C ASN A 89 -3.43 -12.78 -2.37
N ASN A 90 -3.57 -11.51 -2.01
CA ASN A 90 -4.89 -10.93 -1.77
C ASN A 90 -5.25 -9.93 -2.86
N ARG A 91 -6.49 -9.97 -3.31
CA ARG A 91 -6.96 -9.06 -4.34
C ARG A 91 -7.17 -7.65 -3.79
N MET A 92 -6.76 -6.66 -4.57
CA MET A 92 -6.89 -5.26 -4.16
C MET A 92 -7.80 -4.51 -5.13
N ILE A 93 -9.11 -4.55 -4.84
CA ILE A 93 -10.08 -3.87 -5.70
C ILE A 93 -10.26 -2.42 -5.29
N GLN A 94 -10.88 -1.63 -6.17
CA GLN A 94 -11.11 -0.22 -5.89
C GLN A 94 -11.86 -0.03 -4.58
N GLY A 95 -11.14 0.41 -3.56
CA GLY A 95 -11.74 0.63 -2.25
C GLY A 95 -11.41 -0.47 -1.27
N THR A 96 -10.16 -0.93 -1.28
CA THR A 96 -9.73 -1.99 -0.37
C THR A 96 -8.52 -1.54 0.45
N LYS A 97 -8.28 -2.26 1.53
CA LYS A 97 -7.16 -1.97 2.42
C LYS A 97 -6.46 -3.26 2.85
N PHE A 98 -5.15 -3.21 3.02
CA PHE A 98 -4.38 -4.39 3.42
C PHE A 98 -3.16 -4.02 4.27
N LEU A 99 -2.84 -4.88 5.24
CA LEU A 99 -1.71 -4.66 6.14
C LEU A 99 -0.39 -4.79 5.40
N LEU A 100 0.53 -3.86 5.67
CA LEU A 100 1.84 -3.88 5.03
C LEU A 100 2.94 -4.33 6.00
N GLN A 101 3.51 -5.49 5.70
CA GLN A 101 4.59 -6.05 6.50
C GLN A 101 5.91 -5.88 5.74
N ASP A 102 6.98 -5.50 6.45
CA ASP A 102 8.29 -5.29 5.82
C ASP A 102 8.55 -6.33 4.75
N GLY A 103 8.81 -5.87 3.52
CA GLY A 103 9.05 -6.78 2.43
C GLY A 103 7.76 -7.16 1.74
N ASP A 104 6.89 -6.17 1.57
CA ASP A 104 5.59 -6.38 0.93
C ASP A 104 5.65 -6.08 -0.55
N GLU A 105 5.48 -7.12 -1.36
CA GLU A 105 5.49 -6.96 -2.81
C GLU A 105 4.07 -6.84 -3.33
N ILE A 106 3.71 -5.65 -3.82
CA ILE A 106 2.37 -5.41 -4.32
C ILE A 106 2.33 -5.19 -5.82
N LYS A 107 1.35 -5.79 -6.47
CA LYS A 107 1.15 -5.65 -7.91
C LYS A 107 0.08 -4.60 -8.16
N ILE A 108 0.47 -3.50 -8.79
CA ILE A 108 -0.45 -2.42 -9.05
C ILE A 108 -1.27 -2.69 -10.32
N ILE A 109 -0.64 -3.25 -11.33
CA ILE A 109 -1.34 -3.54 -12.58
C ILE A 109 -0.67 -4.66 -13.36
N TRP A 110 -1.48 -5.62 -13.81
CA TRP A 110 -0.98 -6.75 -14.58
C TRP A 110 -1.89 -7.03 -15.78
N ASP A 111 -1.31 -7.05 -16.98
CA ASP A 111 -2.08 -7.32 -18.18
C ASP A 111 -1.55 -8.55 -18.90
N LYS A 112 -2.38 -9.58 -19.02
CA LYS A 112 -1.99 -10.82 -19.67
C LYS A 112 -1.74 -10.62 -21.16
N ASN A 113 -2.65 -9.91 -21.83
CA ASN A 113 -2.53 -9.66 -23.26
C ASN A 113 -1.63 -8.46 -23.54
N ASN A 114 -1.76 -7.42 -22.72
CA ASN A 114 -0.97 -6.22 -22.88
C ASN A 114 0.45 -6.41 -22.33
N LYS A 115 0.62 -7.43 -21.49
CA LYS A 115 1.92 -7.72 -20.90
C LYS A 115 2.37 -6.58 -19.99
N PHE A 116 1.43 -5.70 -19.63
CA PHE A 116 1.74 -4.59 -18.74
C PHE A 116 1.71 -5.07 -17.30
N VAL A 117 2.89 -5.22 -16.71
CA VAL A 117 2.97 -5.70 -15.34
C VAL A 117 3.72 -4.73 -14.44
N ILE A 118 3.06 -4.32 -13.36
CA ILE A 118 3.64 -3.41 -12.39
C ILE A 118 3.82 -4.13 -11.05
N GLY A 119 4.82 -3.72 -10.29
CA GLY A 119 5.07 -4.36 -9.01
C GLY A 119 6.13 -3.66 -8.20
N PHE A 120 5.77 -3.21 -7.00
CA PHE A 120 6.71 -2.51 -6.14
C PHE A 120 6.99 -3.34 -4.89
N LYS A 121 8.24 -3.30 -4.43
CA LYS A 121 8.63 -4.04 -3.23
C LYS A 121 8.72 -3.13 -2.02
N VAL A 122 7.88 -3.42 -1.02
CA VAL A 122 7.86 -2.62 0.20
C VAL A 122 9.00 -3.03 1.13
N GLU A 123 9.83 -2.07 1.51
CA GLU A 123 10.94 -2.36 2.41
C GLU A 123 11.02 -1.32 3.52
N ILE A 124 10.68 -1.75 4.73
CA ILE A 124 10.73 -0.86 5.90
C ILE A 124 12.18 -0.61 6.32
N ASN A 125 12.67 0.59 6.03
CA ASN A 125 14.02 0.96 6.39
C ASN A 125 14.07 1.46 7.83
N ASP A 126 13.13 2.36 8.15
CA ASP A 126 13.04 2.91 9.49
C ASP A 126 11.78 2.43 10.19
N THR A 127 11.89 2.17 11.49
CA THR A 127 10.74 1.73 12.26
C THR A 127 10.38 2.79 13.28
N THR A 128 9.37 3.57 12.96
CA THR A 128 8.89 4.63 13.83
C THR A 128 7.99 4.06 14.92
N GLY A 129 8.55 3.19 15.75
CA GLY A 129 7.79 2.59 16.82
C GLY A 129 6.60 1.80 16.31
N LEU A 130 6.87 0.85 15.41
CA LEU A 130 5.81 0.03 14.83
C LEU A 130 5.53 -1.19 15.68
N PHE A 131 4.28 -1.63 15.67
CA PHE A 131 3.84 -2.82 16.42
C PHE A 131 4.89 -3.93 16.34
N ASN A 132 5.60 -3.97 15.21
CA ASN A 132 6.65 -4.95 14.97
C ASN A 132 7.26 -4.72 13.60
N GLU A 133 7.32 -3.46 13.20
CA GLU A 133 7.86 -3.10 11.90
C GLU A 133 6.91 -3.58 10.80
N GLY A 134 6.74 -4.90 10.72
CA GLY A 134 5.86 -5.48 9.73
C GLY A 134 6.28 -6.90 9.37
N LEU A 135 6.12 -7.82 10.31
CA LEU A 135 6.49 -9.21 10.08
C LEU A 135 5.24 -10.09 9.86
N GLY A 136 4.06 -9.52 10.09
CA GLY A 136 2.84 -10.27 9.91
C GLY A 136 2.24 -10.72 11.23
N MET A 137 1.90 -9.75 12.07
CA MET A 137 1.31 -10.03 13.38
C MET A 137 0.20 -11.08 13.28
N LEU A 138 0.22 -12.03 14.21
CA LEU A 138 -0.78 -13.09 14.24
C LEU A 138 -2.19 -12.52 14.36
N GLN A 139 -3.15 -13.36 14.77
CA GLN A 139 -4.53 -12.95 14.92
C GLN A 139 -5.24 -12.90 13.57
N GLU A 140 -4.73 -12.06 12.68
CA GLU A 140 -5.31 -11.91 11.34
C GLU A 140 -4.37 -12.48 10.28
N GLN A 141 -4.81 -13.53 9.60
CA GLN A 141 -3.99 -14.16 8.56
C GLN A 141 -4.13 -13.41 7.24
N ARG A 142 -3.14 -12.56 6.94
CA ARG A 142 -3.10 -11.76 5.72
C ARG A 142 -4.46 -11.69 5.02
N VAL A 143 -5.30 -10.78 5.50
CA VAL A 143 -6.63 -10.59 4.92
C VAL A 143 -6.80 -9.12 4.50
N VAL A 144 -7.45 -8.92 3.37
CA VAL A 144 -7.67 -7.57 2.85
C VAL A 144 -8.98 -6.98 3.37
N LEU A 145 -8.89 -5.85 4.04
CA LEU A 145 -10.07 -5.17 4.59
C LEU A 145 -10.60 -4.13 3.60
N LYS A 146 -11.76 -3.57 3.92
CA LYS A 146 -12.39 -2.57 3.07
C LYS A 146 -12.19 -1.17 3.65
N GLN A 147 -11.97 -0.19 2.77
CA GLN A 147 -11.77 1.19 3.21
C GLN A 147 -13.11 1.93 3.29
N THR A 148 -13.12 3.03 4.05
CA THR A 148 -14.33 3.83 4.22
C THR A 148 -14.09 5.28 3.81
N ALA A 149 -15.08 6.13 4.06
CA ALA A 149 -14.99 7.54 3.72
C ALA A 149 -13.73 8.16 4.32
N GLU A 150 -13.28 7.61 5.44
CA GLU A 150 -12.08 8.10 6.10
C GLU A 150 -10.88 8.04 5.17
N GLU A 151 -10.70 6.89 4.53
CA GLU A 151 -9.60 6.71 3.60
C GLU A 151 -9.82 7.54 2.33
N LYS A 152 -11.01 7.41 1.76
CA LYS A 152 -11.36 8.16 0.55
C LYS A 152 -11.20 9.67 0.78
N ASP A 153 -11.46 10.10 2.01
CA ASP A 153 -11.34 11.51 2.37
C ASP A 153 -9.91 11.98 2.23
N LEU A 154 -8.97 11.14 2.66
CA LEU A 154 -7.55 11.48 2.59
C LEU A 154 -7.13 11.79 1.16
N VAL A 155 -7.58 10.96 0.23
CA VAL A 155 -7.25 11.15 -1.18
C VAL A 155 -8.06 12.28 -1.79
N LYS A 156 -9.21 12.58 -1.20
CA LYS A 156 -10.08 13.64 -1.68
C LYS A 156 -9.34 14.97 -1.72
N LYS A 157 -8.55 15.24 -0.69
CA LYS A 157 -7.78 16.48 -0.61
C LYS A 157 -6.60 16.46 -1.57
N LEU A 158 -6.26 15.28 -2.07
CA LEU A 158 -5.14 15.14 -3.01
C LEU A 158 -5.32 16.06 -4.21
N GLU B 1 -12.96 7.12 -24.83
CA GLU B 1 -12.36 6.98 -23.48
C GLU B 1 -13.29 6.24 -22.53
N ASP B 2 -12.94 5.00 -22.21
CA ASP B 2 -13.75 4.18 -21.32
C ASP B 2 -13.01 3.93 -20.00
N ILE B 3 -13.70 3.27 -19.07
CA ILE B 3 -13.11 2.95 -17.77
C ILE B 3 -11.98 1.93 -17.91
N PTR B 4 -11.33 1.63 -16.79
CA PTR B 4 -10.23 0.67 -16.80
C PTR B 4 -10.71 -0.70 -16.34
O PTR B 4 -11.71 -0.82 -15.62
CB PTR B 4 -9.09 1.15 -15.89
CG PTR B 4 -8.47 2.45 -16.36
CD1 PTR B 4 -8.31 3.51 -15.46
CD2 PTR B 4 -8.04 2.62 -17.66
CE1 PTR B 4 -7.73 4.70 -15.89
CE2 PTR B 4 -7.46 3.80 -18.08
CZ PTR B 4 -7.31 4.84 -17.19
OH PTR B 4 -6.74 6.04 -17.61
P PTR B 4 -7.69 7.19 -18.09
O1P PTR B 4 -8.28 6.68 -19.42
O2P PTR B 4 -8.81 7.23 -17.01
O3P PTR B 4 -6.98 8.50 -18.23
H2 PTR B 4 -11.59 2.06 -15.96
HA PTR B 4 -9.86 0.58 -17.81
HB2 PTR B 4 -8.31 0.40 -15.87
HB3 PTR B 4 -9.48 1.31 -14.89
HD1 PTR B 4 -8.63 3.40 -14.45
HD2 PTR B 4 -8.16 1.80 -18.37
HE1 PTR B 4 -7.62 5.52 -15.19
HE2 PTR B 4 -7.14 3.91 -19.11
N TYR B 5 -9.99 -1.74 -16.75
CA TYR B 5 -10.34 -3.11 -16.37
C TYR B 5 -9.30 -4.10 -16.87
N LEU B 6 -9.03 -5.13 -16.07
CA LEU B 6 -8.05 -6.15 -16.45
C LEU B 6 -8.62 -7.55 -16.24
N ASP B 7 -8.13 -8.51 -17.03
CA ASP B 7 -8.59 -9.88 -16.93
C ASP B 7 -7.40 -10.84 -16.87
N GLY A 1 14.68 7.98 12.46
CA GLY A 1 13.60 8.71 11.82
C GLY A 1 14.08 9.99 11.16
N ASN A 2 14.64 9.85 9.96
CA ASN A 2 15.13 11.01 9.22
C ASN A 2 14.07 11.55 8.26
N GLY A 3 13.11 10.70 7.90
CA GLY A 3 12.06 11.11 7.00
C GLY A 3 11.49 9.95 6.20
N ARG A 4 12.28 8.89 6.05
CA ARG A 4 11.85 7.72 5.31
C ARG A 4 11.52 6.57 6.25
N PHE A 5 10.46 5.83 5.92
CA PHE A 5 10.03 4.71 6.74
C PHE A 5 9.83 3.47 5.86
N LEU A 6 8.91 3.57 4.92
CA LEU A 6 8.61 2.46 4.02
C LEU A 6 9.16 2.74 2.64
N THR A 7 9.70 1.70 2.00
CA THR A 7 10.27 1.85 0.67
C THR A 7 9.55 0.98 -0.34
N LEU A 8 8.95 1.61 -1.35
CA LEU A 8 8.28 0.90 -2.41
C LEU A 8 9.18 0.94 -3.61
N LYS A 9 9.78 -0.19 -3.94
CA LYS A 9 10.72 -0.18 -5.05
C LYS A 9 10.27 -0.96 -6.27
N PRO A 10 9.74 -0.26 -7.29
CA PRO A 10 9.34 -0.88 -8.54
C PRO A 10 10.47 -1.78 -9.04
N LEU A 11 10.33 -3.07 -8.82
CA LEU A 11 11.36 -4.05 -9.16
C LEU A 11 11.47 -4.31 -10.67
N PRO A 12 12.65 -4.81 -11.10
CA PRO A 12 12.93 -5.10 -12.51
C PRO A 12 11.85 -5.94 -13.16
N ASP A 13 11.16 -6.75 -12.36
CA ASP A 13 10.08 -7.58 -12.88
C ASP A 13 8.96 -6.69 -13.40
N SER A 14 8.98 -5.43 -12.97
CA SER A 14 7.98 -4.45 -13.38
C SER A 14 8.50 -3.61 -14.53
N ILE A 15 7.59 -3.08 -15.33
CA ILE A 15 7.98 -2.23 -16.45
C ILE A 15 8.83 -1.06 -15.93
N ILE A 16 8.70 -0.79 -14.62
CA ILE A 16 9.45 0.27 -13.97
C ILE A 16 10.50 -0.32 -13.03
N GLN A 17 11.76 -0.02 -13.30
CA GLN A 17 12.87 -0.52 -12.49
C GLN A 17 13.46 0.60 -11.64
N GLU A 18 12.60 1.21 -10.84
CA GLU A 18 12.98 2.32 -9.96
C GLU A 18 12.62 2.01 -8.51
N SER A 19 13.04 2.89 -7.59
CA SER A 19 12.74 2.70 -6.17
C SER A 19 12.09 3.95 -5.58
N LEU A 20 10.95 3.77 -4.93
CA LEU A 20 10.22 4.86 -4.30
C LEU A 20 10.24 4.70 -2.78
N GLU A 21 10.26 5.82 -2.06
CA GLU A 21 10.29 5.76 -0.59
C GLU A 21 9.15 6.57 0.04
N ILE A 22 8.37 5.91 0.90
CA ILE A 22 7.28 6.58 1.59
C ILE A 22 7.79 7.24 2.85
N GLN A 23 7.84 8.56 2.85
CA GLN A 23 8.33 9.31 4.00
C GLN A 23 7.40 9.09 5.19
N GLN A 24 7.94 8.51 6.26
CA GLN A 24 7.16 8.24 7.47
C GLN A 24 6.34 9.47 7.85
N GLY A 25 6.86 10.64 7.51
CA GLY A 25 6.19 11.89 7.83
C GLY A 25 4.92 12.10 7.03
N VAL A 26 4.79 11.45 5.87
CA VAL A 26 3.62 11.63 5.04
C VAL A 26 2.64 10.46 5.19
N ASN A 27 1.44 10.77 5.66
CA ASN A 27 0.40 9.75 5.82
C ASN A 27 -0.95 10.33 5.39
N PRO A 28 -1.63 9.70 4.40
CA PRO A 28 -1.16 8.51 3.71
C PRO A 28 -0.32 8.86 2.48
N PHE A 29 0.48 7.91 2.01
CA PHE A 29 1.32 8.13 0.85
C PHE A 29 0.58 7.71 -0.41
N PHE A 30 0.31 8.69 -1.27
CA PHE A 30 -0.44 8.45 -2.50
C PHE A 30 0.46 8.13 -3.68
N ILE A 31 0.05 7.14 -4.46
CA ILE A 31 0.80 6.74 -5.64
C ILE A 31 -0.10 6.74 -6.87
N GLY A 32 0.48 7.07 -8.02
CA GLY A 32 -0.30 7.11 -9.25
C GLY A 32 0.41 7.82 -10.38
N ARG A 33 -0.29 7.94 -11.51
CA ARG A 33 0.24 8.59 -12.70
C ARG A 33 0.19 10.11 -12.57
N SER A 34 -0.45 10.60 -11.51
CA SER A 34 -0.56 12.04 -11.28
C SER A 34 0.49 12.51 -10.28
N GLU A 35 1.17 13.61 -10.61
CA GLU A 35 2.19 14.16 -9.73
C GLU A 35 1.63 14.49 -8.35
N ASP A 36 0.32 14.70 -8.27
CA ASP A 36 -0.32 15.02 -7.00
C ASP A 36 -0.07 13.91 -5.97
N CYS A 37 0.19 12.70 -6.47
CA CYS A 37 0.46 11.57 -5.60
C CYS A 37 1.89 11.61 -5.08
N ASN A 38 2.06 11.42 -3.78
CA ASN A 38 3.38 11.43 -3.16
C ASN A 38 4.35 10.58 -3.98
N CYS A 39 3.81 9.54 -4.61
CA CYS A 39 4.59 8.64 -5.45
C CYS A 39 4.24 8.88 -6.92
N LYS A 40 5.23 8.79 -7.80
CA LYS A 40 5.00 9.04 -9.21
C LYS A 40 5.33 7.84 -10.09
N ILE A 41 4.29 7.30 -10.72
CA ILE A 41 4.43 6.17 -11.63
C ILE A 41 3.56 6.40 -12.85
N GLU A 42 4.18 6.64 -13.99
CA GLU A 42 3.41 6.88 -15.20
C GLU A 42 3.09 5.57 -15.90
N ASP A 43 1.85 5.13 -15.74
CA ASP A 43 1.36 3.92 -16.35
C ASP A 43 0.02 4.19 -17.01
N ASN A 44 -0.02 4.12 -18.34
CA ASN A 44 -1.25 4.37 -19.07
C ASN A 44 -2.46 3.72 -18.40
N ARG A 45 -2.23 2.56 -17.79
CA ARG A 45 -3.29 1.83 -17.11
C ARG A 45 -3.60 2.45 -15.75
N LEU A 46 -2.54 2.87 -15.04
CA LEU A 46 -2.67 3.49 -13.73
C LEU A 46 -3.52 4.75 -13.81
N SER A 47 -4.08 5.16 -12.67
CA SER A 47 -4.90 6.36 -12.61
C SER A 47 -4.20 7.45 -11.82
N ARG A 48 -4.73 8.68 -11.86
CA ARG A 48 -4.14 9.80 -11.14
C ARG A 48 -3.84 9.39 -9.70
N VAL A 49 -4.80 8.69 -9.10
CA VAL A 49 -4.66 8.20 -7.75
C VAL A 49 -4.89 6.69 -7.73
N HIS A 50 -4.04 5.97 -8.44
CA HIS A 50 -4.14 4.53 -8.54
C HIS A 50 -4.27 3.87 -7.17
N CYS A 51 -3.42 4.26 -6.24
CA CYS A 51 -3.45 3.69 -4.90
C CYS A 51 -2.59 4.50 -3.94
N PHE A 52 -2.90 4.38 -2.65
CA PHE A 52 -2.16 5.09 -1.62
C PHE A 52 -2.02 4.23 -0.37
N ILE A 53 -0.91 4.39 0.34
CA ILE A 53 -0.65 3.63 1.56
C ILE A 53 -0.93 4.49 2.78
N PHE A 54 -1.73 3.98 3.69
CA PHE A 54 -2.08 4.70 4.90
C PHE A 54 -1.63 3.93 6.14
N LYS A 55 -0.97 4.62 7.05
CA LYS A 55 -0.50 4.00 8.28
C LYS A 55 -1.46 4.30 9.42
N LYS A 56 -1.76 3.28 10.21
CA LYS A 56 -2.70 3.41 11.31
C LYS A 56 -2.17 2.78 12.60
N ARG A 57 -2.72 3.21 13.73
CA ARG A 57 -2.30 2.69 15.03
C ARG A 57 -2.88 1.29 15.27
N HIS A 58 -1.98 0.33 15.38
CA HIS A 58 -2.35 -1.06 15.60
C HIS A 58 -3.10 -1.24 16.92
N ALA A 59 -4.22 -1.95 16.87
CA ALA A 59 -5.02 -2.17 18.06
C ALA A 59 -4.30 -3.10 19.04
N VAL A 60 -5.04 -3.63 20.00
CA VAL A 60 -4.47 -4.53 21.00
C VAL A 60 -5.54 -5.42 21.61
N GLY A 61 -5.11 -6.53 22.19
CA GLY A 61 -6.04 -7.46 22.82
C GLY A 61 -5.46 -8.14 24.03
N LYS A 62 -5.72 -9.42 24.18
CA LYS A 62 -5.22 -10.18 25.32
C LYS A 62 -3.70 -10.16 25.36
N SER A 63 -3.14 -9.94 26.54
CA SER A 63 -1.69 -9.89 26.71
C SER A 63 -1.24 -10.80 27.85
N MET A 64 -1.71 -12.04 27.83
CA MET A 64 -1.35 -13.01 28.86
C MET A 64 0.14 -13.29 28.85
N TYR A 65 0.86 -12.70 29.80
CA TYR A 65 2.31 -12.88 29.91
C TYR A 65 3.04 -12.18 28.76
N GLU A 66 2.77 -12.63 27.54
CA GLU A 66 3.40 -12.04 26.36
C GLU A 66 2.77 -10.69 26.02
N SER A 67 3.61 -9.73 25.67
CA SER A 67 3.14 -8.39 25.32
C SER A 67 2.86 -8.28 23.82
N PRO A 68 1.58 -8.17 23.43
CA PRO A 68 1.19 -8.05 22.03
C PRO A 68 1.54 -6.69 21.44
N ALA A 69 0.93 -6.36 20.31
CA ALA A 69 1.17 -5.08 19.64
C ALA A 69 1.12 -3.92 20.64
N GLN A 70 0.34 -4.08 21.70
CA GLN A 70 0.20 -3.05 22.72
C GLN A 70 -0.52 -1.82 22.16
N GLY A 71 0.17 -1.08 21.29
CA GLY A 71 -0.43 0.11 20.71
C GLY A 71 0.53 0.88 19.82
N LEU A 72 1.02 0.23 18.77
CA LEU A 72 1.95 0.87 17.85
C LEU A 72 1.25 1.20 16.53
N ASP A 73 2.02 1.39 15.45
CA ASP A 73 1.42 1.74 14.16
C ASP A 73 1.70 0.69 13.09
N ASP A 74 0.73 0.53 12.19
CA ASP A 74 0.83 -0.42 11.08
C ASP A 74 0.59 0.31 9.76
N ILE A 75 1.03 -0.28 8.65
CA ILE A 75 0.85 0.35 7.34
C ILE A 75 -0.18 -0.39 6.50
N TRP A 76 -1.20 0.34 6.10
CA TRP A 76 -2.26 -0.19 5.27
C TRP A 76 -2.14 0.31 3.84
N TYR A 77 -2.11 -0.60 2.87
CA TYR A 77 -2.03 -0.23 1.47
C TYR A 77 -3.42 -0.05 0.91
N CYS A 78 -3.75 1.17 0.50
CA CYS A 78 -5.06 1.45 -0.05
C CYS A 78 -5.01 1.56 -1.58
N HIS A 79 -5.99 0.97 -2.23
CA HIS A 79 -6.06 1.00 -3.69
C HIS A 79 -7.31 1.74 -4.16
N THR A 80 -7.11 2.77 -4.96
CA THR A 80 -8.21 3.56 -5.49
C THR A 80 -8.28 3.46 -7.01
N GLY A 81 -7.48 2.57 -7.59
CA GLY A 81 -7.48 2.39 -9.02
C GLY A 81 -8.53 1.39 -9.46
N THR A 82 -9.13 1.63 -10.63
CA THR A 82 -10.16 0.75 -11.15
C THR A 82 -9.57 -0.55 -11.70
N ASN A 83 -8.25 -0.62 -11.81
CA ASN A 83 -7.58 -1.80 -12.33
C ASN A 83 -7.29 -2.82 -11.23
N VAL A 84 -7.71 -2.51 -10.00
CA VAL A 84 -7.52 -3.40 -8.85
C VAL A 84 -6.07 -3.87 -8.72
N SER A 85 -5.50 -3.69 -7.53
CA SER A 85 -4.12 -4.10 -7.25
C SER A 85 -4.11 -5.45 -6.57
N TYR A 86 -2.95 -6.09 -6.52
CA TYR A 86 -2.83 -7.40 -5.88
C TYR A 86 -1.68 -7.41 -4.87
N LEU A 87 -2.02 -7.69 -3.61
CA LEU A 87 -1.02 -7.76 -2.54
C LEU A 87 -0.57 -9.19 -2.32
N ASN A 88 0.61 -9.51 -2.82
CA ASN A 88 1.16 -10.86 -2.67
C ASN A 88 0.29 -11.88 -3.38
N ASN A 89 -0.82 -12.27 -2.76
CA ASN A 89 -1.73 -13.25 -3.34
C ASN A 89 -3.20 -12.88 -3.13
N ASN A 90 -3.47 -11.78 -2.42
CA ASN A 90 -4.85 -11.38 -2.16
C ASN A 90 -5.31 -10.31 -3.16
N ARG A 91 -6.56 -10.40 -3.59
CA ARG A 91 -7.13 -9.45 -4.53
C ARG A 91 -7.67 -8.22 -3.82
N MET A 92 -7.47 -7.05 -4.42
CA MET A 92 -7.93 -5.80 -3.83
C MET A 92 -8.70 -4.97 -4.83
N ILE A 93 -9.93 -4.61 -4.46
CA ILE A 93 -10.78 -3.80 -5.33
C ILE A 93 -10.66 -2.32 -4.98
N GLN A 94 -10.98 -1.45 -5.94
CA GLN A 94 -10.90 -0.02 -5.72
C GLN A 94 -11.64 0.38 -4.43
N GLY A 95 -10.91 1.03 -3.53
CA GLY A 95 -11.51 1.46 -2.28
C GLY A 95 -11.23 0.48 -1.14
N THR A 96 -10.14 -0.28 -1.27
CA THR A 96 -9.77 -1.26 -0.25
C THR A 96 -8.39 -0.99 0.32
N LYS A 97 -8.14 -1.47 1.53
CA LYS A 97 -6.85 -1.29 2.17
C LYS A 97 -6.28 -2.66 2.56
N PHE A 98 -4.96 -2.73 2.75
CA PHE A 98 -4.33 -4.00 3.09
C PHE A 98 -3.11 -3.83 4.00
N LEU A 99 -2.90 -4.80 4.89
CA LEU A 99 -1.77 -4.78 5.82
C LEU A 99 -0.46 -4.93 5.06
N LEU A 100 0.49 -4.06 5.35
CA LEU A 100 1.80 -4.09 4.69
C LEU A 100 2.90 -4.53 5.66
N GLN A 101 3.48 -5.68 5.38
CA GLN A 101 4.56 -6.23 6.20
C GLN A 101 5.91 -5.94 5.53
N ASP A 102 6.89 -5.50 6.32
CA ASP A 102 8.22 -5.18 5.80
C ASP A 102 8.65 -6.24 4.77
N GLY A 103 8.69 -5.83 3.51
CA GLY A 103 9.04 -6.74 2.45
C GLY A 103 7.82 -7.23 1.71
N ASP A 104 6.83 -6.35 1.61
CA ASP A 104 5.58 -6.67 0.94
C ASP A 104 5.61 -6.26 -0.53
N GLU A 105 5.54 -7.25 -1.41
CA GLU A 105 5.55 -6.99 -2.83
C GLU A 105 4.13 -6.95 -3.36
N ILE A 106 3.65 -5.75 -3.72
CA ILE A 106 2.30 -5.59 -4.21
C ILE A 106 2.26 -5.33 -5.72
N LYS A 107 1.33 -5.98 -6.39
CA LYS A 107 1.14 -5.81 -7.82
C LYS A 107 0.12 -4.71 -8.07
N ILE A 108 0.57 -3.62 -8.68
CA ILE A 108 -0.31 -2.49 -8.95
C ILE A 108 -1.14 -2.72 -10.22
N ILE A 109 -0.53 -3.37 -11.21
CA ILE A 109 -1.22 -3.66 -12.47
C ILE A 109 -0.62 -4.88 -13.16
N TRP A 110 -1.48 -5.80 -13.58
CA TRP A 110 -1.04 -6.99 -14.27
C TRP A 110 -1.93 -7.30 -15.47
N ASP A 111 -1.33 -7.43 -16.64
CA ASP A 111 -2.08 -7.74 -17.86
C ASP A 111 -1.51 -8.99 -18.52
N LYS A 112 -2.33 -10.04 -18.62
CA LYS A 112 -1.92 -11.30 -19.22
C LYS A 112 -1.67 -11.14 -20.72
N ASN A 113 -2.60 -10.49 -21.41
CA ASN A 113 -2.48 -10.30 -22.85
C ASN A 113 -1.50 -9.18 -23.20
N ASN A 114 -1.54 -8.11 -22.43
CA ASN A 114 -0.65 -6.97 -22.66
C ASN A 114 0.71 -7.18 -22.01
N LYS A 115 0.81 -8.17 -21.12
CA LYS A 115 2.05 -8.45 -20.42
C LYS A 115 2.48 -7.25 -19.58
N PHE A 116 1.55 -6.35 -19.31
CA PHE A 116 1.84 -5.18 -18.50
C PHE A 116 1.85 -5.59 -17.03
N VAL A 117 3.04 -5.69 -16.46
CA VAL A 117 3.17 -6.11 -15.08
C VAL A 117 3.80 -5.03 -14.22
N ILE A 118 3.07 -4.62 -13.19
CA ILE A 118 3.55 -3.59 -12.27
C ILE A 118 3.53 -4.11 -10.84
N GLY A 119 4.70 -4.13 -10.21
CA GLY A 119 4.80 -4.60 -8.85
C GLY A 119 5.89 -3.89 -8.08
N PHE A 120 5.55 -3.39 -6.90
CA PHE A 120 6.51 -2.69 -6.06
C PHE A 120 6.79 -3.48 -4.79
N LYS A 121 8.03 -3.45 -4.35
CA LYS A 121 8.42 -4.17 -3.15
C LYS A 121 8.52 -3.21 -1.96
N VAL A 122 7.68 -3.43 -0.97
CA VAL A 122 7.67 -2.59 0.22
C VAL A 122 8.77 -3.02 1.18
N GLU A 123 9.64 -2.08 1.53
CA GLU A 123 10.73 -2.36 2.44
C GLU A 123 10.78 -1.35 3.57
N ILE A 124 10.44 -1.79 4.77
CA ILE A 124 10.46 -0.91 5.94
C ILE A 124 11.87 -0.78 6.49
N ASN A 125 12.48 0.37 6.26
CA ASN A 125 13.84 0.63 6.74
C ASN A 125 13.79 1.27 8.12
N ASP A 126 12.89 2.25 8.26
CA ASP A 126 12.73 2.94 9.53
C ASP A 126 11.40 2.57 10.18
N THR A 127 11.39 2.44 11.50
CA THR A 127 10.18 2.11 12.21
C THR A 127 9.76 3.29 13.08
N THR A 128 8.79 4.03 12.58
CA THR A 128 8.27 5.20 13.27
C THR A 128 7.15 4.81 14.23
N GLY A 129 7.44 3.87 15.12
CA GLY A 129 6.46 3.43 16.08
C GLY A 129 5.66 2.23 15.59
N LEU A 130 6.32 1.35 14.85
CA LEU A 130 5.66 0.15 14.34
C LEU A 130 5.65 -0.96 15.38
N PHE A 131 4.50 -1.58 15.59
CA PHE A 131 4.37 -2.67 16.56
C PHE A 131 5.55 -3.62 16.45
N ASN A 132 6.04 -3.76 15.23
CA ASN A 132 7.17 -4.62 14.93
C ASN A 132 7.93 -4.04 13.73
N GLU A 133 7.18 -3.86 12.65
CA GLU A 133 7.68 -3.35 11.38
C GLU A 133 7.00 -4.10 10.23
N GLY A 134 5.75 -4.53 10.48
CA GLY A 134 5.02 -5.28 9.48
C GLY A 134 5.62 -6.65 9.23
N LEU A 135 5.44 -7.58 10.17
CA LEU A 135 5.98 -8.92 10.03
C LEU A 135 4.90 -9.95 9.68
N GLY A 136 3.64 -9.54 9.75
CA GLY A 136 2.56 -10.46 9.45
C GLY A 136 2.67 -11.75 10.23
N MET A 137 2.05 -11.79 11.41
CA MET A 137 2.08 -12.98 12.26
C MET A 137 1.90 -14.26 11.46
N LEU A 138 2.73 -15.25 11.73
CA LEU A 138 2.66 -16.53 11.03
C LEU A 138 2.99 -16.34 9.56
N GLN A 139 2.74 -17.38 8.76
CA GLN A 139 3.01 -17.32 7.32
C GLN A 139 2.35 -16.08 6.70
N GLU A 140 1.16 -16.25 6.12
CA GLU A 140 0.46 -15.11 5.51
C GLU A 140 -0.83 -14.82 6.27
N GLN A 141 -0.78 -13.85 7.17
CA GLN A 141 -1.95 -13.46 7.95
C GLN A 141 -2.37 -12.03 7.64
N ARG A 142 -3.40 -11.88 6.80
CA ARG A 142 -3.91 -10.58 6.41
C ARG A 142 -4.85 -10.71 5.23
N VAL A 143 -6.00 -10.08 5.35
CA VAL A 143 -7.01 -10.11 4.30
C VAL A 143 -7.37 -8.69 3.86
N VAL A 144 -7.91 -8.56 2.66
CA VAL A 144 -8.27 -7.25 2.14
C VAL A 144 -9.58 -6.75 2.75
N LEU A 145 -9.54 -5.52 3.26
CA LEU A 145 -10.73 -4.92 3.87
C LEU A 145 -11.19 -3.72 3.05
N LYS A 146 -12.41 -3.26 3.30
CA LYS A 146 -12.96 -2.12 2.57
C LYS A 146 -12.62 -0.81 3.27
N GLN A 147 -12.35 0.23 2.48
CA GLN A 147 -12.02 1.53 3.03
C GLN A 147 -13.23 2.20 3.66
N THR A 148 -12.99 3.15 4.56
CA THR A 148 -14.07 3.87 5.23
C THR A 148 -14.02 5.36 4.91
N ALA A 149 -14.94 6.11 5.50
CA ALA A 149 -14.99 7.55 5.29
C ALA A 149 -13.65 8.21 5.61
N GLU A 150 -12.91 7.61 6.53
CA GLU A 150 -11.61 8.13 6.92
C GLU A 150 -10.60 8.02 5.78
N GLU A 151 -10.51 6.85 5.19
CA GLU A 151 -9.58 6.62 4.08
C GLU A 151 -9.96 7.48 2.87
N LYS A 152 -11.23 7.42 2.48
CA LYS A 152 -11.72 8.20 1.34
C LYS A 152 -11.42 9.68 1.54
N ASP A 153 -11.46 10.13 2.78
CA ASP A 153 -11.20 11.53 3.10
C ASP A 153 -9.75 11.90 2.80
N LEU A 154 -8.84 10.97 3.05
CA LEU A 154 -7.42 11.20 2.80
C LEU A 154 -7.17 11.52 1.33
N VAL A 155 -7.80 10.74 0.45
CA VAL A 155 -7.65 10.93 -0.99
C VAL A 155 -8.50 12.10 -1.48
N LYS A 156 -9.62 12.34 -0.80
CA LYS A 156 -10.53 13.41 -1.17
C LYS A 156 -9.80 14.75 -1.20
N LYS A 157 -8.77 14.88 -0.36
CA LYS A 157 -7.98 16.10 -0.30
C LYS A 157 -6.87 16.10 -1.35
N LEU A 158 -6.47 14.90 -1.76
CA LEU A 158 -5.42 14.75 -2.77
C LEU A 158 -5.73 15.57 -4.02
N GLU B 1 -16.63 8.00 -15.89
CA GLU B 1 -16.54 6.62 -16.44
C GLU B 1 -15.34 6.47 -17.37
N ASP B 2 -14.26 5.88 -16.86
CA ASP B 2 -13.05 5.68 -17.65
C ASP B 2 -12.98 4.25 -18.18
N ILE B 3 -11.91 3.94 -18.90
CA ILE B 3 -11.72 2.61 -19.46
C ILE B 3 -10.55 1.89 -18.77
N PTR B 4 -10.75 1.50 -17.53
CA PTR B 4 -9.73 0.79 -16.78
C PTR B 4 -10.22 -0.56 -16.30
O PTR B 4 -11.20 -0.65 -15.55
CB PTR B 4 -9.28 1.63 -15.56
CG PTR B 4 -8.39 2.80 -15.93
CD1 PTR B 4 -7.31 2.62 -16.79
CD2 PTR B 4 -8.62 4.06 -15.41
CE1 PTR B 4 -6.49 3.68 -17.12
CE2 PTR B 4 -7.80 5.13 -15.74
CZ PTR B 4 -6.74 4.93 -16.59
OH PTR B 4 -5.91 6.01 -16.94
P PTR B 4 -6.49 7.12 -17.87
O1P PTR B 4 -7.86 7.47 -17.25
O2P PTR B 4 -5.53 8.31 -17.68
O3P PTR B 4 -6.60 6.67 -19.30
H2 PTR B 4 -11.62 1.68 -17.10
HA PTR B 4 -8.88 0.65 -17.42
HB2 PTR B 4 -8.75 1.00 -14.87
HB3 PTR B 4 -10.16 2.03 -15.08
HD1 PTR B 4 -7.13 1.64 -17.21
HD2 PTR B 4 -9.44 4.21 -14.74
HE1 PTR B 4 -5.66 3.53 -17.80
HE2 PTR B 4 -7.99 6.10 -15.32
N TYR B 5 -9.56 -1.62 -16.75
CA TYR B 5 -9.94 -2.98 -16.38
C TYR B 5 -8.89 -3.99 -16.85
N LEU B 6 -8.64 -5.00 -16.02
CA LEU B 6 -7.66 -6.03 -16.36
C LEU B 6 -8.18 -7.42 -15.98
N ASP B 7 -7.94 -8.38 -16.86
CA ASP B 7 -8.39 -9.75 -16.63
C ASP B 7 -7.22 -10.64 -16.23
N GLY A 1 12.40 8.53 13.30
CA GLY A 1 11.99 9.08 12.03
C GLY A 1 13.01 10.05 11.44
N ASN A 2 13.83 9.55 10.53
CA ASN A 2 14.86 10.37 9.89
C ASN A 2 14.38 10.92 8.55
N GLY A 3 13.25 10.41 8.06
CA GLY A 3 12.72 10.87 6.80
C GLY A 3 11.98 9.77 6.06
N ARG A 4 12.61 8.61 5.94
CA ARG A 4 12.01 7.48 5.26
C ARG A 4 11.66 6.35 6.22
N PHE A 5 10.55 5.69 5.96
CA PHE A 5 10.09 4.59 6.79
C PHE A 5 9.85 3.35 5.92
N LEU A 6 8.97 3.49 4.94
CA LEU A 6 8.65 2.40 4.03
C LEU A 6 9.21 2.68 2.65
N THR A 7 9.78 1.67 2.02
CA THR A 7 10.34 1.83 0.69
C THR A 7 9.64 0.93 -0.32
N LEU A 8 8.94 1.55 -1.27
CA LEU A 8 8.26 0.82 -2.30
C LEU A 8 9.10 0.98 -3.55
N LYS A 9 9.77 -0.09 -3.96
CA LYS A 9 10.64 0.02 -5.11
C LYS A 9 10.25 -0.84 -6.30
N PRO A 10 9.60 -0.22 -7.32
CA PRO A 10 9.24 -0.95 -8.54
C PRO A 10 10.42 -1.78 -9.01
N LEU A 11 10.34 -3.08 -8.78
CA LEU A 11 11.41 -4.01 -9.11
C LEU A 11 11.54 -4.30 -10.61
N PRO A 12 12.72 -4.80 -11.03
CA PRO A 12 13.01 -5.12 -12.43
C PRO A 12 11.91 -5.94 -13.08
N ASP A 13 11.23 -6.76 -12.29
CA ASP A 13 10.14 -7.57 -12.82
C ASP A 13 9.01 -6.65 -13.30
N SER A 14 9.07 -5.39 -12.87
CA SER A 14 8.08 -4.39 -13.24
C SER A 14 8.54 -3.60 -14.45
N ILE A 15 7.61 -3.20 -15.31
CA ILE A 15 7.95 -2.42 -16.48
C ILE A 15 8.78 -1.19 -16.08
N ILE A 16 8.61 -0.78 -14.83
CA ILE A 16 9.33 0.38 -14.29
C ILE A 16 10.33 -0.05 -13.21
N GLN A 17 11.62 0.20 -13.45
CA GLN A 17 12.67 -0.16 -12.49
C GLN A 17 13.09 1.06 -11.68
N GLU A 18 12.20 1.49 -10.80
CA GLU A 18 12.44 2.66 -9.95
C GLU A 18 12.23 2.32 -8.48
N SER A 19 12.58 3.26 -7.60
CA SER A 19 12.40 3.05 -6.17
C SER A 19 11.63 4.21 -5.53
N LEU A 20 10.60 3.88 -4.77
CA LEU A 20 9.78 4.87 -4.10
C LEU A 20 9.97 4.77 -2.59
N GLU A 21 10.03 5.91 -1.92
CA GLU A 21 10.24 5.93 -0.47
C GLU A 21 9.13 6.69 0.26
N ILE A 22 8.31 5.97 1.03
CA ILE A 22 7.25 6.60 1.78
C ILE A 22 7.79 7.20 3.07
N GLN A 23 7.85 8.52 3.11
CA GLN A 23 8.36 9.22 4.29
C GLN A 23 7.41 9.00 5.48
N GLN A 24 7.95 8.47 6.57
CA GLN A 24 7.15 8.23 7.76
C GLN A 24 6.30 9.44 8.11
N GLY A 25 6.77 10.61 7.71
CA GLY A 25 6.06 11.84 7.99
C GLY A 25 4.84 12.07 7.12
N VAL A 26 4.77 11.40 5.97
CA VAL A 26 3.61 11.59 5.09
C VAL A 26 2.61 10.46 5.24
N ASN A 27 1.40 10.83 5.66
CA ASN A 27 0.31 9.87 5.82
C ASN A 27 -1.00 10.49 5.35
N PRO A 28 -1.68 9.87 4.37
CA PRO A 28 -1.27 8.63 3.71
C PRO A 28 -0.41 8.92 2.48
N PHE A 29 0.36 7.93 2.04
CA PHE A 29 1.21 8.09 0.87
C PHE A 29 0.46 7.62 -0.37
N PHE A 30 0.24 8.57 -1.30
CA PHE A 30 -0.52 8.28 -2.51
C PHE A 30 0.39 7.86 -3.66
N ILE A 31 -0.06 6.83 -4.38
CA ILE A 31 0.67 6.32 -5.53
C ILE A 31 -0.19 6.37 -6.78
N GLY A 32 0.45 6.67 -7.90
CA GLY A 32 -0.25 6.75 -9.16
C GLY A 32 0.60 7.39 -10.25
N ARG A 33 -0.03 7.79 -11.35
CA ARG A 33 0.71 8.43 -12.43
C ARG A 33 0.68 9.95 -12.31
N SER A 34 -0.25 10.46 -11.50
CA SER A 34 -0.37 11.90 -11.29
C SER A 34 0.66 12.39 -10.29
N GLU A 35 1.36 13.46 -10.64
CA GLU A 35 2.38 14.04 -9.77
C GLU A 35 1.80 14.34 -8.39
N ASP A 36 0.48 14.51 -8.32
CA ASP A 36 -0.18 14.80 -7.05
C ASP A 36 0.05 13.67 -6.06
N CYS A 37 0.27 12.47 -6.58
CA CYS A 37 0.51 11.30 -5.74
C CYS A 37 1.92 11.32 -5.17
N ASN A 38 2.03 11.14 -3.86
CA ASN A 38 3.32 11.14 -3.19
C ASN A 38 4.30 10.25 -3.96
N CYS A 39 3.77 9.21 -4.58
CA CYS A 39 4.56 8.28 -5.38
C CYS A 39 4.27 8.51 -6.86
N LYS A 40 5.31 8.54 -7.67
CA LYS A 40 5.13 8.79 -9.10
C LYS A 40 5.51 7.59 -9.96
N ILE A 41 4.51 6.99 -10.58
CA ILE A 41 4.70 5.85 -11.46
C ILE A 41 3.81 6.02 -12.69
N GLU A 42 4.41 6.28 -13.85
CA GLU A 42 3.62 6.48 -15.05
C GLU A 42 3.21 5.14 -15.66
N ASP A 43 1.95 4.79 -15.44
CA ASP A 43 1.37 3.56 -15.97
C ASP A 43 0.01 3.87 -16.60
N ASN A 44 -0.08 3.83 -17.91
CA ASN A 44 -1.34 4.14 -18.60
C ASN A 44 -2.54 3.47 -17.91
N ARG A 45 -2.47 2.17 -17.71
CA ARG A 45 -3.57 1.45 -17.06
C ARG A 45 -3.81 1.98 -15.65
N LEU A 46 -2.82 2.66 -15.10
CA LEU A 46 -2.92 3.23 -13.76
C LEU A 46 -3.77 4.50 -13.78
N SER A 47 -4.27 4.90 -12.62
CA SER A 47 -5.08 6.10 -12.52
C SER A 47 -4.32 7.17 -11.73
N ARG A 48 -4.60 8.44 -12.01
CA ARG A 48 -3.93 9.55 -11.33
C ARG A 48 -3.70 9.22 -9.86
N VAL A 49 -4.71 8.58 -9.27
CA VAL A 49 -4.65 8.17 -7.86
C VAL A 49 -4.99 6.69 -7.76
N HIS A 50 -4.19 5.87 -8.43
CA HIS A 50 -4.39 4.43 -8.46
C HIS A 50 -4.56 3.85 -7.06
N CYS A 51 -3.67 4.22 -6.16
CA CYS A 51 -3.73 3.71 -4.79
C CYS A 51 -2.85 4.50 -3.85
N PHE A 52 -3.14 4.38 -2.56
CA PHE A 52 -2.37 5.07 -1.54
C PHE A 52 -2.23 4.20 -0.30
N ILE A 53 -1.08 4.31 0.37
CA ILE A 53 -0.83 3.54 1.58
C ILE A 53 -1.01 4.44 2.80
N PHE A 54 -1.80 3.97 3.76
CA PHE A 54 -2.08 4.74 4.97
C PHE A 54 -1.61 3.98 6.20
N LYS A 55 -0.93 4.69 7.10
CA LYS A 55 -0.44 4.09 8.32
C LYS A 55 -1.39 4.38 9.48
N LYS A 56 -1.66 3.37 10.28
CA LYS A 56 -2.58 3.50 11.41
C LYS A 56 -2.01 2.85 12.67
N ARG A 57 -2.54 3.25 13.82
CA ARG A 57 -2.08 2.72 15.09
C ARG A 57 -2.63 1.30 15.31
N HIS A 58 -1.71 0.34 15.29
CA HIS A 58 -2.05 -1.07 15.48
C HIS A 58 -2.50 -1.34 16.90
N ALA A 59 -3.67 -1.95 17.05
CA ALA A 59 -4.21 -2.26 18.36
C ALA A 59 -4.49 -3.75 18.49
N VAL A 60 -4.56 -4.23 19.73
CA VAL A 60 -4.83 -5.65 19.99
C VAL A 60 -6.12 -5.82 20.79
N GLY A 61 -6.80 -6.94 20.56
CA GLY A 61 -8.04 -7.21 21.27
C GLY A 61 -7.81 -7.77 22.65
N LYS A 62 -7.42 -6.92 23.59
CA LYS A 62 -7.16 -7.35 24.95
C LYS A 62 -6.00 -8.34 25.01
N SER A 63 -5.20 -8.26 26.07
CA SER A 63 -4.05 -9.14 26.24
C SER A 63 -4.13 -9.90 27.56
N MET A 64 -3.14 -10.75 27.80
CA MET A 64 -3.09 -11.54 29.03
C MET A 64 -1.74 -12.25 29.15
N TYR A 65 -1.00 -11.93 30.21
CA TYR A 65 0.31 -12.53 30.45
C TYR A 65 1.32 -12.04 29.41
N GLU A 66 1.10 -12.43 28.16
CA GLU A 66 1.99 -12.03 27.07
C GLU A 66 1.67 -10.60 26.63
N SER A 67 2.70 -9.86 26.25
CA SER A 67 2.54 -8.48 25.81
C SER A 67 2.52 -8.40 24.27
N PRO A 68 1.33 -8.18 23.68
CA PRO A 68 1.19 -8.08 22.22
C PRO A 68 1.77 -6.77 21.68
N ALA A 69 1.28 -6.34 20.52
CA ALA A 69 1.75 -5.11 19.90
C ALA A 69 1.59 -3.92 20.85
N GLN A 70 0.68 -4.05 21.82
CA GLN A 70 0.43 -2.98 22.78
C GLN A 70 -0.31 -1.82 22.13
N GLY A 71 0.42 -0.99 21.39
CA GLY A 71 -0.20 0.15 20.73
C GLY A 71 0.76 0.92 19.86
N LEU A 72 1.25 0.29 18.79
CA LEU A 72 2.17 0.93 17.88
C LEU A 72 1.47 1.27 16.56
N ASP A 73 2.23 1.51 15.49
CA ASP A 73 1.64 1.86 14.20
C ASP A 73 1.92 0.81 13.13
N ASP A 74 0.95 0.64 12.23
CA ASP A 74 1.05 -0.31 11.12
C ASP A 74 0.70 0.38 9.81
N ILE A 75 1.12 -0.20 8.69
CA ILE A 75 0.83 0.40 7.39
C ILE A 75 -0.23 -0.37 6.60
N TRP A 76 -1.26 0.36 6.20
CA TRP A 76 -2.36 -0.20 5.44
C TRP A 76 -2.31 0.29 3.99
N TYR A 77 -2.36 -0.63 3.04
CA TYR A 77 -2.34 -0.28 1.63
C TYR A 77 -3.76 -0.08 1.10
N CYS A 78 -4.05 1.13 0.63
CA CYS A 78 -5.38 1.44 0.11
C CYS A 78 -5.36 1.57 -1.41
N HIS A 79 -6.26 0.84 -2.08
CA HIS A 79 -6.34 0.88 -3.54
C HIS A 79 -7.59 1.61 -3.99
N THR A 80 -7.40 2.61 -4.84
CA THR A 80 -8.51 3.41 -5.36
C THR A 80 -8.60 3.31 -6.89
N GLY A 81 -7.76 2.47 -7.49
CA GLY A 81 -7.78 2.30 -8.92
C GLY A 81 -8.82 1.29 -9.37
N THR A 82 -9.34 1.49 -10.58
CA THR A 82 -10.36 0.58 -11.11
C THR A 82 -9.73 -0.66 -11.73
N ASN A 83 -8.41 -0.65 -11.90
CA ASN A 83 -7.70 -1.78 -12.47
C ASN A 83 -7.37 -2.85 -11.43
N VAL A 84 -7.82 -2.63 -10.19
CA VAL A 84 -7.60 -3.55 -9.07
C VAL A 84 -6.13 -3.94 -8.93
N SER A 85 -5.68 -4.02 -7.68
CA SER A 85 -4.30 -4.38 -7.36
C SER A 85 -4.25 -5.74 -6.66
N TYR A 86 -3.06 -6.33 -6.57
CA TYR A 86 -2.90 -7.61 -5.91
C TYR A 86 -1.76 -7.58 -4.91
N LEU A 87 -2.08 -7.85 -3.64
CA LEU A 87 -1.08 -7.85 -2.59
C LEU A 87 -0.68 -9.27 -2.21
N ASN A 88 0.48 -9.70 -2.69
CA ASN A 88 0.97 -11.05 -2.40
C ASN A 88 0.04 -12.10 -2.98
N ASN A 89 -1.08 -12.33 -2.30
CA ASN A 89 -2.05 -13.32 -2.76
C ASN A 89 -3.50 -12.85 -2.58
N ASN A 90 -3.69 -11.66 -1.99
CA ASN A 90 -5.03 -11.14 -1.77
C ASN A 90 -5.41 -10.11 -2.83
N ARG A 91 -6.67 -10.14 -3.26
CA ARG A 91 -7.16 -9.21 -4.27
C ARG A 91 -7.38 -7.83 -3.68
N MET A 92 -7.05 -6.79 -4.45
CA MET A 92 -7.22 -5.41 -4.01
C MET A 92 -8.06 -4.62 -5.00
N ILE A 93 -9.37 -4.62 -4.80
CA ILE A 93 -10.27 -3.90 -5.69
C ILE A 93 -10.43 -2.45 -5.23
N GLN A 94 -10.96 -1.61 -6.11
CA GLN A 94 -11.15 -0.20 -5.81
C GLN A 94 -11.89 -0.02 -4.48
N GLY A 95 -11.22 0.62 -3.53
CA GLY A 95 -11.82 0.86 -2.24
C GLY A 95 -11.49 -0.22 -1.23
N THR A 96 -10.31 -0.83 -1.37
CA THR A 96 -9.89 -1.89 -0.47
C THR A 96 -8.67 -1.48 0.36
N LYS A 97 -8.44 -2.21 1.45
CA LYS A 97 -7.32 -1.92 2.34
C LYS A 97 -6.60 -3.22 2.71
N PHE A 98 -5.29 -3.14 2.94
CA PHE A 98 -4.52 -4.32 3.31
C PHE A 98 -3.36 -3.98 4.25
N LEU A 99 -3.08 -4.90 5.18
CA LEU A 99 -1.99 -4.71 6.13
C LEU A 99 -0.65 -4.96 5.45
N LEU A 100 0.28 -4.02 5.61
CA LEU A 100 1.60 -4.14 5.00
C LEU A 100 2.64 -4.65 5.99
N GLN A 101 3.56 -5.47 5.48
CA GLN A 101 4.65 -6.04 6.29
C GLN A 101 5.98 -5.83 5.56
N ASP A 102 7.01 -5.42 6.31
CA ASP A 102 8.34 -5.19 5.73
C ASP A 102 8.67 -6.26 4.69
N GLY A 103 8.87 -5.82 3.45
CA GLY A 103 9.17 -6.75 2.38
C GLY A 103 7.91 -7.18 1.67
N ASP A 104 6.98 -6.24 1.53
CA ASP A 104 5.70 -6.50 0.87
C ASP A 104 5.75 -6.14 -0.61
N GLU A 105 5.57 -7.13 -1.46
CA GLU A 105 5.58 -6.89 -2.90
C GLU A 105 4.15 -6.73 -3.40
N ILE A 106 3.80 -5.49 -3.77
CA ILE A 106 2.46 -5.19 -4.25
C ILE A 106 2.41 -4.90 -5.74
N LYS A 107 1.45 -5.51 -6.42
CA LYS A 107 1.27 -5.30 -7.84
C LYS A 107 -0.01 -4.50 -8.07
N ILE A 108 0.12 -3.30 -8.63
CA ILE A 108 -1.04 -2.45 -8.84
C ILE A 108 -1.68 -2.70 -10.21
N ILE A 109 -0.92 -3.25 -11.15
CA ILE A 109 -1.47 -3.53 -12.48
C ILE A 109 -0.72 -4.68 -13.17
N TRP A 110 -1.48 -5.63 -13.67
CA TRP A 110 -0.92 -6.79 -14.37
C TRP A 110 -1.73 -7.12 -15.62
N ASP A 111 -1.06 -7.21 -16.76
CA ASP A 111 -1.73 -7.53 -18.02
C ASP A 111 -1.13 -8.80 -18.64
N LYS A 112 -1.95 -9.83 -18.75
CA LYS A 112 -1.49 -11.10 -19.33
C LYS A 112 -1.18 -10.97 -20.82
N ASN A 113 -2.10 -10.35 -21.56
CA ASN A 113 -1.94 -10.17 -22.99
C ASN A 113 -1.10 -8.93 -23.31
N ASN A 114 -1.34 -7.86 -22.55
CA ASN A 114 -0.61 -6.61 -22.76
C ASN A 114 0.82 -6.70 -22.21
N LYS A 115 1.08 -7.74 -21.41
CA LYS A 115 2.41 -7.92 -20.83
C LYS A 115 2.77 -6.73 -19.94
N PHE A 116 1.75 -5.96 -19.53
CA PHE A 116 1.98 -4.83 -18.66
C PHE A 116 1.99 -5.29 -17.22
N VAL A 117 3.18 -5.36 -16.64
CA VAL A 117 3.32 -5.81 -15.27
C VAL A 117 4.00 -4.75 -14.40
N ILE A 118 3.31 -4.32 -13.35
CA ILE A 118 3.86 -3.31 -12.45
C ILE A 118 3.78 -3.77 -11.01
N GLY A 119 4.90 -3.71 -10.31
CA GLY A 119 4.94 -4.13 -8.91
C GLY A 119 6.09 -3.51 -8.15
N PHE A 120 5.80 -3.03 -6.93
CA PHE A 120 6.83 -2.42 -6.11
C PHE A 120 7.08 -3.26 -4.86
N LYS A 121 8.32 -3.25 -4.39
CA LYS A 121 8.68 -4.02 -3.21
C LYS A 121 8.77 -3.11 -1.99
N VAL A 122 7.91 -3.37 -1.01
CA VAL A 122 7.88 -2.59 0.21
C VAL A 122 8.99 -3.01 1.15
N GLU A 123 9.84 -2.07 1.53
CA GLU A 123 10.92 -2.36 2.45
C GLU A 123 10.99 -1.32 3.56
N ILE A 124 10.64 -1.73 4.76
CA ILE A 124 10.66 -0.83 5.91
C ILE A 124 12.08 -0.71 6.46
N ASN A 125 12.71 0.43 6.20
CA ASN A 125 14.07 0.67 6.69
C ASN A 125 14.02 1.31 8.07
N ASP A 126 13.13 2.28 8.23
CA ASP A 126 12.96 2.97 9.51
C ASP A 126 11.63 2.59 10.15
N THR A 127 11.61 2.45 11.46
CA THR A 127 10.40 2.10 12.16
C THR A 127 9.96 3.27 13.02
N THR A 128 8.99 4.00 12.51
CA THR A 128 8.45 5.17 13.21
C THR A 128 7.37 4.76 14.21
N GLY A 129 7.74 3.91 15.16
CA GLY A 129 6.80 3.46 16.14
C GLY A 129 5.97 2.28 15.65
N LEU A 130 6.61 1.36 14.95
CA LEU A 130 5.93 0.18 14.43
C LEU A 130 5.91 -0.94 15.46
N PHE A 131 4.75 -1.54 15.66
CA PHE A 131 4.59 -2.64 16.62
C PHE A 131 5.77 -3.61 16.52
N ASN A 132 6.27 -3.75 15.30
CA ASN A 132 7.39 -4.63 15.02
C ASN A 132 8.22 -4.06 13.88
N GLU A 133 7.53 -3.89 12.75
CA GLU A 133 8.11 -3.38 11.50
C GLU A 133 7.42 -4.04 10.32
N GLY A 134 6.15 -4.42 10.51
CA GLY A 134 5.41 -5.08 9.45
C GLY A 134 5.85 -6.52 9.22
N LEU A 135 5.58 -7.40 10.18
CA LEU A 135 5.95 -8.80 10.04
C LEU A 135 4.73 -9.69 9.75
N GLY A 136 3.53 -9.10 9.89
CA GLY A 136 2.31 -9.85 9.64
C GLY A 136 2.35 -11.27 10.15
N MET A 137 3.09 -11.49 11.24
CA MET A 137 3.21 -12.83 11.82
C MET A 137 3.86 -13.80 10.85
N LEU A 138 5.18 -13.94 10.97
CA LEU A 138 5.97 -14.85 10.12
C LEU A 138 5.36 -15.04 8.73
N GLN A 139 5.35 -13.97 7.93
CA GLN A 139 4.82 -14.03 6.57
C GLN A 139 3.46 -14.73 6.53
N GLU A 140 2.44 -14.07 7.06
CA GLU A 140 1.09 -14.63 7.08
C GLU A 140 0.15 -13.79 6.22
N GLN A 141 -0.76 -14.45 5.52
CA GLN A 141 -1.71 -13.76 4.66
C GLN A 141 -2.85 -13.20 5.50
N ARG A 142 -3.23 -11.96 5.23
CA ARG A 142 -4.27 -11.29 5.97
C ARG A 142 -5.58 -11.33 5.19
N VAL A 143 -6.38 -10.30 5.39
CA VAL A 143 -7.66 -10.17 4.73
C VAL A 143 -7.83 -8.79 4.13
N VAL A 144 -8.45 -8.71 2.97
CA VAL A 144 -8.65 -7.43 2.30
C VAL A 144 -9.89 -6.73 2.83
N LEU A 145 -9.69 -5.60 3.50
CA LEU A 145 -10.78 -4.82 4.07
C LEU A 145 -11.28 -3.78 3.08
N LYS A 146 -12.41 -3.16 3.39
CA LYS A 146 -13.00 -2.15 2.53
C LYS A 146 -12.74 -0.75 3.08
N GLN A 147 -12.44 0.19 2.19
CA GLN A 147 -12.18 1.56 2.58
C GLN A 147 -13.45 2.27 3.04
N THR A 148 -13.29 3.29 3.87
CA THR A 148 -14.43 4.05 4.38
C THR A 148 -14.27 5.54 4.10
N ALA A 149 -15.21 6.33 4.59
CA ALA A 149 -15.18 7.77 4.41
C ALA A 149 -13.85 8.36 4.87
N GLU A 150 -13.28 7.76 5.91
CA GLU A 150 -12.01 8.22 6.45
C GLU A 150 -10.91 8.17 5.39
N GLU A 151 -10.79 7.00 4.75
CA GLU A 151 -9.78 6.81 3.71
C GLU A 151 -10.05 7.72 2.52
N LYS A 152 -11.29 7.74 2.06
CA LYS A 152 -11.68 8.56 0.92
C LYS A 152 -11.40 10.04 1.20
N ASP A 153 -11.51 10.43 2.46
CA ASP A 153 -11.27 11.82 2.86
C ASP A 153 -9.80 12.20 2.64
N LEU A 154 -8.91 11.25 2.90
CA LEU A 154 -7.48 11.49 2.73
C LEU A 154 -7.14 11.79 1.27
N VAL A 155 -7.73 11.02 0.36
CA VAL A 155 -7.49 11.20 -1.06
C VAL A 155 -8.25 12.41 -1.60
N LYS A 156 -9.38 12.72 -0.95
CA LYS A 156 -10.20 13.85 -1.37
C LYS A 156 -9.38 15.13 -1.43
N LYS A 157 -8.39 15.23 -0.56
CA LYS A 157 -7.51 16.40 -0.53
C LYS A 157 -6.20 16.12 -1.26
N LEU A 158 -6.25 15.20 -2.22
CA LEU A 158 -5.08 14.83 -3.00
C LEU A 158 -4.85 15.82 -4.13
N GLU B 1 -8.41 8.62 -21.12
CA GLU B 1 -8.36 7.79 -22.34
C GLU B 1 -8.62 6.32 -22.03
N ASP B 2 -9.47 5.69 -22.83
CA ASP B 2 -9.80 4.28 -22.63
C ASP B 2 -10.42 4.05 -21.25
N ILE B 3 -11.00 2.87 -21.06
CA ILE B 3 -11.63 2.52 -19.79
C ILE B 3 -10.84 1.43 -19.07
N PTR B 4 -10.61 1.64 -17.77
CA PTR B 4 -9.87 0.68 -16.96
C PTR B 4 -10.74 -0.53 -16.61
O PTR B 4 -11.93 -0.38 -16.30
CB PTR B 4 -9.37 1.33 -15.68
CG PTR B 4 -8.71 2.68 -15.90
CD1 PTR B 4 -8.97 3.75 -15.06
CD2 PTR B 4 -7.83 2.87 -16.96
CE1 PTR B 4 -8.37 4.98 -15.25
CE2 PTR B 4 -7.23 4.10 -17.17
CZ PTR B 4 -7.51 5.15 -16.31
OH PTR B 4 -6.90 6.39 -16.52
P PTR B 4 -7.81 7.64 -16.69
O1P PTR B 4 -9.01 7.13 -17.54
O2P PTR B 4 -8.31 7.96 -15.26
O3P PTR B 4 -7.11 8.80 -17.33
H2 PTR B 4 -10.96 2.45 -17.35
HA PTR B 4 -9.02 0.34 -17.54
HB2 PTR B 4 -8.64 0.68 -15.21
HB3 PTR B 4 -10.21 1.48 -15.00
HD1 PTR B 4 -9.66 3.62 -14.23
HD2 PTR B 4 -7.62 2.05 -17.63
HE1 PTR B 4 -8.59 5.80 -14.59
HE2 PTR B 4 -6.55 4.23 -17.99
N TYR B 5 -10.15 -1.73 -16.68
CA TYR B 5 -10.88 -2.95 -16.36
C TYR B 5 -9.98 -4.18 -16.54
N LEU B 6 -8.98 -4.30 -15.68
CA LEU B 6 -8.05 -5.42 -15.74
C LEU B 6 -8.68 -6.68 -15.17
N ASP B 7 -9.46 -7.37 -16.00
CA ASP B 7 -10.12 -8.60 -15.58
C ASP B 7 -10.84 -9.26 -16.75
N GLY A 1 12.48 8.54 13.96
CA GLY A 1 12.06 9.03 12.66
C GLY A 1 13.15 9.79 11.93
N ASN A 2 13.90 9.08 11.10
CA ASN A 2 14.99 9.70 10.34
C ASN A 2 14.46 10.39 9.09
N GLY A 3 13.28 10.00 8.65
CA GLY A 3 12.69 10.60 7.47
C GLY A 3 11.89 9.61 6.65
N ARG A 4 12.43 8.40 6.47
CA ARG A 4 11.76 7.36 5.70
C ARG A 4 11.35 6.19 6.59
N PHE A 5 10.20 5.60 6.30
CA PHE A 5 9.71 4.46 7.06
C PHE A 5 9.53 3.23 6.15
N LEU A 6 8.77 3.39 5.09
CA LEU A 6 8.53 2.29 4.15
C LEU A 6 9.16 2.58 2.79
N THR A 7 9.70 1.55 2.16
CA THR A 7 10.31 1.71 0.86
C THR A 7 9.66 0.78 -0.15
N LEU A 8 9.00 1.36 -1.14
CA LEU A 8 8.37 0.60 -2.20
C LEU A 8 9.21 0.77 -3.44
N LYS A 9 9.90 -0.28 -3.83
CA LYS A 9 10.78 -0.16 -4.98
C LYS A 9 10.35 -0.96 -6.19
N PRO A 10 9.74 -0.29 -7.19
CA PRO A 10 9.33 -0.94 -8.43
C PRO A 10 10.46 -1.83 -8.95
N LEU A 11 10.35 -3.11 -8.69
CA LEU A 11 11.37 -4.08 -9.08
C LEU A 11 11.39 -4.40 -10.57
N PRO A 12 12.54 -4.90 -11.05
CA PRO A 12 12.74 -5.25 -12.47
C PRO A 12 11.61 -6.11 -13.02
N ASP A 13 10.93 -6.84 -12.16
CA ASP A 13 9.82 -7.68 -12.58
C ASP A 13 8.74 -6.80 -13.19
N SER A 14 8.70 -5.56 -12.73
CA SER A 14 7.75 -4.58 -13.22
C SER A 14 8.39 -3.72 -14.30
N ILE A 15 7.58 -3.17 -15.18
CA ILE A 15 8.09 -2.32 -16.26
C ILE A 15 8.90 -1.15 -15.69
N ILE A 16 8.79 -0.94 -14.39
CA ILE A 16 9.49 0.16 -13.72
C ILE A 16 10.62 -0.35 -12.82
N GLN A 17 11.84 0.12 -13.08
CA GLN A 17 13.01 -0.27 -12.28
C GLN A 17 13.46 0.90 -11.41
N GLU A 18 12.55 1.38 -10.59
CA GLU A 18 12.82 2.51 -9.70
C GLU A 18 12.53 2.15 -8.25
N SER A 19 12.89 3.05 -7.33
CA SER A 19 12.64 2.83 -5.91
C SER A 19 11.89 4.00 -5.30
N LEU A 20 10.81 3.70 -4.59
CA LEU A 20 10.00 4.72 -3.93
C LEU A 20 10.12 4.59 -2.42
N GLU A 21 10.21 5.73 -1.73
CA GLU A 21 10.35 5.72 -0.27
C GLU A 21 9.24 6.55 0.39
N ILE A 22 8.37 5.87 1.14
CA ILE A 22 7.29 6.55 1.83
C ILE A 22 7.81 7.22 3.09
N GLN A 23 7.83 8.54 3.06
CA GLN A 23 8.29 9.31 4.21
C GLN A 23 7.29 9.16 5.36
N GLN A 24 7.74 8.53 6.45
CA GLN A 24 6.87 8.32 7.61
C GLN A 24 6.10 9.59 7.95
N GLY A 25 6.70 10.73 7.62
CA GLY A 25 6.08 12.00 7.89
C GLY A 25 4.83 12.25 7.06
N VAL A 26 4.73 11.62 5.89
CA VAL A 26 3.57 11.82 5.04
C VAL A 26 2.57 10.67 5.16
N ASN A 27 1.37 11.00 5.59
CA ASN A 27 0.30 10.00 5.72
C ASN A 27 -1.02 10.58 5.24
N PRO A 28 -1.69 9.95 4.26
CA PRO A 28 -1.22 8.73 3.60
C PRO A 28 -0.35 9.03 2.39
N PHE A 29 0.44 8.04 1.97
CA PHE A 29 1.32 8.22 0.81
C PHE A 29 0.57 7.78 -0.45
N PHE A 30 0.34 8.75 -1.34
CA PHE A 30 -0.40 8.49 -2.57
C PHE A 30 0.52 8.14 -3.72
N ILE A 31 0.11 7.14 -4.50
CA ILE A 31 0.87 6.69 -5.66
C ILE A 31 0.00 6.73 -6.90
N GLY A 32 0.61 7.04 -8.04
CA GLY A 32 -0.14 7.09 -9.28
C GLY A 32 0.57 7.86 -10.38
N ARG A 33 -0.13 8.06 -11.50
CA ARG A 33 0.42 8.77 -12.64
C ARG A 33 0.66 10.25 -12.33
N SER A 34 -0.39 10.92 -11.86
CA SER A 34 -0.30 12.33 -11.53
C SER A 34 0.74 12.60 -10.45
N GLU A 35 1.62 13.56 -10.71
CA GLU A 35 2.67 13.92 -9.77
C GLU A 35 2.06 14.30 -8.42
N ASP A 36 0.77 14.63 -8.41
CA ASP A 36 0.09 15.01 -7.17
C ASP A 36 0.29 13.93 -6.11
N CYS A 37 0.42 12.70 -6.57
CA CYS A 37 0.63 11.56 -5.67
C CYS A 37 2.04 11.59 -5.11
N ASN A 38 2.15 11.36 -3.80
CA ASN A 38 3.46 11.34 -3.16
C ASN A 38 4.43 10.46 -3.92
N CYS A 39 3.89 9.47 -4.63
CA CYS A 39 4.69 8.57 -5.45
C CYS A 39 4.35 8.80 -6.92
N LYS A 40 5.35 8.73 -7.78
CA LYS A 40 5.12 8.96 -9.21
C LYS A 40 5.27 7.71 -10.06
N ILE A 41 4.13 7.19 -10.50
CA ILE A 41 4.07 6.01 -11.36
C ILE A 41 3.02 6.23 -12.44
N GLU A 42 3.45 6.40 -13.69
CA GLU A 42 2.51 6.65 -14.77
C GLU A 42 2.29 5.41 -15.64
N ASP A 43 1.12 4.82 -15.47
CA ASP A 43 0.70 3.67 -16.26
C ASP A 43 -0.69 3.93 -16.81
N ASN A 44 -0.79 4.18 -18.11
CA ASN A 44 -2.07 4.48 -18.76
C ASN A 44 -3.22 3.64 -18.22
N ARG A 45 -2.92 2.43 -17.76
CA ARG A 45 -3.95 1.53 -17.23
C ARG A 45 -4.51 2.02 -15.89
N LEU A 46 -3.62 2.50 -15.02
CA LEU A 46 -4.06 2.97 -13.70
C LEU A 46 -4.46 4.45 -13.73
N SER A 47 -5.25 4.85 -12.75
CA SER A 47 -5.72 6.23 -12.64
C SER A 47 -4.63 7.14 -12.07
N ARG A 48 -4.89 8.45 -12.08
CA ARG A 48 -3.94 9.43 -11.55
C ARG A 48 -3.48 9.02 -10.16
N VAL A 49 -4.41 8.47 -9.39
CA VAL A 49 -4.13 8.01 -8.04
C VAL A 49 -4.59 6.56 -7.90
N HIS A 50 -3.90 5.67 -8.62
CA HIS A 50 -4.24 4.26 -8.62
C HIS A 50 -4.40 3.71 -7.20
N CYS A 51 -3.44 4.02 -6.35
CA CYS A 51 -3.48 3.54 -4.98
C CYS A 51 -2.59 4.36 -4.06
N PHE A 52 -2.87 4.30 -2.76
CA PHE A 52 -2.11 5.03 -1.77
C PHE A 52 -1.96 4.22 -0.49
N ILE A 53 -0.87 4.42 0.23
CA ILE A 53 -0.63 3.71 1.47
C ILE A 53 -0.94 4.60 2.67
N PHE A 54 -1.69 4.08 3.62
CA PHE A 54 -2.05 4.84 4.81
C PHE A 54 -1.65 4.10 6.08
N LYS A 55 -1.03 4.83 7.00
CA LYS A 55 -0.58 4.25 8.26
C LYS A 55 -1.58 4.55 9.37
N LYS A 56 -1.88 3.55 10.18
CA LYS A 56 -2.83 3.69 11.28
C LYS A 56 -2.31 3.06 12.56
N ARG A 57 -2.86 3.50 13.69
CA ARG A 57 -2.44 2.98 14.98
C ARG A 57 -3.05 1.60 15.23
N HIS A 58 -2.19 0.59 15.26
CA HIS A 58 -2.61 -0.80 15.48
C HIS A 58 -2.90 -1.04 16.96
N ALA A 59 -4.04 -1.64 17.25
CA ALA A 59 -4.43 -1.93 18.62
C ALA A 59 -4.93 -3.36 18.76
N VAL A 60 -4.95 -3.85 20.00
CA VAL A 60 -5.40 -5.21 20.28
C VAL A 60 -6.69 -5.20 21.09
N GLY A 61 -7.19 -6.40 21.41
CA GLY A 61 -8.41 -6.49 22.19
C GLY A 61 -8.15 -6.68 23.67
N LYS A 62 -8.02 -7.94 24.09
CA LYS A 62 -7.76 -8.25 25.49
C LYS A 62 -6.28 -8.55 25.71
N SER A 63 -5.94 -8.95 26.93
CA SER A 63 -4.55 -9.27 27.27
C SER A 63 -4.45 -9.78 28.70
N MET A 64 -4.15 -11.07 28.84
CA MET A 64 -4.02 -11.69 30.16
C MET A 64 -2.55 -11.85 30.53
N TYR A 65 -2.09 -11.05 31.48
CA TYR A 65 -0.71 -11.10 31.94
C TYR A 65 0.24 -10.58 30.86
N GLU A 66 0.30 -11.28 29.74
CA GLU A 66 1.16 -10.90 28.63
C GLU A 66 0.57 -9.70 27.88
N SER A 67 1.44 -8.81 27.42
CA SER A 67 1.01 -7.62 26.71
C SER A 67 1.27 -7.77 25.21
N PRO A 68 0.21 -8.02 24.40
CA PRO A 68 0.34 -8.17 22.95
C PRO A 68 0.92 -6.92 22.29
N ALA A 69 0.54 -6.67 21.04
CA ALA A 69 1.02 -5.50 20.30
C ALA A 69 0.90 -4.23 21.15
N GLN A 70 -0.04 -4.23 22.08
CA GLN A 70 -0.26 -3.07 22.96
C GLN A 70 -0.97 -1.95 22.21
N GLY A 71 -0.21 -1.22 21.39
CA GLY A 71 -0.80 -0.12 20.63
C GLY A 71 0.24 0.67 19.86
N LEU A 72 0.62 0.16 18.70
CA LEU A 72 1.61 0.82 17.85
C LEU A 72 0.97 1.24 16.52
N ASP A 73 1.75 1.27 15.45
CA ASP A 73 1.24 1.68 14.15
C ASP A 73 1.34 0.56 13.10
N ASP A 74 0.41 0.57 12.16
CA ASP A 74 0.40 -0.42 11.09
C ASP A 74 0.16 0.28 9.74
N ILE A 75 1.00 -0.02 8.76
CA ILE A 75 0.85 0.60 7.45
C ILE A 75 -0.10 -0.18 6.57
N TRP A 76 -1.13 0.52 6.09
CA TRP A 76 -2.15 -0.09 5.26
C TRP A 76 -2.03 0.41 3.82
N TYR A 77 -2.00 -0.52 2.87
CA TYR A 77 -1.92 -0.15 1.47
C TYR A 77 -3.33 -0.01 0.91
N CYS A 78 -3.69 1.20 0.51
CA CYS A 78 -5.02 1.47 -0.03
C CYS A 78 -5.00 1.55 -1.55
N HIS A 79 -6.04 1.02 -2.17
CA HIS A 79 -6.15 1.03 -3.63
C HIS A 79 -7.46 1.68 -4.06
N THR A 80 -7.34 2.61 -5.02
CA THR A 80 -8.50 3.33 -5.55
C THR A 80 -8.60 3.18 -7.07
N GLY A 81 -7.69 2.39 -7.65
CA GLY A 81 -7.72 2.18 -9.08
C GLY A 81 -8.75 1.15 -9.48
N THR A 82 -9.40 1.38 -10.61
CA THR A 82 -10.42 0.46 -11.10
C THR A 82 -9.81 -0.80 -11.71
N ASN A 83 -8.50 -0.78 -11.94
CA ASN A 83 -7.80 -1.92 -12.52
C ASN A 83 -7.42 -2.95 -11.45
N VAL A 84 -7.82 -2.69 -10.21
CA VAL A 84 -7.54 -3.58 -9.08
C VAL A 84 -6.07 -3.96 -8.98
N SER A 85 -5.53 -3.88 -7.77
CA SER A 85 -4.14 -4.21 -7.52
C SER A 85 -4.04 -5.56 -6.80
N TYR A 86 -2.83 -6.13 -6.77
CA TYR A 86 -2.64 -7.42 -6.12
C TYR A 86 -1.51 -7.36 -5.09
N LEU A 87 -1.83 -7.64 -3.84
CA LEU A 87 -0.84 -7.61 -2.77
C LEU A 87 -0.37 -9.03 -2.43
N ASN A 88 0.78 -9.41 -2.96
CA ASN A 88 1.33 -10.73 -2.71
C ASN A 88 0.39 -11.83 -3.19
N ASN A 89 -0.60 -12.16 -2.37
CA ASN A 89 -1.57 -13.20 -2.71
C ASN A 89 -3.00 -12.74 -2.43
N ASN A 90 -3.18 -11.49 -2.00
CA ASN A 90 -4.52 -10.99 -1.71
C ASN A 90 -4.95 -9.95 -2.75
N ARG A 91 -6.14 -10.12 -3.29
CA ARG A 91 -6.68 -9.19 -4.28
C ARG A 91 -7.02 -7.85 -3.65
N MET A 92 -6.75 -6.78 -4.39
CA MET A 92 -7.02 -5.43 -3.89
C MET A 92 -7.89 -4.66 -4.87
N ILE A 93 -9.18 -4.57 -4.57
CA ILE A 93 -10.13 -3.86 -5.42
C ILE A 93 -10.19 -2.38 -5.07
N GLN A 94 -10.78 -1.59 -5.94
CA GLN A 94 -10.90 -0.15 -5.70
C GLN A 94 -11.67 0.12 -4.42
N GLY A 95 -10.95 0.61 -3.41
CA GLY A 95 -11.59 0.93 -2.14
C GLY A 95 -11.27 -0.09 -1.05
N THR A 96 -10.05 -0.63 -1.09
CA THR A 96 -9.63 -1.62 -0.09
C THR A 96 -8.24 -1.32 0.44
N LYS A 97 -7.97 -1.79 1.66
CA LYS A 97 -6.67 -1.59 2.29
C LYS A 97 -6.10 -2.92 2.77
N PHE A 98 -4.77 -2.97 2.91
CA PHE A 98 -4.11 -4.20 3.36
C PHE A 98 -2.85 -3.88 4.16
N LEU A 99 -2.57 -4.73 5.16
CA LEU A 99 -1.40 -4.54 6.01
C LEU A 99 -0.12 -4.76 5.21
N LEU A 100 0.85 -3.86 5.38
CA LEU A 100 2.11 -3.96 4.67
C LEU A 100 3.24 -4.36 5.63
N GLN A 101 3.95 -5.42 5.27
CA GLN A 101 5.05 -5.95 6.07
C GLN A 101 6.38 -5.77 5.35
N ASP A 102 7.47 -5.69 6.11
CA ASP A 102 8.79 -5.52 5.53
C ASP A 102 9.07 -6.57 4.47
N GLY A 103 8.93 -6.17 3.22
CA GLY A 103 9.14 -7.08 2.12
C GLY A 103 7.83 -7.43 1.44
N ASP A 104 6.89 -6.49 1.47
CA ASP A 104 5.58 -6.70 0.86
C ASP A 104 5.60 -6.29 -0.60
N GLU A 105 5.37 -7.26 -1.48
CA GLU A 105 5.36 -6.99 -2.90
C GLU A 105 3.93 -6.75 -3.39
N ILE A 106 3.64 -5.50 -3.74
CA ILE A 106 2.31 -5.15 -4.21
C ILE A 106 2.26 -4.91 -5.72
N LYS A 107 1.30 -5.55 -6.37
CA LYS A 107 1.11 -5.41 -7.81
C LYS A 107 0.09 -4.33 -8.10
N ILE A 108 0.53 -3.27 -8.75
CA ILE A 108 -0.34 -2.15 -9.06
C ILE A 108 -1.21 -2.45 -10.29
N ILE A 109 -0.63 -3.12 -11.28
CA ILE A 109 -1.37 -3.45 -12.49
C ILE A 109 -0.79 -4.67 -13.21
N TRP A 110 -1.67 -5.56 -13.66
CA TRP A 110 -1.25 -6.76 -14.38
C TRP A 110 -2.14 -7.01 -15.60
N ASP A 111 -1.54 -7.07 -16.77
CA ASP A 111 -2.28 -7.32 -18.00
C ASP A 111 -1.73 -8.54 -18.72
N LYS A 112 -2.57 -9.56 -18.86
CA LYS A 112 -2.18 -10.81 -19.52
C LYS A 112 -1.94 -10.60 -21.02
N ASN A 113 -2.86 -9.91 -21.67
CA ASN A 113 -2.76 -9.67 -23.11
C ASN A 113 -1.78 -8.53 -23.42
N ASN A 114 -1.81 -7.48 -22.62
CA ASN A 114 -0.92 -6.34 -22.83
C ASN A 114 0.46 -6.58 -22.22
N LYS A 115 0.59 -7.66 -21.45
CA LYS A 115 1.86 -7.98 -20.81
C LYS A 115 2.30 -6.86 -19.88
N PHE A 116 1.36 -6.00 -19.50
CA PHE A 116 1.67 -4.91 -18.58
C PHE A 116 1.78 -5.47 -17.17
N VAL A 117 3.01 -5.59 -16.69
CA VAL A 117 3.23 -6.13 -15.36
C VAL A 117 3.90 -5.12 -14.44
N ILE A 118 3.25 -4.83 -13.33
CA ILE A 118 3.77 -3.90 -12.35
C ILE A 118 3.82 -4.54 -10.97
N GLY A 119 4.71 -4.04 -10.12
CA GLY A 119 4.86 -4.56 -8.79
C GLY A 119 5.97 -3.89 -8.03
N PHE A 120 5.66 -3.41 -6.83
CA PHE A 120 6.64 -2.72 -6.00
C PHE A 120 6.95 -3.54 -4.76
N LYS A 121 8.21 -3.49 -4.31
CA LYS A 121 8.61 -4.23 -3.13
C LYS A 121 8.69 -3.29 -1.93
N VAL A 122 7.85 -3.55 -0.95
CA VAL A 122 7.80 -2.74 0.26
C VAL A 122 8.88 -3.17 1.23
N GLU A 123 9.69 -2.22 1.68
CA GLU A 123 10.74 -2.52 2.64
C GLU A 123 10.76 -1.50 3.76
N ILE A 124 10.34 -1.92 4.95
CA ILE A 124 10.34 -1.04 6.12
C ILE A 124 11.76 -0.85 6.62
N ASN A 125 12.32 0.32 6.36
CA ASN A 125 13.66 0.63 6.79
C ASN A 125 13.64 1.17 8.21
N ASP A 126 12.78 2.17 8.43
CA ASP A 126 12.65 2.76 9.75
C ASP A 126 11.29 2.46 10.36
N THR A 127 11.27 2.15 11.66
CA THR A 127 10.03 1.88 12.36
C THR A 127 9.84 2.92 13.46
N THR A 128 9.02 3.90 13.18
CA THR A 128 8.75 4.97 14.14
C THR A 128 7.92 4.42 15.30
N GLY A 129 8.58 3.73 16.23
CA GLY A 129 7.88 3.14 17.35
C GLY A 129 6.72 2.29 16.87
N LEU A 130 6.96 1.56 15.80
CA LEU A 130 5.94 0.71 15.20
C LEU A 130 6.08 -0.74 15.66
N PHE A 131 4.93 -1.41 15.83
CA PHE A 131 4.92 -2.80 16.25
C PHE A 131 5.69 -3.63 15.23
N ASN A 132 6.84 -4.18 15.64
CA ASN A 132 7.65 -4.98 14.73
C ASN A 132 8.07 -4.15 13.53
N GLU A 133 7.08 -3.80 12.71
CA GLU A 133 7.30 -2.98 11.51
C GLU A 133 6.03 -2.93 10.67
N GLY A 134 5.27 -4.03 10.70
CA GLY A 134 4.02 -4.10 9.96
C GLY A 134 3.76 -5.49 9.40
N LEU A 135 3.95 -6.51 10.23
CA LEU A 135 3.75 -7.90 9.81
C LEU A 135 2.28 -8.31 9.88
N GLY A 136 1.42 -7.39 10.28
CA GLY A 136 0.00 -7.68 10.39
C GLY A 136 -0.29 -9.05 10.98
N MET A 137 -0.28 -9.14 12.30
CA MET A 137 -0.53 -10.41 12.97
C MET A 137 -1.77 -10.31 13.86
N LEU A 138 -2.72 -11.22 13.64
CA LEU A 138 -3.96 -11.25 14.40
C LEU A 138 -4.83 -12.42 13.98
N GLN A 139 -6.03 -12.50 14.55
CA GLN A 139 -6.96 -13.59 14.24
C GLN A 139 -7.09 -13.77 12.73
N GLU A 140 -7.01 -12.67 11.99
CA GLU A 140 -7.13 -12.72 10.54
C GLU A 140 -5.77 -13.00 9.90
N GLN A 141 -5.75 -13.92 8.94
CA GLN A 141 -4.52 -14.28 8.25
C GLN A 141 -4.38 -13.53 6.93
N ARG A 142 -3.59 -12.46 6.96
CA ARG A 142 -3.34 -11.64 5.77
C ARG A 142 -4.57 -11.53 4.88
N VAL A 143 -5.50 -10.66 5.28
CA VAL A 143 -6.73 -10.46 4.52
C VAL A 143 -6.91 -9.00 4.16
N VAL A 144 -7.41 -8.73 2.97
CA VAL A 144 -7.63 -7.37 2.50
C VAL A 144 -8.91 -6.80 3.12
N LEU A 145 -8.81 -5.60 3.69
CA LEU A 145 -9.95 -4.94 4.29
C LEU A 145 -10.55 -3.90 3.35
N LYS A 146 -11.71 -3.37 3.72
CA LYS A 146 -12.39 -2.36 2.89
C LYS A 146 -12.12 -0.96 3.42
N GLN A 147 -12.22 0.02 2.54
CA GLN A 147 -11.98 1.42 2.91
C GLN A 147 -13.30 2.13 3.23
N THR A 148 -13.20 3.22 3.99
CA THR A 148 -14.38 3.98 4.37
C THR A 148 -14.23 5.46 3.99
N ALA A 149 -15.21 6.26 4.36
CA ALA A 149 -15.20 7.69 4.07
C ALA A 149 -13.91 8.34 4.56
N GLU A 150 -13.37 7.81 5.66
CA GLU A 150 -12.14 8.33 6.22
C GLU A 150 -11.00 8.23 5.21
N GLU A 151 -10.86 7.06 4.60
CA GLU A 151 -9.82 6.84 3.61
C GLU A 151 -10.06 7.69 2.37
N LYS A 152 -11.28 7.63 1.84
CA LYS A 152 -11.63 8.41 0.66
C LYS A 152 -11.37 9.89 0.89
N ASP A 153 -11.53 10.33 2.14
CA ASP A 153 -11.32 11.73 2.49
C ASP A 153 -9.84 12.10 2.32
N LEU A 154 -8.95 11.17 2.64
CA LEU A 154 -7.52 11.41 2.52
C LEU A 154 -7.14 11.73 1.08
N VAL A 155 -7.70 10.96 0.14
CA VAL A 155 -7.43 11.17 -1.28
C VAL A 155 -8.24 12.34 -1.83
N LYS A 156 -9.33 12.69 -1.14
CA LYS A 156 -10.18 13.79 -1.56
C LYS A 156 -9.40 15.11 -1.59
N LYS A 157 -8.51 15.28 -0.63
CA LYS A 157 -7.69 16.49 -0.54
C LYS A 157 -6.47 16.40 -1.44
N LEU A 158 -6.21 15.21 -1.99
CA LEU A 158 -5.06 15.00 -2.87
C LEU A 158 -5.02 16.05 -3.98
N GLU B 1 -18.51 6.97 -13.62
CA GLU B 1 -18.06 5.64 -14.11
C GLU B 1 -16.73 5.76 -14.87
N ASP B 2 -15.90 4.73 -14.74
CA ASP B 2 -14.61 4.71 -15.42
C ASP B 2 -14.61 3.74 -16.58
N ILE B 3 -13.48 3.65 -17.28
CA ILE B 3 -13.36 2.75 -18.42
C ILE B 3 -12.09 1.91 -18.33
N PTR B 4 -11.75 1.51 -17.11
CA PTR B 4 -10.56 0.70 -16.87
C PTR B 4 -10.95 -0.73 -16.50
O PTR B 4 -11.98 -0.97 -15.88
CB PTR B 4 -9.71 1.31 -15.76
CG PTR B 4 -8.90 2.50 -16.20
CD1 PTR B 4 -8.04 2.42 -17.29
CD2 PTR B 4 -8.99 3.72 -15.52
CE1 PTR B 4 -7.30 3.51 -17.70
CE2 PTR B 4 -8.25 4.81 -15.92
CZ PTR B 4 -7.41 4.70 -17.01
OH PTR B 4 -6.66 5.82 -17.43
P PTR B 4 -7.42 7.15 -17.70
O1P PTR B 4 -7.57 7.81 -16.30
O2P PTR B 4 -6.43 7.99 -18.55
O3P PTR B 4 -8.74 6.93 -18.37
H2 PTR B 4 -12.30 1.77 -16.35
HA PTR B 4 -9.99 0.67 -17.79
HB2 PTR B 4 -9.01 0.55 -15.39
HB3 PTR B 4 -10.35 1.62 -14.96
HD1 PTR B 4 -7.96 1.49 -17.83
HD2 PTR B 4 -9.64 3.79 -14.68
HE1 PTR B 4 -6.64 3.43 -18.55
HE2 PTR B 4 -8.33 5.74 -15.40
N TYR B 5 -10.12 -1.69 -16.90
CA TYR B 5 -10.37 -3.10 -16.62
C TYR B 5 -9.21 -3.97 -17.08
N LEU B 6 -9.20 -5.22 -16.64
CA LEU B 6 -8.15 -6.16 -17.02
C LEU B 6 -8.69 -7.59 -17.07
N ASP B 7 -9.92 -7.73 -17.55
CA ASP B 7 -10.55 -9.04 -17.67
C ASP B 7 -11.72 -9.00 -18.63
N GLY A 1 13.35 8.25 13.16
CA GLY A 1 13.27 8.35 11.71
C GLY A 1 13.67 9.71 11.20
N ASN A 2 14.56 9.73 10.21
CA ASN A 2 15.03 10.99 9.62
C ASN A 2 13.99 11.56 8.65
N GLY A 3 13.11 10.70 8.16
CA GLY A 3 12.09 11.14 7.22
C GLY A 3 11.48 9.98 6.44
N ARG A 4 12.25 8.91 6.30
CA ARG A 4 11.78 7.74 5.56
C ARG A 4 11.46 6.58 6.50
N PHE A 5 10.42 5.84 6.17
CA PHE A 5 10.00 4.71 6.98
C PHE A 5 9.75 3.47 6.10
N LEU A 6 9.01 3.68 5.03
CA LEU A 6 8.67 2.61 4.10
C LEU A 6 9.33 2.81 2.76
N THR A 7 9.76 1.72 2.14
CA THR A 7 10.40 1.80 0.83
C THR A 7 9.67 0.94 -0.18
N LEU A 8 9.07 1.59 -1.17
CA LEU A 8 8.38 0.89 -2.24
C LEU A 8 9.25 0.98 -3.47
N LYS A 9 9.84 -0.13 -3.86
CA LYS A 9 10.75 -0.09 -4.99
C LYS A 9 10.30 -0.91 -6.19
N PRO A 10 9.70 -0.24 -7.21
CA PRO A 10 9.28 -0.92 -8.43
C PRO A 10 10.41 -1.82 -8.94
N LEU A 11 10.28 -3.10 -8.68
CA LEU A 11 11.29 -4.09 -9.03
C LEU A 11 11.33 -4.42 -10.52
N PRO A 12 12.50 -4.94 -10.99
CA PRO A 12 12.72 -5.31 -12.39
C PRO A 12 11.62 -6.19 -12.96
N ASP A 13 10.93 -6.92 -12.10
CA ASP A 13 9.85 -7.79 -12.56
C ASP A 13 8.77 -6.94 -13.20
N SER A 14 8.69 -5.69 -12.75
CA SER A 14 7.74 -4.73 -13.27
C SER A 14 8.40 -3.88 -14.34
N ILE A 15 7.61 -3.35 -15.26
CA ILE A 15 8.14 -2.51 -16.32
C ILE A 15 8.92 -1.32 -15.75
N ILE A 16 8.77 -1.08 -14.45
CA ILE A 16 9.45 0.02 -13.78
C ILE A 16 10.58 -0.49 -12.87
N GLN A 17 11.78 0.07 -13.07
CA GLN A 17 12.95 -0.30 -12.26
C GLN A 17 13.41 0.89 -11.42
N GLU A 18 12.51 1.38 -10.58
CA GLU A 18 12.80 2.52 -9.72
C GLU A 18 12.53 2.19 -8.25
N SER A 19 12.95 3.08 -7.36
CA SER A 19 12.72 2.90 -5.93
C SER A 19 12.14 4.14 -5.28
N LEU A 20 10.95 4.00 -4.67
CA LEU A 20 10.30 5.10 -3.98
C LEU A 20 10.27 4.83 -2.49
N GLU A 21 10.35 5.88 -1.69
CA GLU A 21 10.35 5.72 -0.23
C GLU A 21 9.26 6.56 0.43
N ILE A 22 8.33 5.90 1.11
CA ILE A 22 7.26 6.59 1.80
C ILE A 22 7.79 7.27 3.05
N GLN A 23 7.86 8.59 3.01
CA GLN A 23 8.34 9.35 4.14
C GLN A 23 7.39 9.19 5.32
N GLN A 24 7.88 8.59 6.41
CA GLN A 24 7.06 8.37 7.60
C GLN A 24 6.29 9.64 7.94
N GLY A 25 6.87 10.78 7.61
CA GLY A 25 6.24 12.06 7.89
C GLY A 25 5.00 12.32 7.05
N VAL A 26 4.87 11.66 5.90
CA VAL A 26 3.72 11.87 5.05
C VAL A 26 2.70 10.75 5.20
N ASN A 27 1.50 11.11 5.65
CA ASN A 27 0.42 10.15 5.81
C ASN A 27 -0.89 10.77 5.34
N PRO A 28 -1.59 10.15 4.37
CA PRO A 28 -1.17 8.91 3.72
C PRO A 28 -0.31 9.17 2.49
N PHE A 29 0.44 8.16 2.06
CA PHE A 29 1.32 8.30 0.90
C PHE A 29 0.55 7.86 -0.35
N PHE A 30 0.35 8.81 -1.26
CA PHE A 30 -0.40 8.56 -2.49
C PHE A 30 0.50 8.14 -3.63
N ILE A 31 0.04 7.14 -4.38
CA ILE A 31 0.78 6.62 -5.52
C ILE A 31 -0.11 6.56 -6.76
N GLY A 32 0.48 6.79 -7.92
CA GLY A 32 -0.29 6.74 -9.16
C GLY A 32 0.30 7.54 -10.30
N ARG A 33 -0.52 7.80 -11.31
CA ARG A 33 -0.10 8.55 -12.49
C ARG A 33 -0.15 10.06 -12.25
N SER A 34 -0.50 10.47 -11.04
CA SER A 34 -0.59 11.89 -10.72
C SER A 34 0.65 12.37 -9.96
N GLU A 35 1.31 13.38 -10.49
CA GLU A 35 2.50 13.94 -9.84
C GLU A 35 2.15 14.40 -8.43
N ASP A 36 0.87 14.68 -8.19
CA ASP A 36 0.40 15.11 -6.88
C ASP A 36 0.58 13.99 -5.87
N CYS A 37 0.57 12.76 -6.37
CA CYS A 37 0.74 11.58 -5.53
C CYS A 37 2.15 11.52 -5.00
N ASN A 38 2.28 11.36 -3.68
CA ASN A 38 3.59 11.26 -3.04
C ASN A 38 4.52 10.37 -3.86
N CYS A 39 3.92 9.36 -4.48
CA CYS A 39 4.65 8.42 -5.32
C CYS A 39 4.26 8.65 -6.78
N LYS A 40 5.25 8.69 -7.67
CA LYS A 40 4.97 8.96 -9.08
C LYS A 40 5.21 7.73 -9.97
N ILE A 41 4.11 7.20 -10.51
CA ILE A 41 4.15 6.05 -11.39
C ILE A 41 3.20 6.28 -12.56
N GLU A 42 3.74 6.48 -13.75
CA GLU A 42 2.90 6.72 -14.92
C GLU A 42 2.57 5.43 -15.65
N ASP A 43 1.32 4.99 -15.48
CA ASP A 43 0.83 3.79 -16.13
C ASP A 43 -0.50 4.10 -16.82
N ASN A 44 -0.50 4.14 -18.15
CA ASN A 44 -1.71 4.42 -18.89
C ASN A 44 -2.89 3.59 -18.39
N ARG A 45 -2.58 2.40 -17.87
CA ARG A 45 -3.61 1.52 -17.35
C ARG A 45 -4.08 1.95 -15.96
N LEU A 46 -3.14 2.37 -15.12
CA LEU A 46 -3.46 2.78 -13.77
C LEU A 46 -3.90 4.25 -13.73
N SER A 47 -4.73 4.58 -12.74
CA SER A 47 -5.25 5.94 -12.59
C SER A 47 -4.27 6.85 -11.87
N ARG A 48 -4.47 8.15 -12.01
CA ARG A 48 -3.63 9.15 -11.36
C ARG A 48 -3.42 8.81 -9.89
N VAL A 49 -4.49 8.33 -9.27
CA VAL A 49 -4.44 7.93 -7.87
C VAL A 49 -4.82 6.47 -7.74
N HIS A 50 -4.07 5.62 -8.44
CA HIS A 50 -4.30 4.19 -8.45
C HIS A 50 -4.44 3.63 -7.04
N CYS A 51 -3.51 3.98 -6.17
CA CYS A 51 -3.51 3.48 -4.80
C CYS A 51 -2.62 4.32 -3.90
N PHE A 52 -2.91 4.28 -2.60
CA PHE A 52 -2.14 5.02 -1.62
C PHE A 52 -2.00 4.23 -0.34
N ILE A 53 -0.87 4.39 0.34
CA ILE A 53 -0.62 3.70 1.60
C ILE A 53 -0.85 4.63 2.77
N PHE A 54 -1.53 4.13 3.79
CA PHE A 54 -1.84 4.93 4.96
C PHE A 54 -1.40 4.21 6.24
N LYS A 55 -0.75 4.94 7.14
CA LYS A 55 -0.29 4.36 8.39
C LYS A 55 -1.29 4.66 9.51
N LYS A 56 -1.57 3.65 10.32
CA LYS A 56 -2.53 3.77 11.41
C LYS A 56 -2.02 3.15 12.69
N ARG A 57 -2.58 3.56 13.82
CA ARG A 57 -2.18 3.04 15.12
C ARG A 57 -2.76 1.65 15.35
N HIS A 58 -1.86 0.66 15.38
CA HIS A 58 -2.25 -0.73 15.58
C HIS A 58 -2.47 -1.03 17.07
N ALA A 59 -3.67 -1.51 17.39
CA ALA A 59 -4.00 -1.83 18.78
C ALA A 59 -5.15 -2.84 18.84
N VAL A 60 -4.85 -4.03 19.35
CA VAL A 60 -5.85 -5.08 19.47
C VAL A 60 -6.54 -5.04 20.83
N GLY A 61 -7.86 -4.90 20.82
CA GLY A 61 -8.61 -4.85 22.07
C GLY A 61 -8.44 -6.10 22.90
N LYS A 62 -8.84 -7.24 22.34
CA LYS A 62 -8.72 -8.51 23.04
C LYS A 62 -7.27 -8.95 23.14
N SER A 63 -6.93 -9.60 24.25
CA SER A 63 -5.57 -10.07 24.48
C SER A 63 -5.52 -10.99 25.69
N MET A 64 -5.97 -12.23 25.52
CA MET A 64 -5.96 -13.21 26.59
C MET A 64 -4.55 -13.45 27.10
N TYR A 65 -4.31 -13.09 28.36
CA TYR A 65 -2.99 -13.26 28.98
C TYR A 65 -1.94 -12.42 28.26
N GLU A 66 -1.45 -12.92 27.13
CA GLU A 66 -0.45 -12.20 26.35
C GLU A 66 -1.10 -11.08 25.54
N SER A 67 -0.64 -9.85 25.75
CA SER A 67 -1.17 -8.70 25.03
C SER A 67 -0.19 -8.19 23.99
N PRO A 68 -0.25 -8.74 22.77
CA PRO A 68 0.63 -8.33 21.66
C PRO A 68 0.24 -6.98 21.10
N ALA A 69 1.11 -6.40 20.28
CA ALA A 69 0.85 -5.09 19.67
C ALA A 69 0.87 -3.98 20.71
N GLN A 70 -0.03 -4.05 21.69
CA GLN A 70 -0.11 -3.05 22.74
C GLN A 70 -0.74 -1.76 22.22
N GLY A 71 0.01 -1.01 21.43
CA GLY A 71 -0.50 0.22 20.87
C GLY A 71 0.52 0.95 20.02
N LEU A 72 1.03 0.27 19.00
CA LEU A 72 2.01 0.86 18.09
C LEU A 72 1.35 1.27 16.79
N ASP A 73 2.16 1.56 15.76
CA ASP A 73 1.62 1.98 14.46
C ASP A 73 1.84 0.94 13.38
N ASP A 74 0.91 0.86 12.43
CA ASP A 74 0.99 -0.08 11.33
C ASP A 74 0.80 0.65 10.00
N ILE A 75 1.24 0.03 8.91
CA ILE A 75 1.09 0.64 7.59
C ILE A 75 0.08 -0.10 6.74
N TRP A 76 -0.94 0.62 6.30
CA TRP A 76 -2.00 0.07 5.48
C TRP A 76 -1.85 0.50 4.03
N TYR A 77 -2.13 -0.42 3.11
CA TYR A 77 -2.06 -0.11 1.69
C TYR A 77 -3.46 0.03 1.12
N CYS A 78 -3.78 1.22 0.65
CA CYS A 78 -5.11 1.49 0.09
C CYS A 78 -5.07 1.55 -1.43
N HIS A 79 -6.09 0.98 -2.07
CA HIS A 79 -6.19 0.98 -3.52
C HIS A 79 -7.44 1.70 -3.99
N THR A 80 -7.27 2.65 -4.91
CA THR A 80 -8.39 3.42 -5.45
C THR A 80 -8.40 3.36 -6.98
N GLY A 81 -7.61 2.45 -7.55
CA GLY A 81 -7.56 2.31 -9.00
C GLY A 81 -8.62 1.36 -9.52
N THR A 82 -9.09 1.62 -10.73
CA THR A 82 -10.13 0.78 -11.34
C THR A 82 -9.54 -0.53 -11.86
N ASN A 83 -8.24 -0.56 -12.12
CA ASN A 83 -7.59 -1.76 -12.63
C ASN A 83 -7.30 -2.76 -11.52
N VAL A 84 -7.67 -2.40 -10.28
CA VAL A 84 -7.47 -3.27 -9.11
C VAL A 84 -6.01 -3.70 -8.96
N SER A 85 -5.46 -3.49 -7.77
CA SER A 85 -4.08 -3.87 -7.47
C SER A 85 -4.05 -5.28 -6.88
N TYR A 86 -2.87 -5.86 -6.80
CA TYR A 86 -2.74 -7.22 -6.25
C TYR A 86 -1.58 -7.29 -5.27
N LEU A 87 -1.89 -7.66 -4.03
CA LEU A 87 -0.86 -7.77 -3.00
C LEU A 87 -0.54 -9.23 -2.70
N ASN A 88 0.68 -9.64 -3.04
CA ASN A 88 1.12 -11.01 -2.81
C ASN A 88 0.20 -12.01 -3.52
N ASN A 89 -0.91 -12.36 -2.89
CA ASN A 89 -1.85 -13.31 -3.48
C ASN A 89 -3.30 -12.89 -3.23
N ASN A 90 -3.50 -11.69 -2.68
CA ASN A 90 -4.84 -11.20 -2.40
C ASN A 90 -5.26 -10.15 -3.43
N ARG A 91 -6.52 -10.19 -3.83
CA ARG A 91 -7.05 -9.24 -4.81
C ARG A 91 -7.36 -7.90 -4.16
N MET A 92 -7.07 -6.81 -4.86
CA MET A 92 -7.33 -5.48 -4.33
C MET A 92 -8.27 -4.71 -5.25
N ILE A 93 -9.53 -4.64 -4.87
CA ILE A 93 -10.53 -3.91 -5.65
C ILE A 93 -10.58 -2.46 -5.24
N GLN A 94 -10.88 -1.58 -6.19
CA GLN A 94 -10.95 -0.14 -5.92
C GLN A 94 -11.72 0.13 -4.63
N GLY A 95 -10.99 0.57 -3.61
CA GLY A 95 -11.60 0.87 -2.33
C GLY A 95 -11.30 -0.19 -1.29
N THR A 96 -10.10 -0.77 -1.36
CA THR A 96 -9.71 -1.80 -0.41
C THR A 96 -8.43 -1.42 0.35
N LYS A 97 -8.19 -2.10 1.46
CA LYS A 97 -7.02 -1.85 2.29
C LYS A 97 -6.32 -3.16 2.63
N PHE A 98 -5.00 -3.10 2.81
CA PHE A 98 -4.23 -4.30 3.13
C PHE A 98 -3.03 -3.98 4.03
N LEU A 99 -2.73 -4.88 4.95
CA LEU A 99 -1.61 -4.71 5.86
C LEU A 99 -0.29 -4.81 5.11
N LEU A 100 0.65 -3.93 5.43
CA LEU A 100 1.95 -3.93 4.77
C LEU A 100 3.06 -4.37 5.73
N GLN A 101 3.51 -5.60 5.56
CA GLN A 101 4.58 -6.17 6.37
C GLN A 101 5.92 -5.91 5.68
N ASP A 102 6.94 -5.54 6.46
CA ASP A 102 8.26 -5.24 5.90
C ASP A 102 8.65 -6.31 4.87
N GLY A 103 8.71 -5.89 3.61
CA GLY A 103 9.03 -6.80 2.55
C GLY A 103 7.79 -7.26 1.83
N ASP A 104 6.84 -6.34 1.68
CA ASP A 104 5.57 -6.64 1.03
C ASP A 104 5.62 -6.29 -0.45
N GLU A 105 5.36 -7.27 -1.30
CA GLU A 105 5.37 -7.03 -2.74
C GLU A 105 3.96 -6.76 -3.23
N ILE A 106 3.70 -5.52 -3.61
CA ILE A 106 2.38 -5.12 -4.09
C ILE A 106 2.36 -4.89 -5.60
N LYS A 107 1.32 -5.40 -6.24
CA LYS A 107 1.15 -5.25 -7.69
C LYS A 107 0.15 -4.15 -7.97
N ILE A 108 0.63 -3.09 -8.61
CA ILE A 108 -0.22 -1.95 -8.92
C ILE A 108 -1.09 -2.22 -10.13
N ILE A 109 -0.54 -2.91 -11.12
CA ILE A 109 -1.29 -3.23 -12.33
C ILE A 109 -0.75 -4.48 -13.03
N TRP A 110 -1.65 -5.39 -13.39
CA TRP A 110 -1.27 -6.62 -14.07
C TRP A 110 -2.22 -6.93 -15.22
N ASP A 111 -1.66 -7.08 -16.43
CA ASP A 111 -2.46 -7.40 -17.61
C ASP A 111 -1.99 -8.70 -18.24
N LYS A 112 -2.87 -9.70 -18.26
CA LYS A 112 -2.53 -11.00 -18.83
C LYS A 112 -2.32 -10.93 -20.34
N ASN A 113 -3.24 -10.25 -21.03
CA ASN A 113 -3.16 -10.13 -22.48
C ASN A 113 -2.21 -9.01 -22.90
N ASN A 114 -2.26 -7.89 -22.18
CA ASN A 114 -1.41 -6.75 -22.49
C ASN A 114 0.03 -6.97 -21.99
N LYS A 115 0.21 -7.98 -21.14
CA LYS A 115 1.53 -8.28 -20.59
C LYS A 115 2.04 -7.14 -19.73
N PHE A 116 1.14 -6.23 -19.35
CA PHE A 116 1.50 -5.10 -18.51
C PHE A 116 1.61 -5.57 -17.06
N VAL A 117 2.83 -5.72 -16.58
CA VAL A 117 3.04 -6.19 -15.22
C VAL A 117 3.80 -5.18 -14.38
N ILE A 118 3.18 -4.75 -13.28
CA ILE A 118 3.79 -3.80 -12.38
C ILE A 118 3.73 -4.31 -10.95
N GLY A 119 4.68 -3.88 -10.12
CA GLY A 119 4.71 -4.31 -8.75
C GLY A 119 5.91 -3.76 -8.01
N PHE A 120 5.68 -3.21 -6.81
CA PHE A 120 6.75 -2.64 -6.02
C PHE A 120 6.98 -3.47 -4.76
N LYS A 121 8.22 -3.46 -4.28
CA LYS A 121 8.57 -4.20 -3.08
C LYS A 121 8.64 -3.25 -1.89
N VAL A 122 7.76 -3.47 -0.92
CA VAL A 122 7.71 -2.65 0.26
C VAL A 122 8.77 -3.07 1.27
N GLU A 123 9.64 -2.14 1.63
CA GLU A 123 10.68 -2.42 2.60
C GLU A 123 10.77 -1.30 3.63
N ILE A 124 10.33 -1.61 4.85
CA ILE A 124 10.38 -0.63 5.93
C ILE A 124 11.79 -0.54 6.51
N ASN A 125 12.48 0.57 6.21
CA ASN A 125 13.84 0.76 6.70
C ASN A 125 13.81 1.35 8.11
N ASP A 126 12.92 2.31 8.33
CA ASP A 126 12.80 2.94 9.63
C ASP A 126 11.50 2.53 10.30
N THR A 127 11.54 2.31 11.62
CA THR A 127 10.36 1.94 12.37
C THR A 127 10.01 3.04 13.36
N THR A 128 9.04 3.85 12.98
CA THR A 128 8.58 4.93 13.83
C THR A 128 7.51 4.43 14.79
N GLY A 129 7.93 3.63 15.76
CA GLY A 129 7.00 3.08 16.72
C GLY A 129 6.15 1.99 16.09
N LEU A 130 6.77 1.22 15.19
CA LEU A 130 6.09 0.15 14.49
C LEU A 130 5.97 -1.10 15.36
N PHE A 131 4.73 -1.51 15.66
CA PHE A 131 4.46 -2.69 16.49
C PHE A 131 5.53 -3.78 16.30
N ASN A 132 5.85 -4.06 15.04
CA ASN A 132 6.89 -5.03 14.71
C ASN A 132 7.38 -4.77 13.29
N GLU A 133 7.27 -3.52 12.85
CA GLU A 133 7.66 -3.13 11.52
C GLU A 133 6.68 -3.69 10.51
N GLY A 134 6.52 -5.01 10.53
CA GLY A 134 5.60 -5.67 9.62
C GLY A 134 6.08 -7.07 9.28
N LEU A 135 5.81 -8.02 10.17
CA LEU A 135 6.22 -9.40 9.96
C LEU A 135 5.04 -10.28 9.53
N GLY A 136 3.83 -9.72 9.61
CA GLY A 136 2.65 -10.48 9.23
C GLY A 136 2.15 -11.39 10.34
N MET A 137 1.69 -10.79 11.43
CA MET A 137 1.19 -11.56 12.57
C MET A 137 -0.23 -11.11 12.93
N LEU A 138 -1.17 -12.03 12.83
CA LEU A 138 -2.56 -11.72 13.14
C LEU A 138 -3.43 -12.98 13.04
N GLN A 139 -4.74 -12.79 13.13
CA GLN A 139 -5.68 -13.90 13.05
C GLN A 139 -5.90 -14.32 11.60
N GLU A 140 -6.30 -13.36 10.76
CA GLU A 140 -6.55 -13.63 9.35
C GLU A 140 -5.23 -13.65 8.57
N GLN A 141 -5.07 -14.65 7.72
CA GLN A 141 -3.85 -14.78 6.92
C GLN A 141 -3.93 -13.90 5.67
N ARG A 142 -3.27 -12.74 5.73
CA ARG A 142 -3.24 -11.80 4.62
C ARG A 142 -4.59 -11.72 3.90
N VAL A 143 -5.46 -10.85 4.41
CA VAL A 143 -6.79 -10.67 3.82
C VAL A 143 -7.03 -9.21 3.46
N VAL A 144 -7.71 -8.99 2.34
CA VAL A 144 -8.00 -7.63 1.88
C VAL A 144 -9.17 -7.03 2.66
N LEU A 145 -8.96 -5.81 3.18
CA LEU A 145 -9.98 -5.12 3.94
C LEU A 145 -10.65 -4.04 3.09
N LYS A 146 -11.78 -3.52 3.57
CA LYS A 146 -12.51 -2.48 2.85
C LYS A 146 -12.29 -1.12 3.50
N GLN A 147 -12.10 -0.10 2.67
CA GLN A 147 -11.87 1.25 3.16
C GLN A 147 -13.19 2.00 3.32
N THR A 148 -13.17 3.06 4.13
CA THR A 148 -14.36 3.86 4.36
C THR A 148 -14.14 5.31 3.97
N ALA A 149 -15.12 6.16 4.26
CA ALA A 149 -15.03 7.58 3.93
C ALA A 149 -13.75 8.19 4.49
N GLU A 150 -13.26 7.62 5.59
CA GLU A 150 -12.04 8.11 6.22
C GLU A 150 -10.88 8.05 5.25
N GLU A 151 -10.67 6.89 4.65
CA GLU A 151 -9.59 6.70 3.68
C GLU A 151 -9.85 7.51 2.42
N LYS A 152 -11.06 7.38 1.88
CA LYS A 152 -11.44 8.11 0.68
C LYS A 152 -11.25 9.61 0.87
N ASP A 153 -11.47 10.07 2.11
CA ASP A 153 -11.33 11.48 2.43
C ASP A 153 -9.89 11.94 2.29
N LEU A 154 -8.96 11.08 2.69
CA LEU A 154 -7.54 11.40 2.59
C LEU A 154 -7.15 11.72 1.16
N VAL A 155 -7.64 10.91 0.22
CA VAL A 155 -7.35 11.10 -1.19
C VAL A 155 -8.28 12.14 -1.81
N LYS A 156 -9.49 12.23 -1.27
CA LYS A 156 -10.48 13.18 -1.77
C LYS A 156 -9.91 14.60 -1.84
N LYS A 157 -8.96 14.88 -0.95
CA LYS A 157 -8.32 16.19 -0.91
C LYS A 157 -6.91 16.13 -1.49
N LEU A 158 -6.69 15.18 -2.40
CA LEU A 158 -5.38 15.02 -3.03
C LEU A 158 -5.23 15.99 -4.21
N GLU B 1 -13.84 9.44 -16.06
CA GLU B 1 -14.61 8.86 -14.92
C GLU B 1 -14.03 7.51 -14.51
N ASP B 2 -12.72 7.35 -14.68
CA ASP B 2 -12.06 6.11 -14.33
C ASP B 2 -12.60 4.93 -15.13
N ILE B 3 -12.26 4.88 -16.42
CA ILE B 3 -12.73 3.82 -17.29
C ILE B 3 -11.59 2.86 -17.65
N PTR B 4 -11.22 2.01 -16.71
CA PTR B 4 -10.14 1.04 -16.92
C PTR B 4 -10.64 -0.38 -16.68
O PTR B 4 -11.74 -0.59 -16.17
CB PTR B 4 -8.96 1.35 -16.01
CG PTR B 4 -8.19 2.59 -16.41
CD1 PTR B 4 -7.81 3.53 -15.46
CD2 PTR B 4 -7.84 2.81 -17.74
CE1 PTR B 4 -7.10 4.65 -15.83
CE2 PTR B 4 -7.13 3.93 -18.11
CZ PTR B 4 -6.77 4.85 -17.16
OH PTR B 4 -6.04 6.00 -17.53
P PTR B 4 -6.83 7.18 -18.17
O1P PTR B 4 -7.05 8.19 -16.99
O2P PTR B 4 -5.86 7.81 -19.19
O3P PTR B 4 -8.13 6.75 -18.79
H2 PTR B 4 -11.68 2.01 -15.84
HA PTR B 4 -9.83 1.13 -17.95
HB2 PTR B 4 -8.28 0.51 -16.02
HB3 PTR B 4 -9.32 1.50 -15.00
HD1 PTR B 4 -8.07 3.38 -14.43
HD2 PTR B 4 -8.12 2.07 -18.49
HE1 PTR B 4 -6.82 5.38 -15.08
HE2 PTR B 4 -6.86 4.08 -19.15
N TYR B 5 -9.81 -1.36 -17.03
CA TYR B 5 -10.15 -2.76 -16.85
C TYR B 5 -9.03 -3.67 -17.37
N LEU B 6 -8.89 -4.83 -16.76
CA LEU B 6 -7.87 -5.79 -17.15
C LEU B 6 -8.46 -7.16 -17.42
N ASP B 7 -7.66 -8.07 -17.97
CA ASP B 7 -8.11 -9.42 -18.27
C ASP B 7 -7.57 -10.41 -17.24
N GLY A 1 18.34 7.79 5.58
CA GLY A 1 17.02 8.36 5.45
C GLY A 1 16.74 9.44 6.48
N ASN A 2 16.33 10.61 6.01
CA ASN A 2 16.03 11.73 6.89
C ASN A 2 14.57 11.69 7.34
N GLY A 3 13.74 11.00 6.56
CA GLY A 3 12.33 10.89 6.90
C GLY A 3 11.64 9.80 6.11
N ARG A 4 12.41 8.76 5.77
CA ARG A 4 11.88 7.64 5.01
C ARG A 4 11.61 6.46 5.92
N PHE A 5 10.39 5.95 5.86
CA PHE A 5 9.99 4.82 6.68
C PHE A 5 9.80 3.56 5.84
N LEU A 6 8.85 3.61 4.91
CA LEU A 6 8.56 2.47 4.05
C LEU A 6 9.09 2.72 2.66
N THR A 7 9.68 1.69 2.06
CA THR A 7 10.22 1.80 0.72
C THR A 7 9.50 0.90 -0.26
N LEU A 8 8.79 1.50 -1.20
CA LEU A 8 8.10 0.75 -2.24
C LEU A 8 8.91 0.90 -3.49
N LYS A 9 9.58 -0.16 -3.91
CA LYS A 9 10.44 -0.05 -5.07
C LYS A 9 9.98 -0.88 -6.25
N PRO A 10 9.31 -0.25 -7.25
CA PRO A 10 8.89 -0.95 -8.45
C PRO A 10 10.03 -1.81 -8.99
N LEU A 11 9.95 -3.09 -8.71
CA LEU A 11 11.00 -4.04 -9.07
C LEU A 11 11.03 -4.38 -10.56
N PRO A 12 12.19 -4.84 -11.05
CA PRO A 12 12.40 -5.21 -12.46
C PRO A 12 11.30 -6.12 -12.97
N ASP A 13 10.65 -6.85 -12.08
CA ASP A 13 9.56 -7.74 -12.47
C ASP A 13 8.44 -6.92 -13.08
N SER A 14 8.42 -5.63 -12.72
CA SER A 14 7.43 -4.70 -13.24
C SER A 14 7.98 -3.96 -14.44
N ILE A 15 7.10 -3.52 -15.31
CA ILE A 15 7.51 -2.77 -16.50
C ILE A 15 8.39 -1.59 -16.12
N ILE A 16 8.32 -1.17 -14.86
CA ILE A 16 9.11 -0.04 -14.38
C ILE A 16 10.16 -0.49 -13.35
N GLN A 17 11.33 0.16 -13.41
CA GLN A 17 12.43 -0.17 -12.50
C GLN A 17 12.81 1.06 -11.66
N GLU A 18 11.90 1.47 -10.79
CA GLU A 18 12.11 2.64 -9.94
C GLU A 18 11.94 2.29 -8.46
N SER A 19 12.29 3.23 -7.58
CA SER A 19 12.15 3.03 -6.15
C SER A 19 11.41 4.20 -5.50
N LEU A 20 10.32 3.89 -4.82
CA LEU A 20 9.51 4.90 -4.14
C LEU A 20 9.60 4.69 -2.62
N GLU A 21 9.76 5.78 -1.88
CA GLU A 21 9.87 5.66 -0.43
C GLU A 21 8.83 6.52 0.29
N ILE A 22 7.94 5.87 1.03
CA ILE A 22 6.92 6.58 1.78
C ILE A 22 7.52 7.24 3.00
N GLN A 23 7.63 8.56 2.95
CA GLN A 23 8.18 9.30 4.07
C GLN A 23 7.25 9.19 5.28
N GLN A 24 7.63 8.36 6.24
CA GLN A 24 6.82 8.14 7.45
C GLN A 24 6.01 9.39 7.81
N GLY A 25 6.72 10.50 7.94
CA GLY A 25 6.09 11.76 8.29
C GLY A 25 4.91 12.13 7.39
N VAL A 26 4.79 11.49 6.22
CA VAL A 26 3.70 11.81 5.31
C VAL A 26 2.57 10.78 5.41
N ASN A 27 1.40 11.25 5.81
CA ASN A 27 0.22 10.39 5.91
C ASN A 27 -1.02 11.14 5.43
N PRO A 28 -1.76 10.59 4.44
CA PRO A 28 -1.46 9.31 3.80
C PRO A 28 -0.57 9.48 2.57
N PHE A 29 0.09 8.40 2.16
CA PHE A 29 0.97 8.45 1.00
C PHE A 29 0.20 7.99 -0.24
N PHE A 30 0.04 8.92 -1.19
CA PHE A 30 -0.69 8.65 -2.42
C PHE A 30 0.26 8.19 -3.52
N ILE A 31 -0.17 7.19 -4.27
CA ILE A 31 0.65 6.67 -5.36
C ILE A 31 -0.13 6.63 -6.66
N GLY A 32 0.58 6.87 -7.75
CA GLY A 32 -0.03 6.87 -9.07
C GLY A 32 0.77 7.67 -10.08
N ARG A 33 0.17 7.99 -11.22
CA ARG A 33 0.87 8.76 -12.24
C ARG A 33 0.58 10.26 -12.10
N SER A 34 0.11 10.65 -10.92
CA SER A 34 -0.19 12.05 -10.66
C SER A 34 0.90 12.68 -9.81
N GLU A 35 1.37 13.86 -10.24
CA GLU A 35 2.43 14.55 -9.51
C GLU A 35 1.95 14.91 -8.10
N ASP A 36 0.64 14.96 -7.91
CA ASP A 36 0.06 15.28 -6.61
C ASP A 36 0.22 14.10 -5.65
N CYS A 37 0.41 12.92 -6.22
CA CYS A 37 0.58 11.71 -5.42
C CYS A 37 1.98 11.65 -4.83
N ASN A 38 2.05 11.46 -3.50
CA ASN A 38 3.34 11.38 -2.82
C ASN A 38 4.30 10.48 -3.57
N CYS A 39 3.73 9.47 -4.24
CA CYS A 39 4.51 8.53 -5.04
C CYS A 39 4.20 8.76 -6.51
N LYS A 40 5.22 8.72 -7.36
CA LYS A 40 5.01 8.99 -8.79
C LYS A 40 5.42 7.84 -9.69
N ILE A 41 4.43 7.31 -10.40
CA ILE A 41 4.64 6.24 -11.38
C ILE A 41 3.81 6.56 -12.61
N GLU A 42 4.45 6.92 -13.71
CA GLU A 42 3.68 7.24 -14.91
C GLU A 42 3.34 5.98 -15.67
N ASP A 43 2.11 5.54 -15.50
CA ASP A 43 1.60 4.35 -16.17
C ASP A 43 0.22 4.64 -16.76
N ASN A 44 0.11 4.65 -18.08
CA ASN A 44 -1.17 4.93 -18.71
C ASN A 44 -2.28 4.05 -18.12
N ARG A 45 -2.01 2.76 -17.97
CA ARG A 45 -2.98 1.84 -17.39
C ARG A 45 -3.31 2.23 -15.95
N LEU A 46 -2.43 3.03 -15.35
CA LEU A 46 -2.61 3.50 -13.98
C LEU A 46 -3.42 4.79 -13.96
N SER A 47 -3.99 5.10 -12.81
CA SER A 47 -4.77 6.32 -12.64
C SER A 47 -3.99 7.28 -11.74
N ARG A 48 -4.24 8.59 -11.90
CA ARG A 48 -3.56 9.60 -11.09
C ARG A 48 -3.39 9.12 -9.65
N VAL A 49 -4.49 8.66 -9.06
CA VAL A 49 -4.49 8.14 -7.71
C VAL A 49 -4.73 6.64 -7.75
N HIS A 50 -3.87 5.95 -8.48
CA HIS A 50 -3.96 4.51 -8.68
C HIS A 50 -4.07 3.74 -7.37
N CYS A 51 -3.36 4.17 -6.35
CA CYS A 51 -3.37 3.46 -5.08
C CYS A 51 -3.21 4.40 -3.90
N PHE A 52 -3.29 3.82 -2.72
CA PHE A 52 -3.18 4.57 -1.49
C PHE A 52 -2.47 3.74 -0.42
N ILE A 53 -1.50 4.33 0.25
CA ILE A 53 -0.78 3.64 1.31
C ILE A 53 -0.70 4.55 2.54
N PHE A 54 -1.30 4.12 3.64
CA PHE A 54 -1.31 4.92 4.85
C PHE A 54 -1.03 4.08 6.09
N LYS A 55 -0.41 4.69 7.07
CA LYS A 55 -0.09 4.01 8.33
C LYS A 55 -1.12 4.35 9.40
N LYS A 56 -1.53 3.34 10.14
CA LYS A 56 -2.54 3.51 11.18
C LYS A 56 -2.07 2.89 12.50
N ARG A 57 -2.69 3.32 13.60
CA ARG A 57 -2.32 2.82 14.91
C ARG A 57 -2.89 1.42 15.14
N HIS A 58 -1.98 0.45 15.22
CA HIS A 58 -2.35 -0.95 15.43
C HIS A 58 -2.73 -1.21 16.88
N ALA A 59 -3.89 -1.82 17.09
CA ALA A 59 -4.37 -2.13 18.44
C ALA A 59 -5.61 -3.01 18.39
N VAL A 60 -5.74 -3.88 19.39
CA VAL A 60 -6.87 -4.79 19.47
C VAL A 60 -7.59 -4.66 20.81
N GLY A 61 -8.76 -4.01 20.78
CA GLY A 61 -9.53 -3.82 22.00
C GLY A 61 -8.68 -3.37 23.18
N LYS A 62 -8.70 -4.16 24.24
CA LYS A 62 -7.93 -3.86 25.45
C LYS A 62 -7.11 -5.06 25.89
N SER A 63 -5.92 -4.82 26.41
CA SER A 63 -5.05 -5.89 26.87
C SER A 63 -5.64 -6.59 28.10
N MET A 64 -6.42 -7.63 27.85
CA MET A 64 -7.04 -8.38 28.93
C MET A 64 -6.57 -9.84 28.90
N TYR A 65 -5.67 -10.18 29.81
CA TYR A 65 -5.13 -11.54 29.89
C TYR A 65 -4.08 -11.79 28.81
N GLU A 66 -4.46 -11.56 27.55
CA GLU A 66 -3.55 -11.75 26.43
C GLU A 66 -2.55 -10.61 26.34
N SER A 67 -1.32 -10.94 25.95
CA SER A 67 -0.27 -9.93 25.82
C SER A 67 -0.01 -9.59 24.35
N PRO A 68 -0.52 -8.45 23.87
CA PRO A 68 -0.35 -8.03 22.49
C PRO A 68 0.94 -7.22 22.30
N ALA A 69 1.02 -6.52 21.17
CA ALA A 69 2.19 -5.72 20.87
C ALA A 69 1.96 -4.25 21.24
N GLN A 70 1.14 -4.02 22.24
CA GLN A 70 0.84 -2.66 22.69
C GLN A 70 0.11 -1.87 21.60
N GLY A 71 0.07 -0.55 21.75
CA GLY A 71 -0.59 0.29 20.77
C GLY A 71 0.38 1.08 19.92
N LEU A 72 0.88 0.46 18.86
CA LEU A 72 1.82 1.12 17.96
C LEU A 72 1.17 1.40 16.60
N ASP A 73 1.98 1.67 15.58
CA ASP A 73 1.44 1.97 14.26
C ASP A 73 1.79 0.91 13.23
N ASP A 74 0.88 0.68 12.29
CA ASP A 74 1.06 -0.29 11.22
C ASP A 74 0.79 0.37 9.87
N ILE A 75 1.27 -0.23 8.79
CA ILE A 75 1.05 0.34 7.47
C ILE A 75 -0.02 -0.42 6.70
N TRP A 76 -0.99 0.35 6.20
CA TRP A 76 -2.09 -0.21 5.43
C TRP A 76 -2.03 0.24 3.98
N TYR A 77 -1.94 -0.73 3.08
CA TYR A 77 -1.91 -0.43 1.65
C TYR A 77 -3.33 -0.50 1.09
N CYS A 78 -3.82 0.62 0.60
CA CYS A 78 -5.16 0.66 0.03
C CYS A 78 -5.09 0.94 -1.46
N HIS A 79 -6.00 0.32 -2.21
CA HIS A 79 -6.02 0.49 -3.66
C HIS A 79 -7.25 1.29 -4.09
N THR A 80 -7.01 2.31 -4.90
CA THR A 80 -8.08 3.18 -5.41
C THR A 80 -8.12 3.15 -6.93
N GLY A 81 -7.28 2.32 -7.55
CA GLY A 81 -7.27 2.21 -8.99
C GLY A 81 -8.37 1.30 -9.49
N THR A 82 -8.91 1.63 -10.67
CA THR A 82 -9.98 0.83 -11.26
C THR A 82 -9.44 -0.48 -11.86
N ASN A 83 -8.13 -0.56 -12.06
CA ASN A 83 -7.51 -1.75 -12.63
C ASN A 83 -7.21 -2.81 -11.57
N VAL A 84 -7.61 -2.51 -10.32
CA VAL A 84 -7.40 -3.44 -9.19
C VAL A 84 -5.94 -3.92 -9.09
N SER A 85 -5.39 -3.78 -7.89
CA SER A 85 -4.02 -4.21 -7.63
C SER A 85 -4.01 -5.59 -6.96
N TYR A 86 -2.83 -6.22 -6.90
CA TYR A 86 -2.72 -7.53 -6.28
C TYR A 86 -1.58 -7.56 -5.27
N LEU A 87 -1.90 -7.83 -4.02
CA LEU A 87 -0.91 -7.88 -2.96
C LEU A 87 -0.47 -9.30 -2.66
N ASN A 88 0.71 -9.67 -3.16
CA ASN A 88 1.25 -11.01 -2.95
C ASN A 88 0.32 -12.07 -3.55
N ASN A 89 -0.73 -12.41 -2.82
CA ASN A 89 -1.68 -13.43 -3.29
C ASN A 89 -3.12 -13.00 -3.03
N ASN A 90 -3.32 -11.78 -2.54
CA ASN A 90 -4.66 -11.29 -2.25
C ASN A 90 -5.08 -10.24 -3.28
N ARG A 91 -6.35 -10.30 -3.69
CA ARG A 91 -6.89 -9.36 -4.67
C ARG A 91 -7.16 -8.00 -4.02
N MET A 92 -6.89 -6.93 -4.75
CA MET A 92 -7.10 -5.58 -4.24
C MET A 92 -8.00 -4.79 -5.19
N ILE A 93 -9.28 -4.74 -4.88
CA ILE A 93 -10.24 -4.01 -5.69
C ILE A 93 -10.31 -2.55 -5.25
N GLN A 94 -10.66 -1.67 -6.18
CA GLN A 94 -10.75 -0.24 -5.87
C GLN A 94 -11.56 -0.02 -4.60
N GLY A 95 -10.89 0.45 -3.56
CA GLY A 95 -11.56 0.70 -2.29
C GLY A 95 -11.27 -0.37 -1.27
N THR A 96 -10.07 -0.94 -1.33
CA THR A 96 -9.67 -1.99 -0.39
C THR A 96 -8.42 -1.59 0.39
N LYS A 97 -8.19 -2.28 1.50
CA LYS A 97 -7.03 -1.99 2.34
C LYS A 97 -6.33 -3.30 2.72
N PHE A 98 -5.01 -3.25 2.89
CA PHE A 98 -4.24 -4.44 3.24
C PHE A 98 -3.02 -4.11 4.11
N LEU A 99 -2.71 -5.02 5.04
CA LEU A 99 -1.57 -4.83 5.93
C LEU A 99 -0.26 -4.95 5.16
N LEU A 100 0.66 -4.02 5.40
CA LEU A 100 1.95 -4.04 4.72
C LEU A 100 3.07 -4.43 5.67
N GLN A 101 3.55 -5.66 5.54
CA GLN A 101 4.63 -6.18 6.36
C GLN A 101 5.97 -5.93 5.67
N ASP A 102 6.99 -5.54 6.44
CA ASP A 102 8.31 -5.28 5.88
C ASP A 102 8.68 -6.32 4.83
N GLY A 103 8.76 -5.88 3.58
CA GLY A 103 9.06 -6.80 2.49
C GLY A 103 7.79 -7.23 1.78
N ASP A 104 6.86 -6.28 1.67
CA ASP A 104 5.58 -6.54 1.02
C ASP A 104 5.61 -6.18 -0.45
N GLU A 105 5.45 -7.18 -1.31
CA GLU A 105 5.46 -6.94 -2.74
C GLU A 105 4.03 -6.80 -3.26
N ILE A 106 3.65 -5.58 -3.62
CA ILE A 106 2.30 -5.32 -4.12
C ILE A 106 2.29 -5.10 -5.62
N LYS A 107 1.40 -5.82 -6.31
CA LYS A 107 1.24 -5.68 -7.74
C LYS A 107 0.23 -4.60 -8.05
N ILE A 108 0.69 -3.54 -8.68
CA ILE A 108 -0.18 -2.41 -9.01
C ILE A 108 -1.04 -2.70 -10.24
N ILE A 109 -0.48 -3.42 -11.20
CA ILE A 109 -1.23 -3.74 -12.43
C ILE A 109 -0.69 -5.01 -13.09
N TRP A 110 -1.61 -5.91 -13.44
CA TRP A 110 -1.24 -7.15 -14.10
C TRP A 110 -2.19 -7.47 -15.25
N ASP A 111 -1.63 -7.63 -16.46
CA ASP A 111 -2.44 -7.95 -17.63
C ASP A 111 -1.98 -9.27 -18.25
N LYS A 112 -2.88 -10.25 -18.26
CA LYS A 112 -2.57 -11.56 -18.81
C LYS A 112 -2.37 -11.51 -20.32
N ASN A 113 -3.27 -10.82 -21.02
CA ASN A 113 -3.19 -10.71 -22.48
C ASN A 113 -2.20 -9.64 -22.90
N ASN A 114 -2.20 -8.52 -22.17
CA ASN A 114 -1.31 -7.41 -22.48
C ASN A 114 0.08 -7.63 -21.87
N LYS A 115 0.18 -8.60 -20.96
CA LYS A 115 1.45 -8.89 -20.31
C LYS A 115 1.96 -7.69 -19.53
N PHE A 116 1.07 -6.74 -19.26
CA PHE A 116 1.44 -5.55 -18.50
C PHE A 116 1.52 -5.93 -17.03
N VAL A 117 2.73 -6.06 -16.52
CA VAL A 117 2.93 -6.45 -15.13
C VAL A 117 3.65 -5.35 -14.33
N ILE A 118 3.01 -4.93 -13.24
CA ILE A 118 3.57 -3.91 -12.38
C ILE A 118 3.56 -4.39 -10.93
N GLY A 119 4.44 -3.81 -10.11
CA GLY A 119 4.51 -4.21 -8.72
C GLY A 119 5.72 -3.61 -8.02
N PHE A 120 5.49 -3.12 -6.80
CA PHE A 120 6.57 -2.52 -6.01
C PHE A 120 6.84 -3.36 -4.77
N LYS A 121 8.08 -3.36 -4.30
CA LYS A 121 8.47 -4.11 -3.12
C LYS A 121 8.58 -3.19 -1.91
N VAL A 122 7.75 -3.43 -0.91
CA VAL A 122 7.75 -2.63 0.30
C VAL A 122 8.88 -3.06 1.23
N GLU A 123 9.71 -2.11 1.62
CA GLU A 123 10.82 -2.39 2.53
C GLU A 123 10.87 -1.34 3.63
N ILE A 124 10.53 -1.76 4.85
CA ILE A 124 10.55 -0.86 6.00
C ILE A 124 11.97 -0.66 6.50
N ASN A 125 12.54 0.52 6.23
CA ASN A 125 13.88 0.84 6.67
C ASN A 125 13.84 1.48 8.05
N ASP A 126 12.93 2.41 8.23
CA ASP A 126 12.77 3.10 9.49
C ASP A 126 11.48 2.69 10.18
N THR A 127 11.50 2.55 11.50
CA THR A 127 10.33 2.19 12.24
C THR A 127 9.90 3.35 13.13
N THR A 128 8.92 4.08 12.66
CA THR A 128 8.40 5.24 13.38
C THR A 128 7.39 4.80 14.44
N GLY A 129 7.84 3.96 15.36
CA GLY A 129 6.97 3.48 16.41
C GLY A 129 6.07 2.36 15.93
N LEU A 130 6.63 1.45 15.13
CA LEU A 130 5.86 0.33 14.62
C LEU A 130 5.76 -0.79 15.66
N PHE A 131 4.55 -1.33 15.83
CA PHE A 131 4.33 -2.42 16.78
C PHE A 131 5.45 -3.44 16.70
N ASN A 132 5.96 -3.61 15.49
CA ASN A 132 7.03 -4.55 15.22
C ASN A 132 7.89 -4.00 14.08
N GLU A 133 7.24 -3.84 12.93
CA GLU A 133 7.85 -3.36 11.69
C GLU A 133 7.20 -4.05 10.51
N GLY A 134 5.91 -4.36 10.64
CA GLY A 134 5.18 -5.04 9.59
C GLY A 134 5.66 -6.47 9.39
N LEU A 135 5.30 -7.37 10.30
CA LEU A 135 5.70 -8.77 10.19
C LEU A 135 4.53 -9.66 9.76
N GLY A 136 3.33 -9.09 9.75
CA GLY A 136 2.15 -9.86 9.35
C GLY A 136 1.44 -10.49 10.54
N MET A 137 1.77 -11.75 10.80
CA MET A 137 1.17 -12.49 11.90
C MET A 137 -0.32 -12.18 12.02
N LEU A 138 -0.83 -12.20 13.25
CA LEU A 138 -2.24 -11.91 13.52
C LEU A 138 -3.11 -13.12 13.19
N GLN A 139 -4.33 -13.13 13.71
CA GLN A 139 -5.26 -14.22 13.47
C GLN A 139 -5.50 -14.44 11.98
N GLU A 140 -6.13 -13.46 11.35
CA GLU A 140 -6.42 -13.55 9.91
C GLU A 140 -5.12 -13.59 9.11
N GLN A 141 -4.97 -14.63 8.30
CA GLN A 141 -3.77 -14.79 7.48
C GLN A 141 -3.87 -13.96 6.20
N ARG A 142 -3.23 -12.79 6.21
CA ARG A 142 -3.23 -11.90 5.05
C ARG A 142 -4.61 -11.82 4.39
N VAL A 143 -5.42 -10.88 4.85
CA VAL A 143 -6.76 -10.69 4.31
C VAL A 143 -6.95 -9.25 3.84
N VAL A 144 -7.68 -9.08 2.75
CA VAL A 144 -7.91 -7.75 2.19
C VAL A 144 -9.11 -7.07 2.85
N LEU A 145 -8.87 -5.91 3.44
CA LEU A 145 -9.92 -5.14 4.10
C LEU A 145 -10.55 -4.15 3.13
N LYS A 146 -11.63 -3.51 3.57
CA LYS A 146 -12.33 -2.54 2.73
C LYS A 146 -11.98 -1.11 3.13
N GLN A 147 -12.16 -0.18 2.19
CA GLN A 147 -11.85 1.23 2.44
C GLN A 147 -13.10 1.97 2.92
N THR A 148 -12.91 2.99 3.76
CA THR A 148 -14.03 3.76 4.27
C THR A 148 -13.83 5.26 4.02
N ALA A 149 -14.76 6.05 4.55
CA ALA A 149 -14.70 7.50 4.39
C ALA A 149 -13.36 8.05 4.86
N GLU A 150 -12.76 7.38 5.84
CA GLU A 150 -11.48 7.80 6.38
C GLU A 150 -10.43 7.90 5.27
N GLU A 151 -10.32 6.84 4.48
CA GLU A 151 -9.37 6.79 3.38
C GLU A 151 -9.78 7.74 2.26
N LYS A 152 -11.04 7.65 1.84
CA LYS A 152 -11.56 8.50 0.78
C LYS A 152 -11.49 9.98 1.16
N ASP A 153 -11.64 10.26 2.45
CA ASP A 153 -11.61 11.64 2.94
C ASP A 153 -10.24 12.28 2.77
N LEU A 154 -9.19 11.51 3.02
CA LEU A 154 -7.83 12.01 2.91
C LEU A 154 -7.49 12.42 1.48
N VAL A 155 -7.87 11.57 0.52
CA VAL A 155 -7.60 11.86 -0.89
C VAL A 155 -8.52 12.96 -1.42
N LYS A 156 -9.62 13.20 -0.70
CA LYS A 156 -10.57 14.23 -1.09
C LYS A 156 -9.88 15.57 -1.30
N LYS A 157 -8.74 15.76 -0.63
CA LYS A 157 -7.98 16.99 -0.73
C LYS A 157 -6.70 16.79 -1.53
N LEU A 158 -6.70 15.78 -2.39
CA LEU A 158 -5.53 15.48 -3.21
C LEU A 158 -5.53 16.34 -4.48
N GLU B 1 -16.68 9.03 -21.02
CA GLU B 1 -16.26 8.33 -19.77
C GLU B 1 -14.77 8.02 -19.79
N ASP B 2 -14.27 7.46 -18.69
CA ASP B 2 -12.86 7.12 -18.57
C ASP B 2 -12.64 6.02 -17.54
N ILE B 3 -13.21 4.84 -17.81
CA ILE B 3 -13.08 3.71 -16.90
C ILE B 3 -11.99 2.76 -17.36
N PTR B 4 -11.11 2.39 -16.44
CA PTR B 4 -10.01 1.48 -16.76
C PTR B 4 -10.44 0.03 -16.60
O PTR B 4 -11.49 -0.25 -16.03
CB PTR B 4 -8.80 1.76 -15.87
CG PTR B 4 -7.94 2.91 -16.34
CD1 PTR B 4 -6.93 2.71 -17.27
CD2 PTR B 4 -8.14 4.21 -15.88
CE1 PTR B 4 -6.14 3.76 -17.72
CE2 PTR B 4 -7.37 5.26 -16.30
CZ PTR B 4 -6.36 5.02 -17.23
OH PTR B 4 -5.57 6.09 -17.67
P PTR B 4 -6.27 7.23 -18.48
O1P PTR B 4 -6.82 8.20 -17.40
O2P PTR B 4 -5.10 7.94 -19.23
O3P PTR B 4 -7.33 6.73 -19.41
H2 PTR B 4 -11.18 2.73 -15.53
HA PTR B 4 -9.73 1.64 -17.79
HB2 PTR B 4 -8.18 0.88 -15.81
HB3 PTR B 4 -9.15 2.01 -14.87
HD1 PTR B 4 -6.76 1.71 -17.65
HD2 PTR B 4 -8.93 4.38 -15.15
HE1 PTR B 4 -5.36 3.57 -18.44
HE2 PTR B 4 -7.55 6.25 -15.93
N TYR B 5 -9.63 -0.89 -17.10
CA TYR B 5 -9.92 -2.32 -17.02
C TYR B 5 -8.78 -3.15 -17.58
N LEU B 6 -8.65 -4.38 -17.11
CA LEU B 6 -7.61 -5.28 -17.58
C LEU B 6 -8.13 -6.69 -17.77
N ASP B 7 -8.00 -7.21 -18.99
CA ASP B 7 -8.46 -8.55 -19.31
C ASP B 7 -7.52 -9.61 -18.73
N GLY A 1 16.92 7.86 9.15
CA GLY A 1 15.56 7.39 9.33
C GLY A 1 14.65 8.47 9.87
N ASN A 2 14.96 9.73 9.57
CA ASN A 2 14.17 10.85 10.04
C ASN A 2 13.25 11.38 8.93
N GLY A 3 13.16 10.65 7.83
CA GLY A 3 12.33 11.08 6.72
C GLY A 3 11.67 9.91 6.01
N ARG A 4 12.42 8.83 5.81
CA ARG A 4 11.90 7.65 5.13
C ARG A 4 11.64 6.52 6.12
N PHE A 5 10.54 5.80 5.90
CA PHE A 5 10.17 4.69 6.76
C PHE A 5 9.98 3.42 5.92
N LEU A 6 9.07 3.49 4.96
CA LEU A 6 8.79 2.35 4.09
C LEU A 6 9.27 2.64 2.68
N THR A 7 9.92 1.66 2.08
CA THR A 7 10.43 1.81 0.72
C THR A 7 9.74 0.85 -0.25
N LEU A 8 9.00 1.42 -1.18
CA LEU A 8 8.32 0.61 -2.20
C LEU A 8 9.10 0.80 -3.48
N LYS A 9 9.80 -0.25 -3.90
CA LYS A 9 10.62 -0.12 -5.08
C LYS A 9 10.17 -0.97 -6.26
N PRO A 10 9.46 -0.36 -7.23
CA PRO A 10 9.03 -1.07 -8.44
C PRO A 10 10.18 -1.93 -8.97
N LEU A 11 10.12 -3.21 -8.68
CA LEU A 11 11.17 -4.15 -9.06
C LEU A 11 11.17 -4.50 -10.55
N PRO A 12 12.33 -4.98 -11.05
CA PRO A 12 12.51 -5.37 -12.45
C PRO A 12 11.40 -6.29 -12.94
N ASP A 13 10.76 -7.01 -12.02
CA ASP A 13 9.68 -7.90 -12.38
C ASP A 13 8.54 -7.09 -13.01
N SER A 14 8.53 -5.80 -12.68
CA SER A 14 7.54 -4.88 -13.22
C SER A 14 8.11 -4.16 -14.43
N ILE A 15 7.25 -3.73 -15.33
CA ILE A 15 7.69 -3.02 -16.52
C ILE A 15 8.56 -1.81 -16.15
N ILE A 16 8.46 -1.39 -14.89
CA ILE A 16 9.23 -0.24 -14.40
C ILE A 16 10.29 -0.66 -13.37
N GLN A 17 11.45 -0.01 -13.42
CA GLN A 17 12.54 -0.29 -12.49
C GLN A 17 12.90 0.96 -11.68
N GLU A 18 11.98 1.36 -10.81
CA GLU A 18 12.16 2.56 -9.98
C GLU A 18 12.01 2.24 -8.51
N SER A 19 12.33 3.22 -7.65
CA SER A 19 12.20 3.04 -6.20
C SER A 19 11.41 4.18 -5.59
N LEU A 20 10.38 3.82 -4.83
CA LEU A 20 9.52 4.80 -4.16
C LEU A 20 9.71 4.70 -2.65
N GLU A 21 9.75 5.85 -1.97
CA GLU A 21 9.95 5.87 -0.53
C GLU A 21 8.84 6.62 0.20
N ILE A 22 8.10 5.91 1.05
CA ILE A 22 7.04 6.51 1.84
C ILE A 22 7.60 7.09 3.13
N GLN A 23 7.64 8.41 3.21
CA GLN A 23 8.16 9.08 4.39
C GLN A 23 7.25 8.85 5.59
N GLN A 24 7.82 8.35 6.68
CA GLN A 24 7.03 8.09 7.90
C GLN A 24 6.18 9.31 8.24
N GLY A 25 6.66 10.48 7.86
CA GLY A 25 5.95 11.70 8.16
C GLY A 25 4.73 11.94 7.27
N VAL A 26 4.64 11.24 6.13
CA VAL A 26 3.51 11.43 5.24
C VAL A 26 2.47 10.33 5.39
N ASN A 27 1.27 10.71 5.82
CA ASN A 27 0.17 9.77 5.97
C ASN A 27 -1.14 10.41 5.50
N PRO A 28 -1.82 9.83 4.51
CA PRO A 28 -1.42 8.61 3.81
C PRO A 28 -0.54 8.93 2.60
N PHE A 29 0.22 7.93 2.13
CA PHE A 29 1.09 8.13 0.98
C PHE A 29 0.34 7.76 -0.29
N PHE A 30 0.14 8.74 -1.16
CA PHE A 30 -0.59 8.53 -2.41
C PHE A 30 0.32 8.16 -3.55
N ILE A 31 -0.14 7.19 -4.34
CA ILE A 31 0.61 6.71 -5.50
C ILE A 31 -0.25 6.79 -6.75
N GLY A 32 0.38 7.11 -7.87
CA GLY A 32 -0.35 7.21 -9.13
C GLY A 32 0.45 7.85 -10.23
N ARG A 33 -0.19 8.03 -11.39
CA ARG A 33 0.46 8.64 -12.55
C ARG A 33 0.47 10.16 -12.43
N SER A 34 -0.14 10.69 -11.37
CA SER A 34 -0.20 12.14 -11.16
C SER A 34 0.83 12.58 -10.12
N GLU A 35 1.53 13.66 -10.41
CA GLU A 35 2.54 14.19 -9.50
C GLU A 35 1.93 14.51 -8.14
N ASP A 36 0.62 14.78 -8.12
CA ASP A 36 -0.08 15.10 -6.88
C ASP A 36 0.11 13.99 -5.85
N CYS A 37 0.30 12.77 -6.34
CA CYS A 37 0.50 11.61 -5.46
C CYS A 37 1.91 11.60 -4.91
N ASN A 38 2.02 11.38 -3.60
CA ASN A 38 3.31 11.33 -2.93
C ASN A 38 4.28 10.43 -3.71
N CYS A 39 3.72 9.45 -4.40
CA CYS A 39 4.51 8.51 -5.20
C CYS A 39 4.22 8.74 -6.68
N LYS A 40 5.24 8.62 -7.51
CA LYS A 40 5.09 8.84 -8.94
C LYS A 40 5.45 7.61 -9.77
N ILE A 41 4.44 7.08 -10.46
CA ILE A 41 4.61 5.91 -11.33
C ILE A 41 3.83 6.14 -12.61
N GLU A 42 4.54 6.33 -13.72
CA GLU A 42 3.85 6.54 -14.98
C GLU A 42 3.42 5.21 -15.59
N ASP A 43 2.14 4.94 -15.46
CA ASP A 43 1.55 3.72 -16.00
C ASP A 43 0.29 4.09 -16.77
N ASN A 44 0.34 4.00 -18.09
CA ASN A 44 -0.80 4.34 -18.93
C ASN A 44 -2.12 3.82 -18.34
N ARG A 45 -2.07 2.63 -17.76
CA ARG A 45 -3.26 2.02 -17.16
C ARG A 45 -3.59 2.65 -15.81
N LEU A 46 -2.55 2.99 -15.06
CA LEU A 46 -2.73 3.60 -13.73
C LEU A 46 -3.48 4.92 -13.84
N SER A 47 -4.07 5.35 -12.74
CA SER A 47 -4.82 6.60 -12.70
C SER A 47 -4.08 7.64 -11.85
N ARG A 48 -4.52 8.90 -11.92
CA ARG A 48 -3.89 9.97 -11.14
C ARG A 48 -3.68 9.53 -9.70
N VAL A 49 -4.75 9.04 -9.09
CA VAL A 49 -4.69 8.54 -7.72
C VAL A 49 -5.03 7.06 -7.71
N HIS A 50 -4.25 6.30 -8.47
CA HIS A 50 -4.45 4.87 -8.59
C HIS A 50 -4.61 4.19 -7.24
N CYS A 51 -3.71 4.49 -6.31
CA CYS A 51 -3.76 3.89 -4.99
C CYS A 51 -2.91 4.68 -4.00
N PHE A 52 -3.25 4.55 -2.73
CA PHE A 52 -2.51 5.24 -1.68
C PHE A 52 -2.43 4.35 -0.45
N ILE A 53 -1.33 4.49 0.29
CA ILE A 53 -1.12 3.73 1.50
C ILE A 53 -1.40 4.60 2.72
N PHE A 54 -2.01 4.02 3.73
CA PHE A 54 -2.34 4.74 4.94
C PHE A 54 -1.88 3.97 6.18
N LYS A 55 -1.25 4.67 7.11
CA LYS A 55 -0.75 4.05 8.33
C LYS A 55 -1.72 4.25 9.48
N LYS A 56 -1.95 3.19 10.25
CA LYS A 56 -2.87 3.23 11.38
C LYS A 56 -2.28 2.55 12.61
N ARG A 57 -2.82 2.89 13.78
CA ARG A 57 -2.34 2.32 15.02
C ARG A 57 -2.83 0.88 15.20
N HIS A 58 -1.88 -0.04 15.24
CA HIS A 58 -2.16 -1.46 15.40
C HIS A 58 -2.39 -1.81 16.87
N ALA A 59 -3.46 -2.57 17.13
CA ALA A 59 -3.78 -2.97 18.49
C ALA A 59 -4.14 -4.44 18.56
N VAL A 60 -3.69 -5.12 19.62
CA VAL A 60 -3.97 -6.54 19.80
C VAL A 60 -5.22 -6.76 20.65
N GLY A 61 -5.60 -8.01 20.80
CA GLY A 61 -6.78 -8.34 21.59
C GLY A 61 -6.43 -8.93 22.94
N LYS A 62 -5.91 -10.15 22.94
CA LYS A 62 -5.53 -10.82 24.17
C LYS A 62 -4.04 -10.66 24.44
N SER A 63 -3.65 -10.79 25.71
CA SER A 63 -2.25 -10.66 26.10
C SER A 63 -2.02 -11.19 27.51
N MET A 64 -1.95 -12.52 27.62
CA MET A 64 -1.73 -13.16 28.92
C MET A 64 -0.35 -12.85 29.46
N TYR A 65 -0.29 -12.18 30.60
CA TYR A 65 0.98 -11.82 31.22
C TYR A 65 1.76 -10.86 30.33
N GLU A 66 2.39 -11.39 29.30
CA GLU A 66 3.17 -10.58 28.37
C GLU A 66 2.27 -10.03 27.27
N SER A 67 2.31 -8.71 27.09
CA SER A 67 1.49 -8.05 26.07
C SER A 67 2.33 -7.56 24.92
N PRO A 68 2.58 -8.42 23.91
CA PRO A 68 3.37 -8.07 22.73
C PRO A 68 2.59 -7.21 21.76
N ALA A 69 3.27 -6.71 20.73
CA ALA A 69 2.64 -5.86 19.72
C ALA A 69 2.28 -4.50 20.29
N GLN A 70 1.39 -4.48 21.29
CA GLN A 70 0.97 -3.23 21.91
C GLN A 70 0.21 -2.35 20.93
N GLY A 71 -0.10 -1.14 21.35
CA GLY A 71 -0.83 -0.21 20.50
C GLY A 71 0.09 0.58 19.58
N LEU A 72 0.93 -0.12 18.83
CA LEU A 72 1.86 0.52 17.91
C LEU A 72 1.15 0.91 16.61
N ASP A 73 1.90 1.14 15.54
CA ASP A 73 1.31 1.53 14.27
C ASP A 73 1.68 0.57 13.14
N ASP A 74 0.75 0.39 12.21
CA ASP A 74 0.95 -0.49 11.06
C ASP A 74 0.61 0.27 9.77
N ILE A 75 1.11 -0.21 8.64
CA ILE A 75 0.84 0.45 7.36
C ILE A 75 -0.16 -0.32 6.52
N TRP A 76 -1.11 0.41 5.95
CA TRP A 76 -2.15 -0.17 5.11
C TRP A 76 -2.07 0.39 3.69
N TYR A 77 -2.03 -0.51 2.70
CA TYR A 77 -1.99 -0.10 1.31
C TYR A 77 -3.41 0.01 0.77
N CYS A 78 -3.80 1.22 0.37
CA CYS A 78 -5.15 1.44 -0.14
C CYS A 78 -5.16 1.54 -1.66
N HIS A 79 -6.08 0.81 -2.28
CA HIS A 79 -6.21 0.81 -3.74
C HIS A 79 -7.50 1.51 -4.17
N THR A 80 -7.36 2.47 -5.09
CA THR A 80 -8.50 3.22 -5.59
C THR A 80 -8.59 3.15 -7.11
N GLY A 81 -7.65 2.44 -7.74
CA GLY A 81 -7.67 2.30 -9.18
C GLY A 81 -8.69 1.29 -9.64
N THR A 82 -9.41 1.61 -10.71
CA THR A 82 -10.43 0.72 -11.25
C THR A 82 -9.81 -0.52 -11.88
N ASN A 83 -8.49 -0.50 -12.06
CA ASN A 83 -7.78 -1.63 -12.66
C ASN A 83 -7.43 -2.69 -11.62
N VAL A 84 -7.88 -2.48 -10.37
CA VAL A 84 -7.62 -3.40 -9.26
C VAL A 84 -6.13 -3.74 -9.12
N SER A 85 -5.67 -3.77 -7.88
CA SER A 85 -4.28 -4.09 -7.57
C SER A 85 -4.18 -5.46 -6.91
N TYR A 86 -2.97 -6.00 -6.84
CA TYR A 86 -2.76 -7.31 -6.23
C TYR A 86 -1.64 -7.26 -5.19
N LEU A 87 -1.98 -7.60 -3.96
CA LEU A 87 -1.00 -7.60 -2.87
C LEU A 87 -0.54 -9.01 -2.57
N ASN A 88 0.63 -9.37 -3.10
CA ASN A 88 1.19 -10.70 -2.89
C ASN A 88 0.27 -11.78 -3.45
N ASN A 89 -0.76 -12.14 -2.69
CA ASN A 89 -1.70 -13.15 -3.12
C ASN A 89 -3.15 -12.72 -2.88
N ASN A 90 -3.33 -11.50 -2.35
CA ASN A 90 -4.67 -10.98 -2.08
C ASN A 90 -5.09 -9.96 -3.12
N ARG A 91 -6.37 -10.00 -3.50
CA ARG A 91 -6.91 -9.08 -4.49
C ARG A 91 -7.18 -7.71 -3.88
N MET A 92 -6.89 -6.65 -4.64
CA MET A 92 -7.11 -5.28 -4.17
C MET A 92 -8.16 -4.59 -5.01
N ILE A 93 -9.40 -4.56 -4.51
CA ILE A 93 -10.49 -3.92 -5.23
C ILE A 93 -10.56 -2.43 -4.91
N GLN A 94 -11.14 -1.67 -5.83
CA GLN A 94 -11.27 -0.22 -5.65
C GLN A 94 -11.91 0.12 -4.31
N GLY A 95 -11.09 0.60 -3.37
CA GLY A 95 -11.59 0.97 -2.06
C GLY A 95 -11.26 -0.05 -0.99
N THR A 96 -10.05 -0.60 -1.03
CA THR A 96 -9.63 -1.59 -0.04
C THR A 96 -8.24 -1.27 0.52
N LYS A 97 -8.02 -1.63 1.77
CA LYS A 97 -6.74 -1.39 2.43
C LYS A 97 -6.16 -2.69 2.96
N PHE A 98 -4.87 -2.89 2.74
CA PHE A 98 -4.19 -4.10 3.19
C PHE A 98 -2.89 -3.77 3.93
N LEU A 99 -2.60 -4.51 4.99
CA LEU A 99 -1.39 -4.29 5.77
C LEU A 99 -0.15 -4.69 4.97
N LEU A 100 0.91 -3.90 5.12
CA LEU A 100 2.15 -4.16 4.40
C LEU A 100 3.27 -4.59 5.33
N GLN A 101 3.59 -5.88 5.30
CA GLN A 101 4.67 -6.43 6.13
C GLN A 101 6.01 -6.11 5.50
N ASP A 102 7.06 -6.11 6.31
CA ASP A 102 8.40 -5.82 5.81
C ASP A 102 8.74 -6.73 4.63
N GLY A 103 8.80 -6.14 3.45
CA GLY A 103 9.07 -6.92 2.25
C GLY A 103 7.79 -7.26 1.53
N ASP A 104 6.87 -6.30 1.53
CA ASP A 104 5.56 -6.49 0.90
C ASP A 104 5.61 -6.09 -0.56
N GLU A 105 5.39 -7.06 -1.44
CA GLU A 105 5.40 -6.81 -2.86
C GLU A 105 3.97 -6.60 -3.35
N ILE A 106 3.65 -5.37 -3.72
CA ILE A 106 2.30 -5.04 -4.18
C ILE A 106 2.24 -4.83 -5.69
N LYS A 107 1.44 -5.64 -6.35
CA LYS A 107 1.26 -5.54 -7.79
C LYS A 107 0.16 -4.53 -8.08
N ILE A 108 0.52 -3.45 -8.73
CA ILE A 108 -0.44 -2.40 -9.04
C ILE A 108 -1.25 -2.71 -10.29
N ILE A 109 -0.62 -3.39 -11.26
CA ILE A 109 -1.32 -3.74 -12.49
C ILE A 109 -0.71 -4.97 -13.16
N TRP A 110 -1.56 -5.91 -13.55
CA TRP A 110 -1.10 -7.12 -14.23
C TRP A 110 -1.99 -7.45 -15.41
N ASP A 111 -1.38 -7.59 -16.59
CA ASP A 111 -2.12 -7.92 -17.81
C ASP A 111 -1.53 -9.17 -18.45
N LYS A 112 -2.34 -10.22 -18.52
CA LYS A 112 -1.91 -11.49 -19.10
C LYS A 112 -1.68 -11.38 -20.61
N ASN A 113 -2.64 -10.77 -21.30
CA ASN A 113 -2.57 -10.61 -22.75
C ASN A 113 -1.38 -9.75 -23.18
N ASN A 114 -1.14 -8.68 -22.44
CA ASN A 114 -0.04 -7.77 -22.76
C ASN A 114 1.24 -8.14 -22.00
N LYS A 115 1.09 -8.91 -20.93
CA LYS A 115 2.23 -9.32 -20.12
C LYS A 115 2.86 -8.12 -19.42
N PHE A 116 2.16 -6.99 -19.43
CA PHE A 116 2.64 -5.79 -18.76
C PHE A 116 2.20 -5.82 -17.31
N VAL A 117 3.15 -6.10 -16.42
CA VAL A 117 2.86 -6.21 -15.01
C VAL A 117 3.64 -5.20 -14.18
N ILE A 118 2.95 -4.63 -13.19
CA ILE A 118 3.56 -3.66 -12.29
C ILE A 118 3.62 -4.23 -10.88
N GLY A 119 4.60 -3.77 -10.10
CA GLY A 119 4.74 -4.27 -8.74
C GLY A 119 5.89 -3.62 -8.01
N PHE A 120 5.63 -3.15 -6.80
CA PHE A 120 6.65 -2.51 -5.98
C PHE A 120 6.94 -3.35 -4.75
N LYS A 121 8.20 -3.37 -4.32
CA LYS A 121 8.60 -4.12 -3.16
C LYS A 121 8.73 -3.21 -1.95
N VAL A 122 7.90 -3.45 -0.95
CA VAL A 122 7.91 -2.65 0.27
C VAL A 122 9.04 -3.09 1.20
N GLU A 123 9.85 -2.13 1.63
CA GLU A 123 10.95 -2.45 2.52
C GLU A 123 11.00 -1.46 3.68
N ILE A 124 10.64 -1.95 4.87
CA ILE A 124 10.66 -1.13 6.07
C ILE A 124 12.08 -0.96 6.56
N ASN A 125 12.63 0.23 6.36
CA ASN A 125 13.98 0.52 6.80
C ASN A 125 13.95 1.13 8.19
N ASP A 126 13.11 2.15 8.36
CA ASP A 126 12.98 2.82 9.65
C ASP A 126 11.61 2.56 10.26
N THR A 127 11.56 2.33 11.57
CA THR A 127 10.31 2.13 12.27
C THR A 127 10.10 3.24 13.28
N THR A 128 9.28 4.19 12.90
CA THR A 128 8.97 5.32 13.78
C THR A 128 8.05 4.86 14.90
N GLY A 129 8.55 3.94 15.72
CA GLY A 129 7.75 3.42 16.82
C GLY A 129 6.46 2.82 16.32
N LEU A 130 6.54 2.00 15.29
CA LEU A 130 5.35 1.37 14.71
C LEU A 130 5.34 -0.13 14.94
N PHE A 131 5.88 -0.58 16.06
CA PHE A 131 5.91 -2.02 16.32
C PHE A 131 6.87 -2.67 15.33
N ASN A 132 7.10 -3.98 15.46
CA ASN A 132 8.01 -4.70 14.55
C ASN A 132 8.31 -3.87 13.31
N GLU A 133 7.25 -3.59 12.55
CA GLU A 133 7.30 -2.80 11.32
C GLU A 133 6.19 -3.25 10.39
N GLY A 134 5.96 -4.55 10.39
CA GLY A 134 4.93 -5.15 9.58
C GLY A 134 5.10 -6.64 9.46
N LEU A 135 4.63 -7.38 10.46
CA LEU A 135 4.75 -8.84 10.45
C LEU A 135 3.42 -9.51 10.15
N GLY A 136 2.34 -8.72 10.15
CA GLY A 136 1.01 -9.27 9.87
C GLY A 136 0.76 -10.61 10.54
N MET A 137 0.25 -10.57 11.76
CA MET A 137 -0.04 -11.81 12.49
C MET A 137 -1.16 -11.58 13.50
N LEU A 138 -2.27 -12.29 13.32
CA LEU A 138 -3.42 -12.16 14.21
C LEU A 138 -4.48 -13.20 13.86
N GLN A 139 -5.71 -12.98 14.34
CA GLN A 139 -6.82 -13.90 14.08
C GLN A 139 -6.92 -14.22 12.59
N GLU A 140 -6.84 -13.19 11.76
CA GLU A 140 -6.91 -13.37 10.31
C GLU A 140 -5.51 -13.37 9.70
N GLN A 141 -5.28 -14.29 8.76
CA GLN A 141 -3.99 -14.41 8.11
C GLN A 141 -3.94 -13.56 6.84
N ARG A 142 -3.32 -12.39 6.93
CA ARG A 142 -3.19 -11.48 5.79
C ARG A 142 -4.50 -11.39 5.01
N VAL A 143 -5.37 -10.48 5.43
CA VAL A 143 -6.65 -10.28 4.76
C VAL A 143 -6.83 -8.82 4.34
N VAL A 144 -7.45 -8.62 3.18
CA VAL A 144 -7.67 -7.28 2.66
C VAL A 144 -8.94 -6.66 3.26
N LEU A 145 -8.81 -5.44 3.75
CA LEU A 145 -9.94 -4.73 4.35
C LEU A 145 -10.51 -3.71 3.37
N LYS A 146 -11.67 -3.15 3.71
CA LYS A 146 -12.32 -2.17 2.86
C LYS A 146 -12.12 -0.75 3.40
N GLN A 147 -12.25 0.24 2.52
CA GLN A 147 -12.08 1.63 2.91
C GLN A 147 -13.41 2.23 3.35
N THR A 148 -13.35 3.32 4.11
CA THR A 148 -14.55 3.99 4.60
C THR A 148 -14.52 5.47 4.24
N ALA A 149 -15.52 6.21 4.72
CA ALA A 149 -15.62 7.64 4.44
C ALA A 149 -14.34 8.36 4.85
N GLU A 150 -13.70 7.87 5.91
CA GLU A 150 -12.46 8.47 6.38
C GLU A 150 -11.37 8.35 5.33
N GLU A 151 -11.25 7.17 4.74
CA GLU A 151 -10.23 6.92 3.71
C GLU A 151 -10.49 7.79 2.49
N LYS A 152 -11.73 7.75 1.98
CA LYS A 152 -12.10 8.54 0.82
C LYS A 152 -11.77 10.02 1.03
N ASP A 153 -11.88 10.46 2.27
CA ASP A 153 -11.59 11.85 2.60
C ASP A 153 -10.11 12.16 2.43
N LEU A 154 -9.25 11.21 2.78
CA LEU A 154 -7.81 11.39 2.67
C LEU A 154 -7.42 11.73 1.24
N VAL A 155 -7.99 11.00 0.27
CA VAL A 155 -7.70 11.22 -1.13
C VAL A 155 -8.46 12.42 -1.67
N LYS A 156 -9.60 12.72 -1.06
CA LYS A 156 -10.42 13.85 -1.47
C LYS A 156 -9.63 15.15 -1.41
N LYS A 157 -8.67 15.21 -0.49
CA LYS A 157 -7.85 16.40 -0.32
C LYS A 157 -6.51 16.24 -1.05
N LEU A 158 -6.41 15.22 -1.91
CA LEU A 158 -5.19 14.97 -2.65
C LEU A 158 -5.00 16.00 -3.75
N GLU B 1 -14.40 8.86 -12.06
CA GLU B 1 -14.99 7.79 -12.91
C GLU B 1 -13.94 7.12 -13.77
N ASP B 2 -13.44 7.85 -14.76
CA ASP B 2 -12.41 7.33 -15.66
C ASP B 2 -12.91 6.07 -16.37
N ILE B 3 -12.10 5.56 -17.30
CA ILE B 3 -12.46 4.36 -18.04
C ILE B 3 -11.30 3.36 -18.09
N PTR B 4 -11.13 2.63 -16.99
CA PTR B 4 -10.06 1.64 -16.89
C PTR B 4 -10.63 0.23 -16.76
O PTR B 4 -11.69 0.04 -16.17
CB PTR B 4 -9.15 1.96 -15.70
CG PTR B 4 -8.30 3.19 -15.89
CD1 PTR B 4 -7.29 3.22 -16.86
CD2 PTR B 4 -8.50 4.32 -15.12
CE1 PTR B 4 -6.51 4.35 -17.03
CE2 PTR B 4 -7.73 5.46 -15.29
CZ PTR B 4 -6.73 5.46 -16.25
OH PTR B 4 -5.94 6.61 -16.43
P PTR B 4 -6.30 7.56 -17.61
O1P PTR B 4 -5.13 8.58 -17.65
O2P PTR B 4 -6.23 6.66 -18.87
O3P PTR B 4 -7.63 8.22 -17.44
H2 PTR B 4 -11.73 2.76 -16.22
HA PTR B 4 -9.47 1.70 -17.81
HB2 PTR B 4 -8.49 1.12 -15.53
HB3 PTR B 4 -9.76 2.11 -14.83
HD1 PTR B 4 -7.12 2.35 -17.46
HD2 PTR B 4 -9.29 4.32 -14.37
HE1 PTR B 4 -5.73 4.34 -17.78
HE2 PTR B 4 -7.90 6.32 -14.68
N TYR B 5 -9.92 -0.74 -17.31
CA TYR B 5 -10.36 -2.13 -17.26
C TYR B 5 -9.22 -3.08 -17.61
N LEU B 6 -9.23 -4.26 -17.00
CA LEU B 6 -8.21 -5.27 -17.26
C LEU B 6 -8.75 -6.68 -17.05
N ASP B 7 -9.41 -7.21 -18.08
CA ASP B 7 -9.98 -8.54 -18.00
C ASP B 7 -8.99 -9.60 -18.49
N GLY A 1 16.69 12.47 3.33
CA GLY A 1 16.28 11.50 4.33
C GLY A 1 15.71 12.15 5.57
N ASN A 2 14.63 12.92 5.39
CA ASN A 2 14.00 13.61 6.51
C ASN A 2 13.21 12.63 7.38
N GLY A 3 12.82 11.49 6.80
CA GLY A 3 12.07 10.50 7.54
C GLY A 3 11.53 9.40 6.65
N ARG A 4 12.43 8.56 6.15
CA ARG A 4 12.04 7.44 5.28
C ARG A 4 11.72 6.22 6.12
N PHE A 5 10.45 5.81 6.11
CA PHE A 5 10.03 4.66 6.89
C PHE A 5 9.82 3.44 6.01
N LEU A 6 8.90 3.55 5.04
CA LEU A 6 8.61 2.44 4.14
C LEU A 6 9.18 2.72 2.76
N THR A 7 9.69 1.69 2.12
CA THR A 7 10.27 1.83 0.80
C THR A 7 9.58 0.93 -0.20
N LEU A 8 8.91 1.53 -1.17
CA LEU A 8 8.25 0.77 -2.21
C LEU A 8 9.12 0.87 -3.44
N LYS A 9 9.78 -0.22 -3.78
CA LYS A 9 10.70 -0.17 -4.91
C LYS A 9 10.25 -0.97 -6.12
N PRO A 10 9.67 -0.29 -7.13
CA PRO A 10 9.26 -0.95 -8.38
C PRO A 10 10.41 -1.82 -8.88
N LEU A 11 10.32 -3.11 -8.59
CA LEU A 11 11.37 -4.07 -8.94
C LEU A 11 11.39 -4.44 -10.42
N PRO A 12 12.57 -4.91 -10.90
CA PRO A 12 12.77 -5.31 -12.29
C PRO A 12 11.69 -6.24 -12.80
N ASP A 13 11.09 -7.02 -11.89
CA ASP A 13 10.02 -7.92 -12.28
C ASP A 13 8.85 -7.12 -12.82
N SER A 14 8.79 -5.87 -12.39
CA SER A 14 7.75 -4.95 -12.82
C SER A 14 8.27 -4.09 -13.97
N ILE A 15 7.37 -3.62 -14.81
CA ILE A 15 7.75 -2.79 -15.94
C ILE A 15 8.56 -1.56 -15.49
N ILE A 16 8.58 -1.32 -14.18
CA ILE A 16 9.30 -0.17 -13.62
C ILE A 16 10.50 -0.62 -12.79
N GLN A 17 11.67 -0.09 -13.11
CA GLN A 17 12.90 -0.41 -12.38
C GLN A 17 13.35 0.78 -11.54
N GLU A 18 12.43 1.29 -10.73
CA GLU A 18 12.69 2.44 -9.87
C GLU A 18 12.40 2.13 -8.42
N SER A 19 12.75 3.04 -7.51
CA SER A 19 12.48 2.85 -6.09
C SER A 19 11.74 4.03 -5.49
N LEU A 20 10.67 3.73 -4.75
CA LEU A 20 9.86 4.76 -4.11
C LEU A 20 10.01 4.66 -2.60
N GLU A 21 10.05 5.79 -1.91
CA GLU A 21 10.22 5.79 -0.46
C GLU A 21 9.11 6.56 0.25
N ILE A 22 8.31 5.85 1.06
CA ILE A 22 7.25 6.48 1.82
C ILE A 22 7.80 6.99 3.13
N GLN A 23 7.90 8.31 3.25
CA GLN A 23 8.43 8.92 4.46
C GLN A 23 7.44 8.79 5.61
N GLN A 24 7.93 8.29 6.75
CA GLN A 24 7.09 8.14 7.94
C GLN A 24 6.28 9.40 8.17
N GLY A 25 6.85 10.52 7.76
CA GLY A 25 6.21 11.80 7.92
C GLY A 25 4.99 12.01 7.04
N VAL A 26 4.92 11.31 5.90
CA VAL A 26 3.78 11.48 5.01
C VAL A 26 2.74 10.39 5.20
N ASN A 27 1.55 10.79 5.62
CA ASN A 27 0.44 9.85 5.80
C ASN A 27 -0.87 10.49 5.36
N PRO A 28 -1.58 9.89 4.39
CA PRO A 28 -1.18 8.65 3.72
C PRO A 28 -0.33 8.93 2.48
N PHE A 29 0.42 7.95 2.03
CA PHE A 29 1.27 8.12 0.86
C PHE A 29 0.51 7.70 -0.39
N PHE A 30 0.25 8.68 -1.26
CA PHE A 30 -0.51 8.44 -2.48
C PHE A 30 0.39 8.08 -3.65
N ILE A 31 -0.05 7.10 -4.44
CA ILE A 31 0.69 6.65 -5.61
C ILE A 31 -0.20 6.69 -6.84
N GLY A 32 0.39 7.01 -7.98
CA GLY A 32 -0.38 7.07 -9.22
C GLY A 32 0.36 7.74 -10.37
N ARG A 33 -0.32 7.85 -11.50
CA ARG A 33 0.25 8.46 -12.69
C ARG A 33 0.26 9.99 -12.59
N SER A 34 -0.38 10.52 -11.54
CA SER A 34 -0.43 11.96 -11.33
C SER A 34 0.61 12.40 -10.30
N GLU A 35 1.35 13.44 -10.63
CA GLU A 35 2.38 13.97 -9.75
C GLU A 35 1.80 14.33 -8.38
N ASP A 36 0.50 14.61 -8.35
CA ASP A 36 -0.18 14.96 -7.11
C ASP A 36 0.05 13.89 -6.05
N CYS A 37 0.20 12.66 -6.50
CA CYS A 37 0.43 11.53 -5.59
C CYS A 37 1.87 11.55 -5.06
N ASN A 38 2.00 11.35 -3.76
CA ASN A 38 3.32 11.33 -3.13
C ASN A 38 4.29 10.44 -3.92
N CYS A 39 3.73 9.46 -4.62
CA CYS A 39 4.53 8.56 -5.44
C CYS A 39 4.22 8.79 -6.91
N LYS A 40 5.25 8.75 -7.75
CA LYS A 40 5.07 8.99 -9.18
C LYS A 40 5.35 7.76 -10.03
N ILE A 41 4.30 7.24 -10.64
CA ILE A 41 4.41 6.08 -11.51
C ILE A 41 3.56 6.28 -12.75
N GLU A 42 4.20 6.48 -13.90
CA GLU A 42 3.44 6.68 -15.13
C GLU A 42 3.12 5.35 -15.78
N ASP A 43 1.86 4.94 -15.63
CA ASP A 43 1.38 3.71 -16.22
C ASP A 43 0.07 3.99 -16.93
N ASN A 44 0.08 3.92 -18.26
CA ASN A 44 -1.11 4.20 -19.05
C ASN A 44 -2.35 3.59 -18.41
N ARG A 45 -2.19 2.42 -17.80
CA ARG A 45 -3.30 1.74 -17.15
C ARG A 45 -3.62 2.36 -15.79
N LEU A 46 -2.57 2.76 -15.07
CA LEU A 46 -2.72 3.36 -13.75
C LEU A 46 -3.55 4.65 -13.83
N SER A 47 -4.10 5.05 -12.69
CA SER A 47 -4.91 6.27 -12.62
C SER A 47 -4.18 7.33 -11.81
N ARG A 48 -4.69 8.58 -11.88
CA ARG A 48 -4.07 9.68 -11.13
C ARG A 48 -3.81 9.25 -9.69
N VAL A 49 -4.83 8.69 -9.06
CA VAL A 49 -4.72 8.20 -7.69
C VAL A 49 -5.01 6.71 -7.66
N HIS A 50 -4.21 5.96 -8.41
CA HIS A 50 -4.38 4.51 -8.52
C HIS A 50 -4.53 3.86 -7.15
N CYS A 51 -3.63 4.21 -6.23
CA CYS A 51 -3.67 3.66 -4.89
C CYS A 51 -2.77 4.43 -3.94
N PHE A 52 -3.06 4.33 -2.65
CA PHE A 52 -2.29 5.03 -1.63
C PHE A 52 -2.16 4.17 -0.38
N ILE A 53 -1.02 4.29 0.31
CA ILE A 53 -0.79 3.55 1.53
C ILE A 53 -0.98 4.46 2.74
N PHE A 54 -1.84 4.03 3.66
CA PHE A 54 -2.15 4.80 4.85
C PHE A 54 -1.72 4.06 6.10
N LYS A 55 -1.05 4.77 7.01
CA LYS A 55 -0.58 4.18 8.25
C LYS A 55 -1.54 4.50 9.39
N LYS A 56 -1.81 3.50 10.21
CA LYS A 56 -2.73 3.67 11.34
C LYS A 56 -2.14 3.10 12.62
N ARG A 57 -2.65 3.57 13.76
CA ARG A 57 -2.15 3.12 15.05
C ARG A 57 -2.68 1.72 15.37
N HIS A 58 -1.77 0.77 15.46
CA HIS A 58 -2.10 -0.62 15.75
C HIS A 58 -2.24 -0.85 17.24
N ALA A 59 -3.33 -1.50 17.64
CA ALA A 59 -3.58 -1.79 19.05
C ALA A 59 -4.41 -3.06 19.21
N VAL A 60 -4.28 -3.70 20.37
CA VAL A 60 -5.02 -4.91 20.65
C VAL A 60 -5.25 -5.08 22.16
N GLY A 61 -6.11 -6.03 22.52
CA GLY A 61 -6.40 -6.27 23.92
C GLY A 61 -5.22 -6.84 24.68
N LYS A 62 -5.46 -7.88 25.46
CA LYS A 62 -4.41 -8.52 26.25
C LYS A 62 -3.28 -8.99 25.36
N SER A 63 -2.32 -9.71 25.94
CA SER A 63 -1.17 -10.21 25.19
C SER A 63 -0.99 -11.71 25.41
N MET A 64 -2.09 -12.41 25.68
CA MET A 64 -2.03 -13.85 25.89
C MET A 64 -2.14 -14.59 24.57
N TYR A 65 -1.00 -15.07 24.07
CA TYR A 65 -0.94 -15.78 22.79
C TYR A 65 -0.91 -14.80 21.62
N GLU A 66 -1.28 -13.55 21.88
CA GLU A 66 -1.30 -12.50 20.87
C GLU A 66 0.09 -11.91 20.69
N SER A 67 0.40 -11.50 19.46
CA SER A 67 1.71 -10.92 19.16
C SER A 67 1.69 -9.42 19.43
N PRO A 68 2.87 -8.82 19.66
CA PRO A 68 3.00 -7.39 19.96
C PRO A 68 2.02 -6.51 19.19
N ALA A 69 1.81 -5.32 19.73
CA ALA A 69 0.88 -4.35 19.12
C ALA A 69 0.76 -3.11 20.00
N GLN A 70 0.44 -3.32 21.27
CA GLN A 70 0.28 -2.24 22.23
C GLN A 70 -0.47 -1.05 21.63
N GLY A 71 0.27 -0.10 21.05
CA GLY A 71 -0.36 1.07 20.45
C GLY A 71 0.51 1.72 19.40
N LEU A 72 1.39 0.94 18.77
CA LEU A 72 2.26 1.45 17.74
C LEU A 72 1.48 1.78 16.47
N ASP A 73 2.17 1.88 15.33
CA ASP A 73 1.51 2.19 14.07
C ASP A 73 1.76 1.11 13.03
N ASP A 74 0.76 0.90 12.17
CA ASP A 74 0.85 -0.08 11.09
C ASP A 74 0.55 0.59 9.76
N ILE A 75 0.97 -0.04 8.67
CA ILE A 75 0.73 0.53 7.34
C ILE A 75 -0.29 -0.25 6.54
N TRP A 76 -1.34 0.45 6.15
CA TRP A 76 -2.42 -0.12 5.36
C TRP A 76 -2.33 0.35 3.91
N TYR A 77 -2.35 -0.59 2.98
CA TYR A 77 -2.29 -0.25 1.57
C TYR A 77 -3.70 -0.07 1.02
N CYS A 78 -4.01 1.14 0.56
CA CYS A 78 -5.34 1.43 0.03
C CYS A 78 -5.31 1.56 -1.49
N HIS A 79 -6.20 0.83 -2.15
CA HIS A 79 -6.29 0.85 -3.60
C HIS A 79 -7.57 1.54 -4.06
N THR A 80 -7.42 2.55 -4.92
CA THR A 80 -8.55 3.30 -5.44
C THR A 80 -8.59 3.27 -6.97
N GLY A 81 -7.70 2.47 -7.57
CA GLY A 81 -7.67 2.37 -9.02
C GLY A 81 -8.71 1.41 -9.54
N THR A 82 -9.24 1.69 -10.73
CA THR A 82 -10.25 0.84 -11.33
C THR A 82 -9.64 -0.42 -11.95
N ASN A 83 -8.32 -0.41 -12.13
CA ASN A 83 -7.62 -1.55 -12.72
C ASN A 83 -7.27 -2.60 -11.67
N VAL A 84 -7.71 -2.37 -10.42
CA VAL A 84 -7.47 -3.30 -9.31
C VAL A 84 -6.00 -3.69 -9.19
N SER A 85 -5.50 -3.67 -7.95
CA SER A 85 -4.12 -4.03 -7.66
C SER A 85 -4.06 -5.43 -7.04
N TYR A 86 -2.87 -6.02 -6.98
CA TYR A 86 -2.70 -7.35 -6.41
C TYR A 86 -1.60 -7.34 -5.35
N LEU A 87 -1.96 -7.69 -4.12
CA LEU A 87 -0.99 -7.71 -3.03
C LEU A 87 -0.59 -9.14 -2.70
N ASN A 88 0.60 -9.53 -3.16
CA ASN A 88 1.12 -10.88 -2.91
C ASN A 88 0.18 -11.93 -3.49
N ASN A 89 -0.87 -12.27 -2.74
CA ASN A 89 -1.83 -13.27 -3.19
C ASN A 89 -3.27 -12.82 -2.93
N ASN A 90 -3.44 -11.57 -2.49
CA ASN A 90 -4.78 -11.04 -2.22
C ASN A 90 -5.16 -9.97 -3.23
N ARG A 91 -6.43 -9.98 -3.63
CA ARG A 91 -6.93 -9.02 -4.61
C ARG A 91 -7.11 -7.63 -4.00
N MET A 92 -6.77 -6.60 -4.76
CA MET A 92 -6.91 -5.22 -4.30
C MET A 92 -7.80 -4.43 -5.24
N ILE A 93 -9.10 -4.50 -5.01
CA ILE A 93 -10.06 -3.80 -5.85
C ILE A 93 -10.28 -2.37 -5.37
N GLN A 94 -10.74 -1.51 -6.28
CA GLN A 94 -10.98 -0.11 -5.96
C GLN A 94 -11.81 0.02 -4.68
N GLY A 95 -11.16 0.44 -3.60
CA GLY A 95 -11.84 0.61 -2.34
C GLY A 95 -11.51 -0.49 -1.35
N THR A 96 -10.29 -1.00 -1.42
CA THR A 96 -9.86 -2.07 -0.51
C THR A 96 -8.64 -1.65 0.30
N LYS A 97 -8.39 -2.36 1.39
CA LYS A 97 -7.26 -2.06 2.26
C LYS A 97 -6.55 -3.36 2.66
N PHE A 98 -5.24 -3.28 2.85
CA PHE A 98 -4.45 -4.46 3.22
C PHE A 98 -3.27 -4.11 4.11
N LEU A 99 -2.96 -5.02 5.04
CA LEU A 99 -1.83 -4.83 5.96
C LEU A 99 -0.50 -4.94 5.22
N LEU A 100 0.40 -4.00 5.49
CA LEU A 100 1.71 -4.00 4.84
C LEU A 100 2.83 -4.40 5.80
N GLN A 101 3.35 -5.61 5.60
CA GLN A 101 4.45 -6.14 6.41
C GLN A 101 5.78 -5.87 5.70
N ASP A 102 6.88 -5.86 6.46
CA ASP A 102 8.19 -5.61 5.87
C ASP A 102 8.45 -6.57 4.71
N GLY A 103 8.77 -6.00 3.54
CA GLY A 103 9.01 -6.83 2.38
C GLY A 103 7.71 -7.18 1.69
N ASP A 104 6.82 -6.20 1.63
CA ASP A 104 5.52 -6.41 1.00
C ASP A 104 5.56 -6.05 -0.48
N GLU A 105 5.41 -7.06 -1.33
CA GLU A 105 5.43 -6.86 -2.77
C GLU A 105 4.00 -6.73 -3.29
N ILE A 106 3.63 -5.51 -3.69
CA ILE A 106 2.28 -5.25 -4.18
C ILE A 106 2.27 -4.97 -5.68
N LYS A 107 1.41 -5.68 -6.39
CA LYS A 107 1.26 -5.50 -7.83
C LYS A 107 0.19 -4.46 -8.10
N ILE A 108 0.60 -3.35 -8.69
CA ILE A 108 -0.32 -2.26 -8.98
C ILE A 108 -1.18 -2.58 -10.20
N ILE A 109 -0.59 -3.22 -11.19
CA ILE A 109 -1.32 -3.57 -12.41
C ILE A 109 -0.70 -4.76 -13.12
N TRP A 110 -1.54 -5.72 -13.50
CA TRP A 110 -1.08 -6.91 -14.20
C TRP A 110 -2.03 -7.24 -15.36
N ASP A 111 -1.47 -7.28 -16.57
CA ASP A 111 -2.26 -7.60 -17.76
C ASP A 111 -1.66 -8.78 -18.50
N LYS A 112 -2.43 -9.87 -18.59
CA LYS A 112 -1.96 -11.09 -19.26
C LYS A 112 -1.79 -10.85 -20.76
N ASN A 113 -2.79 -10.23 -21.38
CA ASN A 113 -2.76 -9.98 -22.82
C ASN A 113 -1.97 -8.70 -23.12
N ASN A 114 -2.16 -7.68 -22.31
CA ASN A 114 -1.47 -6.41 -22.50
C ASN A 114 -0.01 -6.51 -22.05
N LYS A 115 0.35 -7.58 -21.36
CA LYS A 115 1.71 -7.77 -20.87
C LYS A 115 2.12 -6.63 -19.96
N PHE A 116 1.13 -5.92 -19.41
CA PHE A 116 1.41 -4.82 -18.49
C PHE A 116 1.59 -5.38 -17.10
N VAL A 117 2.84 -5.43 -16.64
CA VAL A 117 3.14 -5.98 -15.34
C VAL A 117 3.80 -4.95 -14.43
N ILE A 118 3.17 -4.68 -13.29
CA ILE A 118 3.69 -3.73 -12.33
C ILE A 118 3.74 -4.35 -10.94
N GLY A 119 4.70 -3.91 -10.13
CA GLY A 119 4.83 -4.44 -8.78
C GLY A 119 5.95 -3.77 -8.01
N PHE A 120 5.63 -3.29 -6.82
CA PHE A 120 6.62 -2.62 -5.98
C PHE A 120 6.90 -3.42 -4.72
N LYS A 121 8.15 -3.39 -4.26
CA LYS A 121 8.56 -4.13 -3.07
C LYS A 121 8.64 -3.19 -1.86
N VAL A 122 7.82 -3.46 -0.86
CA VAL A 122 7.81 -2.67 0.36
C VAL A 122 8.95 -3.06 1.27
N GLU A 123 9.81 -2.10 1.61
CA GLU A 123 10.92 -2.37 2.50
C GLU A 123 10.98 -1.31 3.60
N ILE A 124 10.64 -1.73 4.81
CA ILE A 124 10.65 -0.82 5.96
C ILE A 124 12.07 -0.58 6.44
N ASN A 125 12.60 0.59 6.15
CA ASN A 125 13.95 0.96 6.55
C ASN A 125 13.94 1.55 7.96
N ASP A 126 13.01 2.47 8.20
CA ASP A 126 12.90 3.10 9.51
C ASP A 126 11.63 2.66 10.23
N THR A 127 11.75 2.42 11.53
CA THR A 127 10.61 2.03 12.33
C THR A 127 10.32 3.09 13.38
N THR A 128 9.33 3.92 13.08
CA THR A 128 8.95 4.99 13.99
C THR A 128 8.06 4.44 15.11
N GLY A 129 8.65 3.63 15.98
CA GLY A 129 7.91 3.05 17.07
C GLY A 129 6.88 2.05 16.57
N LEU A 130 7.20 1.41 15.46
CA LEU A 130 6.31 0.42 14.86
C LEU A 130 6.25 -0.85 15.70
N PHE A 131 5.01 -1.34 15.95
CA PHE A 131 4.79 -2.54 16.74
C PHE A 131 5.85 -3.62 16.44
N ASN A 132 6.06 -3.88 15.15
CA ASN A 132 7.06 -4.84 14.70
C ASN A 132 7.45 -4.54 13.25
N GLU A 133 7.19 -3.30 12.82
CA GLU A 133 7.49 -2.87 11.47
C GLU A 133 6.52 -3.54 10.48
N GLY A 134 6.49 -4.87 10.49
CA GLY A 134 5.61 -5.60 9.61
C GLY A 134 6.04 -7.05 9.42
N LEU A 135 5.71 -7.90 10.38
CA LEU A 135 6.07 -9.31 10.29
C LEU A 135 4.88 -10.19 9.93
N GLY A 136 3.67 -9.59 9.93
CA GLY A 136 2.48 -10.34 9.60
C GLY A 136 1.69 -10.74 10.81
N MET A 137 2.38 -11.07 11.89
CA MET A 137 1.71 -11.48 13.12
C MET A 137 0.94 -12.78 12.89
N LEU A 138 -0.18 -12.93 13.59
CA LEU A 138 -1.01 -14.12 13.47
C LEU A 138 -2.49 -13.76 13.59
N GLN A 139 -3.31 -14.77 13.92
CA GLN A 139 -4.75 -14.58 14.06
C GLN A 139 -5.38 -14.31 12.71
N GLU A 140 -5.02 -13.18 12.11
CA GLU A 140 -5.52 -12.81 10.80
C GLU A 140 -4.43 -12.99 9.76
N GLN A 141 -4.46 -14.12 9.06
CA GLN A 141 -3.46 -14.42 8.05
C GLN A 141 -3.77 -13.73 6.74
N ARG A 142 -3.08 -12.61 6.49
CA ARG A 142 -3.24 -11.84 5.27
C ARG A 142 -4.69 -11.84 4.76
N VAL A 143 -5.47 -10.86 5.20
CA VAL A 143 -6.85 -10.72 4.78
C VAL A 143 -7.08 -9.34 4.19
N VAL A 144 -7.91 -9.26 3.14
CA VAL A 144 -8.18 -7.99 2.50
C VAL A 144 -9.35 -7.26 3.17
N LEU A 145 -9.14 -6.00 3.49
CA LEU A 145 -10.17 -5.18 4.14
C LEU A 145 -10.80 -4.21 3.14
N LYS A 146 -11.91 -3.62 3.53
CA LYS A 146 -12.60 -2.66 2.65
C LYS A 146 -12.34 -1.22 3.10
N GLN A 147 -12.33 -0.31 2.14
CA GLN A 147 -12.10 1.10 2.42
C GLN A 147 -13.39 1.80 2.82
N THR A 148 -13.27 2.84 3.65
CA THR A 148 -14.43 3.59 4.10
C THR A 148 -14.28 5.08 3.81
N ALA A 149 -15.27 5.86 4.23
CA ALA A 149 -15.25 7.30 4.02
C ALA A 149 -13.97 7.92 4.58
N GLU A 150 -13.43 7.31 5.63
CA GLU A 150 -12.20 7.80 6.25
C GLU A 150 -11.06 7.84 5.23
N GLU A 151 -10.85 6.71 4.57
CA GLU A 151 -9.79 6.61 3.57
C GLU A 151 -10.10 7.48 2.35
N LYS A 152 -11.34 7.39 1.88
CA LYS A 152 -11.77 8.17 0.72
C LYS A 152 -11.55 9.66 0.96
N ASP A 153 -11.70 10.08 2.22
CA ASP A 153 -11.52 11.48 2.58
C ASP A 153 -10.06 11.89 2.43
N LEU A 154 -9.15 11.00 2.78
CA LEU A 154 -7.72 11.28 2.67
C LEU A 154 -7.34 11.67 1.24
N VAL A 155 -7.86 10.94 0.28
CA VAL A 155 -7.59 11.21 -1.13
C VAL A 155 -8.33 12.46 -1.59
N LYS A 156 -9.45 12.76 -0.93
CA LYS A 156 -10.25 13.93 -1.28
C LYS A 156 -9.40 15.20 -1.21
N LYS A 157 -8.46 15.22 -0.26
CA LYS A 157 -7.58 16.37 -0.10
C LYS A 157 -6.24 16.13 -0.78
N LEU A 158 -6.26 15.33 -1.84
CA LEU A 158 -5.05 15.01 -2.58
C LEU A 158 -4.72 16.10 -3.59
N GLU B 1 -11.83 10.22 -20.81
CA GLU B 1 -11.28 9.56 -22.02
C GLU B 1 -10.75 8.17 -21.71
N ASP B 2 -11.18 7.19 -22.50
CA ASP B 2 -10.75 5.81 -22.30
C ASP B 2 -11.21 5.28 -20.95
N ILE B 3 -11.44 3.97 -20.88
CA ILE B 3 -11.88 3.35 -19.64
C ILE B 3 -10.77 2.50 -19.02
N PTR B 4 -10.89 2.23 -17.72
CA PTR B 4 -9.89 1.43 -17.03
C PTR B 4 -10.49 0.12 -16.51
O PTR B 4 -11.57 0.11 -15.92
CB PTR B 4 -9.30 2.23 -15.86
CG PTR B 4 -8.24 3.23 -16.27
CD1 PTR B 4 -8.24 4.52 -15.76
CD2 PTR B 4 -7.25 2.87 -17.19
CE1 PTR B 4 -7.27 5.43 -16.14
CE2 PTR B 4 -6.29 3.78 -17.59
CZ PTR B 4 -6.30 5.06 -17.05
OH PTR B 4 -5.33 5.98 -17.44
P PTR B 4 -5.72 7.12 -18.44
O1P PTR B 4 -7.22 6.87 -18.76
O2P PTR B 4 -5.60 8.42 -17.61
O3P PTR B 4 -4.87 7.14 -19.67
H2 PTR B 4 -11.65 2.58 -17.23
HA PTR B 4 -9.09 1.19 -17.72
HB2 PTR B 4 -8.85 1.54 -15.15
HB3 PTR B 4 -10.10 2.77 -15.37
HD1 PTR B 4 -9.00 4.80 -15.05
HD2 PTR B 4 -7.25 1.88 -17.61
HE1 PTR B 4 -7.28 6.43 -15.73
HE2 PTR B 4 -5.54 3.50 -18.30
N TYR B 5 -9.78 -0.98 -16.74
CA TYR B 5 -10.24 -2.29 -16.30
C TYR B 5 -9.23 -3.37 -16.71
N LEU B 6 -9.05 -4.36 -15.83
CA LEU B 6 -8.12 -5.46 -16.09
C LEU B 6 -8.84 -6.79 -16.05
N ASP B 7 -8.64 -7.61 -17.09
CA ASP B 7 -9.27 -8.91 -17.16
C ASP B 7 -8.24 -10.02 -16.99
N GLY A 1 12.60 10.02 13.45
CA GLY A 1 13.13 9.20 12.38
C GLY A 1 13.95 10.01 11.39
N ASN A 2 14.45 9.34 10.35
CA ASN A 2 15.25 9.99 9.33
C ASN A 2 14.37 10.66 8.28
N GLY A 3 13.13 10.19 8.17
CA GLY A 3 12.21 10.75 7.19
C GLY A 3 11.44 9.68 6.45
N ARG A 4 12.07 8.54 6.24
CA ARG A 4 11.44 7.43 5.52
C ARG A 4 11.13 6.26 6.44
N PHE A 5 10.01 5.62 6.19
CA PHE A 5 9.58 4.47 6.97
C PHE A 5 9.37 3.24 6.09
N LEU A 6 8.79 3.45 4.91
CA LEU A 6 8.54 2.36 3.98
C LEU A 6 9.12 2.67 2.61
N THR A 7 9.67 1.64 1.96
CA THR A 7 10.25 1.80 0.64
C THR A 7 9.62 0.83 -0.36
N LEU A 8 8.91 1.38 -1.33
CA LEU A 8 8.29 0.57 -2.37
C LEU A 8 9.08 0.76 -3.63
N LYS A 9 9.83 -0.25 -4.04
CA LYS A 9 10.67 -0.10 -5.22
C LYS A 9 10.23 -0.94 -6.41
N PRO A 10 9.54 -0.32 -7.38
CA PRO A 10 9.13 -1.01 -8.61
C PRO A 10 10.28 -1.86 -9.14
N LEU A 11 10.19 -3.16 -8.90
CA LEU A 11 11.24 -4.11 -9.29
C LEU A 11 11.27 -4.40 -10.79
N PRO A 12 12.45 -4.87 -11.27
CA PRO A 12 12.69 -5.21 -12.68
C PRO A 12 11.60 -6.11 -13.27
N ASP A 13 10.91 -6.86 -12.42
CA ASP A 13 9.85 -7.74 -12.90
C ASP A 13 8.78 -6.93 -13.60
N SER A 14 8.68 -5.66 -13.21
CA SER A 14 7.73 -4.73 -13.81
C SER A 14 8.42 -3.92 -14.89
N ILE A 15 7.64 -3.46 -15.87
CA ILE A 15 8.20 -2.66 -16.96
C ILE A 15 8.97 -1.45 -16.43
N ILE A 16 8.76 -1.12 -15.16
CA ILE A 16 9.43 0.02 -14.55
C ILE A 16 10.45 -0.41 -13.48
N GLN A 17 11.66 0.15 -13.56
CA GLN A 17 12.72 -0.16 -12.60
C GLN A 17 13.06 1.07 -11.75
N GLU A 18 12.14 1.45 -10.88
CA GLU A 18 12.32 2.62 -10.03
C GLU A 18 12.13 2.26 -8.55
N SER A 19 12.46 3.20 -7.66
CA SER A 19 12.29 2.99 -6.22
C SER A 19 11.51 4.14 -5.60
N LEU A 20 10.49 3.78 -4.82
CA LEU A 20 9.65 4.76 -4.15
C LEU A 20 9.85 4.68 -2.64
N GLU A 21 9.96 5.83 -1.98
CA GLU A 21 10.16 5.86 -0.54
C GLU A 21 9.10 6.68 0.17
N ILE A 22 8.23 6.01 0.93
CA ILE A 22 7.18 6.68 1.67
C ILE A 22 7.72 7.32 2.93
N GLN A 23 7.77 8.64 2.95
CA GLN A 23 8.24 9.36 4.11
C GLN A 23 7.26 9.19 5.26
N GLN A 24 7.70 8.53 6.33
CA GLN A 24 6.85 8.28 7.50
C GLN A 24 6.08 9.54 7.88
N GLY A 25 6.66 10.69 7.58
CA GLY A 25 6.03 11.96 7.89
C GLY A 25 4.77 12.23 7.08
N VAL A 26 4.64 11.59 5.92
CA VAL A 26 3.48 11.81 5.07
C VAL A 26 2.46 10.68 5.21
N ASN A 27 1.26 11.02 5.65
CA ASN A 27 0.19 10.05 5.79
C ASN A 27 -1.13 10.66 5.32
N PRO A 28 -1.81 10.05 4.33
CA PRO A 28 -1.37 8.82 3.66
C PRO A 28 -0.51 9.10 2.44
N PHE A 29 0.26 8.11 2.00
CA PHE A 29 1.13 8.28 0.85
C PHE A 29 0.38 7.86 -0.42
N PHE A 30 0.22 8.79 -1.34
CA PHE A 30 -0.51 8.54 -2.58
C PHE A 30 0.40 8.09 -3.72
N ILE A 31 -0.08 7.11 -4.47
CA ILE A 31 0.65 6.56 -5.61
C ILE A 31 -0.23 6.51 -6.85
N GLY A 32 0.36 6.82 -7.99
CA GLY A 32 -0.38 6.80 -9.23
C GLY A 32 0.33 7.53 -10.35
N ARG A 33 -0.40 7.79 -11.45
CA ARG A 33 0.15 8.48 -12.59
C ARG A 33 0.02 10.00 -12.44
N SER A 34 -0.42 10.45 -11.26
CA SER A 34 -0.58 11.87 -11.00
C SER A 34 0.57 12.41 -10.17
N GLU A 35 1.22 13.46 -10.67
CA GLU A 35 2.34 14.07 -9.96
C GLU A 35 1.93 14.49 -8.56
N ASP A 36 0.63 14.70 -8.36
CA ASP A 36 0.12 15.10 -7.06
C ASP A 36 0.30 13.99 -6.04
N CYS A 37 0.39 12.76 -6.54
CA CYS A 37 0.59 11.59 -5.68
C CYS A 37 2.02 11.54 -5.16
N ASN A 38 2.15 11.44 -3.84
CA ASN A 38 3.47 11.38 -3.21
C ASN A 38 4.39 10.44 -3.99
N CYS A 39 3.80 9.40 -4.56
CA CYS A 39 4.54 8.44 -5.36
C CYS A 39 4.20 8.64 -6.84
N LYS A 40 5.22 8.60 -7.70
CA LYS A 40 5.00 8.82 -9.11
C LYS A 40 5.39 7.61 -9.96
N ILE A 41 4.37 7.03 -10.60
CA ILE A 41 4.56 5.88 -11.48
C ILE A 41 3.71 6.08 -12.74
N GLU A 42 4.36 6.32 -13.87
CA GLU A 42 3.60 6.53 -15.10
C GLU A 42 3.23 5.20 -15.75
N ASP A 43 1.98 4.83 -15.57
CA ASP A 43 1.44 3.62 -16.15
C ASP A 43 0.12 3.92 -16.83
N ASN A 44 0.08 3.81 -18.16
CA ASN A 44 -1.13 4.11 -18.92
C ASN A 44 -2.39 3.56 -18.24
N ARG A 45 -2.32 2.31 -17.79
CA ARG A 45 -3.47 1.68 -17.14
C ARG A 45 -3.73 2.31 -15.77
N LEU A 46 -2.67 2.79 -15.13
CA LEU A 46 -2.77 3.42 -13.82
C LEU A 46 -3.57 4.72 -13.91
N SER A 47 -4.10 5.15 -12.78
CA SER A 47 -4.86 6.39 -12.71
C SER A 47 -4.14 7.42 -11.85
N ARG A 48 -4.58 8.67 -11.91
CA ARG A 48 -3.94 9.74 -11.12
C ARG A 48 -3.68 9.25 -9.70
N VAL A 49 -4.76 8.92 -8.99
CA VAL A 49 -4.66 8.40 -7.64
C VAL A 49 -4.95 6.91 -7.64
N HIS A 50 -4.16 6.18 -8.42
CA HIS A 50 -4.31 4.74 -8.56
C HIS A 50 -4.46 4.05 -7.21
N CYS A 51 -3.57 4.37 -6.29
CA CYS A 51 -3.59 3.79 -4.96
C CYS A 51 -2.76 4.60 -3.98
N PHE A 52 -3.06 4.48 -2.69
CA PHE A 52 -2.32 5.19 -1.66
C PHE A 52 -2.16 4.34 -0.41
N ILE A 53 -1.04 4.52 0.29
CA ILE A 53 -0.77 3.78 1.52
C ILE A 53 -1.05 4.67 2.72
N PHE A 54 -1.79 4.14 3.68
CA PHE A 54 -2.13 4.89 4.88
C PHE A 54 -1.69 4.14 6.14
N LYS A 55 -1.09 4.87 7.06
CA LYS A 55 -0.62 4.30 8.32
C LYS A 55 -1.64 4.51 9.43
N LYS A 56 -1.92 3.45 10.19
CA LYS A 56 -2.90 3.52 11.26
C LYS A 56 -2.41 2.81 12.52
N ARG A 57 -3.00 3.16 13.65
CA ARG A 57 -2.63 2.56 14.93
C ARG A 57 -3.22 1.15 15.05
N HIS A 58 -2.33 0.17 15.05
CA HIS A 58 -2.71 -1.24 15.16
C HIS A 58 -3.00 -1.61 16.61
N ALA A 59 -4.15 -2.23 16.83
CA ALA A 59 -4.55 -2.65 18.18
C ALA A 59 -5.25 -4.01 18.15
N VAL A 60 -5.02 -4.80 19.19
CA VAL A 60 -5.65 -6.12 19.28
C VAL A 60 -6.71 -6.16 20.37
N GLY A 61 -7.87 -6.74 20.05
CA GLY A 61 -8.94 -6.83 21.01
C GLY A 61 -8.82 -8.04 21.90
N LYS A 62 -8.33 -9.14 21.34
CA LYS A 62 -8.16 -10.38 22.08
C LYS A 62 -6.70 -10.62 22.42
N SER A 63 -6.38 -10.68 23.71
CA SER A 63 -5.01 -10.89 24.16
C SER A 63 -4.98 -11.65 25.48
N MET A 64 -4.23 -12.75 25.51
CA MET A 64 -4.11 -13.56 26.71
C MET A 64 -3.31 -12.82 27.79
N TYR A 65 -3.89 -11.77 28.34
CA TYR A 65 -3.23 -10.97 29.37
C TYR A 65 -1.98 -10.31 28.83
N GLU A 66 -0.90 -11.09 28.71
CA GLU A 66 0.37 -10.57 28.21
C GLU A 66 0.56 -10.93 26.74
N SER A 67 0.38 -9.95 25.86
CA SER A 67 0.53 -10.17 24.43
C SER A 67 1.37 -9.06 23.79
N PRO A 68 2.07 -9.38 22.68
CA PRO A 68 2.90 -8.40 21.97
C PRO A 68 2.08 -7.37 21.20
N ALA A 69 2.77 -6.40 20.60
CA ALA A 69 2.11 -5.36 19.83
C ALA A 69 1.33 -4.42 20.74
N GLN A 70 0.30 -4.95 21.39
CA GLN A 70 -0.54 -4.15 22.29
C GLN A 70 -1.29 -3.07 21.52
N GLY A 71 -0.60 -1.99 21.18
CA GLY A 71 -1.22 -0.90 20.46
C GLY A 71 -0.21 0.02 19.80
N LEU A 72 0.32 -0.42 18.66
CA LEU A 72 1.30 0.37 17.92
C LEU A 72 0.72 0.81 16.57
N ASP A 73 1.58 1.11 15.59
CA ASP A 73 1.11 1.57 14.28
C ASP A 73 1.44 0.59 13.17
N ASP A 74 0.57 0.54 12.16
CA ASP A 74 0.75 -0.35 11.01
C ASP A 74 0.46 0.40 9.72
N ILE A 75 1.17 0.07 8.65
CA ILE A 75 0.96 0.72 7.36
C ILE A 75 0.01 -0.06 6.47
N TRP A 76 -1.07 0.59 6.07
CA TRP A 76 -2.09 -0.04 5.23
C TRP A 76 -2.00 0.46 3.79
N TYR A 77 -1.96 -0.46 2.84
CA TYR A 77 -1.92 -0.09 1.43
C TYR A 77 -3.35 0.03 0.90
N CYS A 78 -3.73 1.22 0.47
CA CYS A 78 -5.07 1.45 -0.04
C CYS A 78 -5.07 1.52 -1.56
N HIS A 79 -6.10 0.97 -2.18
CA HIS A 79 -6.23 0.97 -3.63
C HIS A 79 -7.53 1.65 -4.06
N THR A 80 -7.41 2.62 -4.97
CA THR A 80 -8.56 3.35 -5.47
C THR A 80 -8.64 3.27 -7.00
N GLY A 81 -7.68 2.57 -7.61
CA GLY A 81 -7.67 2.43 -9.06
C GLY A 81 -8.66 1.40 -9.55
N THR A 82 -9.21 1.62 -10.73
CA THR A 82 -10.18 0.71 -11.32
C THR A 82 -9.53 -0.61 -11.74
N ASN A 83 -8.23 -0.54 -12.04
CA ASN A 83 -7.47 -1.71 -12.47
C ASN A 83 -7.30 -2.74 -11.35
N VAL A 84 -7.75 -2.40 -10.14
CA VAL A 84 -7.65 -3.31 -8.99
C VAL A 84 -6.21 -3.77 -8.76
N SER A 85 -5.71 -3.53 -7.56
CA SER A 85 -4.35 -3.92 -7.19
C SER A 85 -4.35 -5.29 -6.52
N TYR A 86 -3.18 -5.89 -6.40
CA TYR A 86 -3.04 -7.20 -5.77
C TYR A 86 -1.85 -7.23 -4.82
N LEU A 87 -2.11 -7.49 -3.54
CA LEU A 87 -1.05 -7.56 -2.54
C LEU A 87 -0.56 -8.98 -2.35
N ASN A 88 0.56 -9.31 -2.99
CA ASN A 88 1.14 -10.65 -2.89
C ASN A 88 0.19 -11.68 -3.47
N ASN A 89 -0.82 -12.07 -2.69
CA ASN A 89 -1.79 -13.06 -3.14
C ASN A 89 -3.23 -12.62 -2.88
N ASN A 90 -3.41 -11.48 -2.22
CA ASN A 90 -4.75 -10.97 -1.93
C ASN A 90 -5.18 -9.92 -2.94
N ARG A 91 -6.39 -10.07 -3.46
CA ARG A 91 -6.93 -9.14 -4.44
C ARG A 91 -7.35 -7.83 -3.76
N MET A 92 -7.11 -6.71 -4.45
CA MET A 92 -7.46 -5.40 -3.91
C MET A 92 -8.45 -4.69 -4.81
N ILE A 93 -9.69 -4.54 -4.34
CA ILE A 93 -10.73 -3.89 -5.11
C ILE A 93 -10.72 -2.38 -4.85
N GLN A 94 -11.10 -1.61 -5.87
CA GLN A 94 -11.13 -0.16 -5.76
C GLN A 94 -11.84 0.29 -4.48
N GLY A 95 -11.05 0.58 -3.45
CA GLY A 95 -11.62 1.02 -2.18
C GLY A 95 -11.34 0.05 -1.05
N THR A 96 -10.13 -0.50 -1.01
CA THR A 96 -9.75 -1.45 0.03
C THR A 96 -8.32 -1.19 0.51
N LYS A 97 -8.00 -1.73 1.68
CA LYS A 97 -6.67 -1.58 2.27
C LYS A 97 -6.09 -2.94 2.68
N PHE A 98 -4.77 -3.00 2.78
CA PHE A 98 -4.09 -4.24 3.15
C PHE A 98 -2.81 -3.97 3.96
N LEU A 99 -2.51 -4.86 4.90
CA LEU A 99 -1.33 -4.72 5.76
C LEU A 99 -0.04 -4.85 4.97
N LEU A 100 0.87 -3.90 5.19
CA LEU A 100 2.16 -3.91 4.50
C LEU A 100 3.28 -4.34 5.45
N GLN A 101 4.06 -5.31 5.02
CA GLN A 101 5.17 -5.84 5.82
C GLN A 101 6.50 -5.62 5.12
N ASP A 102 7.59 -5.61 5.90
CA ASP A 102 8.91 -5.41 5.34
C ASP A 102 9.20 -6.44 4.27
N GLY A 103 9.04 -6.04 3.01
CA GLY A 103 9.27 -6.94 1.90
C GLY A 103 7.97 -7.31 1.23
N ASP A 104 7.00 -6.40 1.29
CA ASP A 104 5.69 -6.63 0.70
C ASP A 104 5.70 -6.22 -0.77
N GLU A 105 5.54 -7.20 -1.64
CA GLU A 105 5.52 -6.92 -3.07
C GLU A 105 4.08 -6.77 -3.53
N ILE A 106 3.69 -5.53 -3.84
CA ILE A 106 2.33 -5.24 -4.26
C ILE A 106 2.26 -4.85 -5.72
N LYS A 107 1.38 -5.52 -6.46
CA LYS A 107 1.18 -5.24 -7.87
C LYS A 107 -0.09 -4.41 -8.03
N ILE A 108 0.05 -3.17 -8.49
CA ILE A 108 -1.11 -2.30 -8.65
C ILE A 108 -1.77 -2.47 -10.02
N ILE A 109 -1.07 -3.10 -10.96
CA ILE A 109 -1.63 -3.35 -12.28
C ILE A 109 -0.97 -4.55 -12.96
N TRP A 110 -1.79 -5.47 -13.46
CA TRP A 110 -1.28 -6.67 -14.14
C TRP A 110 -2.08 -6.97 -15.40
N ASP A 111 -1.36 -7.23 -16.50
CA ASP A 111 -2.02 -7.56 -17.77
C ASP A 111 -1.64 -8.98 -18.20
N LYS A 112 -2.63 -9.86 -18.26
CA LYS A 112 -2.41 -11.24 -18.65
C LYS A 112 -2.00 -11.39 -20.12
N ASN A 113 -2.73 -10.72 -21.00
CA ASN A 113 -2.46 -10.79 -22.44
C ASN A 113 -1.36 -9.84 -22.86
N ASN A 114 -1.38 -8.63 -22.31
CA ASN A 114 -0.38 -7.62 -22.65
C ASN A 114 0.97 -7.93 -22.00
N LYS A 115 0.95 -8.76 -20.97
CA LYS A 115 2.17 -9.11 -20.24
C LYS A 115 2.76 -7.89 -19.53
N PHE A 116 1.99 -6.81 -19.49
CA PHE A 116 2.42 -5.60 -18.82
C PHE A 116 2.05 -5.68 -17.35
N VAL A 117 3.03 -5.92 -16.52
CA VAL A 117 2.80 -6.07 -15.09
C VAL A 117 3.61 -5.06 -14.28
N ILE A 118 2.95 -4.43 -13.30
CA ILE A 118 3.62 -3.45 -12.44
C ILE A 118 3.58 -3.91 -10.99
N GLY A 119 4.72 -3.85 -10.33
CA GLY A 119 4.79 -4.26 -8.94
C GLY A 119 5.97 -3.66 -8.22
N PHE A 120 5.72 -3.16 -7.01
CA PHE A 120 6.77 -2.54 -6.21
C PHE A 120 7.04 -3.37 -4.96
N LYS A 121 8.29 -3.37 -4.51
CA LYS A 121 8.65 -4.12 -3.32
C LYS A 121 8.74 -3.20 -2.11
N VAL A 122 7.88 -3.43 -1.14
CA VAL A 122 7.85 -2.63 0.07
C VAL A 122 8.95 -3.06 1.04
N GLU A 123 9.69 -2.08 1.54
CA GLU A 123 10.75 -2.36 2.49
C GLU A 123 10.72 -1.39 3.66
N ILE A 124 10.32 -1.88 4.83
CA ILE A 124 10.28 -1.05 6.02
C ILE A 124 11.68 -0.87 6.58
N ASN A 125 12.26 0.31 6.37
CA ASN A 125 13.59 0.60 6.86
C ASN A 125 13.54 1.17 8.27
N ASP A 126 12.64 2.13 8.47
CA ASP A 126 12.48 2.76 9.77
C ASP A 126 11.15 2.39 10.40
N THR A 127 11.15 2.15 11.70
CA THR A 127 9.93 1.84 12.42
C THR A 127 9.65 2.95 13.42
N THR A 128 8.74 3.83 13.06
CA THR A 128 8.37 4.95 13.91
C THR A 128 7.70 4.48 15.19
N GLY A 129 8.46 3.80 16.04
CA GLY A 129 7.92 3.30 17.29
C GLY A 129 6.63 2.55 17.11
N LEU A 130 6.60 1.64 16.14
CA LEU A 130 5.40 0.86 15.86
C LEU A 130 5.64 -0.62 16.14
N PHE A 131 4.61 -1.44 15.92
CA PHE A 131 4.73 -2.87 16.14
C PHE A 131 5.62 -3.48 15.06
N ASN A 132 6.77 -3.99 15.47
CA ASN A 132 7.70 -4.59 14.51
C ASN A 132 7.99 -3.64 13.36
N GLU A 133 7.01 -3.49 12.47
CA GLU A 133 7.12 -2.61 11.32
C GLU A 133 5.87 -2.71 10.44
N GLY A 134 5.22 -3.87 10.48
CA GLY A 134 4.02 -4.08 9.69
C GLY A 134 3.89 -5.50 9.19
N LEU A 135 4.15 -6.47 10.07
CA LEU A 135 4.08 -7.88 9.69
C LEU A 135 2.65 -8.40 9.73
N GLY A 136 1.70 -7.55 10.14
CA GLY A 136 0.30 -7.95 10.22
C GLY A 136 0.11 -9.33 10.83
N MET A 137 0.10 -9.38 12.16
CA MET A 137 -0.08 -10.64 12.87
C MET A 137 -1.32 -10.59 13.77
N LEU A 138 -2.39 -11.23 13.32
CA LEU A 138 -3.64 -11.26 14.09
C LEU A 138 -4.43 -12.53 13.78
N GLN A 139 -5.68 -12.56 14.23
CA GLN A 139 -6.54 -13.73 14.00
C GLN A 139 -6.61 -14.08 12.53
N GLU A 140 -6.80 -13.06 11.69
CA GLU A 140 -6.89 -13.27 10.25
C GLU A 140 -5.50 -13.35 9.62
N GLN A 141 -5.26 -14.41 8.87
CA GLN A 141 -3.97 -14.61 8.22
C GLN A 141 -3.90 -13.87 6.89
N ARG A 142 -3.25 -12.71 6.90
CA ARG A 142 -3.10 -11.90 5.70
C ARG A 142 -4.43 -11.75 4.95
N VAL A 143 -5.26 -10.82 5.41
CA VAL A 143 -6.55 -10.57 4.79
C VAL A 143 -6.68 -9.11 4.40
N VAL A 144 -7.32 -8.86 3.25
CA VAL A 144 -7.49 -7.50 2.76
C VAL A 144 -8.68 -6.82 3.46
N LEU A 145 -8.41 -5.67 4.07
CA LEU A 145 -9.44 -4.91 4.77
C LEU A 145 -10.05 -3.85 3.85
N LYS A 146 -11.22 -3.35 4.23
CA LYS A 146 -11.90 -2.32 3.45
C LYS A 146 -11.74 -0.95 4.07
N GLN A 147 -11.72 0.08 3.23
CA GLN A 147 -11.57 1.45 3.70
C GLN A 147 -12.92 2.14 3.82
N THR A 148 -12.98 3.20 4.61
CA THR A 148 -14.22 3.95 4.82
C THR A 148 -14.06 5.40 4.38
N ALA A 149 -15.08 6.21 4.65
CA ALA A 149 -15.05 7.62 4.28
C ALA A 149 -13.79 8.29 4.80
N GLU A 150 -13.27 7.79 5.91
CA GLU A 150 -12.06 8.35 6.51
C GLU A 150 -10.91 8.32 5.50
N GLU A 151 -10.71 7.15 4.89
CA GLU A 151 -9.65 6.98 3.90
C GLU A 151 -9.96 7.80 2.65
N LYS A 152 -11.20 7.68 2.18
CA LYS A 152 -11.64 8.42 0.99
C LYS A 152 -11.42 9.92 1.19
N ASP A 153 -11.56 10.37 2.44
CA ASP A 153 -11.38 11.77 2.77
C ASP A 153 -9.93 12.19 2.57
N LEU A 154 -9.00 11.28 2.89
CA LEU A 154 -7.58 11.56 2.75
C LEU A 154 -7.24 11.92 1.30
N VAL A 155 -7.78 11.16 0.36
CA VAL A 155 -7.54 11.41 -1.06
C VAL A 155 -8.26 12.67 -1.53
N LYS A 156 -9.33 13.03 -0.82
CA LYS A 156 -10.10 14.21 -1.16
C LYS A 156 -9.22 15.47 -1.13
N LYS A 157 -8.23 15.45 -0.24
CA LYS A 157 -7.32 16.58 -0.11
C LYS A 157 -5.90 16.19 -0.55
N LEU A 158 -5.81 15.21 -1.44
CA LEU A 158 -4.53 14.75 -1.95
C LEU A 158 -3.82 15.84 -2.73
N GLU B 1 -13.49 10.54 -22.07
CA GLU B 1 -13.10 9.85 -20.82
C GLU B 1 -12.44 8.50 -21.11
N ASP B 2 -11.48 8.12 -20.28
CA ASP B 2 -10.77 6.85 -20.46
C ASP B 2 -11.02 5.93 -19.26
N ILE B 3 -11.40 4.69 -19.56
CA ILE B 3 -11.67 3.70 -18.51
C ILE B 3 -10.71 2.52 -18.62
N PTR B 4 -10.16 2.11 -17.48
CA PTR B 4 -9.24 0.98 -17.45
C PTR B 4 -9.95 -0.30 -17.05
O PTR B 4 -11.04 -0.26 -16.46
CB PTR B 4 -8.08 1.27 -16.48
CG PTR B 4 -7.73 2.73 -16.35
CD1 PTR B 4 -8.37 3.54 -15.43
CD2 PTR B 4 -6.75 3.30 -17.16
CE1 PTR B 4 -8.05 4.88 -15.31
CE2 PTR B 4 -6.42 4.64 -17.05
CZ PTR B 4 -7.08 5.42 -16.12
OH PTR B 4 -6.74 6.78 -16.00
P PTR B 4 -7.18 7.74 -17.15
O1P PTR B 4 -6.26 8.98 -16.99
O2P PTR B 4 -6.80 6.99 -18.46
O3P PTR B 4 -8.64 8.09 -17.10
H2 PTR B 4 -10.39 2.56 -16.65
HA PTR B 4 -8.83 0.86 -18.44
HB2 PTR B 4 -7.21 0.74 -16.82
HB3 PTR B 4 -8.35 0.90 -15.50
HD1 PTR B 4 -9.13 3.11 -14.78
HD2 PTR B 4 -6.25 2.67 -17.88
HE1 PTR B 4 -8.56 5.49 -14.58
HE2 PTR B 4 -5.66 5.06 -17.68
N TYR B 5 -9.34 -1.44 -17.35
CA TYR B 5 -9.91 -2.74 -17.02
C TYR B 5 -8.99 -3.87 -17.44
N LEU B 6 -8.66 -4.75 -16.51
CA LEU B 6 -7.78 -5.88 -16.79
C LEU B 6 -8.46 -7.19 -16.45
N ASP B 7 -7.69 -8.28 -16.45
CA ASP B 7 -8.23 -9.60 -16.14
C ASP B 7 -7.11 -10.57 -15.80
#